data_7V5K
#
_entry.id   7V5K
#
_cell.length_a   1.00
_cell.length_b   1.00
_cell.length_c   1.00
_cell.angle_alpha   90.00
_cell.angle_beta   90.00
_cell.angle_gamma   90.00
#
_symmetry.space_group_name_H-M   'P 1'
#
loop_
_entity.id
_entity.type
_entity.pdbx_description
1 polymer 'Spike glycoprotein'
2 polymer '0722 L'
3 polymer '0722 H'
#
loop_
_entity_poly.entity_id
_entity_poly.type
_entity_poly.pdbx_seq_one_letter_code
_entity_poly.pdbx_strand_id
1 'polypeptide(L)'
;YVDVGPDSVKSACIEVDIQQTFFDKTWPRPIDVSKADGIIYPQGRTYSNITITYQGLFPYQGDHGDMYVYSAGHATGTTP
QKLFVANYSQDVKQFANGFVVRIGAAANSTGTVIISPSTSATIRKIYPAFMLGSSVGNFSDGKMGRFFNHTLVLLPDGCG
TLLRAFYCILEPRSGNHCPAGNSYTSFATYHTPATDCSDGNYNRNASLNSFKEYFNLRNCTFMYTYNITEDEILEWFGIT
QTAQGVHLFSSRYVDLYGGNMFQFATLPVYDTIKYYSIIPHSIRSIQSDRKAWAAFYVYKLQPLTFLLDFSVDGYIRRAI
DCGFNDLSQLHCSYESFDVESGVYSVSSFEAKPSGSVVEQAEGVECDFSPLLSGTPPQVYNFKRLVFTNCNYNLTKLLSL
FSVNDFTCSQISPAAIASNCYSSLILDYFSYPLSMKSDLSVSSAGPISQFNYKQSFSNPTCLILATVPHNLTTITKPLKY
SYINKCSRLLSDDRTEVPQLVNANQYSPCVSIVPSTVWEDGDYYRKQLSPLEGGGWLVASGSTVAMTEQLQMGFGITVQY
GTDTNSVCPKLEFANDTKIASQLGNCVEYSLYGVSGRGVFQNCTAVGVRQQRFVYDAYQNLVGYYSDDGNYYCLRACVSV
PVSVIYDKETKTHATLFGSVACEHISSTMSQYSRSTRSMLKRRDSTYGPLQTPVGCVLGLVNSSLFVEDCKLPLGQSLCA
LPDTPSTLTPRSVRSVPGEMRLASIAFNHPIQVDQLNSSYFKLSIPTNFSFGVTQEYIQTTIQKVTVDCKQYVCNGFQKC
EQLLREYGQFCSKINQALHGANLRQDDSVRNLFASVKSSQSSPIIPGFGGDFNLTLLEPVSISTGSRSARSAIEDLLFDK
VTIADPGYMQGYDDCMQQGPASARDLICAQYVAGYKVLPPLMDVNMEAAYTSSLLGSIAGVGWTAGLSSFAAIPFAQSIF
YRLNGVGITQQVLSENQKLIANKFNQALGAMQTGFTTTNEAFQKVQDAVNNNAQALSKLASELSNTFGAISASIGDIIQR
LDVLEQDAQIDRLINGRLTTLNAFVAQQLVRSESAALSAQLAKDKVNECVKAQSKRSGFCGQGTHIVSFVVNAPNGLYFM
HVGYYPSNHIEVVSAYGLCDAANPTNCIAPVNGYFIKTNNTRIVDEWSYTGSSFYAPEPITSLNTKYVA
;
A,B,C
2 'polypeptide(L)'
;DIVMTQTPSSLSASVGDRVTITCRASEDITSYLNWYQLKPGKAPMFLIYAASSLQSGVPSRFSGSGSGTDFTLTISSLQP
EDFATYYCQQSYSTPPTFGGGTKVEIKRTVAAPSVFIFPPSDEQLKSGTASVVCLLNNFYPREAKVQWKVDNALQSGNSQ
ESVTEQDSKDSTYSLSSTLTLSKADYEKHKVYACEVTHQGLSSPVTKSFNRG
;
D,F,H
3 'polypeptide(L)'
;QVQLVQSGAEVKKPGSSVKVSCKASGGTFSIYAISWVRQAPGQGLEWMGGIIPIFGTANYAQQFQGRVTITADESTTTAY
MELSRLTSEDTAVYYCARQMTAYDYWNPSFDYWGQGTLVTVSSAWSTKGPSVFPLAPSSKSTSGGTAALGCLVKDYFPEP
VTVSWNSGALTSGVHTFPAVLQSSGLYSLSSVVTVPSSSLGTQTYICNVNHKPSNTKVDKRV
;
E,G,I
#
# COMPACT_ATOMS: atom_id res chain seq x y z
N TYR A 1 -42.07 -31.26 5.72
CA TYR A 1 -43.15 -30.70 4.91
C TYR A 1 -44.37 -30.48 5.79
N VAL A 2 -45.26 -29.59 5.37
CA VAL A 2 -46.28 -29.05 6.26
C VAL A 2 -47.64 -29.59 5.88
N ASP A 3 -48.50 -29.71 6.90
CA ASP A 3 -49.91 -30.07 6.72
C ASP A 3 -50.64 -28.87 6.12
N VAL A 4 -50.54 -28.74 4.81
CA VAL A 4 -51.25 -27.68 4.11
C VAL A 4 -52.75 -27.87 4.21
N GLY A 5 -53.20 -29.12 4.15
CA GLY A 5 -54.60 -29.43 4.05
C GLY A 5 -54.84 -30.45 2.97
N PRO A 6 -56.09 -30.87 2.80
CA PRO A 6 -56.41 -31.88 1.80
C PRO A 6 -56.42 -31.32 0.39
N ASP A 7 -56.09 -32.18 -0.56
CA ASP A 7 -56.12 -31.79 -1.96
C ASP A 7 -57.55 -31.51 -2.41
N SER A 8 -57.67 -30.84 -3.55
CA SER A 8 -58.99 -30.47 -4.04
C SER A 8 -59.76 -31.70 -4.46
N VAL A 9 -60.98 -31.85 -3.93
CA VAL A 9 -61.81 -33.00 -4.27
C VAL A 9 -62.51 -32.81 -5.60
N LYS A 10 -62.60 -31.59 -6.09
CA LYS A 10 -63.31 -31.35 -7.34
C LYS A 10 -62.57 -31.99 -8.51
N SER A 11 -63.35 -32.41 -9.51
CA SER A 11 -62.83 -33.14 -10.65
C SER A 11 -62.60 -32.26 -11.86
N ALA A 12 -62.95 -30.98 -11.80
CA ALA A 12 -62.76 -30.08 -12.92
C ALA A 12 -62.56 -28.67 -12.39
N CYS A 13 -61.86 -27.85 -13.17
CA CYS A 13 -61.54 -26.49 -12.80
C CYS A 13 -62.54 -25.53 -13.44
N ILE A 14 -62.90 -24.48 -12.71
CA ILE A 14 -63.86 -23.51 -13.22
C ILE A 14 -63.35 -22.92 -14.53
N GLU A 15 -64.29 -22.63 -15.43
CA GLU A 15 -63.96 -22.07 -16.73
C GLU A 15 -63.51 -20.61 -16.60
N VAL A 16 -62.48 -20.25 -17.37
CA VAL A 16 -61.81 -18.96 -17.26
C VAL A 16 -61.84 -18.28 -18.63
N ASP A 17 -62.28 -17.03 -18.66
CA ASP A 17 -62.43 -16.27 -19.89
C ASP A 17 -61.43 -15.11 -19.91
N ILE A 18 -60.55 -15.12 -20.91
CA ILE A 18 -59.56 -14.07 -21.08
C ILE A 18 -60.11 -13.02 -22.04
N GLN A 19 -60.20 -11.78 -21.58
CA GLN A 19 -60.54 -10.65 -22.43
C GLN A 19 -59.53 -9.55 -22.16
N GLN A 20 -58.37 -9.63 -22.81
CA GLN A 20 -57.29 -8.71 -22.51
C GLN A 20 -57.68 -7.27 -22.80
N THR A 21 -58.46 -7.05 -23.86
CA THR A 21 -58.79 -5.69 -24.26
C THR A 21 -59.60 -4.97 -23.20
N PHE A 22 -60.32 -5.70 -22.35
CA PHE A 22 -61.07 -5.05 -21.29
C PHE A 22 -60.14 -4.48 -20.22
N PHE A 23 -58.99 -5.09 -20.04
CA PHE A 23 -58.06 -4.69 -18.99
C PHE A 23 -57.00 -3.72 -19.47
N ASP A 24 -57.05 -3.29 -20.73
CA ASP A 24 -56.08 -2.34 -21.26
C ASP A 24 -56.62 -0.93 -21.01
N LYS A 25 -56.11 -0.28 -19.98
CA LYS A 25 -56.46 1.08 -19.64
C LYS A 25 -55.16 1.86 -19.44
N THR A 26 -55.29 3.18 -19.31
CA THR A 26 -54.14 4.03 -19.02
C THR A 26 -54.47 4.89 -17.82
N TRP A 27 -53.90 4.53 -16.67
CA TRP A 27 -54.00 5.34 -15.46
C TRP A 27 -52.57 5.52 -14.97
N PRO A 28 -51.82 6.43 -15.57
CA PRO A 28 -50.41 6.59 -15.21
C PRO A 28 -50.26 7.01 -13.76
N ARG A 29 -49.45 6.26 -13.02
CA ARG A 29 -49.09 6.59 -11.66
C ARG A 29 -47.58 6.38 -11.53
N PRO A 30 -46.79 7.31 -12.05
CA PRO A 30 -45.35 7.13 -12.07
C PRO A 30 -44.72 7.32 -10.70
N ILE A 31 -43.54 6.73 -10.54
CA ILE A 31 -42.77 6.93 -9.32
C ILE A 31 -42.44 8.40 -9.18
N ASP A 32 -42.61 8.94 -7.98
CA ASP A 32 -42.33 10.34 -7.69
C ASP A 32 -41.53 10.40 -6.40
N VAL A 33 -40.20 10.34 -6.52
CA VAL A 33 -39.35 10.34 -5.34
C VAL A 33 -39.40 11.64 -4.58
N SER A 34 -40.03 12.67 -5.13
CA SER A 34 -40.21 13.90 -4.38
C SER A 34 -41.08 13.70 -3.16
N LYS A 35 -41.82 12.60 -3.10
CA LYS A 35 -42.59 12.23 -1.93
C LYS A 35 -42.30 10.79 -1.53
N ALA A 36 -41.11 10.30 -1.88
CA ALA A 36 -40.59 9.03 -1.40
C ALA A 36 -41.49 7.87 -1.79
N ASP A 37 -41.85 7.81 -3.06
CA ASP A 37 -42.61 6.68 -3.56
C ASP A 37 -41.71 5.48 -3.71
N GLY A 38 -42.12 4.36 -3.11
CA GLY A 38 -41.39 3.12 -3.28
C GLY A 38 -40.00 3.10 -2.69
N ILE A 39 -39.82 3.66 -1.50
CA ILE A 39 -38.52 3.71 -0.85
C ILE A 39 -38.46 2.62 0.21
N ILE A 40 -37.46 1.76 0.11
CA ILE A 40 -37.19 0.75 1.13
C ILE A 40 -36.26 1.37 2.16
N TYR A 41 -36.73 1.43 3.41
CA TYR A 41 -35.94 2.06 4.45
C TYR A 41 -34.64 1.28 4.67
N PRO A 42 -33.56 1.97 4.99
CA PRO A 42 -32.32 1.26 5.35
C PRO A 42 -32.56 0.31 6.52
N GLN A 43 -31.90 -0.84 6.48
CA GLN A 43 -32.39 -1.98 7.24
C GLN A 43 -32.16 -1.83 8.74
N GLY A 44 -30.92 -1.72 9.18
CA GLY A 44 -30.64 -1.83 10.59
C GLY A 44 -30.61 -0.56 11.40
N ARG A 45 -30.91 0.59 10.81
CA ARG A 45 -30.60 1.85 11.44
C ARG A 45 -31.70 2.86 11.17
N THR A 46 -31.68 3.94 11.93
CA THR A 46 -32.57 5.07 11.74
C THR A 46 -31.74 6.35 11.82
N TYR A 47 -32.36 7.48 11.50
CA TYR A 47 -31.66 8.74 11.54
C TYR A 47 -32.62 9.84 11.98
N SER A 48 -32.05 10.90 12.51
CA SER A 48 -32.79 12.11 12.87
C SER A 48 -32.82 13.04 11.66
N ASN A 49 -33.08 14.32 11.87
CA ASN A 49 -33.49 15.20 10.78
C ASN A 49 -32.36 15.54 9.82
N ILE A 50 -31.31 14.72 9.78
CA ILE A 50 -30.24 14.85 8.81
C ILE A 50 -30.72 14.51 7.40
N THR A 51 -29.89 14.84 6.40
CA THR A 51 -30.14 14.53 5.00
C THR A 51 -28.86 13.98 4.41
N ILE A 52 -28.91 12.77 3.84
CA ILE A 52 -27.68 12.10 3.41
C ILE A 52 -27.90 11.30 2.15
N THR A 53 -26.81 11.00 1.47
CA THR A 53 -26.86 10.09 0.34
C THR A 53 -26.76 8.65 0.83
N TYR A 54 -27.20 7.74 -0.02
CA TYR A 54 -27.35 6.35 0.37
C TYR A 54 -27.55 5.50 -0.88
N GLN A 55 -26.80 4.43 -1.04
CA GLN A 55 -26.95 3.57 -2.20
C GLN A 55 -27.64 2.28 -1.79
N GLY A 56 -28.63 1.89 -2.55
CA GLY A 56 -29.40 0.71 -2.26
C GLY A 56 -30.11 0.26 -3.49
N LEU A 57 -31.22 -0.43 -3.31
CA LEU A 57 -32.07 -0.86 -4.40
C LEU A 57 -33.30 0.03 -4.43
N PHE A 58 -33.49 0.74 -5.52
CA PHE A 58 -34.59 1.68 -5.64
C PHE A 58 -35.19 1.58 -7.03
N PRO A 59 -36.42 2.02 -7.20
CA PRO A 59 -36.92 2.35 -8.54
C PRO A 59 -36.36 3.70 -8.95
N TYR A 60 -36.39 3.96 -10.25
CA TYR A 60 -35.87 5.24 -10.70
C TYR A 60 -37.01 6.20 -10.98
N GLN A 61 -36.71 7.48 -10.79
CA GLN A 61 -37.73 8.51 -10.81
C GLN A 61 -38.45 8.55 -12.14
N GLY A 62 -39.76 8.77 -12.08
CA GLY A 62 -40.57 8.88 -13.28
C GLY A 62 -40.93 7.57 -13.93
N ASP A 63 -40.53 6.45 -13.36
CA ASP A 63 -40.87 5.16 -13.93
C ASP A 63 -42.36 4.92 -13.84
N HIS A 64 -42.92 4.30 -14.88
CA HIS A 64 -44.34 4.05 -14.94
C HIS A 64 -44.73 2.66 -14.47
N GLY A 65 -43.81 1.71 -14.51
CA GLY A 65 -44.10 0.37 -14.04
C GLY A 65 -45.15 -0.30 -14.91
N ASP A 66 -45.64 -1.43 -14.40
CA ASP A 66 -46.68 -2.20 -15.06
C ASP A 66 -47.94 -2.16 -14.22
N MET A 67 -49.06 -1.86 -14.86
CA MET A 67 -50.35 -1.82 -14.18
C MET A 67 -51.08 -3.14 -14.33
N TYR A 68 -51.68 -3.60 -13.25
CA TYR A 68 -52.50 -4.79 -13.27
C TYR A 68 -53.80 -4.51 -12.56
N VAL A 69 -54.85 -5.18 -13.01
CA VAL A 69 -56.19 -4.94 -12.51
C VAL A 69 -56.94 -6.27 -12.43
N TYR A 70 -57.75 -6.41 -11.40
CA TYR A 70 -58.58 -7.59 -11.16
C TYR A 70 -60.04 -7.22 -11.33
N SER A 71 -60.84 -8.16 -11.81
CA SER A 71 -62.21 -7.88 -12.18
C SER A 71 -63.16 -8.95 -11.67
N ALA A 72 -64.42 -8.57 -11.53
CA ALA A 72 -65.45 -9.54 -11.23
C ALA A 72 -65.59 -10.54 -12.38
N GLY A 73 -66.29 -11.63 -12.10
CA GLY A 73 -66.45 -12.69 -13.08
C GLY A 73 -67.79 -12.62 -13.79
N HIS A 74 -67.97 -13.55 -14.72
CA HIS A 74 -69.23 -13.62 -15.46
C HIS A 74 -70.35 -14.04 -14.53
N ALA A 75 -71.48 -13.35 -14.65
CA ALA A 75 -72.64 -13.69 -13.83
C ALA A 75 -73.91 -13.30 -14.57
N THR A 76 -74.90 -14.19 -14.50
CA THR A 76 -76.27 -13.82 -14.83
C THR A 76 -76.89 -13.14 -13.62
N GLY A 77 -78.21 -13.03 -13.60
CA GLY A 77 -78.87 -12.27 -12.55
C GLY A 77 -78.40 -12.64 -11.15
N THR A 78 -78.29 -13.93 -10.86
CA THR A 78 -77.82 -14.34 -9.54
C THR A 78 -76.90 -15.55 -9.57
N THR A 79 -76.38 -15.93 -10.72
CA THR A 79 -75.55 -17.13 -10.82
C THR A 79 -74.13 -16.79 -11.21
N PRO A 80 -73.15 -16.98 -10.31
CA PRO A 80 -71.75 -16.81 -10.72
C PRO A 80 -71.38 -17.81 -11.81
N GLN A 81 -70.53 -17.37 -12.73
CA GLN A 81 -70.23 -18.12 -13.93
C GLN A 81 -68.74 -17.97 -14.24
N LYS A 82 -68.39 -18.22 -15.50
CA LYS A 82 -67.02 -18.21 -15.98
C LYS A 82 -66.20 -17.06 -15.41
N LEU A 83 -64.95 -17.36 -15.08
CA LEU A 83 -64.05 -16.35 -14.53
C LEU A 83 -63.61 -15.38 -15.62
N PHE A 84 -63.34 -14.14 -15.21
CA PHE A 84 -63.04 -13.04 -16.12
C PHE A 84 -61.68 -12.46 -15.75
N VAL A 85 -60.64 -12.85 -16.47
CA VAL A 85 -59.27 -12.48 -16.13
C VAL A 85 -58.59 -11.89 -17.36
N ALA A 86 -57.44 -11.26 -17.12
CA ALA A 86 -56.59 -10.78 -18.20
C ALA A 86 -55.60 -11.87 -18.59
N ASN A 87 -54.62 -11.52 -19.43
CA ASN A 87 -53.65 -12.47 -19.95
C ASN A 87 -52.45 -12.63 -19.02
N TYR A 88 -52.57 -12.21 -17.76
CA TYR A 88 -51.39 -12.07 -16.91
C TYR A 88 -50.63 -13.37 -16.74
N SER A 89 -51.30 -14.50 -16.86
CA SER A 89 -50.67 -15.78 -16.54
C SER A 89 -49.55 -16.15 -17.49
N GLN A 90 -49.45 -15.51 -18.65
CA GLN A 90 -48.41 -15.83 -19.61
C GLN A 90 -47.29 -14.81 -19.64
N ASP A 91 -47.52 -13.63 -19.07
CA ASP A 91 -46.47 -12.61 -18.98
C ASP A 91 -45.49 -13.02 -17.90
N VAL A 92 -44.37 -13.62 -18.30
CA VAL A 92 -43.32 -14.00 -17.38
C VAL A 92 -42.23 -12.96 -17.49
N LYS A 93 -42.01 -12.22 -16.41
CA LYS A 93 -41.02 -11.16 -16.38
C LYS A 93 -39.73 -11.68 -15.76
N GLN A 94 -38.73 -10.81 -15.71
CA GLN A 94 -37.46 -11.11 -15.08
C GLN A 94 -37.44 -10.54 -13.68
N PHE A 95 -37.24 -11.40 -12.69
CA PHE A 95 -37.01 -10.96 -11.31
C PHE A 95 -35.53 -10.61 -11.20
N ALA A 96 -35.20 -9.42 -11.69
CA ALA A 96 -33.79 -9.04 -11.76
C ALA A 96 -33.23 -8.76 -10.37
N ASN A 97 -33.80 -7.79 -9.67
CA ASN A 97 -33.34 -7.44 -8.33
C ASN A 97 -34.48 -7.38 -7.33
N GLY A 98 -35.68 -7.74 -7.72
CA GLY A 98 -36.84 -7.55 -6.88
C GLY A 98 -37.72 -6.46 -7.46
N PHE A 99 -38.76 -6.11 -6.70
CA PHE A 99 -39.65 -5.06 -7.17
C PHE A 99 -40.47 -4.54 -6.02
N VAL A 100 -41.20 -3.47 -6.31
CA VAL A 100 -42.12 -2.87 -5.35
C VAL A 100 -43.47 -2.72 -6.03
N VAL A 101 -44.52 -2.74 -5.22
CA VAL A 101 -45.89 -2.71 -5.70
C VAL A 101 -46.64 -1.62 -4.94
N ARG A 102 -47.25 -0.72 -5.69
CA ARG A 102 -48.14 0.28 -5.12
C ARG A 102 -49.55 -0.29 -5.17
N ILE A 103 -50.22 -0.31 -4.02
CA ILE A 103 -51.46 -1.05 -3.83
C ILE A 103 -52.52 -0.10 -3.32
N GLY A 104 -53.68 -0.12 -3.97
CA GLY A 104 -54.85 0.64 -3.55
C GLY A 104 -54.74 2.14 -3.69
N ALA A 105 -54.08 2.62 -4.74
CA ALA A 105 -53.93 4.05 -4.90
C ALA A 105 -55.24 4.71 -5.28
N ALA A 106 -56.08 4.03 -6.04
CA ALA A 106 -57.28 4.63 -6.59
C ALA A 106 -58.49 4.48 -5.68
N ALA A 107 -58.36 3.84 -4.53
CA ALA A 107 -59.49 3.58 -3.66
C ALA A 107 -60.12 4.89 -3.18
N ASN A 108 -61.29 4.77 -2.55
CA ASN A 108 -62.11 5.88 -2.09
C ASN A 108 -62.63 6.73 -3.24
N SER A 109 -62.44 6.31 -4.48
CA SER A 109 -62.86 7.09 -5.64
C SER A 109 -63.77 6.22 -6.51
N THR A 110 -64.24 6.82 -7.60
CA THR A 110 -65.24 6.21 -8.46
C THR A 110 -64.61 5.77 -9.77
N GLY A 111 -64.81 4.50 -10.11
CA GLY A 111 -64.36 3.95 -11.38
C GLY A 111 -65.48 3.16 -12.01
N THR A 112 -65.16 2.27 -12.93
CA THR A 112 -66.16 1.39 -13.54
C THR A 112 -65.74 -0.05 -13.38
N VAL A 113 -66.72 -0.92 -13.18
CA VAL A 113 -66.45 -2.35 -13.18
C VAL A 113 -65.83 -2.73 -14.52
N ILE A 114 -64.82 -3.59 -14.46
CA ILE A 114 -64.08 -3.92 -15.67
C ILE A 114 -64.94 -4.73 -16.63
N ILE A 115 -65.74 -5.65 -16.10
CA ILE A 115 -66.53 -6.52 -16.96
C ILE A 115 -67.77 -5.84 -17.52
N SER A 116 -68.20 -4.72 -16.93
CA SER A 116 -69.37 -3.99 -17.38
C SER A 116 -68.98 -2.53 -17.55
N PRO A 117 -68.37 -2.19 -18.69
CA PRO A 117 -67.78 -0.85 -18.84
C PRO A 117 -68.75 0.29 -18.64
N SER A 118 -70.03 0.03 -18.44
CA SER A 118 -71.01 1.07 -18.20
C SER A 118 -71.42 1.17 -16.73
N THR A 119 -70.90 0.29 -15.88
CA THR A 119 -71.33 0.23 -14.48
C THR A 119 -70.30 0.93 -13.61
N SER A 120 -70.60 2.15 -13.20
CA SER A 120 -69.74 2.85 -12.26
C SER A 120 -69.86 2.21 -10.88
N ALA A 121 -68.84 2.45 -10.06
CA ALA A 121 -68.79 1.96 -8.69
C ALA A 121 -67.71 2.74 -7.95
N THR A 122 -67.51 2.39 -6.69
CA THR A 122 -66.50 3.01 -5.87
C THR A 122 -65.28 2.11 -5.78
N ILE A 123 -64.10 2.66 -6.01
CA ILE A 123 -62.89 1.86 -6.08
C ILE A 123 -62.56 1.35 -4.69
N ARG A 124 -62.28 0.04 -4.59
CA ARG A 124 -61.96 -0.59 -3.32
C ARG A 124 -60.65 -1.36 -3.44
N LYS A 125 -59.82 -1.25 -2.42
CA LYS A 125 -58.48 -1.82 -2.47
C LYS A 125 -58.52 -3.34 -2.58
N ILE A 126 -57.60 -3.88 -3.38
CA ILE A 126 -57.44 -5.32 -3.53
C ILE A 126 -55.96 -5.65 -3.42
N TYR A 127 -55.66 -6.90 -3.17
CA TYR A 127 -54.26 -7.23 -2.95
C TYR A 127 -53.74 -8.15 -4.05
N PRO A 128 -52.49 -7.98 -4.45
CA PRO A 128 -51.95 -8.78 -5.57
C PRO A 128 -51.46 -10.14 -5.12
N ALA A 129 -51.32 -11.02 -6.11
CA ALA A 129 -50.81 -12.37 -5.90
C ALA A 129 -49.74 -12.67 -6.94
N PHE A 130 -48.65 -13.30 -6.50
CA PHE A 130 -47.49 -13.48 -7.35
C PHE A 130 -47.06 -14.94 -7.36
N MET A 131 -46.41 -15.32 -8.44
CA MET A 131 -45.81 -16.64 -8.61
C MET A 131 -44.35 -16.41 -8.98
N LEU A 132 -43.46 -16.66 -8.03
CA LEU A 132 -42.03 -16.48 -8.18
C LEU A 132 -41.40 -17.83 -8.48
N GLY A 133 -40.36 -17.84 -9.30
CA GLY A 133 -39.72 -19.10 -9.60
C GLY A 133 -38.36 -18.93 -10.23
N SER A 134 -37.62 -20.03 -10.28
CA SER A 134 -36.27 -20.04 -10.83
C SER A 134 -36.18 -20.72 -12.19
N SER A 135 -37.20 -21.46 -12.61
CA SER A 135 -37.20 -22.08 -13.92
C SER A 135 -38.63 -22.16 -14.44
N VAL A 136 -38.83 -21.80 -15.70
CA VAL A 136 -40.17 -21.75 -16.28
C VAL A 136 -40.16 -22.42 -17.65
N GLY A 137 -41.36 -22.68 -18.14
CA GLY A 137 -41.55 -23.27 -19.44
C GLY A 137 -42.98 -23.05 -19.89
N ASN A 138 -43.34 -23.68 -21.00
CA ASN A 138 -44.73 -23.67 -21.42
C ASN A 138 -45.46 -24.92 -20.93
N PHE A 139 -46.78 -24.86 -20.96
CA PHE A 139 -47.61 -25.93 -20.42
C PHE A 139 -47.76 -27.05 -21.45
N SER A 140 -48.64 -28.00 -21.14
CA SER A 140 -48.88 -29.12 -22.06
C SER A 140 -49.47 -28.64 -23.38
N ASP A 141 -50.42 -27.70 -23.33
CA ASP A 141 -51.01 -27.17 -24.55
C ASP A 141 -50.05 -26.28 -25.33
N GLY A 142 -48.87 -25.98 -24.77
CA GLY A 142 -47.95 -25.04 -25.36
C GLY A 142 -48.08 -23.64 -24.82
N LYS A 143 -49.15 -23.33 -24.09
CA LYS A 143 -49.27 -22.04 -23.45
C LYS A 143 -48.15 -21.84 -22.45
N MET A 144 -47.55 -20.65 -22.47
CA MET A 144 -46.46 -20.35 -21.57
C MET A 144 -46.98 -20.10 -20.16
N GLY A 145 -46.09 -20.27 -19.19
CA GLY A 145 -46.41 -19.94 -17.82
C GLY A 145 -46.40 -21.11 -16.86
N ARG A 146 -45.65 -22.15 -17.18
CA ARG A 146 -45.53 -23.31 -16.30
C ARG A 146 -44.29 -23.15 -15.43
N PHE A 147 -44.46 -23.45 -14.16
CA PHE A 147 -43.40 -23.26 -13.17
C PHE A 147 -42.97 -24.61 -12.62
N PHE A 148 -41.67 -24.85 -12.71
CA PHE A 148 -40.98 -26.10 -12.38
C PHE A 148 -40.68 -26.21 -10.90
N ASN A 149 -39.50 -26.79 -10.58
CA ASN A 149 -39.04 -27.04 -9.18
C ASN A 149 -39.58 -26.04 -8.15
N HIS A 150 -39.63 -26.43 -6.87
CA HIS A 150 -40.26 -25.61 -5.81
C HIS A 150 -40.31 -24.12 -6.20
N THR A 151 -41.53 -23.56 -6.26
CA THR A 151 -41.70 -22.15 -6.68
C THR A 151 -42.43 -21.38 -5.58
N LEU A 152 -41.91 -20.21 -5.21
CA LEU A 152 -42.53 -19.37 -4.19
C LEU A 152 -43.87 -18.85 -4.70
N VAL A 153 -44.88 -18.89 -3.84
CA VAL A 153 -46.20 -18.37 -4.17
C VAL A 153 -46.68 -17.51 -3.02
N LEU A 154 -47.07 -16.28 -3.35
CA LEU A 154 -47.66 -15.35 -2.41
C LEU A 154 -49.13 -15.16 -2.78
N LEU A 155 -50.00 -15.19 -1.79
CA LEU A 155 -51.41 -15.21 -2.10
C LEU A 155 -52.22 -14.64 -0.95
N PRO A 156 -52.87 -13.50 -1.14
CA PRO A 156 -53.75 -12.96 -0.10
C PRO A 156 -55.01 -13.79 0.03
N ASP A 157 -55.70 -13.60 1.15
CA ASP A 157 -56.88 -14.39 1.42
C ASP A 157 -57.70 -13.71 2.50
N GLY A 158 -58.90 -14.24 2.71
CA GLY A 158 -59.79 -13.73 3.72
C GLY A 158 -60.29 -12.33 3.46
N CYS A 159 -60.71 -12.06 2.24
CA CYS A 159 -61.18 -10.73 1.83
C CYS A 159 -60.06 -9.71 2.07
N GLY A 160 -58.83 -10.12 1.82
CA GLY A 160 -57.69 -9.29 2.09
C GLY A 160 -57.47 -9.03 3.56
N THR A 161 -57.60 -10.06 4.39
CA THR A 161 -57.25 -9.97 5.80
C THR A 161 -56.02 -10.76 6.18
N LEU A 162 -55.61 -11.73 5.38
CA LEU A 162 -54.33 -12.37 5.64
C LEU A 162 -53.59 -12.54 4.33
N LEU A 163 -52.29 -12.81 4.46
CA LEU A 163 -51.43 -13.11 3.33
C LEU A 163 -50.73 -14.41 3.61
N ARG A 164 -50.70 -15.31 2.64
CA ARG A 164 -50.06 -16.60 2.77
C ARG A 164 -48.89 -16.70 1.82
N ALA A 165 -47.83 -17.33 2.27
CA ALA A 165 -46.64 -17.48 1.45
C ALA A 165 -46.12 -18.90 1.61
N PHE A 166 -46.03 -19.64 0.51
CA PHE A 166 -45.50 -21.00 0.59
C PHE A 166 -44.54 -21.23 -0.57
N TYR A 167 -43.95 -22.42 -0.58
CA TYR A 167 -42.84 -22.70 -1.49
C TYR A 167 -42.77 -24.19 -1.72
N CYS A 168 -43.33 -24.63 -2.84
CA CYS A 168 -43.27 -26.07 -3.19
C CYS A 168 -43.53 -26.28 -4.68
N ILE A 169 -43.61 -27.54 -5.07
CA ILE A 169 -43.83 -27.89 -6.47
C ILE A 169 -45.31 -27.92 -6.76
N LEU A 170 -45.66 -27.43 -7.94
CA LEU A 170 -47.04 -27.26 -8.38
C LEU A 170 -47.34 -28.33 -9.42
N GLU A 171 -48.38 -29.13 -9.16
CA GLU A 171 -48.75 -30.20 -10.07
C GLU A 171 -49.98 -29.79 -10.84
N PRO A 172 -49.91 -29.61 -12.16
CA PRO A 172 -51.12 -29.27 -12.92
C PRO A 172 -52.10 -30.43 -12.92
N ARG A 173 -53.31 -30.17 -12.43
CA ARG A 173 -54.34 -31.20 -12.44
C ARG A 173 -54.91 -31.35 -13.85
N SER A 174 -55.59 -32.46 -14.07
CA SER A 174 -55.96 -32.89 -15.42
C SER A 174 -57.46 -32.86 -15.67
N GLY A 175 -58.25 -32.24 -14.80
CA GLY A 175 -59.67 -32.14 -15.03
C GLY A 175 -59.98 -31.23 -16.21
N ASN A 176 -61.28 -30.96 -16.37
CA ASN A 176 -61.70 -30.02 -17.40
C ASN A 176 -61.20 -28.63 -17.07
N HIS A 177 -60.63 -27.96 -18.07
CA HIS A 177 -60.13 -26.59 -18.00
C HIS A 177 -58.91 -26.47 -17.12
N CYS A 178 -58.47 -27.53 -16.48
CA CYS A 178 -57.30 -27.51 -15.64
C CYS A 178 -56.03 -27.51 -16.49
N PRO A 179 -54.91 -27.00 -15.95
CA PRO A 179 -53.72 -26.80 -16.80
C PRO A 179 -53.23 -28.04 -17.50
N ALA A 180 -53.27 -29.20 -16.84
CA ALA A 180 -52.89 -30.43 -17.49
C ALA A 180 -54.06 -31.12 -18.17
N GLY A 181 -55.26 -30.59 -18.02
CA GLY A 181 -56.44 -31.17 -18.63
C GLY A 181 -56.67 -30.68 -20.03
N ASN A 182 -57.94 -30.67 -20.44
CA ASN A 182 -58.34 -30.22 -21.75
C ASN A 182 -59.11 -28.92 -21.64
N SER A 183 -59.13 -28.17 -22.74
CA SER A 183 -59.73 -26.83 -22.78
C SER A 183 -59.15 -25.93 -21.71
N TYR A 184 -57.83 -25.95 -21.56
CA TYR A 184 -57.16 -25.06 -20.62
C TYR A 184 -56.99 -23.69 -21.25
N THR A 185 -57.42 -22.66 -20.53
CA THR A 185 -57.24 -21.28 -20.97
C THR A 185 -56.24 -20.54 -20.10
N SER A 186 -56.51 -20.45 -18.80
CA SER A 186 -55.61 -19.78 -17.87
C SER A 186 -56.05 -20.09 -16.44
N PHE A 187 -55.10 -20.42 -15.56
CA PHE A 187 -55.48 -20.62 -14.18
C PHE A 187 -55.74 -19.28 -13.51
N ALA A 188 -56.42 -19.33 -12.38
CA ALA A 188 -56.79 -18.12 -11.68
C ALA A 188 -57.11 -18.48 -10.23
N THR A 189 -57.58 -17.49 -9.47
CA THR A 189 -58.08 -17.72 -8.14
C THR A 189 -59.37 -16.93 -7.98
N TYR A 190 -60.16 -17.31 -7.00
CA TYR A 190 -61.43 -16.62 -6.79
C TYR A 190 -61.86 -16.77 -5.36
N HIS A 191 -62.77 -15.90 -4.96
CA HIS A 191 -63.45 -16.00 -3.68
C HIS A 191 -64.88 -15.57 -3.89
N THR A 192 -65.80 -16.21 -3.20
CA THR A 192 -67.21 -15.88 -3.37
C THR A 192 -67.64 -14.95 -2.25
N PRO A 193 -67.99 -13.70 -2.55
CA PRO A 193 -68.37 -12.77 -1.48
C PRO A 193 -69.51 -13.26 -0.61
N ALA A 194 -70.63 -13.65 -1.21
CA ALA A 194 -71.79 -14.06 -0.43
C ALA A 194 -71.48 -15.29 0.42
N THR A 195 -70.63 -16.17 -0.06
CA THR A 195 -70.29 -17.39 0.67
C THR A 195 -69.10 -17.19 1.60
N ASP A 196 -67.94 -16.86 1.03
CA ASP A 196 -66.71 -16.86 1.80
C ASP A 196 -66.48 -15.58 2.59
N CYS A 197 -67.21 -14.51 2.29
CA CYS A 197 -66.75 -13.22 2.80
C CYS A 197 -67.84 -12.54 3.59
N SER A 198 -68.68 -13.34 4.26
CA SER A 198 -69.75 -12.82 5.08
C SER A 198 -69.19 -12.19 6.35
N ASP A 199 -69.93 -11.22 6.89
CA ASP A 199 -69.47 -10.47 8.04
C ASP A 199 -69.18 -11.38 9.23
N GLY A 200 -68.01 -11.19 9.83
CA GLY A 200 -67.64 -11.88 11.05
C GLY A 200 -67.01 -13.23 10.86
N ASN A 201 -67.18 -13.86 9.71
CA ASN A 201 -66.71 -15.22 9.48
C ASN A 201 -66.00 -15.33 8.14
N TYR A 202 -65.08 -14.39 7.87
CA TYR A 202 -64.34 -14.39 6.62
C TYR A 202 -63.61 -15.71 6.42
N ASN A 203 -64.00 -16.46 5.40
CA ASN A 203 -63.30 -17.70 5.10
C ASN A 203 -61.84 -17.40 4.85
N ARG A 204 -60.98 -18.29 5.31
CA ARG A 204 -59.55 -18.05 5.25
C ARG A 204 -58.81 -19.07 4.38
N ASN A 205 -59.50 -20.01 3.74
CA ASN A 205 -58.87 -20.89 2.78
C ASN A 205 -59.52 -20.83 1.42
N ALA A 206 -60.47 -19.91 1.20
CA ALA A 206 -61.20 -19.85 -0.04
C ALA A 206 -60.26 -19.69 -1.23
N SER A 207 -59.36 -18.71 -1.16
CA SER A 207 -58.42 -18.50 -2.24
C SER A 207 -57.47 -19.67 -2.39
N LEU A 208 -57.04 -20.26 -1.26
CA LEU A 208 -56.19 -21.43 -1.34
C LEU A 208 -56.91 -22.58 -2.03
N ASN A 209 -58.17 -22.80 -1.70
CA ASN A 209 -58.93 -23.86 -2.35
C ASN A 209 -59.08 -23.58 -3.84
N SER A 210 -59.36 -22.32 -4.20
CA SER A 210 -59.46 -21.96 -5.60
C SER A 210 -58.18 -22.30 -6.34
N PHE A 211 -57.04 -21.89 -5.78
CA PHE A 211 -55.77 -22.21 -6.41
C PHE A 211 -55.54 -23.71 -6.48
N LYS A 212 -55.86 -24.41 -5.39
CA LYS A 212 -55.59 -25.83 -5.28
C LYS A 212 -56.43 -26.65 -6.25
N GLU A 213 -57.56 -26.09 -6.70
CA GLU A 213 -58.34 -26.77 -7.73
C GLU A 213 -57.54 -26.98 -9.00
N TYR A 214 -56.65 -26.06 -9.33
CA TYR A 214 -55.82 -26.21 -10.53
C TYR A 214 -54.51 -26.90 -10.25
N PHE A 215 -54.01 -26.85 -9.02
CA PHE A 215 -52.67 -27.32 -8.71
C PHE A 215 -52.69 -28.19 -7.48
N ASN A 216 -51.83 -29.20 -7.50
CA ASN A 216 -51.58 -30.05 -6.35
C ASN A 216 -50.24 -29.63 -5.76
N LEU A 217 -50.26 -29.26 -4.48
CA LEU A 217 -49.08 -28.70 -3.82
C LEU A 217 -48.29 -29.86 -3.21
N ARG A 218 -47.08 -30.08 -3.72
CA ARG A 218 -46.27 -31.22 -3.29
C ARG A 218 -44.93 -30.73 -2.73
N ASN A 219 -44.51 -31.34 -1.60
CA ASN A 219 -43.21 -31.03 -0.97
C ASN A 219 -43.16 -29.57 -0.53
N CYS A 220 -44.16 -29.13 0.25
CA CYS A 220 -44.23 -27.70 0.69
C CYS A 220 -43.35 -27.51 1.92
N THR A 221 -42.24 -26.80 1.77
CA THR A 221 -41.27 -26.65 2.85
C THR A 221 -41.75 -25.71 3.94
N PHE A 222 -42.70 -24.82 3.64
CA PHE A 222 -43.29 -23.98 4.67
C PHE A 222 -44.58 -23.38 4.12
N MET A 223 -45.33 -22.76 5.02
CA MET A 223 -46.51 -22.01 4.62
C MET A 223 -46.83 -21.02 5.74
N TYR A 224 -46.42 -19.78 5.55
CA TYR A 224 -46.62 -18.75 6.57
C TYR A 224 -47.83 -17.90 6.24
N THR A 225 -48.37 -17.27 7.28
CA THR A 225 -49.49 -16.35 7.13
C THR A 225 -49.21 -15.10 7.93
N TYR A 226 -49.85 -14.02 7.54
CA TYR A 226 -49.72 -12.75 8.23
C TYR A 226 -51.05 -12.03 8.21
N ASN A 227 -51.49 -11.57 9.38
CA ASN A 227 -52.81 -10.98 9.51
C ASN A 227 -52.77 -9.51 9.12
N ILE A 228 -53.83 -9.07 8.43
CA ILE A 228 -53.89 -7.74 7.84
C ILE A 228 -55.17 -7.06 8.27
N THR A 229 -55.05 -5.88 8.84
CA THR A 229 -56.22 -5.10 9.22
C THR A 229 -56.85 -4.48 7.99
N GLU A 230 -58.16 -4.62 7.85
CA GLU A 230 -58.85 -4.04 6.70
C GLU A 230 -58.92 -2.52 6.82
N ASP A 231 -58.74 -1.86 5.69
CA ASP A 231 -58.83 -0.40 5.58
C ASP A 231 -58.81 -0.06 4.10
N GLU A 232 -58.80 1.25 3.83
CA GLU A 232 -58.76 1.76 2.46
C GLU A 232 -57.65 2.79 2.33
N ILE A 233 -56.47 2.42 2.82
CA ILE A 233 -55.32 3.31 2.86
C ILE A 233 -54.29 2.79 1.86
N LEU A 234 -53.78 3.68 1.02
CA LEU A 234 -52.76 3.32 0.04
C LEU A 234 -51.57 2.70 0.74
N GLU A 235 -51.06 1.60 0.19
CA GLU A 235 -49.94 0.96 0.84
C GLU A 235 -48.94 0.46 -0.19
N TRP A 236 -47.80 0.01 0.30
CA TRP A 236 -46.69 -0.40 -0.53
C TRP A 236 -46.21 -1.78 -0.09
N PHE A 237 -45.72 -2.54 -1.05
CA PHE A 237 -45.17 -3.85 -0.76
C PHE A 237 -43.90 -4.00 -1.57
N GLY A 238 -42.98 -4.82 -1.11
CA GLY A 238 -41.76 -5.01 -1.87
C GLY A 238 -41.14 -6.36 -1.60
N ILE A 239 -40.31 -6.80 -2.53
CA ILE A 239 -39.66 -8.09 -2.40
C ILE A 239 -38.29 -8.04 -3.04
N THR A 240 -37.32 -8.66 -2.36
CA THR A 240 -35.98 -8.80 -2.91
C THR A 240 -35.40 -10.11 -2.42
N GLN A 241 -34.24 -10.48 -2.95
CA GLN A 241 -33.64 -11.75 -2.57
C GLN A 241 -32.14 -11.59 -2.34
N THR A 242 -31.65 -12.14 -1.22
CA THR A 242 -30.22 -12.18 -0.96
C THR A 242 -29.81 -13.58 -0.54
N ALA A 243 -28.55 -13.73 -0.12
CA ALA A 243 -28.08 -15.03 0.35
C ALA A 243 -28.88 -15.51 1.54
N GLN A 244 -29.41 -14.59 2.34
CA GLN A 244 -30.20 -14.93 3.50
C GLN A 244 -31.63 -15.28 3.13
N GLY A 245 -31.92 -15.52 1.86
CA GLY A 245 -33.25 -15.92 1.49
C GLY A 245 -33.99 -14.86 0.69
N VAL A 246 -35.27 -14.69 0.98
CA VAL A 246 -36.10 -13.73 0.26
C VAL A 246 -36.75 -12.80 1.28
N HIS A 247 -36.59 -11.51 1.08
CA HIS A 247 -37.07 -10.52 2.03
C HIS A 247 -38.32 -9.85 1.50
N LEU A 248 -39.28 -9.65 2.40
CA LEU A 248 -40.54 -9.00 2.11
C LEU A 248 -40.62 -7.71 2.90
N PHE A 249 -41.20 -6.68 2.30
CA PHE A 249 -41.27 -5.37 2.92
C PHE A 249 -42.68 -4.84 2.79
N SER A 250 -43.10 -4.07 3.78
CA SER A 250 -44.42 -3.47 3.74
C SER A 250 -44.39 -2.16 4.51
N SER A 251 -45.38 -1.33 4.26
CA SER A 251 -45.57 -0.10 5.00
C SER A 251 -46.73 -0.19 5.98
N ARG A 252 -47.40 -1.34 6.07
CA ARG A 252 -48.59 -1.45 6.91
C ARG A 252 -48.25 -1.27 8.37
N TYR A 253 -47.20 -1.93 8.84
CA TYR A 253 -46.96 -2.02 10.28
C TYR A 253 -46.28 -0.76 10.82
N VAL A 254 -45.19 -0.34 10.19
CA VAL A 254 -44.41 0.77 10.73
C VAL A 254 -44.92 2.12 10.26
N ASP A 255 -45.12 2.28 8.96
CA ASP A 255 -45.41 3.60 8.41
C ASP A 255 -46.71 3.59 7.61
N LEU A 256 -47.77 3.10 8.23
CA LEU A 256 -49.06 2.96 7.53
C LEU A 256 -49.46 4.25 6.85
N TYR A 257 -49.29 5.39 7.50
CA TYR A 257 -49.74 6.65 6.94
C TYR A 257 -48.68 7.36 6.12
N GLY A 258 -47.48 6.80 5.99
CA GLY A 258 -46.44 7.47 5.25
C GLY A 258 -45.95 6.77 4.00
N GLY A 259 -45.93 5.45 4.01
CA GLY A 259 -45.58 4.68 2.85
C GLY A 259 -44.20 4.06 2.85
N ASN A 260 -43.33 4.43 3.79
CA ASN A 260 -42.00 3.83 3.81
C ASN A 260 -42.10 2.35 4.12
N MET A 261 -41.34 1.54 3.40
CA MET A 261 -41.44 0.10 3.50
C MET A 261 -40.33 -0.45 4.38
N PHE A 262 -40.70 -1.25 5.37
CA PHE A 262 -39.78 -1.90 6.28
C PHE A 262 -39.96 -3.41 6.17
N GLN A 263 -38.86 -4.14 6.37
CA GLN A 263 -38.93 -5.58 6.29
C GLN A 263 -39.80 -6.15 7.40
N PHE A 264 -40.59 -7.16 7.05
CA PHE A 264 -41.43 -7.84 8.02
C PHE A 264 -41.33 -9.35 7.93
N ALA A 265 -40.56 -9.88 6.99
CA ALA A 265 -40.47 -11.32 6.86
C ALA A 265 -39.27 -11.69 6.00
N THR A 266 -38.58 -12.75 6.40
CA THR A 266 -37.54 -13.37 5.59
C THR A 266 -37.91 -14.83 5.38
N LEU A 267 -37.82 -15.28 4.16
CA LEU A 267 -38.29 -16.58 3.73
C LEU A 267 -37.11 -17.43 3.33
N PRO A 268 -37.04 -18.68 3.81
CA PRO A 268 -35.87 -19.53 3.59
C PRO A 268 -35.84 -20.16 2.20
N VAL A 269 -35.86 -19.30 1.18
CA VAL A 269 -35.74 -19.73 -0.21
C VAL A 269 -34.34 -19.36 -0.67
N TYR A 270 -33.61 -20.34 -1.19
CA TYR A 270 -32.19 -20.12 -1.47
C TYR A 270 -31.78 -20.35 -2.91
N ASP A 271 -32.68 -20.81 -3.76
CA ASP A 271 -32.42 -20.77 -5.18
C ASP A 271 -32.67 -19.36 -5.71
N THR A 272 -31.98 -19.00 -6.78
CA THR A 272 -32.05 -17.64 -7.30
C THR A 272 -33.29 -17.51 -8.18
N ILE A 273 -34.29 -16.78 -7.68
CA ILE A 273 -35.47 -16.51 -8.49
C ILE A 273 -35.07 -15.76 -9.73
N LYS A 274 -35.63 -16.16 -10.86
CA LYS A 274 -35.31 -15.52 -12.12
C LYS A 274 -36.55 -15.21 -12.95
N TYR A 275 -37.73 -15.60 -12.50
CA TYR A 275 -38.94 -15.34 -13.25
C TYR A 275 -40.07 -15.14 -12.26
N TYR A 276 -41.10 -14.46 -12.71
CA TYR A 276 -42.29 -14.28 -11.89
C TYR A 276 -43.44 -13.86 -12.77
N SER A 277 -44.64 -14.02 -12.24
CA SER A 277 -45.84 -13.58 -12.93
C SER A 277 -46.91 -13.26 -11.91
N ILE A 278 -47.89 -12.49 -12.33
CA ILE A 278 -48.96 -12.05 -11.45
C ILE A 278 -50.16 -12.97 -11.64
N ILE A 279 -50.63 -13.55 -10.54
CA ILE A 279 -51.73 -14.50 -10.57
C ILE A 279 -53.03 -13.74 -10.81
N PRO A 280 -53.76 -14.03 -11.87
CA PRO A 280 -55.05 -13.41 -12.06
C PRO A 280 -56.02 -13.88 -11.00
N HIS A 281 -56.97 -13.00 -10.64
CA HIS A 281 -57.90 -13.31 -9.57
C HIS A 281 -59.23 -12.64 -9.89
N SER A 282 -60.28 -13.42 -9.97
CA SER A 282 -61.61 -12.89 -10.26
C SER A 282 -62.54 -13.11 -9.08
N ILE A 283 -63.45 -12.17 -8.88
CA ILE A 283 -64.35 -12.17 -7.74
C ILE A 283 -65.70 -12.68 -8.20
N ARG A 284 -66.09 -13.86 -7.71
CA ARG A 284 -67.32 -14.53 -8.15
C ARG A 284 -68.51 -13.95 -7.38
N SER A 285 -68.83 -12.71 -7.70
CA SER A 285 -69.99 -12.06 -7.10
C SER A 285 -71.20 -12.26 -8.02
N ILE A 286 -72.29 -11.57 -7.72
CA ILE A 286 -73.47 -11.57 -8.58
C ILE A 286 -73.55 -10.22 -9.27
N GLN A 287 -74.44 -10.12 -10.26
CA GLN A 287 -74.51 -8.92 -11.07
C GLN A 287 -74.92 -7.71 -10.26
N SER A 288 -75.70 -7.90 -9.21
CA SER A 288 -76.27 -6.76 -8.49
C SER A 288 -75.26 -6.07 -7.58
N ASP A 289 -74.15 -6.70 -7.24
CA ASP A 289 -73.23 -6.15 -6.26
C ASP A 289 -71.80 -6.20 -6.76
N ARG A 290 -71.58 -5.83 -8.00
CA ARG A 290 -70.22 -5.80 -8.52
C ARG A 290 -69.49 -4.55 -8.04
N LYS A 291 -68.19 -4.70 -7.81
CA LYS A 291 -67.37 -3.65 -7.24
C LYS A 291 -66.18 -3.36 -8.14
N ALA A 292 -65.64 -2.15 -7.99
CA ALA A 292 -64.48 -1.72 -8.73
C ALA A 292 -63.25 -1.87 -7.85
N TRP A 293 -62.31 -2.72 -8.27
CA TRP A 293 -61.13 -3.02 -7.49
C TRP A 293 -59.95 -2.21 -8.01
N ALA A 294 -59.23 -1.57 -7.11
CA ALA A 294 -58.13 -0.70 -7.49
C ALA A 294 -57.05 -1.49 -8.22
N ALA A 295 -56.46 -0.86 -9.21
CA ALA A 295 -55.34 -1.45 -9.92
C ALA A 295 -54.05 -1.22 -9.15
N PHE A 296 -53.15 -2.20 -9.21
CA PHE A 296 -51.88 -2.07 -8.53
C PHE A 296 -50.76 -2.00 -9.56
N TYR A 297 -49.65 -1.39 -9.15
CA TYR A 297 -48.55 -1.19 -10.08
C TYR A 297 -47.27 -1.79 -9.55
N VAL A 298 -46.49 -2.36 -10.46
CA VAL A 298 -45.23 -3.00 -10.12
C VAL A 298 -44.09 -2.24 -10.78
N TYR A 299 -43.10 -1.88 -9.99
CA TYR A 299 -41.92 -1.16 -10.45
C TYR A 299 -40.67 -1.94 -10.11
N LYS A 300 -39.74 -1.99 -11.05
CA LYS A 300 -38.50 -2.73 -10.86
C LYS A 300 -37.57 -1.99 -9.91
N LEU A 301 -36.66 -2.74 -9.30
CA LEU A 301 -35.65 -2.20 -8.42
C LEU A 301 -34.28 -2.43 -9.03
N GLN A 302 -33.36 -1.50 -8.79
CA GLN A 302 -31.99 -1.69 -9.22
C GLN A 302 -31.08 -0.85 -8.34
N PRO A 303 -29.79 -1.15 -8.30
CA PRO A 303 -28.88 -0.44 -7.39
C PRO A 303 -28.61 0.98 -7.85
N LEU A 304 -29.02 1.94 -7.03
CA LEU A 304 -28.88 3.35 -7.34
C LEU A 304 -28.39 4.07 -6.10
N THR A 305 -27.98 5.31 -6.31
CA THR A 305 -27.65 6.22 -5.22
C THR A 305 -28.75 7.26 -5.12
N PHE A 306 -29.23 7.49 -3.91
CA PHE A 306 -30.31 8.42 -3.65
C PHE A 306 -29.84 9.42 -2.61
N LEU A 307 -30.46 10.58 -2.62
CA LEU A 307 -30.36 11.54 -1.54
C LEU A 307 -31.65 11.43 -0.75
N LEU A 308 -31.54 10.97 0.48
CA LEU A 308 -32.68 10.74 1.36
C LEU A 308 -32.76 11.84 2.40
N ASP A 309 -33.97 12.28 2.68
CA ASP A 309 -34.23 13.26 3.72
C ASP A 309 -34.97 12.57 4.85
N PHE A 310 -34.30 12.40 5.98
CA PHE A 310 -34.94 11.87 7.17
C PHE A 310 -35.50 13.01 7.98
N SER A 311 -36.77 12.91 8.34
CA SER A 311 -37.37 13.90 9.21
C SER A 311 -37.00 13.59 10.65
N VAL A 312 -37.45 14.45 11.57
CA VAL A 312 -37.09 14.29 12.98
C VAL A 312 -37.52 12.92 13.48
N ASP A 313 -38.72 12.50 13.12
CA ASP A 313 -39.20 11.18 13.51
C ASP A 313 -38.65 10.07 12.63
N GLY A 314 -37.60 10.34 11.86
CA GLY A 314 -36.89 9.28 11.18
C GLY A 314 -37.56 8.74 9.93
N TYR A 315 -38.62 9.36 9.45
CA TYR A 315 -39.30 8.91 8.26
C TYR A 315 -38.82 9.69 7.05
N ILE A 316 -38.74 9.00 5.91
CA ILE A 316 -38.28 9.61 4.68
C ILE A 316 -39.49 10.20 3.96
N ARG A 317 -39.50 11.51 3.78
CA ARG A 317 -40.56 12.17 3.04
C ARG A 317 -40.07 12.83 1.76
N ARG A 318 -38.76 12.84 1.52
CA ARG A 318 -38.20 13.42 0.33
C ARG A 318 -37.00 12.60 -0.12
N ALA A 319 -36.84 12.46 -1.43
CA ALA A 319 -35.70 11.77 -1.97
C ALA A 319 -35.37 12.35 -3.33
N ILE A 320 -34.16 12.04 -3.79
CA ILE A 320 -33.68 12.45 -5.11
C ILE A 320 -32.85 11.31 -5.66
N ASP A 321 -32.99 10.98 -6.94
CA ASP A 321 -32.09 10.02 -7.54
C ASP A 321 -31.07 10.75 -8.41
N CYS A 322 -29.80 10.47 -8.16
CA CYS A 322 -28.73 11.29 -8.70
C CYS A 322 -28.64 11.21 -10.22
N GLY A 323 -28.98 10.09 -10.81
CA GLY A 323 -28.87 9.91 -12.24
C GLY A 323 -30.11 10.25 -13.04
N PHE A 324 -30.64 11.44 -12.89
CA PHE A 324 -31.83 11.84 -13.62
C PHE A 324 -31.87 13.35 -13.49
N ASN A 325 -32.00 14.12 -14.57
CA ASN A 325 -31.88 15.56 -14.36
C ASN A 325 -30.53 16.01 -13.83
N ASP A 326 -29.61 16.35 -14.72
CA ASP A 326 -28.39 17.06 -14.33
C ASP A 326 -28.57 17.86 -13.05
N LEU A 327 -29.72 18.51 -12.90
CA LEU A 327 -30.09 19.14 -11.65
C LEU A 327 -29.98 18.18 -10.46
N SER A 328 -30.50 16.97 -10.61
CA SER A 328 -30.47 16.06 -9.47
C SER A 328 -29.08 15.53 -9.21
N GLN A 329 -28.27 15.35 -10.26
CA GLN A 329 -26.85 15.11 -10.04
C GLN A 329 -26.24 16.22 -9.21
N LEU A 330 -26.64 17.44 -9.51
CA LEU A 330 -26.12 18.61 -8.82
C LEU A 330 -26.59 18.64 -7.38
N HIS A 331 -27.76 18.07 -7.10
CA HIS A 331 -28.25 17.99 -5.73
C HIS A 331 -27.51 16.91 -4.95
N CYS A 332 -27.27 15.77 -5.59
CA CYS A 332 -26.56 14.69 -4.92
C CYS A 332 -25.14 15.08 -4.60
N SER A 333 -24.48 15.79 -5.50
CA SER A 333 -23.35 16.60 -5.06
C SER A 333 -23.91 17.75 -4.22
N TYR A 334 -23.16 18.16 -3.21
CA TYR A 334 -23.61 19.14 -2.23
C TYR A 334 -24.64 18.57 -1.28
N GLU A 335 -25.17 17.39 -1.57
CA GLU A 335 -26.03 16.65 -0.64
C GLU A 335 -27.07 17.58 0.00
N SER A 336 -27.76 18.33 -0.83
CA SER A 336 -28.71 19.30 -0.33
C SER A 336 -29.89 19.37 -1.28
N PHE A 337 -31.02 19.80 -0.75
CA PHE A 337 -32.18 20.07 -1.57
C PHE A 337 -32.23 21.52 -2.03
N ASP A 338 -31.22 22.32 -1.68
CA ASP A 338 -31.09 23.69 -2.16
C ASP A 338 -29.66 23.90 -2.60
N VAL A 339 -29.47 24.18 -3.88
CA VAL A 339 -28.16 24.51 -4.43
C VAL A 339 -28.21 25.95 -4.91
N GLU A 340 -27.14 26.69 -4.65
CA GLU A 340 -27.10 28.09 -5.01
C GLU A 340 -27.14 28.25 -6.52
N SER A 341 -27.69 29.37 -6.95
CA SER A 341 -27.74 29.67 -8.38
C SER A 341 -26.33 29.81 -8.93
N GLY A 342 -26.17 29.43 -10.19
CA GLY A 342 -24.86 29.50 -10.82
C GLY A 342 -24.88 28.75 -12.13
N VAL A 343 -23.71 28.66 -12.74
CA VAL A 343 -23.52 27.89 -13.95
C VAL A 343 -22.59 26.74 -13.61
N TYR A 344 -23.12 25.52 -13.68
CA TYR A 344 -22.42 24.33 -13.20
C TYR A 344 -22.07 23.43 -14.36
N SER A 345 -20.83 22.98 -14.41
CA SER A 345 -20.44 21.99 -15.39
C SER A 345 -21.03 20.63 -15.01
N VAL A 346 -21.56 19.92 -16.00
CA VAL A 346 -22.23 18.66 -15.78
C VAL A 346 -21.66 17.65 -16.76
N SER A 347 -21.71 16.37 -16.41
CA SER A 347 -21.04 15.37 -17.23
C SER A 347 -21.67 15.29 -18.61
N SER A 348 -20.83 14.98 -19.58
CA SER A 348 -21.04 15.36 -20.97
C SER A 348 -21.48 14.18 -21.83
N PHE A 349 -22.00 14.53 -23.00
CA PHE A 349 -22.42 13.56 -23.99
C PHE A 349 -21.22 12.99 -24.72
N GLU A 350 -21.22 11.69 -24.98
CA GLU A 350 -20.26 11.11 -25.89
C GLU A 350 -20.99 10.41 -27.03
N ALA A 351 -20.37 10.43 -28.20
CA ALA A 351 -21.00 9.91 -29.41
C ALA A 351 -21.21 8.41 -29.30
N LYS A 352 -22.01 7.88 -30.22
CA LYS A 352 -22.46 6.52 -30.14
C LYS A 352 -21.88 5.69 -31.28
N PRO A 353 -21.36 4.50 -30.98
CA PRO A 353 -20.80 3.67 -32.05
C PRO A 353 -21.83 3.36 -33.13
N SER A 354 -21.38 3.43 -34.38
CA SER A 354 -22.26 3.15 -35.51
C SER A 354 -21.39 2.70 -36.68
N GLY A 355 -21.42 1.42 -37.00
CA GLY A 355 -20.63 0.96 -38.13
C GLY A 355 -19.27 0.39 -37.81
N SER A 356 -19.22 -0.67 -37.01
CA SER A 356 -17.97 -1.36 -36.72
C SER A 356 -17.15 -1.64 -37.99
N VAL A 357 -15.83 -1.63 -37.86
CA VAL A 357 -14.91 -1.85 -38.96
C VAL A 357 -13.88 -2.88 -38.53
N VAL A 358 -13.61 -3.85 -39.41
CA VAL A 358 -12.73 -4.97 -39.09
C VAL A 358 -11.76 -5.20 -40.23
N GLU A 359 -10.51 -5.51 -39.89
CA GLU A 359 -9.53 -6.00 -40.83
C GLU A 359 -8.67 -7.08 -40.20
N GLN A 360 -8.19 -7.98 -41.05
CA GLN A 360 -7.26 -9.02 -40.64
C GLN A 360 -6.48 -9.53 -41.84
N VAL A 364 -3.43 -17.98 -42.93
CA VAL A 364 -4.77 -18.54 -42.85
C VAL A 364 -4.71 -19.97 -42.33
N GLU A 365 -5.63 -20.30 -41.41
CA GLU A 365 -5.77 -21.65 -40.88
C GLU A 365 -4.47 -22.13 -40.21
N CYS A 366 -4.17 -21.49 -39.08
CA CYS A 366 -3.13 -21.96 -38.18
C CYS A 366 -3.26 -23.46 -37.98
N ASP A 367 -2.20 -24.20 -38.30
CA ASP A 367 -2.25 -25.66 -38.27
C ASP A 367 -1.77 -26.18 -36.92
N PHE A 368 -2.60 -26.98 -36.26
CA PHE A 368 -2.25 -27.62 -35.00
C PHE A 368 -1.93 -29.10 -35.17
N SER A 369 -1.81 -29.57 -36.42
CA SER A 369 -1.59 -30.99 -36.67
C SER A 369 -0.32 -31.56 -36.04
N PRO A 370 0.84 -30.90 -36.10
CA PRO A 370 2.05 -31.53 -35.53
C PRO A 370 1.92 -31.91 -34.08
N LEU A 371 1.04 -31.23 -33.34
CA LEU A 371 0.82 -31.60 -31.95
C LEU A 371 0.22 -33.00 -31.84
N LEU A 372 -0.54 -33.42 -32.85
CA LEU A 372 -1.32 -34.65 -32.76
C LEU A 372 -0.46 -35.90 -32.91
N SER A 373 0.60 -35.85 -33.72
CA SER A 373 1.32 -37.05 -34.12
C SER A 373 2.65 -37.15 -33.39
N GLY A 374 2.95 -38.34 -32.87
CA GLY A 374 4.23 -38.63 -32.27
C GLY A 374 4.23 -38.48 -30.77
N THR A 375 5.38 -38.79 -30.18
CA THR A 375 5.55 -38.70 -28.75
C THR A 375 5.79 -37.25 -28.35
N PRO A 376 4.95 -36.66 -27.49
CA PRO A 376 5.28 -35.38 -26.91
C PRO A 376 6.52 -35.51 -26.05
N PRO A 377 7.50 -34.64 -26.22
CA PRO A 377 8.75 -34.78 -25.47
C PRO A 377 8.55 -34.48 -23.98
N GLN A 378 9.64 -34.52 -23.22
CA GLN A 378 9.51 -34.25 -21.80
C GLN A 378 9.30 -32.75 -21.57
N VAL A 379 9.03 -32.42 -20.31
CA VAL A 379 8.81 -31.02 -19.96
C VAL A 379 10.06 -30.20 -20.25
N TYR A 380 11.24 -30.77 -20.02
CA TYR A 380 12.49 -30.08 -20.25
C TYR A 380 12.96 -30.14 -21.70
N ASN A 381 12.31 -30.95 -22.53
CA ASN A 381 12.49 -30.91 -23.97
C ASN A 381 11.25 -30.37 -24.66
N PHE A 382 10.53 -29.49 -23.97
CA PHE A 382 9.24 -28.99 -24.44
C PHE A 382 9.31 -28.56 -25.90
N LYS A 383 8.23 -28.82 -26.65
CA LYS A 383 8.22 -28.50 -28.07
C LYS A 383 7.37 -27.27 -28.33
N ARG A 384 7.96 -26.28 -29.00
CA ARG A 384 7.36 -24.97 -29.21
C ARG A 384 6.92 -24.79 -30.66
N LEU A 385 5.73 -24.23 -30.84
CA LEU A 385 5.20 -23.85 -32.13
C LEU A 385 4.90 -22.36 -32.14
N VAL A 386 5.21 -21.71 -33.26
CA VAL A 386 5.07 -20.27 -33.41
C VAL A 386 4.07 -20.01 -34.52
N PHE A 387 3.03 -19.22 -34.23
CA PHE A 387 1.97 -18.93 -35.16
C PHE A 387 1.94 -17.43 -35.45
N THR A 388 1.97 -17.09 -36.73
CA THR A 388 1.89 -15.71 -37.20
C THR A 388 1.07 -15.67 -38.48
N ASN A 389 0.18 -14.69 -38.55
CA ASN A 389 -0.57 -14.37 -39.76
C ASN A 389 -1.39 -15.58 -40.23
N CYS A 390 -2.33 -16.00 -39.40
CA CYS A 390 -3.28 -17.03 -39.76
C CYS A 390 -4.51 -16.87 -38.89
N ASN A 391 -5.51 -17.72 -39.14
CA ASN A 391 -6.73 -17.78 -38.35
C ASN A 391 -6.74 -19.04 -37.52
N TYR A 392 -7.13 -18.93 -36.25
CA TYR A 392 -7.10 -20.07 -35.36
C TYR A 392 -8.47 -20.42 -34.83
N ASN A 393 -8.65 -21.69 -34.47
CA ASN A 393 -9.83 -22.20 -33.77
C ASN A 393 -9.32 -23.02 -32.58
N LEU A 394 -9.10 -22.34 -31.47
CA LEU A 394 -8.55 -23.03 -30.29
C LEU A 394 -9.56 -24.00 -29.68
N THR A 395 -10.84 -23.63 -29.71
CA THR A 395 -11.87 -24.50 -29.16
C THR A 395 -11.90 -25.83 -29.89
N LYS A 396 -11.70 -25.79 -31.21
CA LYS A 396 -11.65 -27.02 -31.99
C LYS A 396 -10.56 -27.95 -31.50
N LEU A 397 -9.36 -27.41 -31.27
CA LEU A 397 -8.28 -28.23 -30.76
C LEU A 397 -8.59 -28.75 -29.36
N LEU A 398 -9.17 -27.91 -28.51
CA LEU A 398 -9.43 -28.33 -27.14
C LEU A 398 -10.52 -29.39 -27.05
N SER A 399 -11.44 -29.41 -28.03
CA SER A 399 -12.52 -30.39 -28.00
C SER A 399 -11.98 -31.81 -28.05
N LEU A 400 -10.85 -32.03 -28.73
CA LEU A 400 -10.35 -33.38 -28.93
C LEU A 400 -9.84 -33.98 -27.62
N PHE A 401 -9.35 -33.16 -26.71
CA PHE A 401 -8.77 -33.64 -25.47
C PHE A 401 -9.79 -33.55 -24.34
N SER A 402 -9.37 -33.96 -23.16
CA SER A 402 -10.17 -33.84 -21.94
C SER A 402 -9.44 -32.89 -21.01
N VAL A 403 -9.90 -31.64 -20.99
CA VAL A 403 -9.24 -30.61 -20.19
C VAL A 403 -9.44 -30.94 -18.71
N ASN A 404 -8.35 -30.89 -17.95
CA ASN A 404 -8.40 -31.16 -16.52
C ASN A 404 -8.20 -29.88 -15.72
N ASP A 405 -7.10 -29.17 -15.94
CA ASP A 405 -6.83 -27.93 -15.24
C ASP A 405 -6.51 -26.85 -16.25
N PHE A 406 -7.02 -25.64 -16.01
CA PHE A 406 -6.95 -24.59 -17.02
C PHE A 406 -6.77 -23.26 -16.27
N THR A 407 -5.53 -22.81 -16.15
CA THR A 407 -5.27 -21.55 -15.47
C THR A 407 -4.75 -20.55 -16.49
N CYS A 408 -4.85 -19.27 -16.15
CA CYS A 408 -4.32 -18.22 -17.02
C CYS A 408 -3.78 -17.08 -16.17
N SER A 409 -2.96 -16.26 -16.80
CA SER A 409 -2.37 -15.07 -16.19
C SER A 409 -2.62 -13.90 -17.13
N GLN A 410 -3.21 -12.84 -16.57
CA GLN A 410 -3.61 -11.60 -17.22
C GLN A 410 -4.24 -11.84 -18.60
N ILE A 411 -5.08 -12.86 -18.70
CA ILE A 411 -5.89 -13.13 -19.88
C ILE A 411 -6.97 -14.14 -19.47
N SER A 412 -8.15 -14.05 -20.07
CA SER A 412 -9.18 -14.96 -19.62
C SER A 412 -9.41 -16.07 -20.63
N PRO A 413 -9.86 -17.24 -20.17
CA PRO A 413 -10.07 -18.37 -21.09
C PRO A 413 -10.92 -18.07 -22.31
N ALA A 414 -12.11 -17.49 -22.10
CA ALA A 414 -12.91 -17.12 -23.26
C ALA A 414 -12.19 -16.11 -24.14
N ALA A 415 -11.40 -15.23 -23.52
CA ALA A 415 -10.66 -14.25 -24.30
C ALA A 415 -9.54 -14.91 -25.10
N ILE A 416 -8.74 -15.75 -24.46
CA ILE A 416 -7.61 -16.37 -25.14
C ILE A 416 -8.08 -17.19 -26.33
N ALA A 417 -9.35 -17.60 -26.33
CA ALA A 417 -9.90 -18.30 -27.47
C ALA A 417 -10.41 -17.38 -28.56
N SER A 418 -10.70 -16.11 -28.25
CA SER A 418 -11.43 -15.28 -29.19
C SER A 418 -10.88 -13.86 -29.25
N ASN A 419 -9.57 -13.70 -29.28
CA ASN A 419 -8.98 -12.38 -29.47
C ASN A 419 -8.03 -12.39 -30.66
N CYS A 420 -7.63 -11.18 -31.05
CA CYS A 420 -6.62 -10.98 -32.07
C CYS A 420 -5.27 -10.77 -31.40
N TYR A 421 -4.24 -11.39 -31.95
CA TYR A 421 -2.90 -11.24 -31.38
C TYR A 421 -1.89 -11.03 -32.49
N SER A 422 -0.80 -10.34 -32.14
CA SER A 422 0.32 -10.21 -33.06
C SER A 422 0.94 -11.56 -33.36
N SER A 423 1.18 -12.36 -32.32
CA SER A 423 1.80 -13.65 -32.48
C SER A 423 1.36 -14.58 -31.36
N LEU A 424 1.31 -15.87 -31.67
CA LEU A 424 0.93 -16.89 -30.70
C LEU A 424 2.06 -17.89 -30.56
N ILE A 425 2.35 -18.29 -29.32
CA ILE A 425 3.34 -19.32 -29.05
C ILE A 425 2.62 -20.40 -28.26
N LEU A 426 2.78 -21.66 -28.67
CA LEU A 426 2.27 -22.74 -27.83
C LEU A 426 3.32 -23.81 -27.64
N ASP A 427 3.53 -24.18 -26.39
CA ASP A 427 4.44 -25.24 -25.99
C ASP A 427 3.62 -26.45 -25.61
N TYR A 428 4.15 -27.63 -25.90
CA TYR A 428 3.48 -28.84 -25.44
C TYR A 428 4.50 -29.91 -25.11
N PHE A 429 4.07 -30.79 -24.21
CA PHE A 429 4.92 -31.82 -23.61
C PHE A 429 4.02 -32.77 -22.82
N SER A 430 4.62 -33.73 -22.13
CA SER A 430 3.89 -34.72 -21.36
C SER A 430 4.03 -34.42 -19.88
N TYR A 431 2.91 -34.38 -19.16
CA TYR A 431 2.92 -33.97 -17.77
C TYR A 431 1.84 -34.67 -16.95
N PRO A 432 2.22 -35.38 -15.89
CA PRO A 432 1.19 -36.00 -15.03
C PRO A 432 0.57 -34.98 -14.10
N LEU A 433 -0.74 -35.13 -13.89
CA LEU A 433 -1.46 -34.22 -13.00
C LEU A 433 -0.98 -34.31 -11.56
N SER A 434 -0.26 -35.38 -11.21
CA SER A 434 0.09 -35.63 -9.82
C SER A 434 0.94 -34.53 -9.22
N MET A 435 1.56 -33.69 -10.05
CA MET A 435 2.42 -32.62 -9.58
C MET A 435 1.94 -31.26 -10.09
N LYS A 436 0.61 -31.10 -10.18
CA LYS A 436 0.04 -29.81 -10.56
C LYS A 436 0.54 -28.68 -9.70
N SER A 437 0.69 -28.91 -8.39
CA SER A 437 1.11 -27.85 -7.50
C SER A 437 2.47 -27.30 -7.89
N ASP A 438 3.32 -28.12 -8.51
CA ASP A 438 4.63 -27.63 -8.90
C ASP A 438 4.54 -26.63 -10.05
N LEU A 439 3.63 -26.86 -10.98
CA LEU A 439 3.53 -26.03 -12.19
C LEU A 439 2.65 -24.81 -11.90
N SER A 440 3.19 -23.90 -11.10
CA SER A 440 2.49 -22.67 -10.74
C SER A 440 3.44 -21.48 -10.86
N VAL A 441 2.91 -20.34 -11.28
CA VAL A 441 3.73 -19.14 -11.45
C VAL A 441 4.30 -18.70 -10.10
N SER A 442 3.47 -18.71 -9.06
CA SER A 442 3.93 -18.38 -7.71
C SER A 442 4.31 -19.65 -6.94
N SER A 443 5.25 -20.38 -7.52
CA SER A 443 5.73 -21.62 -6.92
C SER A 443 7.24 -21.72 -7.11
N ALA A 444 7.88 -22.35 -6.13
CA ALA A 444 9.32 -22.63 -6.18
C ALA A 444 9.59 -24.12 -6.30
N GLY A 445 8.61 -24.87 -6.82
CA GLY A 445 8.77 -26.30 -7.01
C GLY A 445 9.61 -26.60 -8.23
N PRO A 446 10.26 -27.76 -8.23
CA PRO A 446 11.43 -27.96 -9.12
C PRO A 446 11.14 -27.73 -10.59
N ILE A 447 9.90 -28.00 -11.02
CA ILE A 447 9.56 -27.90 -12.43
C ILE A 447 9.82 -26.48 -12.95
N SER A 448 9.50 -25.47 -12.15
CA SER A 448 9.65 -24.10 -12.62
C SER A 448 11.11 -23.66 -12.64
N GLN A 449 11.88 -23.97 -11.59
CA GLN A 449 13.22 -23.41 -11.59
C GLN A 449 14.23 -24.26 -12.34
N PHE A 450 13.87 -25.45 -12.82
CA PHE A 450 14.85 -26.19 -13.63
C PHE A 450 14.34 -26.73 -14.97
N ASN A 451 13.03 -26.86 -15.18
CA ASN A 451 12.55 -27.52 -16.38
C ASN A 451 11.84 -26.60 -17.35
N TYR A 452 10.91 -25.77 -16.86
CA TYR A 452 10.07 -24.98 -17.76
C TYR A 452 9.46 -23.83 -16.97
N LYS A 453 9.78 -22.61 -17.38
CA LYS A 453 9.26 -21.42 -16.74
C LYS A 453 8.74 -20.47 -17.82
N GLN A 454 7.62 -19.82 -17.52
CA GLN A 454 6.99 -18.87 -18.42
C GLN A 454 7.38 -17.44 -18.05
N SER A 455 6.79 -16.48 -18.73
CA SER A 455 7.15 -15.07 -18.59
C SER A 455 6.13 -14.37 -17.70
N PHE A 456 6.64 -13.68 -16.68
CA PHE A 456 5.78 -12.88 -15.81
C PHE A 456 5.16 -11.69 -16.52
N SER A 457 5.63 -11.36 -17.72
CA SER A 457 5.27 -10.13 -18.40
C SER A 457 4.59 -10.41 -19.73
N ASN A 458 3.66 -11.36 -19.76
CA ASN A 458 3.02 -11.69 -21.02
C ASN A 458 1.76 -12.47 -20.69
N PRO A 459 0.64 -12.23 -21.38
CA PRO A 459 -0.58 -13.01 -21.12
C PRO A 459 -0.36 -14.47 -21.44
N THR A 460 -0.56 -15.34 -20.45
CA THR A 460 -0.29 -16.76 -20.65
C THR A 460 -1.50 -17.57 -20.23
N CYS A 461 -1.68 -18.72 -20.86
CA CYS A 461 -2.68 -19.69 -20.43
C CYS A 461 -2.02 -21.06 -20.39
N LEU A 462 -2.16 -21.73 -19.25
CA LEU A 462 -1.51 -23.01 -18.99
C LEU A 462 -2.59 -24.07 -18.86
N ILE A 463 -2.49 -25.11 -19.67
CA ILE A 463 -3.51 -26.14 -19.78
C ILE A 463 -2.89 -27.49 -19.42
N LEU A 464 -3.53 -28.20 -18.52
CA LEU A 464 -3.23 -29.61 -18.26
C LEU A 464 -4.43 -30.40 -18.75
N ALA A 465 -4.23 -31.13 -19.85
CA ALA A 465 -5.31 -31.86 -20.50
C ALA A 465 -4.90 -33.31 -20.65
N THR A 466 -5.80 -34.11 -21.22
CA THR A 466 -5.48 -35.51 -21.49
C THR A 466 -6.39 -36.03 -22.59
N VAL A 467 -5.89 -37.03 -23.31
CA VAL A 467 -6.67 -37.75 -24.31
C VAL A 467 -7.15 -39.05 -23.68
N PRO A 468 -8.46 -39.28 -23.57
CA PRO A 468 -8.94 -40.47 -22.85
C PRO A 468 -8.52 -41.77 -23.50
N HIS A 469 -9.06 -42.03 -24.69
CA HIS A 469 -8.62 -43.17 -25.50
C HIS A 469 -8.67 -42.93 -27.00
N ASN A 470 -9.15 -41.77 -27.46
CA ASN A 470 -9.48 -41.63 -28.88
C ASN A 470 -8.24 -41.32 -29.72
N LEU A 471 -7.57 -40.20 -29.42
CA LEU A 471 -6.45 -39.75 -30.25
C LEU A 471 -5.27 -40.68 -29.97
N THR A 472 -5.32 -41.86 -30.58
CA THR A 472 -4.26 -42.85 -30.45
C THR A 472 -3.01 -42.45 -31.22
N THR A 473 -3.11 -41.44 -32.09
CA THR A 473 -1.95 -41.01 -32.86
C THR A 473 -0.81 -40.55 -31.95
N ILE A 474 -1.14 -39.97 -30.80
CA ILE A 474 -0.13 -39.63 -29.81
C ILE A 474 0.46 -40.91 -29.25
N THR A 475 1.79 -41.01 -29.26
CA THR A 475 2.48 -42.22 -28.86
C THR A 475 3.04 -42.06 -27.45
N LYS A 476 2.63 -43.01 -26.60
CA LYS A 476 3.00 -42.98 -25.15
C LYS A 476 4.53 -43.10 -24.99
N PRO A 477 5.18 -42.34 -24.07
CA PRO A 477 6.61 -42.48 -23.85
C PRO A 477 6.96 -43.58 -22.86
N LEU A 478 8.25 -43.70 -22.55
CA LEU A 478 8.69 -44.68 -21.56
C LEU A 478 8.08 -44.39 -20.20
N LYS A 479 8.22 -43.15 -19.74
CA LYS A 479 7.74 -42.72 -18.43
C LYS A 479 7.80 -41.20 -18.41
N TYR A 480 7.39 -40.60 -17.29
CA TYR A 480 7.55 -39.16 -17.15
C TYR A 480 8.96 -38.84 -16.65
N SER A 481 9.55 -37.79 -17.20
CA SER A 481 10.87 -37.35 -16.78
C SER A 481 10.87 -35.86 -16.49
N TYR A 482 11.66 -35.46 -15.51
CA TYR A 482 11.93 -34.05 -15.26
C TYR A 482 13.28 -33.95 -14.58
N ILE A 483 13.75 -32.72 -14.42
CA ILE A 483 15.05 -32.45 -13.83
C ILE A 483 14.81 -31.84 -12.46
N ASN A 484 15.38 -32.45 -11.41
CA ASN A 484 15.21 -31.86 -10.10
C ASN A 484 16.40 -31.03 -9.65
N LYS A 485 17.53 -31.12 -10.33
CA LYS A 485 18.68 -30.31 -9.95
C LYS A 485 19.65 -30.23 -11.13
N CYS A 486 20.04 -28.99 -11.47
CA CYS A 486 20.97 -28.67 -12.55
C CYS A 486 21.90 -27.59 -12.01
N SER A 487 23.03 -28.02 -11.44
CA SER A 487 23.90 -27.12 -10.70
C SER A 487 25.29 -27.07 -11.35
N ARG A 488 26.21 -26.42 -10.66
CA ARG A 488 27.56 -26.24 -11.16
C ARG A 488 28.50 -26.10 -9.96
N LEU A 489 29.70 -26.65 -10.08
CA LEU A 489 30.73 -26.48 -9.07
C LEU A 489 31.94 -25.83 -9.71
N LEU A 490 32.58 -24.93 -8.97
CA LEU A 490 33.84 -24.36 -9.42
C LEU A 490 34.99 -25.31 -9.07
N SER A 491 36.19 -24.95 -9.47
CA SER A 491 37.35 -25.80 -9.23
C SER A 491 37.79 -25.84 -7.77
N ASP A 492 37.17 -25.03 -6.91
CA ASP A 492 37.60 -24.95 -5.51
C ASP A 492 37.00 -26.04 -4.64
N ASP A 493 35.99 -26.77 -5.12
CA ASP A 493 35.32 -27.84 -4.39
C ASP A 493 34.53 -27.34 -3.18
N ARG A 494 34.44 -26.03 -2.97
CA ARG A 494 33.68 -25.50 -1.84
C ARG A 494 32.86 -24.27 -2.24
N THR A 495 32.34 -24.24 -3.47
CA THR A 495 31.48 -23.15 -3.93
C THR A 495 30.52 -23.72 -4.97
N GLU A 496 29.27 -23.93 -4.58
CA GLU A 496 28.26 -24.57 -5.42
C GLU A 496 27.25 -23.54 -5.91
N VAL A 497 26.92 -23.63 -7.20
CA VAL A 497 26.06 -22.66 -7.87
C VAL A 497 24.89 -23.37 -8.54
N PRO A 498 23.69 -23.33 -7.97
CA PRO A 498 22.52 -23.79 -8.72
C PRO A 498 22.20 -22.82 -9.84
N GLN A 499 21.71 -23.36 -10.95
CA GLN A 499 21.41 -22.57 -12.14
C GLN A 499 19.92 -22.68 -12.46
N LEU A 500 19.16 -21.65 -12.10
CA LEU A 500 17.75 -21.61 -12.44
C LEU A 500 17.59 -21.44 -13.94
N VAL A 501 16.55 -22.06 -14.50
CA VAL A 501 16.25 -21.88 -15.91
C VAL A 501 15.68 -20.48 -16.14
N ASN A 502 16.03 -19.88 -17.26
CA ASN A 502 15.50 -18.58 -17.62
C ASN A 502 14.09 -18.73 -18.20
N ALA A 503 13.42 -17.59 -18.33
CA ALA A 503 12.04 -17.60 -18.80
C ALA A 503 11.96 -18.01 -20.26
N ASN A 504 11.10 -18.98 -20.55
CA ASN A 504 10.76 -19.37 -21.90
C ASN A 504 11.98 -19.81 -22.70
N GLN A 505 12.94 -20.44 -22.03
CA GLN A 505 14.17 -20.92 -22.64
C GLN A 505 14.37 -22.38 -22.27
N TYR A 506 15.38 -23.00 -22.86
CA TYR A 506 15.74 -24.36 -22.52
C TYR A 506 16.63 -24.40 -21.29
N SER A 507 16.65 -25.55 -20.63
CA SER A 507 17.51 -25.73 -19.48
C SER A 507 18.98 -25.73 -19.91
N PRO A 508 19.87 -25.15 -19.12
CA PRO A 508 21.30 -25.24 -19.46
C PRO A 508 21.82 -26.66 -19.51
N CYS A 509 21.33 -27.54 -18.63
CA CYS A 509 21.75 -28.93 -18.61
C CYS A 509 21.01 -29.80 -19.61
N VAL A 510 20.38 -29.23 -20.64
CA VAL A 510 19.66 -30.07 -21.60
C VAL A 510 20.63 -30.90 -22.44
N SER A 511 21.84 -30.39 -22.66
CA SER A 511 22.78 -31.10 -23.54
C SER A 511 23.27 -32.39 -22.91
N ILE A 512 23.47 -32.41 -21.59
CA ILE A 512 24.02 -33.58 -20.92
C ILE A 512 22.94 -34.52 -20.40
N VAL A 513 21.68 -34.23 -20.65
CA VAL A 513 20.56 -35.06 -20.21
C VAL A 513 19.92 -35.69 -21.44
N PRO A 514 19.65 -36.98 -21.43
CA PRO A 514 18.95 -37.60 -22.56
C PRO A 514 17.49 -37.19 -22.57
N SER A 515 16.81 -37.58 -23.65
CA SER A 515 15.40 -37.21 -23.81
C SER A 515 14.55 -37.77 -22.70
N THR A 516 14.81 -39.01 -22.30
CA THR A 516 14.14 -39.63 -21.15
C THR A 516 15.18 -40.02 -20.11
N VAL A 517 14.99 -39.53 -18.88
CA VAL A 517 15.90 -39.91 -17.80
C VAL A 517 15.73 -41.38 -17.49
N TRP A 518 16.84 -42.10 -17.37
CA TRP A 518 16.78 -43.54 -17.18
C TRP A 518 16.18 -43.94 -15.84
N GLU A 519 16.60 -43.29 -14.75
CA GLU A 519 16.06 -43.61 -13.44
C GLU A 519 15.96 -42.36 -12.59
N ASP A 520 15.09 -42.42 -11.59
CA ASP A 520 14.97 -41.35 -10.62
C ASP A 520 16.26 -41.25 -9.81
N GLY A 521 16.64 -40.03 -9.48
CA GLY A 521 17.89 -39.79 -8.79
C GLY A 521 19.12 -39.90 -9.65
N ASP A 522 18.95 -40.07 -10.96
CA ASP A 522 20.11 -40.18 -11.84
C ASP A 522 20.88 -38.87 -11.89
N TYR A 523 22.20 -39.01 -12.02
CA TYR A 523 23.11 -37.86 -12.04
C TYR A 523 23.93 -37.91 -13.33
N TYR A 524 24.11 -36.75 -13.95
CA TYR A 524 24.86 -36.60 -15.19
C TYR A 524 25.91 -35.53 -14.99
N ARG A 525 27.16 -35.83 -15.34
CA ARG A 525 28.25 -34.91 -15.09
C ARG A 525 28.97 -34.59 -16.40
N LYS A 526 29.49 -33.37 -16.49
CA LYS A 526 30.24 -32.97 -17.66
C LYS A 526 31.17 -31.81 -17.34
N GLN A 527 32.37 -31.85 -17.89
CA GLN A 527 33.33 -30.78 -17.69
C GLN A 527 33.10 -29.64 -18.67
N LEU A 528 33.48 -28.44 -18.26
CA LEU A 528 33.31 -27.25 -19.08
C LEU A 528 34.66 -26.77 -19.59
N SER A 529 34.67 -26.25 -20.82
CA SER A 529 35.89 -25.81 -21.45
C SER A 529 36.49 -24.61 -20.72
N PRO A 530 37.79 -24.39 -20.85
CA PRO A 530 38.39 -23.18 -20.25
C PRO A 530 37.78 -21.90 -20.80
N LEU A 531 37.28 -21.93 -22.05
CA LEU A 531 36.57 -20.79 -22.59
C LEU A 531 35.36 -20.44 -21.74
N GLU A 532 34.60 -21.45 -21.33
CA GLU A 532 33.38 -21.24 -20.56
C GLU A 532 33.60 -21.37 -19.06
N GLY A 533 34.82 -21.09 -18.59
CA GLY A 533 35.10 -21.01 -17.17
C GLY A 533 35.47 -22.32 -16.51
N GLY A 534 35.40 -23.44 -17.22
CA GLY A 534 35.74 -24.70 -16.59
C GLY A 534 34.74 -25.05 -15.50
N GLY A 535 35.24 -25.61 -14.42
CA GLY A 535 34.31 -26.09 -13.42
C GLY A 535 33.62 -27.35 -13.90
N TRP A 536 32.42 -27.58 -13.36
CA TRP A 536 31.77 -28.86 -13.53
C TRP A 536 30.26 -28.65 -13.60
N LEU A 537 29.61 -29.33 -14.53
CA LEU A 537 28.18 -29.23 -14.75
C LEU A 537 27.53 -30.53 -14.32
N VAL A 538 26.63 -30.46 -13.34
CA VAL A 538 25.99 -31.63 -12.76
C VAL A 538 24.48 -31.44 -12.87
N ALA A 539 23.81 -32.42 -13.47
CA ALA A 539 22.36 -32.40 -13.64
C ALA A 539 21.74 -33.62 -12.99
N SER A 540 20.67 -33.41 -12.24
CA SER A 540 19.97 -34.49 -11.56
C SER A 540 18.63 -34.72 -12.23
N GLY A 541 18.38 -35.96 -12.63
CA GLY A 541 17.11 -36.33 -13.22
C GLY A 541 16.15 -36.90 -12.19
N SER A 542 14.92 -37.10 -12.64
CA SER A 542 13.88 -37.69 -11.82
C SER A 542 12.83 -38.29 -12.76
N THR A 543 12.38 -39.49 -12.43
CA THR A 543 11.39 -40.20 -13.20
C THR A 543 10.10 -40.35 -12.42
N VAL A 544 9.00 -40.44 -13.14
CA VAL A 544 7.68 -40.58 -12.58
C VAL A 544 6.95 -41.68 -13.32
N ALA A 545 6.36 -42.61 -12.57
CA ALA A 545 5.63 -43.73 -13.14
C ALA A 545 4.48 -43.23 -14.00
N MET A 546 4.23 -43.98 -15.08
CA MET A 546 3.26 -43.51 -16.08
C MET A 546 1.81 -43.86 -15.74
N THR A 547 0.90 -43.02 -16.20
CA THR A 547 -0.53 -43.19 -16.03
C THR A 547 -1.12 -44.00 -17.19
N GLU A 548 -2.40 -44.37 -17.03
CA GLU A 548 -3.07 -45.17 -18.05
C GLU A 548 -3.16 -44.41 -19.37
N GLN A 549 -3.71 -43.20 -19.34
CA GLN A 549 -3.86 -42.37 -20.51
C GLN A 549 -2.89 -41.20 -20.43
N LEU A 550 -2.47 -40.70 -21.59
CA LEU A 550 -1.49 -39.62 -21.61
C LEU A 550 -2.08 -38.34 -21.05
N GLN A 551 -1.39 -37.78 -20.07
CA GLN A 551 -1.71 -36.47 -19.54
C GLN A 551 -0.66 -35.49 -20.08
N MET A 552 -1.12 -34.51 -20.86
CA MET A 552 -0.25 -33.59 -21.56
C MET A 552 -0.36 -32.19 -20.99
N GLY A 553 0.67 -31.41 -21.24
CA GLY A 553 0.71 -30.03 -20.81
C GLY A 553 0.97 -29.09 -21.96
N PHE A 554 0.21 -27.99 -21.98
CA PHE A 554 0.29 -26.93 -22.97
C PHE A 554 0.56 -25.61 -22.26
N GLY A 555 1.40 -24.78 -22.87
CA GLY A 555 1.58 -23.42 -22.42
C GLY A 555 1.48 -22.45 -23.56
N ILE A 556 0.47 -21.58 -23.56
CA ILE A 556 0.23 -20.67 -24.67
C ILE A 556 0.53 -19.27 -24.21
N THR A 557 1.50 -18.63 -24.86
CA THR A 557 1.81 -17.22 -24.64
C THR A 557 1.52 -16.47 -25.93
N VAL A 558 0.50 -15.64 -25.92
CA VAL A 558 0.28 -14.70 -27.00
C VAL A 558 1.04 -13.44 -26.67
N GLN A 559 1.35 -12.65 -27.69
CA GLN A 559 1.99 -11.37 -27.43
C GLN A 559 1.29 -10.26 -28.20
N TYR A 560 0.88 -9.22 -27.48
CA TYR A 560 0.30 -8.03 -28.06
C TYR A 560 1.39 -7.03 -28.43
N GLY A 561 2.41 -7.55 -29.11
CA GLY A 561 3.66 -6.83 -29.27
C GLY A 561 3.94 -6.41 -30.69
N THR A 562 4.62 -7.29 -31.45
CA THR A 562 5.11 -6.97 -32.82
C THR A 562 4.08 -6.43 -33.83
N ASP A 563 4.52 -5.99 -35.01
CA ASP A 563 3.55 -5.62 -36.08
C ASP A 563 3.22 -6.89 -36.85
N THR A 564 4.03 -7.23 -37.87
CA THR A 564 3.84 -8.47 -38.67
C THR A 564 2.42 -8.49 -39.24
N ASN A 565 1.71 -9.62 -39.12
CA ASN A 565 0.30 -9.71 -39.60
C ASN A 565 -0.62 -9.68 -38.38
N SER A 566 -1.30 -10.80 -38.10
CA SER A 566 -2.22 -10.89 -36.94
C SER A 566 -2.84 -12.29 -36.87
N VAL A 567 -3.00 -12.84 -35.66
CA VAL A 567 -3.68 -14.12 -35.54
C VAL A 567 -5.01 -13.86 -34.84
N CYS A 568 -6.11 -14.25 -35.48
CA CYS A 568 -7.45 -14.00 -34.98
C CYS A 568 -8.33 -15.20 -35.24
N PRO A 569 -9.45 -15.31 -34.54
CA PRO A 569 -10.45 -16.31 -34.92
C PRO A 569 -10.98 -16.04 -36.32
N LYS A 570 -11.27 -17.13 -37.03
CA LYS A 570 -11.80 -17.04 -38.37
C LYS A 570 -13.30 -16.80 -38.34
N LEU A 571 -13.79 -16.06 -39.32
CA LEU A 571 -15.21 -15.73 -39.39
C LEU A 571 -15.60 -15.20 -40.77
N LYS A 578 -19.72 -4.59 -45.74
CA LYS A 578 -19.75 -3.18 -46.22
C LYS A 578 -19.49 -2.26 -45.02
N ILE A 579 -19.78 -2.71 -43.79
CA ILE A 579 -19.38 -1.90 -42.61
C ILE A 579 -17.85 -1.97 -42.58
N ALA A 580 -17.17 -1.06 -43.30
CA ALA A 580 -15.69 -1.17 -43.43
C ALA A 580 -15.04 0.21 -43.48
N SER A 581 -13.76 0.28 -43.85
CA SER A 581 -13.01 1.57 -43.82
C SER A 581 -13.63 2.60 -44.77
N GLN A 582 -14.37 2.16 -45.80
CA GLN A 582 -14.93 3.12 -46.78
C GLN A 582 -15.83 4.10 -46.02
N LEU A 583 -16.62 3.63 -45.06
CA LEU A 583 -17.40 4.57 -44.20
C LEU A 583 -16.50 4.97 -43.04
N GLY A 584 -15.48 5.80 -43.30
CA GLY A 584 -14.50 6.16 -42.26
C GLY A 584 -15.11 7.02 -41.16
N ASN A 585 -15.85 8.06 -41.54
CA ASN A 585 -16.46 8.98 -40.54
C ASN A 585 -17.21 8.21 -39.44
N CYS A 586 -17.87 7.10 -39.76
CA CYS A 586 -18.67 6.45 -38.69
C CYS A 586 -17.71 5.91 -37.62
N VAL A 587 -18.03 6.11 -36.34
CA VAL A 587 -17.08 5.73 -35.24
C VAL A 587 -17.07 4.22 -34.99
N GLU A 588 -16.01 3.70 -34.33
CA GLU A 588 -15.87 2.25 -33.96
C GLU A 588 -15.03 1.52 -35.01
N TYR A 589 -13.96 0.84 -34.57
CA TYR A 589 -13.09 0.08 -35.51
C TYR A 589 -12.33 -1.05 -34.82
N SER A 590 -11.91 -2.06 -35.59
CA SER A 590 -11.05 -3.15 -35.06
C SER A 590 -9.98 -3.42 -36.13
N LEU A 591 -8.71 -3.27 -35.78
CA LEU A 591 -7.62 -3.43 -36.79
C LEU A 591 -6.98 -4.82 -36.64
N TYR A 592 -5.77 -4.99 -37.17
CA TYR A 592 -5.09 -6.31 -37.12
C TYR A 592 -4.86 -6.71 -35.66
N GLY A 593 -4.50 -5.75 -34.80
CA GLY A 593 -4.32 -6.05 -33.36
C GLY A 593 -4.74 -4.88 -32.49
N VAL A 594 -5.27 -3.81 -33.08
CA VAL A 594 -5.67 -2.64 -32.33
C VAL A 594 -7.18 -2.50 -32.42
N SER A 595 -7.83 -2.32 -31.28
CA SER A 595 -9.27 -2.16 -31.21
C SER A 595 -9.59 -0.87 -30.47
N GLY A 596 -10.39 -0.02 -31.09
CA GLY A 596 -10.78 1.24 -30.45
C GLY A 596 -11.93 1.87 -31.18
N ARG A 597 -12.39 2.98 -30.64
CA ARG A 597 -13.46 3.76 -31.24
C ARG A 597 -12.85 5.06 -31.75
N GLY A 598 -13.11 5.40 -33.01
CA GLY A 598 -12.48 6.56 -33.60
C GLY A 598 -13.13 6.94 -34.90
N VAL A 599 -12.72 8.10 -35.41
CA VAL A 599 -13.23 8.62 -36.68
C VAL A 599 -12.10 8.61 -37.69
N PHE A 600 -12.33 8.02 -38.85
CA PHE A 600 -11.34 7.95 -39.92
C PHE A 600 -11.53 9.10 -40.90
N GLN A 601 -10.54 9.29 -41.77
CA GLN A 601 -10.59 10.43 -42.74
C GLN A 601 -9.48 10.26 -43.79
N ASN A 602 -9.78 10.54 -45.06
CA ASN A 602 -8.72 10.48 -46.10
C ASN A 602 -7.65 11.51 -45.74
N CYS A 603 -6.36 11.15 -45.87
CA CYS A 603 -5.28 12.06 -45.41
C CYS A 603 -4.06 11.93 -46.31
N THR A 604 -3.19 12.95 -46.33
CA THR A 604 -1.93 12.86 -47.13
C THR A 604 -1.05 11.75 -46.53
N ALA A 605 -0.50 10.87 -47.37
CA ALA A 605 0.26 9.70 -46.84
C ALA A 605 1.52 10.12 -46.10
N VAL A 606 1.75 9.55 -44.90
CA VAL A 606 2.99 9.81 -44.12
C VAL A 606 3.39 8.49 -43.45
N GLY A 607 4.64 8.32 -43.05
CA GLY A 607 5.07 7.10 -42.35
C GLY A 607 5.84 6.15 -43.24
N VAL A 608 6.53 5.17 -42.63
CA VAL A 608 7.39 4.21 -43.39
C VAL A 608 6.53 3.38 -44.37
N ARG A 609 5.32 2.95 -43.96
CA ARG A 609 4.37 2.15 -44.79
C ARG A 609 4.51 0.66 -44.49
N GLN A 610 5.66 0.22 -43.97
CA GLN A 610 5.80 -1.20 -43.55
C GLN A 610 4.90 -1.42 -42.34
N GLN A 611 4.88 -0.44 -41.43
CA GLN A 611 3.97 -0.53 -40.26
C GLN A 611 2.74 0.33 -40.59
N ARG A 612 1.54 -0.22 -40.47
CA ARG A 612 0.34 0.55 -40.86
C ARG A 612 -0.03 1.52 -39.74
N PHE A 613 0.64 1.44 -38.59
CA PHE A 613 0.24 2.25 -37.41
C PHE A 613 1.18 3.43 -37.19
N VAL A 614 0.66 4.65 -37.07
CA VAL A 614 1.50 5.84 -36.75
C VAL A 614 1.09 6.34 -35.35
N TYR A 615 2.06 6.71 -34.51
CA TYR A 615 1.74 7.23 -33.15
C TYR A 615 2.39 8.60 -32.96
N ASP A 616 2.04 9.29 -31.87
CA ASP A 616 2.66 10.61 -31.57
C ASP A 616 3.11 10.63 -30.09
N ALA A 617 4.09 9.79 -29.74
CA ALA A 617 4.60 9.74 -28.35
C ALA A 617 3.44 9.43 -27.38
N TYR A 618 2.48 8.63 -27.81
CA TYR A 618 1.29 8.33 -26.96
C TYR A 618 0.70 6.96 -27.34
N GLN A 619 -0.07 6.36 -26.43
CA GLN A 619 -0.72 5.05 -26.70
C GLN A 619 -1.73 5.24 -27.85
N ASN A 620 -2.40 6.40 -27.91
CA ASN A 620 -3.45 6.64 -28.93
C ASN A 620 -2.86 6.58 -30.35
N LEU A 621 -3.62 6.02 -31.30
CA LEU A 621 -3.15 5.87 -32.70
C LEU A 621 -3.66 7.04 -33.54
N VAL A 622 -2.76 7.78 -34.19
CA VAL A 622 -3.19 8.99 -34.96
C VAL A 622 -3.19 8.69 -36.47
N GLY A 623 -2.42 7.69 -36.92
CA GLY A 623 -2.34 7.41 -38.37
C GLY A 623 -2.52 5.93 -38.68
N TYR A 624 -3.36 5.60 -39.66
CA TYR A 624 -3.51 4.18 -40.07
C TYR A 624 -3.86 4.09 -41.55
N TYR A 625 -3.44 3.03 -42.25
CA TYR A 625 -3.90 2.87 -43.64
C TYR A 625 -4.71 1.56 -43.77
N SER A 626 -5.96 1.65 -44.18
CA SER A 626 -6.76 0.41 -44.43
C SER A 626 -6.17 -0.30 -45.66
N ASP A 627 -5.80 0.48 -46.68
CA ASP A 627 -5.24 -0.11 -47.94
C ASP A 627 -3.88 0.55 -48.19
N ASP A 628 -2.97 -0.15 -48.87
CA ASP A 628 -1.59 0.39 -49.07
C ASP A 628 -1.67 1.71 -49.85
N GLY A 629 -2.53 1.78 -50.85
CA GLY A 629 -2.66 3.00 -51.67
C GLY A 629 -3.16 4.19 -50.86
N ASN A 630 -4.11 3.98 -49.95
CA ASN A 630 -4.71 5.11 -49.19
C ASN A 630 -4.01 5.29 -47.84
N TYR A 631 -4.45 6.28 -47.05
CA TYR A 631 -3.90 6.52 -45.69
C TYR A 631 -4.94 7.34 -44.93
N TYR A 632 -5.28 6.92 -43.71
CA TYR A 632 -6.33 7.64 -42.95
C TYR A 632 -5.75 8.21 -41.66
N CYS A 633 -5.88 9.53 -41.43
CA CYS A 633 -5.43 10.05 -40.13
C CYS A 633 -6.60 9.92 -39.16
N LEU A 634 -6.52 8.96 -38.23
CA LEU A 634 -7.65 8.68 -37.32
C LEU A 634 -7.63 9.67 -36.15
N ARG A 635 -8.81 10.11 -35.71
CA ARG A 635 -8.91 11.10 -34.61
C ARG A 635 -9.83 10.54 -33.52
N ALA A 636 -9.65 10.99 -32.27
CA ALA A 636 -10.49 10.51 -31.14
C ALA A 636 -11.92 11.04 -31.29
N CYS A 637 -12.91 10.29 -30.81
CA CYS A 637 -14.33 10.72 -30.94
C CYS A 637 -14.54 12.02 -30.16
N VAL A 638 -15.00 13.05 -30.58
CA VAL A 638 -15.11 14.32 -29.82
C VAL A 638 -16.39 14.27 -28.96
N SER A 639 -16.54 14.87 -27.93
CA SER A 639 -17.53 14.76 -26.82
C SER A 639 -18.21 16.11 -26.61
N VAL A 640 -19.54 16.13 -26.44
CA VAL A 640 -20.30 17.42 -26.32
C VAL A 640 -20.42 17.79 -24.85
N PRO A 641 -19.78 18.89 -24.37
CA PRO A 641 -19.94 19.35 -22.98
C PRO A 641 -21.32 19.95 -22.70
N VAL A 642 -21.79 19.67 -21.40
CA VAL A 642 -23.13 20.15 -20.95
C VAL A 642 -22.96 20.98 -19.67
N SER A 643 -23.66 22.19 -19.61
CA SER A 643 -23.65 22.93 -18.31
C SER A 643 -25.06 23.41 -17.98
N VAL A 644 -25.39 23.56 -16.70
CA VAL A 644 -26.78 23.94 -16.31
C VAL A 644 -26.80 25.23 -15.49
N ILE A 645 -27.70 26.17 -15.81
CA ILE A 645 -27.84 27.41 -15.00
C ILE A 645 -29.07 27.21 -14.11
N TYR A 646 -28.88 26.93 -12.81
CA TYR A 646 -30.03 26.59 -11.92
C TYR A 646 -31.01 27.74 -11.69
N ASP A 647 -30.54 28.97 -11.44
CA ASP A 647 -31.48 30.06 -11.06
C ASP A 647 -32.27 29.59 -9.83
N LYS A 648 -31.62 29.48 -8.67
CA LYS A 648 -32.28 28.95 -7.45
C LYS A 648 -33.53 29.77 -7.08
N GLU A 649 -33.48 31.10 -7.23
CA GLU A 649 -34.62 31.93 -6.76
C GLU A 649 -35.92 31.54 -7.46
N THR A 650 -36.05 31.29 -8.67
CA THR A 650 -37.35 30.95 -9.32
C THR A 650 -37.26 29.57 -9.97
N LYS A 651 -36.13 28.83 -9.75
CA LYS A 651 -36.04 27.41 -10.21
C LYS A 651 -36.25 27.33 -11.73
N THR A 652 -35.73 28.30 -12.50
CA THR A 652 -35.83 28.21 -13.98
C THR A 652 -34.48 27.73 -14.54
N HIS A 653 -34.28 26.41 -14.62
CA HIS A 653 -33.01 25.84 -15.11
C HIS A 653 -32.84 26.05 -16.62
N ALA A 654 -31.60 26.26 -17.09
CA ALA A 654 -31.34 26.40 -18.53
C ALA A 654 -30.09 25.56 -18.88
N THR A 655 -30.01 25.03 -20.10
CA THR A 655 -28.87 24.14 -20.45
C THR A 655 -28.00 24.79 -21.53
N LEU A 656 -26.69 24.90 -21.29
CA LEU A 656 -25.77 25.55 -22.26
C LEU A 656 -24.70 24.54 -22.70
N PHE A 657 -24.40 24.48 -24.00
CA PHE A 657 -23.31 23.59 -24.50
C PHE A 657 -22.11 24.49 -24.83
N GLY A 658 -20.95 24.22 -24.25
CA GLY A 658 -19.79 25.12 -24.42
C GLY A 658 -19.01 24.89 -25.70
N SER A 659 -18.82 25.94 -26.51
CA SER A 659 -18.02 25.84 -27.76
C SER A 659 -18.54 24.73 -28.68
N VAL A 660 -19.86 24.56 -28.78
CA VAL A 660 -20.44 23.45 -29.59
C VAL A 660 -21.14 24.05 -30.82
N ALA A 661 -20.92 23.48 -31.99
CA ALA A 661 -21.50 24.05 -33.23
C ALA A 661 -23.03 24.03 -33.16
N CYS A 662 -23.66 25.08 -33.67
CA CYS A 662 -25.14 25.21 -33.62
C CYS A 662 -25.83 24.10 -34.43
N GLU A 663 -25.25 23.70 -35.57
CA GLU A 663 -25.90 22.68 -36.43
C GLU A 663 -26.01 21.31 -35.73
N HIS A 664 -24.98 20.87 -35.01
CA HIS A 664 -24.96 19.48 -34.44
C HIS A 664 -26.03 19.19 -33.38
N ILE A 665 -26.23 20.10 -32.42
CA ILE A 665 -27.16 19.76 -31.29
C ILE A 665 -28.62 19.77 -31.76
N SER A 666 -29.41 18.78 -31.33
CA SER A 666 -30.85 18.72 -31.68
C SER A 666 -31.63 18.41 -30.40
N SER A 667 -32.91 18.81 -30.33
CA SER A 667 -33.75 18.50 -29.16
C SER A 667 -33.92 16.98 -29.05
N THR A 668 -33.85 16.43 -27.83
CA THR A 668 -34.00 14.96 -27.61
C THR A 668 -33.03 14.19 -28.51
N MET A 669 -31.76 14.64 -28.56
CA MET A 669 -30.77 14.01 -29.47
C MET A 669 -30.58 12.54 -29.09
N SER A 670 -30.59 11.64 -30.08
CA SER A 670 -30.42 10.19 -29.82
C SER A 670 -29.07 9.71 -30.36
N GLN A 671 -28.19 10.64 -30.75
CA GLN A 671 -26.89 10.25 -31.36
C GLN A 671 -25.81 10.13 -30.28
N TYR A 672 -26.16 10.39 -29.01
CA TYR A 672 -25.16 10.36 -27.91
C TYR A 672 -25.53 9.26 -26.90
N SER A 673 -24.56 8.45 -26.49
CA SER A 673 -24.81 7.43 -25.44
C SER A 673 -24.45 8.00 -24.08
N ARG A 674 -25.23 8.98 -23.58
CA ARG A 674 -24.97 9.52 -22.21
C ARG A 674 -25.16 8.37 -21.22
N SER A 675 -24.33 8.32 -20.18
CA SER A 675 -24.37 7.14 -19.28
C SER A 675 -24.85 7.48 -17.87
N THR A 676 -25.78 6.69 -17.32
CA THR A 676 -26.29 6.88 -15.93
C THR A 676 -26.95 8.26 -15.83
N ARG A 677 -27.54 8.74 -16.93
CA ARG A 677 -28.26 10.05 -16.92
C ARG A 677 -29.60 9.87 -17.62
N SER A 678 -30.57 9.21 -16.97
CA SER A 678 -31.90 8.93 -17.58
C SER A 678 -32.27 9.98 -18.63
N MET A 679 -32.48 11.23 -18.21
CA MET A 679 -32.86 12.31 -19.15
C MET A 679 -32.22 13.63 -18.68
N LEU A 680 -32.22 14.60 -19.80
CA LEU A 680 -31.58 15.93 -19.62
C LEU A 680 -32.62 17.05 -19.82
N LYS A 681 -32.73 18.04 -19.09
CA LYS A 681 -33.76 19.10 -19.27
C LYS A 681 -33.16 20.46 -18.87
N PRO A 693 -34.87 27.06 -29.20
CA PRO A 693 -33.54 27.00 -28.59
C PRO A 693 -32.53 27.88 -29.34
N VAL A 694 -32.32 29.11 -28.86
CA VAL A 694 -31.37 30.05 -29.51
C VAL A 694 -29.95 29.49 -29.35
N GLY A 695 -29.08 29.68 -30.35
CA GLY A 695 -27.74 29.10 -30.29
C GLY A 695 -26.69 29.97 -30.96
N CYS A 696 -25.39 29.67 -30.75
CA CYS A 696 -24.25 30.37 -31.40
C CYS A 696 -23.72 31.53 -30.56
N VAL A 697 -24.44 32.00 -29.54
CA VAL A 697 -23.83 33.07 -28.70
C VAL A 697 -22.63 32.48 -27.96
N LEU A 698 -22.78 31.30 -27.35
CA LEU A 698 -21.64 30.58 -26.71
C LEU A 698 -21.77 29.14 -27.17
N GLY A 699 -22.55 28.89 -28.23
CA GLY A 699 -22.84 27.52 -28.66
C GLY A 699 -24.33 27.29 -28.47
N LEU A 700 -24.93 26.22 -28.85
CA LEU A 700 -26.41 26.09 -28.79
C LEU A 700 -26.86 26.16 -27.33
N VAL A 701 -27.93 26.72 -27.02
CA VAL A 701 -28.51 26.92 -25.66
C VAL A 701 -29.96 26.39 -25.69
N ASN A 702 -30.36 25.65 -24.66
CA ASN A 702 -31.74 25.08 -24.59
C ASN A 702 -32.76 26.22 -24.53
N SER A 703 -32.45 27.31 -23.81
CA SER A 703 -33.38 28.46 -23.68
C SER A 703 -33.63 29.06 -25.07
N SER A 704 -34.86 29.49 -25.35
CA SER A 704 -35.19 30.00 -26.71
C SER A 704 -35.18 31.53 -26.75
N LEU A 705 -35.48 32.20 -25.62
CA LEU A 705 -35.62 33.68 -25.61
C LEU A 705 -34.40 34.37 -26.25
N PHE A 706 -34.66 35.26 -27.21
CA PHE A 706 -33.57 36.00 -27.90
C PHE A 706 -33.06 37.13 -27.01
N VAL A 707 -31.93 37.72 -27.37
CA VAL A 707 -31.30 38.79 -26.54
C VAL A 707 -32.24 40.01 -26.43
N GLU A 708 -33.01 40.31 -27.49
CA GLU A 708 -33.99 41.43 -27.48
C GLU A 708 -33.30 42.80 -27.34
N ASP A 709 -34.07 43.88 -27.54
CA ASP A 709 -33.50 45.25 -27.37
C ASP A 709 -33.10 45.47 -25.91
N CYS A 710 -33.92 45.00 -24.96
CA CYS A 710 -33.64 45.25 -23.52
C CYS A 710 -32.33 44.56 -23.10
N LYS A 711 -31.50 45.24 -22.32
CA LYS A 711 -30.20 44.66 -21.87
C LYS A 711 -29.97 45.02 -20.41
N LEU A 712 -30.01 44.02 -19.50
CA LEU A 712 -29.87 44.30 -18.05
C LEU A 712 -28.75 43.46 -17.45
N PRO A 713 -27.74 44.06 -16.78
CA PRO A 713 -26.70 43.29 -16.08
C PRO A 713 -27.21 42.64 -14.78
N LEU A 714 -26.80 41.40 -14.49
CA LEU A 714 -27.21 40.72 -13.23
C LEU A 714 -26.13 39.73 -12.78
N GLY A 715 -26.09 39.38 -11.50
CA GLY A 715 -25.13 38.38 -10.99
C GLY A 715 -25.55 36.98 -11.36
N GLN A 716 -24.72 36.24 -12.11
CA GLN A 716 -25.11 34.89 -12.63
C GLN A 716 -23.85 34.23 -13.21
N SER A 717 -22.75 35.07 -13.49
CA SER A 717 -21.44 34.49 -13.86
C SER A 717 -21.49 33.76 -15.20
N LEU A 718 -22.31 34.24 -16.13
CA LEU A 718 -22.30 33.63 -17.49
C LEU A 718 -21.11 34.20 -18.27
N CYS A 719 -20.74 33.59 -19.40
CA CYS A 719 -19.52 33.99 -20.14
C CYS A 719 -19.70 35.35 -20.84
N ALA A 720 -18.60 35.97 -21.27
CA ALA A 720 -18.59 37.32 -21.92
C ALA A 720 -19.95 38.03 -22.00
N LEU A 721 -20.51 38.16 -23.22
CA LEU A 721 -21.76 38.96 -23.39
C LEU A 721 -22.98 38.38 -22.66
N PRO A 722 -23.29 37.06 -22.69
CA PRO A 722 -24.51 36.58 -22.03
C PRO A 722 -24.53 36.81 -20.51
N ASP A 723 -25.67 37.26 -19.98
CA ASP A 723 -25.79 37.45 -18.51
C ASP A 723 -26.95 36.60 -17.98
N THR A 724 -27.80 36.07 -18.86
CA THR A 724 -28.96 35.20 -18.47
C THR A 724 -29.75 35.84 -17.32
N PRO A 725 -30.21 37.11 -17.40
CA PRO A 725 -30.86 37.75 -16.24
C PRO A 725 -32.13 36.99 -15.80
N SER A 726 -32.26 36.76 -14.49
CA SER A 726 -33.39 35.98 -13.90
C SER A 726 -34.60 35.86 -14.83
N THR A 727 -34.79 34.66 -15.41
CA THR A 727 -36.13 34.16 -15.82
C THR A 727 -36.69 35.02 -16.95
N MET A 740 -32.03 32.30 -20.05
CA MET A 740 -33.21 33.05 -20.58
C MET A 740 -32.80 34.49 -20.87
N ARG A 741 -33.21 35.05 -22.02
CA ARG A 741 -32.83 36.44 -22.40
C ARG A 741 -31.31 36.53 -22.38
N LEU A 742 -30.63 35.50 -22.88
CA LEU A 742 -29.14 35.32 -22.84
C LEU A 742 -28.26 36.56 -22.90
N ALA A 743 -27.79 36.94 -24.09
CA ALA A 743 -26.77 38.02 -24.18
C ALA A 743 -27.38 39.42 -24.06
N SER A 744 -28.16 39.65 -23.02
CA SER A 744 -28.69 41.02 -22.80
C SER A 744 -27.89 41.61 -21.64
N ILE A 745 -27.04 42.61 -21.92
CA ILE A 745 -26.16 43.18 -20.87
C ILE A 745 -25.91 44.65 -21.19
N ALA A 746 -25.79 45.48 -20.17
CA ALA A 746 -25.60 46.94 -20.38
C ALA A 746 -24.46 47.42 -19.48
N PHE A 747 -23.65 48.37 -19.94
CA PHE A 747 -22.47 48.79 -19.13
C PHE A 747 -22.40 50.31 -18.98
N ASN A 748 -21.79 50.75 -17.86
CA ASN A 748 -21.70 52.21 -17.56
C ASN A 748 -20.79 52.91 -18.56
N HIS A 749 -21.14 54.18 -18.94
CA HIS A 749 -20.28 54.96 -19.85
C HIS A 749 -19.74 56.19 -19.11
N PRO A 750 -18.44 56.53 -19.20
CA PRO A 750 -17.87 57.63 -18.42
C PRO A 750 -18.42 59.02 -18.78
N ILE A 751 -18.59 59.91 -17.80
CA ILE A 751 -19.04 61.30 -18.08
C ILE A 751 -17.95 61.94 -18.94
N GLN A 752 -18.16 62.06 -20.25
CA GLN A 752 -17.10 62.54 -21.12
C GLN A 752 -17.14 64.05 -21.26
N VAL A 753 -15.98 64.66 -21.08
CA VAL A 753 -15.80 66.10 -21.14
C VAL A 753 -14.89 66.39 -22.32
N ASP A 754 -15.42 67.02 -23.36
CA ASP A 754 -14.65 67.31 -24.55
C ASP A 754 -13.64 68.40 -24.26
N GLN A 755 -12.61 68.46 -25.10
CA GLN A 755 -11.55 69.43 -24.93
C GLN A 755 -11.65 70.50 -26.00
N LEU A 756 -11.66 71.76 -25.56
CA LEU A 756 -11.84 72.89 -26.45
C LEU A 756 -10.58 73.11 -27.27
N ASN A 757 -10.75 73.57 -28.50
CA ASN A 757 -9.58 73.94 -29.30
C ASN A 757 -8.97 75.25 -28.80
N SER A 758 -9.79 76.13 -28.26
CA SER A 758 -9.31 77.42 -27.78
C SER A 758 -8.47 77.23 -26.51
N SER A 759 -7.88 78.34 -26.05
CA SER A 759 -7.05 78.29 -24.81
C SER A 759 -7.96 77.96 -23.62
N TYR A 760 -9.24 78.33 -23.71
CA TYR A 760 -10.22 78.00 -22.64
C TYR A 760 -10.42 76.48 -22.63
N PHE A 761 -10.65 75.87 -21.45
CA PHE A 761 -10.94 74.41 -21.41
C PHE A 761 -12.10 74.07 -20.46
N LYS A 762 -13.03 73.22 -20.93
CA LYS A 762 -14.20 72.82 -20.09
C LYS A 762 -13.75 71.94 -18.94
N LEU A 763 -14.18 72.24 -17.71
CA LEU A 763 -13.84 71.38 -16.54
C LEU A 763 -15.13 70.86 -15.89
N SER A 764 -15.23 69.55 -15.68
CA SER A 764 -16.40 69.00 -14.95
C SER A 764 -16.28 69.35 -13.47
N ILE A 765 -17.37 69.76 -12.81
CA ILE A 765 -17.25 70.20 -11.39
C ILE A 765 -18.29 69.48 -10.51
N PRO A 766 -17.93 68.75 -9.41
CA PRO A 766 -18.95 68.14 -8.54
C PRO A 766 -19.90 69.16 -7.92
N THR A 767 -21.13 68.75 -7.55
CA THR A 767 -22.03 69.71 -6.84
C THR A 767 -22.72 69.02 -5.66
N ASN A 768 -22.23 67.85 -5.24
CA ASN A 768 -22.84 67.18 -4.05
C ASN A 768 -21.77 66.51 -3.17
N PHE A 769 -22.10 66.22 -1.90
CA PHE A 769 -21.09 65.65 -0.96
C PHE A 769 -21.14 64.11 -0.94
N SER A 770 -22.31 63.50 -0.71
CA SER A 770 -22.46 62.01 -0.77
C SER A 770 -21.41 61.27 0.05
N PHE A 771 -21.23 61.58 1.34
CA PHE A 771 -20.16 60.97 2.18
C PHE A 771 -20.46 59.51 2.56
N GLY A 772 -19.42 58.72 2.89
CA GLY A 772 -19.62 57.36 3.44
C GLY A 772 -19.54 56.20 2.47
N VAL A 773 -19.16 55.00 2.94
CA VAL A 773 -19.11 53.77 2.08
C VAL A 773 -18.73 52.55 2.94
N THR A 774 -19.32 51.38 2.68
CA THR A 774 -18.94 50.12 3.40
C THR A 774 -17.56 49.68 2.90
N GLN A 775 -16.75 49.02 3.74
CA GLN A 775 -15.36 48.71 3.32
C GLN A 775 -14.93 47.27 3.65
N GLU A 776 -13.84 46.79 3.02
CA GLU A 776 -13.39 45.36 3.14
C GLU A 776 -12.73 44.99 4.48
N TYR A 777 -12.58 43.67 4.72
CA TYR A 777 -11.94 43.14 5.95
C TYR A 777 -10.57 42.56 5.54
N ILE A 778 -9.51 42.81 6.32
CA ILE A 778 -8.12 42.42 5.91
C ILE A 778 -7.74 40.99 6.32
N GLN A 779 -8.61 40.26 7.02
CA GLN A 779 -8.34 38.86 7.48
C GLN A 779 -7.36 38.86 8.66
N THR A 780 -6.11 39.33 8.50
CA THR A 780 -5.17 39.49 9.65
C THR A 780 -4.66 38.19 10.29
N THR A 781 -5.53 37.31 10.80
CA THR A 781 -5.02 36.12 11.57
C THR A 781 -5.88 34.86 11.36
N ILE A 782 -5.35 33.68 11.75
CA ILE A 782 -6.10 32.39 11.61
C ILE A 782 -6.17 31.69 12.97
N GLN A 783 -7.08 30.72 13.13
CA GLN A 783 -7.27 29.99 14.41
C GLN A 783 -6.03 29.15 14.76
N LYS A 784 -5.72 29.01 16.05
CA LYS A 784 -4.55 28.21 16.50
C LYS A 784 -5.04 26.90 17.12
N VAL A 785 -4.51 25.76 16.68
CA VAL A 785 -4.99 24.44 17.19
C VAL A 785 -3.80 23.52 17.51
N THR A 786 -3.99 22.56 18.43
CA THR A 786 -2.92 21.59 18.79
C THR A 786 -3.49 20.16 18.73
N VAL A 787 -2.79 19.22 18.08
CA VAL A 787 -3.27 17.87 17.95
C VAL A 787 -2.44 16.96 18.83
N ASP A 788 -3.12 16.12 19.61
CA ASP A 788 -2.46 15.15 20.46
C ASP A 788 -2.31 13.85 19.67
N CYS A 789 -1.19 13.72 18.97
CA CYS A 789 -0.87 12.46 18.34
C CYS A 789 -0.84 11.35 19.38
N LYS A 790 -0.91 10.10 18.91
CA LYS A 790 -1.03 8.92 19.82
C LYS A 790 -2.51 8.85 20.24
N GLN A 791 -3.05 9.92 20.82
CA GLN A 791 -4.50 9.94 21.13
C GLN A 791 -5.32 9.94 19.83
N TYR A 792 -4.90 10.72 18.82
CA TYR A 792 -5.62 10.71 17.52
C TYR A 792 -5.46 9.37 16.80
N VAL A 793 -4.22 8.86 16.70
CA VAL A 793 -3.96 7.59 15.95
C VAL A 793 -4.52 6.37 16.69
N CYS A 794 -4.48 6.36 18.03
CA CYS A 794 -4.94 5.17 18.80
C CYS A 794 -6.20 5.52 19.58
N ASN A 795 -6.98 4.52 19.97
CA ASN A 795 -8.20 4.76 20.79
C ASN A 795 -7.83 4.57 22.27
N GLY A 796 -6.53 4.54 22.57
CA GLY A 796 -6.06 4.32 23.95
C GLY A 796 -5.76 2.85 24.20
N PHE A 797 -5.96 2.00 23.19
CA PHE A 797 -5.59 0.57 23.32
C PHE A 797 -4.06 0.47 23.39
N GLN A 798 -3.56 -0.36 24.32
CA GLN A 798 -2.09 -0.46 24.52
C GLN A 798 -1.44 -1.08 23.28
N LYS A 799 -2.21 -1.84 22.49
CA LYS A 799 -1.62 -2.52 21.34
C LYS A 799 -1.27 -1.54 20.25
N CYS A 800 -2.19 -0.61 19.95
CA CYS A 800 -1.88 0.45 19.01
C CYS A 800 -0.72 1.29 19.52
N GLU A 801 -0.65 1.50 20.84
CA GLU A 801 0.44 2.27 21.41
C GLU A 801 1.78 1.62 21.10
N GLN A 802 1.86 0.29 21.24
CA GLN A 802 3.09 -0.41 20.92
C GLN A 802 3.40 -0.34 19.44
N LEU A 803 2.40 -0.62 18.59
CA LEU A 803 2.65 -0.55 17.17
C LEU A 803 3.04 0.85 16.72
N LEU A 804 2.67 1.87 17.47
CA LEU A 804 3.00 3.25 17.14
C LEU A 804 4.37 3.64 17.66
N ARG A 805 4.75 3.13 18.83
CA ARG A 805 6.10 3.34 19.33
C ARG A 805 7.12 2.89 18.31
N GLU A 806 6.72 2.03 17.39
CA GLU A 806 7.51 1.75 16.20
C GLU A 806 7.76 3.02 15.39
N TYR A 807 6.76 3.89 15.30
CA TYR A 807 6.78 5.07 14.45
C TYR A 807 7.07 6.36 15.20
N GLY A 808 7.39 6.30 16.49
CA GLY A 808 7.19 7.41 17.39
C GLY A 808 7.78 8.77 17.05
N GLN A 809 8.66 8.83 16.05
CA GLN A 809 9.29 10.08 15.67
C GLN A 809 8.32 11.00 14.91
N PHE A 810 7.40 10.41 14.15
CA PHE A 810 6.49 11.24 13.36
C PHE A 810 5.59 12.08 14.26
N CYS A 811 5.14 11.51 15.38
CA CYS A 811 4.32 12.29 16.31
C CYS A 811 5.11 13.47 16.86
N SER A 812 6.39 13.26 17.16
CA SER A 812 7.22 14.36 17.59
C SER A 812 7.27 15.46 16.55
N LYS A 813 7.45 15.07 15.28
CA LYS A 813 7.51 16.07 14.23
C LYS A 813 6.20 16.85 14.13
N ILE A 814 5.07 16.15 14.22
CA ILE A 814 3.77 16.82 14.12
C ILE A 814 3.60 17.82 15.25
N ASN A 815 3.85 17.37 16.48
CA ASN A 815 3.65 18.25 17.63
C ASN A 815 4.56 19.45 17.54
N GLN A 816 5.81 19.26 17.14
CA GLN A 816 6.74 20.38 17.07
C GLN A 816 6.32 21.38 16.00
N ALA A 817 5.87 20.90 14.85
CA ALA A 817 5.43 21.81 13.81
C ALA A 817 4.26 22.66 14.27
N LEU A 818 3.26 22.03 14.89
CA LEU A 818 2.10 22.79 15.34
C LEU A 818 2.49 23.80 16.42
N HIS A 819 3.35 23.39 17.35
CA HIS A 819 3.78 24.29 18.40
C HIS A 819 4.49 25.51 17.82
N GLY A 820 5.37 25.28 16.83
CA GLY A 820 6.04 26.41 16.21
C GLY A 820 5.10 27.34 15.49
N ALA A 821 4.12 26.78 14.76
CA ALA A 821 3.17 27.64 14.06
C ALA A 821 2.39 28.49 15.05
N ASN A 822 1.99 27.90 16.17
CA ASN A 822 1.22 28.66 17.15
C ASN A 822 2.07 29.76 17.79
N LEU A 823 3.34 29.48 18.05
CA LEU A 823 4.23 30.53 18.54
C LEU A 823 4.33 31.68 17.54
N ARG A 824 4.45 31.35 16.26
CA ARG A 824 4.54 32.41 15.27
C ARG A 824 3.26 33.23 15.21
N GLN A 825 2.11 32.57 15.37
CA GLN A 825 0.85 33.30 15.42
C GLN A 825 0.83 34.29 16.57
N ASP A 826 1.25 33.85 17.75
CA ASP A 826 1.26 34.74 18.89
C ASP A 826 2.18 35.92 18.66
N ASP A 827 3.36 35.67 18.09
CA ASP A 827 4.26 36.79 17.82
C ASP A 827 3.68 37.75 16.80
N SER A 828 2.98 37.23 15.80
CA SER A 828 2.34 38.10 14.82
C SER A 828 1.31 39.01 15.46
N VAL A 829 0.46 38.45 16.32
CA VAL A 829 -0.56 39.26 16.98
C VAL A 829 0.08 40.31 17.86
N ARG A 830 1.09 39.90 18.63
CA ARG A 830 1.77 40.83 19.52
C ARG A 830 2.39 41.98 18.73
N ASN A 831 3.04 41.67 17.62
CA ASN A 831 3.65 42.70 16.79
C ASN A 831 2.62 43.66 16.23
N LEU A 832 1.54 43.12 15.69
CA LEU A 832 0.52 43.99 15.10
C LEU A 832 -0.04 44.95 16.14
N PHE A 833 -0.39 44.44 17.31
CA PHE A 833 -1.01 45.32 18.28
C PHE A 833 0.00 46.28 18.89
N ALA A 834 1.28 45.88 18.96
CA ALA A 834 2.29 46.84 19.39
C ALA A 834 2.44 47.95 18.37
N SER A 835 2.15 47.68 17.11
CA SER A 835 2.18 48.74 16.11
C SER A 835 0.86 49.48 15.97
N VAL A 836 -0.20 49.03 16.64
CA VAL A 836 -1.48 49.74 16.55
C VAL A 836 -1.47 50.97 17.44
N LYS A 837 -1.27 50.82 18.74
CA LYS A 837 -1.63 51.91 19.65
C LYS A 837 -0.60 53.03 19.65
N SER A 838 0.60 52.77 20.19
CA SER A 838 1.78 53.63 20.11
C SER A 838 1.50 55.14 20.13
N SER A 839 0.83 55.66 21.17
CA SER A 839 0.30 57.00 21.01
C SER A 839 0.09 57.71 22.34
N GLN A 840 -0.41 58.94 22.23
CA GLN A 840 -1.25 59.60 23.22
C GLN A 840 -2.67 59.57 22.70
N SER A 841 -3.65 59.71 23.58
CA SER A 841 -5.03 59.66 23.15
C SER A 841 -5.88 60.60 23.99
N SER A 842 -7.13 60.75 23.59
CA SER A 842 -8.11 61.49 24.34
C SER A 842 -9.14 60.55 24.92
N PRO A 843 -9.62 60.81 26.13
CA PRO A 843 -10.65 59.95 26.72
C PRO A 843 -11.91 59.95 25.87
N ILE A 844 -12.56 58.79 25.80
CA ILE A 844 -13.80 58.67 25.05
C ILE A 844 -14.95 59.10 25.93
N ILE A 845 -15.73 60.06 25.46
CA ILE A 845 -16.85 60.61 26.21
C ILE A 845 -18.12 60.26 25.43
N PRO A 846 -19.24 60.02 26.09
CA PRO A 846 -20.45 59.63 25.36
C PRO A 846 -20.87 60.59 24.25
N GLY A 847 -20.68 61.89 24.44
CA GLY A 847 -20.91 62.80 23.34
C GLY A 847 -19.63 63.07 22.58
N PHE A 848 -19.02 62.00 22.08
CA PHE A 848 -17.63 62.10 21.61
C PHE A 848 -17.49 63.08 20.46
N GLY A 849 -18.27 62.91 19.41
CA GLY A 849 -18.22 63.87 18.34
C GLY A 849 -19.57 64.48 18.08
N GLY A 850 -19.80 65.60 18.80
CA GLY A 850 -21.11 66.26 18.84
C GLY A 850 -21.99 66.06 17.63
N ASP A 851 -21.80 66.93 16.64
CA ASP A 851 -22.72 66.89 15.49
C ASP A 851 -22.47 65.58 14.74
N PHE A 852 -21.58 64.72 15.24
CA PHE A 852 -21.34 63.56 14.38
C PHE A 852 -21.67 62.32 15.18
N ASN A 853 -22.87 61.77 14.98
CA ASN A 853 -23.29 60.63 15.79
C ASN A 853 -22.34 59.47 15.59
N LEU A 854 -21.78 58.96 16.69
CA LEU A 854 -20.80 57.89 16.65
C LEU A 854 -21.31 56.68 17.43
N THR A 855 -21.55 55.59 16.73
CA THR A 855 -21.93 54.30 17.29
C THR A 855 -20.73 53.42 17.59
N LEU A 856 -19.54 54.01 17.61
CA LEU A 856 -18.31 53.29 17.87
C LEU A 856 -17.93 53.33 19.34
N LEU A 857 -18.77 53.91 20.18
CA LEU A 857 -18.48 54.05 21.60
C LEU A 857 -18.81 52.75 22.33
N GLU A 858 -18.45 52.70 23.61
CA GLU A 858 -18.55 51.49 24.39
C GLU A 858 -19.85 51.47 25.18
N PRO A 859 -20.68 50.44 25.03
CA PRO A 859 -21.93 50.40 25.80
C PRO A 859 -21.73 50.37 27.30
N VAL A 860 -20.60 49.85 27.77
CA VAL A 860 -20.31 49.74 29.19
C VAL A 860 -21.40 48.98 29.92
N ALA A 869 -14.96 48.48 25.46
CA ALA A 869 -15.55 47.18 25.75
C ALA A 869 -16.59 46.81 24.71
N ARG A 870 -16.12 46.48 23.51
CA ARG A 870 -16.96 45.92 22.45
C ARG A 870 -18.11 46.86 22.08
N SER A 871 -17.73 47.93 21.39
CA SER A 871 -18.67 48.90 20.86
C SER A 871 -19.83 48.26 20.11
N ALA A 872 -20.92 49.00 19.95
CA ALA A 872 -22.15 48.43 19.39
C ALA A 872 -21.90 47.76 18.05
N ILE A 873 -21.08 48.37 17.21
CA ILE A 873 -20.83 47.80 15.89
C ILE A 873 -20.03 46.50 16.00
N GLU A 874 -19.08 46.45 16.93
CA GLU A 874 -18.34 45.21 17.16
C GLU A 874 -19.27 44.10 17.63
N ASP A 875 -20.13 44.41 18.59
CA ASP A 875 -21.05 43.40 19.10
C ASP A 875 -21.97 42.91 18.00
N LEU A 876 -22.49 43.83 17.20
CA LEU A 876 -23.42 43.44 16.15
C LEU A 876 -22.71 42.59 15.10
N LEU A 877 -21.46 42.95 14.79
CA LEU A 877 -20.68 42.17 13.84
C LEU A 877 -20.43 40.76 14.35
N PHE A 878 -20.12 40.63 15.63
CA PHE A 878 -19.91 39.28 16.17
C PHE A 878 -21.23 38.51 16.26
N ASP A 879 -22.35 39.21 16.39
CA ASP A 879 -23.63 38.52 16.45
C ASP A 879 -24.02 37.96 15.09
N LYS A 880 -23.87 38.76 14.04
CA LYS A 880 -24.36 38.30 12.75
C LYS A 880 -23.49 37.20 12.15
N VAL A 881 -22.36 36.89 12.73
CA VAL A 881 -21.54 35.77 12.30
C VAL A 881 -21.92 34.56 13.13
N THR A 882 -21.74 33.37 12.56
CA THR A 882 -22.09 32.12 13.21
C THR A 882 -20.83 31.46 13.73
N ILE A 883 -20.56 31.61 15.02
CA ILE A 883 -19.38 31.05 15.66
C ILE A 883 -19.85 30.23 16.87
N ALA A 884 -19.13 29.13 17.13
CA ALA A 884 -19.52 28.18 18.17
C ALA A 884 -18.37 27.94 19.14
N ASP A 885 -17.80 29.00 19.67
CA ASP A 885 -16.61 28.86 20.49
C ASP A 885 -16.93 28.17 21.82
N PRO A 886 -16.04 27.30 22.31
CA PRO A 886 -16.28 26.63 23.60
C PRO A 886 -15.94 27.55 24.76
N GLY A 887 -16.90 27.71 25.66
CA GLY A 887 -16.61 28.46 26.86
C GLY A 887 -15.47 27.82 27.63
N TYR A 888 -14.31 28.45 27.59
CA TYR A 888 -13.21 28.03 28.43
C TYR A 888 -13.65 28.14 29.88
N MET A 889 -13.20 27.21 30.71
CA MET A 889 -13.74 26.85 32.02
C MET A 889 -14.97 25.96 31.91
N GLN A 890 -15.54 25.79 30.73
CA GLN A 890 -16.80 25.07 30.64
C GLN A 890 -16.89 24.09 29.49
N GLY A 891 -15.99 24.14 28.51
CA GLY A 891 -16.16 23.31 27.33
C GLY A 891 -16.30 21.85 27.67
N TYR A 892 -15.49 21.37 28.61
CA TYR A 892 -15.61 19.99 29.08
C TYR A 892 -16.98 19.74 29.73
N ASP A 893 -17.40 20.65 30.61
CA ASP A 893 -18.71 20.51 31.22
C ASP A 893 -19.81 20.60 30.17
N ASP A 894 -19.70 21.56 29.26
CA ASP A 894 -20.72 21.68 28.22
C ASP A 894 -20.76 20.46 27.33
N CYS A 895 -19.67 19.71 27.23
CA CYS A 895 -19.74 18.41 26.57
C CYS A 895 -20.37 17.35 27.48
N MET A 896 -20.28 17.53 28.80
CA MET A 896 -21.03 16.64 29.69
C MET A 896 -22.54 16.81 29.53
N GLN A 897 -23.01 18.04 29.36
CA GLN A 897 -24.44 18.34 29.45
C GLN A 897 -25.15 18.18 28.12
N GLN A 898 -24.67 17.32 27.25
CA GLN A 898 -25.38 17.03 26.01
C GLN A 898 -25.76 15.56 25.91
N ILE A 907 -16.89 20.76 20.24
CA ILE A 907 -17.13 19.84 21.33
C ILE A 907 -16.52 18.48 21.05
N CYS A 908 -16.27 18.21 19.78
CA CYS A 908 -15.49 17.03 19.42
C CYS A 908 -14.07 17.11 19.93
N ALA A 909 -13.57 18.32 20.18
CA ALA A 909 -12.23 18.48 20.77
C ALA A 909 -12.09 17.50 21.95
N GLN A 910 -12.81 17.78 23.04
CA GLN A 910 -12.76 16.91 24.25
C GLN A 910 -13.33 15.51 23.94
N TYR A 911 -14.42 15.42 23.17
CA TYR A 911 -15.09 14.10 22.97
C TYR A 911 -14.18 13.07 22.31
N VAL A 912 -13.55 13.34 21.16
CA VAL A 912 -12.78 12.21 20.55
C VAL A 912 -11.39 12.62 20.06
N ALA A 913 -11.28 13.33 18.94
CA ALA A 913 -9.93 13.64 18.41
C ALA A 913 -9.18 14.45 19.46
N GLY A 914 -7.89 14.22 19.64
CA GLY A 914 -7.14 14.89 20.72
C GLY A 914 -7.12 16.39 20.53
N TYR A 915 -7.38 16.86 19.31
CA TYR A 915 -7.32 18.32 18.99
C TYR A 915 -7.88 19.24 20.09
N LYS A 916 -7.17 20.33 20.35
CA LYS A 916 -7.56 21.37 21.28
C LYS A 916 -7.43 22.70 20.56
N VAL A 917 -8.42 23.57 20.74
CA VAL A 917 -8.34 24.94 20.22
C VAL A 917 -7.71 25.81 21.29
N LEU A 918 -6.61 26.46 20.95
CA LEU A 918 -5.91 27.27 21.93
C LEU A 918 -6.62 28.61 22.12
N PRO A 919 -6.44 29.24 23.28
CA PRO A 919 -7.05 30.55 23.50
C PRO A 919 -6.35 31.62 22.68
N PRO A 920 -7.00 32.78 22.48
CA PRO A 920 -6.50 33.75 21.50
C PRO A 920 -5.26 34.56 21.89
N LEU A 921 -4.81 34.51 23.14
CA LEU A 921 -3.73 35.31 23.74
C LEU A 921 -4.20 36.69 24.17
N MET A 922 -5.38 37.12 23.79
CA MET A 922 -5.89 38.42 24.22
C MET A 922 -7.37 38.26 24.48
N ASP A 923 -7.80 38.66 25.66
CA ASP A 923 -9.23 38.66 25.91
C ASP A 923 -9.88 39.82 25.18
N VAL A 924 -11.19 39.71 24.99
CA VAL A 924 -11.92 40.68 24.18
C VAL A 924 -11.77 42.07 24.76
N ASN A 925 -11.66 42.19 26.08
CA ASN A 925 -11.55 43.50 26.70
C ASN A 925 -10.23 44.18 26.31
N MET A 926 -9.14 43.43 26.24
CA MET A 926 -7.87 44.05 25.88
C MET A 926 -7.88 44.52 24.42
N GLU A 927 -8.40 43.69 23.52
CA GLU A 927 -8.52 44.11 22.14
C GLU A 927 -9.39 45.35 22.01
N ALA A 928 -10.51 45.36 22.74
CA ALA A 928 -11.39 46.51 22.69
C ALA A 928 -10.69 47.74 23.24
N ALA A 929 -9.86 47.57 24.27
CA ALA A 929 -9.09 48.69 24.78
C ALA A 929 -8.18 49.26 23.70
N TYR A 930 -7.51 48.39 22.96
CA TYR A 930 -6.64 48.85 21.88
C TYR A 930 -7.43 49.67 20.86
N THR A 931 -8.52 49.11 20.36
CA THR A 931 -9.26 49.83 19.32
C THR A 931 -9.91 51.09 19.86
N SER A 932 -10.32 51.09 21.12
CA SER A 932 -10.89 52.29 21.72
C SER A 932 -9.85 53.39 21.84
N SER A 933 -8.63 53.04 22.24
CA SER A 933 -7.58 54.05 22.30
C SER A 933 -7.29 54.61 20.91
N LEU A 934 -7.28 53.76 19.89
CA LEU A 934 -7.10 54.25 18.53
C LEU A 934 -8.20 55.23 18.14
N LEU A 935 -9.44 54.89 18.46
CA LEU A 935 -10.54 55.79 18.15
C LEU A 935 -10.38 57.11 18.88
N GLY A 936 -9.92 57.07 20.12
CA GLY A 936 -9.66 58.30 20.84
C GLY A 936 -8.59 59.16 20.19
N SER A 937 -7.59 58.53 19.59
CA SER A 937 -6.50 59.29 19.00
C SER A 937 -6.77 59.74 17.57
N ILE A 938 -7.85 59.25 16.94
CA ILE A 938 -8.15 59.61 15.55
C ILE A 938 -8.01 61.09 15.26
N ALA A 939 -8.77 61.92 15.96
CA ALA A 939 -8.85 63.33 15.57
C ALA A 939 -7.52 64.04 15.75
N GLY A 940 -6.84 63.78 16.85
CA GLY A 940 -5.63 64.48 17.15
C GLY A 940 -4.43 64.06 16.34
N VAL A 941 -4.26 62.76 16.10
CA VAL A 941 -3.02 62.30 15.49
C VAL A 941 -2.91 62.79 14.06
N GLY A 942 -4.02 62.92 13.35
CA GLY A 942 -3.99 63.33 11.96
C GLY A 942 -3.84 64.82 11.78
N TRP A 943 -3.40 65.52 12.83
CA TRP A 943 -3.31 66.97 12.81
C TRP A 943 -1.86 67.42 12.62
N THR A 944 -1.40 67.36 11.38
CA THR A 944 -0.31 68.21 10.89
C THR A 944 1.01 68.02 11.65
N ALA A 945 1.03 67.18 12.67
CA ALA A 945 2.11 67.23 13.66
C ALA A 945 3.04 66.03 13.60
N GLY A 946 3.13 65.35 12.46
CA GLY A 946 3.91 64.14 12.42
C GLY A 946 3.36 63.17 13.44
N LEU A 947 4.22 62.65 14.30
CA LEU A 947 3.78 61.74 15.34
C LEU A 947 4.24 62.11 16.73
N SER A 948 5.07 63.15 16.88
CA SER A 948 5.70 63.41 18.16
C SER A 948 4.88 64.30 19.08
N SER A 949 3.79 64.88 18.59
CA SER A 949 2.95 65.74 19.41
C SER A 949 1.49 65.44 19.10
N PHE A 950 0.64 65.62 20.10
CA PHE A 950 -0.77 65.30 19.99
C PHE A 950 -1.58 66.54 20.33
N ALA A 951 -2.46 66.93 19.42
CA ALA A 951 -3.32 68.09 19.61
C ALA A 951 -4.74 67.61 19.83
N ALA A 952 -5.23 67.74 21.05
CA ALA A 952 -6.56 67.23 21.40
C ALA A 952 -7.61 68.22 20.92
N ILE A 953 -8.05 68.03 19.69
CA ILE A 953 -9.03 68.94 19.09
C ILE A 953 -10.32 68.17 18.89
N PRO A 954 -11.47 68.84 18.84
CA PRO A 954 -12.73 68.11 18.67
C PRO A 954 -12.80 67.42 17.33
N PHE A 955 -13.63 66.38 17.27
CA PHE A 955 -13.75 65.58 16.06
C PHE A 955 -14.26 66.41 14.89
N ALA A 956 -15.21 67.31 15.14
CA ALA A 956 -15.76 68.12 14.07
C ALA A 956 -14.68 68.96 13.41
N GLN A 957 -13.80 69.54 14.20
CA GLN A 957 -12.71 70.33 13.64
C GLN A 957 -11.81 69.49 12.76
N SER A 958 -11.52 68.28 13.20
CA SER A 958 -10.69 67.40 12.39
C SER A 958 -11.35 67.08 11.07
N ILE A 959 -12.66 66.82 11.09
CA ILE A 959 -13.37 66.58 9.84
C ILE A 959 -13.29 67.78 8.94
N PHE A 960 -13.49 68.98 9.50
CA PHE A 960 -13.47 70.16 8.66
C PHE A 960 -12.11 70.39 8.04
N TYR A 961 -11.04 70.17 8.82
CA TYR A 961 -9.70 70.50 8.31
C TYR A 961 -9.30 69.49 7.22
N ARG A 962 -9.67 68.22 7.39
CA ARG A 962 -9.39 67.22 6.33
C ARG A 962 -10.12 67.62 5.05
N LEU A 963 -11.40 67.98 5.16
CA LEU A 963 -12.21 68.38 3.98
C LEU A 963 -11.67 69.70 3.42
N ASN A 964 -11.35 70.67 4.28
CA ASN A 964 -10.91 72.01 3.81
C ASN A 964 -9.56 71.97 3.09
N GLY A 965 -8.59 71.21 3.62
CA GLY A 965 -7.25 71.27 3.00
C GLY A 965 -6.97 70.13 2.04
N VAL A 966 -7.14 68.89 2.50
CA VAL A 966 -6.79 67.72 1.62
C VAL A 966 -7.75 67.75 0.43
N GLY A 967 -9.04 67.92 0.71
CA GLY A 967 -10.00 68.09 -0.41
C GLY A 967 -9.92 69.56 -0.79
N ILE A 968 -9.91 69.89 -2.08
CA ILE A 968 -9.75 71.34 -2.38
C ILE A 968 -11.13 71.97 -2.27
N THR A 969 -11.55 72.33 -1.05
CA THR A 969 -12.86 73.00 -0.83
C THR A 969 -12.60 74.31 -0.08
N GLN A 970 -12.99 75.43 -0.50
CA GLN A 970 -12.66 76.72 0.18
C GLN A 970 -13.28 76.73 1.58
N GLN A 971 -12.77 77.42 2.48
CA GLN A 971 -13.18 77.47 3.91
C GLN A 971 -14.59 78.06 4.01
N VAL A 972 -14.90 79.04 3.16
CA VAL A 972 -16.24 79.70 3.16
C VAL A 972 -17.30 78.63 2.87
N LEU A 973 -17.03 77.72 1.93
CA LEU A 973 -18.00 76.64 1.59
C LEU A 973 -18.23 75.75 2.81
N SER A 974 -17.16 75.41 3.54
CA SER A 974 -17.32 74.60 4.78
C SER A 974 -18.12 75.38 5.82
N GLU A 975 -17.84 76.68 5.97
CA GLU A 975 -18.55 77.54 6.96
C GLU A 975 -20.04 77.63 6.57
N ASN A 976 -20.29 78.22 5.39
CA ASN A 976 -21.68 78.52 4.98
C ASN A 976 -22.56 77.35 5.35
N GLN A 977 -21.96 76.17 5.44
CA GLN A 977 -22.73 74.94 5.14
C GLN A 977 -22.47 73.84 6.13
N LYS A 978 -22.50 74.12 7.44
CA LYS A 978 -22.45 72.94 8.30
C LYS A 978 -23.77 72.22 8.14
N LEU A 979 -24.04 71.28 9.06
CA LEU A 979 -25.21 70.37 8.92
C LEU A 979 -24.79 69.38 7.83
N ILE A 980 -23.55 69.52 7.34
CA ILE A 980 -22.99 68.50 6.40
C ILE A 980 -22.98 67.24 7.26
N ALA A 981 -22.81 67.42 8.57
CA ALA A 981 -22.88 66.31 9.51
C ALA A 981 -24.11 65.45 9.29
N ASN A 982 -25.16 65.99 8.68
CA ASN A 982 -26.32 65.16 8.36
C ASN A 982 -25.94 64.06 7.39
N LYS A 983 -25.18 64.39 6.35
CA LYS A 983 -24.77 63.38 5.38
C LYS A 983 -23.85 62.35 6.01
N PHE A 984 -22.91 62.81 6.84
CA PHE A 984 -22.04 61.90 7.55
C PHE A 984 -22.83 60.93 8.41
N ASN A 985 -23.80 61.45 9.15
CA ASN A 985 -24.62 60.60 10.00
C ASN A 985 -25.45 59.64 9.18
N GLN A 986 -25.96 60.09 8.04
CA GLN A 986 -26.72 59.19 7.19
C GLN A 986 -25.86 58.02 6.73
N ALA A 987 -24.62 58.30 6.32
CA ALA A 987 -23.74 57.23 5.87
C ALA A 987 -23.46 56.26 7.02
N LEU A 988 -23.16 56.78 8.20
CA LEU A 988 -22.87 55.92 9.33
C LEU A 988 -24.07 55.04 9.67
N GLY A 989 -25.27 55.61 9.70
CA GLY A 989 -26.45 54.82 9.99
C GLY A 989 -26.72 53.77 8.94
N ALA A 990 -26.57 54.14 7.66
CA ALA A 990 -26.77 53.18 6.60
C ALA A 990 -25.86 51.98 6.78
N MET A 991 -24.61 52.24 7.18
CA MET A 991 -23.74 51.12 7.52
C MET A 991 -24.30 50.33 8.69
N GLN A 992 -24.78 51.03 9.71
CA GLN A 992 -25.28 50.36 10.90
C GLN A 992 -26.41 49.37 10.59
N THR A 993 -27.20 49.66 9.57
CA THR A 993 -28.33 48.77 9.29
C THR A 993 -27.87 47.46 8.66
N GLY A 994 -27.29 47.54 7.47
CA GLY A 994 -27.09 46.35 6.67
C GLY A 994 -25.75 45.66 6.77
N PHE A 995 -25.72 44.51 7.45
CA PHE A 995 -24.50 43.67 7.51
C PHE A 995 -24.86 42.31 6.90
N THR A 996 -25.99 41.73 7.32
CA THR A 996 -26.47 40.45 6.74
C THR A 996 -26.85 40.68 5.27
N THR A 997 -27.38 41.85 4.95
CA THR A 997 -27.79 42.18 3.55
C THR A 997 -26.53 42.26 2.70
N THR A 998 -26.66 42.35 1.37
CA THR A 998 -25.43 42.26 0.53
C THR A 998 -24.35 43.18 1.12
N ASN A 999 -23.20 42.59 1.44
CA ASN A 999 -22.03 43.32 2.00
C ASN A 999 -20.85 42.38 1.78
N GLU A 1000 -20.02 42.61 0.75
CA GLU A 1000 -18.92 41.67 0.41
C GLU A 1000 -17.99 41.46 1.62
N ALA A 1001 -17.67 42.52 2.36
CA ALA A 1001 -16.72 42.42 3.49
C ALA A 1001 -17.26 41.48 4.57
N PHE A 1002 -18.57 41.55 4.83
CA PHE A 1002 -19.19 40.67 5.86
C PHE A 1002 -19.01 39.21 5.44
N GLN A 1003 -19.15 38.94 4.14
CA GLN A 1003 -18.98 37.55 3.63
C GLN A 1003 -17.53 37.08 3.86
N LYS A 1004 -16.55 37.97 3.66
CA LYS A 1004 -15.12 37.61 3.88
C LYS A 1004 -14.95 37.11 5.32
N VAL A 1005 -15.59 37.78 6.29
CA VAL A 1005 -15.51 37.36 7.69
C VAL A 1005 -16.09 35.96 7.84
N GLN A 1006 -17.27 35.74 7.25
CA GLN A 1006 -17.86 34.42 7.34
C GLN A 1006 -17.01 33.39 6.62
N ASP A 1007 -16.37 33.76 5.52
CA ASP A 1007 -15.50 32.83 4.82
C ASP A 1007 -14.32 32.42 5.69
N ALA A 1008 -13.72 33.36 6.40
CA ALA A 1008 -12.61 33.00 7.28
C ALA A 1008 -13.06 32.06 8.38
N VAL A 1009 -14.19 32.38 9.01
CA VAL A 1009 -14.73 31.51 10.05
C VAL A 1009 -14.98 30.12 9.50
N ASN A 1010 -15.62 30.04 8.33
CA ASN A 1010 -15.90 28.75 7.72
C ASN A 1010 -14.62 28.02 7.37
N ASN A 1011 -13.60 28.75 6.93
CA ASN A 1011 -12.36 28.10 6.53
C ASN A 1011 -11.73 27.38 7.70
N ASN A 1012 -11.54 28.08 8.82
CA ASN A 1012 -10.86 27.38 9.91
C ASN A 1012 -11.76 26.34 10.53
N ALA A 1013 -13.08 26.60 10.62
CA ALA A 1013 -13.98 25.59 11.16
C ALA A 1013 -13.98 24.34 10.29
N GLN A 1014 -14.03 24.49 8.98
CA GLN A 1014 -14.09 23.32 8.12
C GLN A 1014 -12.79 22.54 8.22
N ALA A 1015 -11.66 23.23 8.13
CA ALA A 1015 -10.38 22.54 8.28
C ALA A 1015 -10.41 21.68 9.53
N LEU A 1016 -10.53 22.33 10.67
CA LEU A 1016 -10.47 21.61 11.93
C LEU A 1016 -11.47 20.49 11.98
N SER A 1017 -12.75 20.84 12.08
CA SER A 1017 -13.75 19.83 12.33
C SER A 1017 -13.77 18.81 11.20
N LYS A 1018 -14.10 19.27 10.00
CA LYS A 1018 -14.28 18.33 8.90
C LYS A 1018 -13.07 17.42 8.77
N LEU A 1019 -11.89 17.97 8.48
CA LEU A 1019 -10.78 17.09 8.14
C LEU A 1019 -10.41 16.22 9.33
N ALA A 1020 -10.04 16.83 10.45
CA ALA A 1020 -9.48 16.03 11.53
C ALA A 1020 -10.51 15.03 12.05
N SER A 1021 -11.75 15.46 12.25
CA SER A 1021 -12.74 14.55 12.81
C SER A 1021 -13.25 13.52 11.83
N GLU A 1022 -13.12 13.74 10.53
CA GLU A 1022 -13.71 12.81 9.59
C GLU A 1022 -12.70 11.87 8.95
N LEU A 1023 -11.40 12.14 9.06
CA LEU A 1023 -10.47 11.11 8.64
C LEU A 1023 -10.41 9.98 9.66
N SER A 1024 -10.63 10.26 10.93
CA SER A 1024 -11.12 9.21 11.81
C SER A 1024 -12.48 8.78 11.31
N ASN A 1025 -12.89 7.57 11.73
CA ASN A 1025 -14.21 6.95 11.37
C ASN A 1025 -13.94 5.78 10.41
N THR A 1026 -13.31 6.05 9.27
CA THR A 1026 -13.29 5.01 8.21
C THR A 1026 -12.12 5.14 7.24
N PHE A 1027 -10.87 5.31 7.73
CA PHE A 1027 -9.80 5.31 6.74
C PHE A 1027 -9.61 3.96 6.04
N GLY A 1028 -9.41 2.88 6.79
CA GLY A 1028 -8.73 1.73 6.27
C GLY A 1028 -9.64 0.63 5.81
N ALA A 1029 -9.16 -0.62 5.85
CA ALA A 1029 -9.97 -1.72 5.25
C ALA A 1029 -10.85 -2.47 6.26
N ILE A 1030 -10.67 -2.30 7.57
CA ILE A 1030 -11.47 -3.15 8.50
C ILE A 1030 -12.39 -2.34 9.43
N SER A 1031 -13.68 -2.65 9.44
CA SER A 1031 -14.62 -2.04 10.43
C SER A 1031 -14.48 -0.51 10.49
N ALA A 1032 -14.35 0.01 11.71
CA ALA A 1032 -14.20 1.47 11.91
C ALA A 1032 -12.96 1.72 12.78
N SER A 1033 -13.17 2.25 13.99
CA SER A 1033 -12.05 2.53 14.92
C SER A 1033 -11.99 1.45 16.01
N ILE A 1034 -12.63 0.30 15.76
CA ILE A 1034 -12.67 -0.80 16.78
C ILE A 1034 -11.25 -1.31 17.05
N GLY A 1035 -10.42 -1.45 16.00
CA GLY A 1035 -9.07 -2.01 16.18
C GLY A 1035 -9.11 -3.54 16.17
N ASP A 1036 -10.27 -4.13 15.80
CA ASP A 1036 -10.40 -5.60 15.69
C ASP A 1036 -10.09 -6.27 17.04
N ILE A 1037 -10.74 -5.82 18.12
CA ILE A 1037 -10.52 -6.43 19.46
C ILE A 1037 -11.41 -7.67 19.59
N ILE A 1038 -12.74 -7.48 19.67
CA ILE A 1038 -13.69 -8.61 19.85
C ILE A 1038 -13.65 -9.54 18.62
N GLN A 1039 -13.58 -8.97 17.41
CA GLN A 1039 -13.60 -9.78 16.17
C GLN A 1039 -12.20 -9.71 15.54
N ARG A 1040 -11.78 -10.76 14.83
CA ARG A 1040 -10.39 -10.80 14.27
C ARG A 1040 -9.42 -10.61 15.43
N LEU A 1041 -9.65 -11.28 16.56
CA LEU A 1041 -8.81 -11.12 17.77
C LEU A 1041 -7.38 -11.62 17.52
N ASP A 1042 -7.17 -12.49 16.53
CA ASP A 1042 -5.83 -13.09 16.31
C ASP A 1042 -4.79 -11.96 16.19
N VAL A 1043 -3.66 -12.08 16.89
CA VAL A 1043 -2.62 -11.01 16.92
C VAL A 1043 -2.04 -10.82 15.51
N LEU A 1044 -1.81 -11.91 14.77
CA LEU A 1044 -1.13 -11.78 13.45
C LEU A 1044 -1.93 -10.86 12.52
N GLU A 1045 -3.26 -11.00 12.48
CA GLU A 1045 -4.08 -10.19 11.56
C GLU A 1045 -4.35 -8.82 12.18
N GLN A 1046 -4.41 -8.74 13.52
CA GLN A 1046 -4.70 -7.49 14.19
C GLN A 1046 -3.56 -6.50 13.97
N ASP A 1047 -2.33 -7.00 13.92
CA ASP A 1047 -1.20 -6.13 13.69
C ASP A 1047 -1.29 -5.45 12.33
N ALA A 1048 -1.62 -6.21 11.28
CA ALA A 1048 -1.71 -5.63 9.96
C ALA A 1048 -2.84 -4.62 9.87
N GLN A 1049 -4.01 -4.95 10.42
CA GLN A 1049 -5.13 -4.01 10.38
C GLN A 1049 -4.80 -2.73 11.11
N ILE A 1050 -4.28 -2.85 12.33
CA ILE A 1050 -3.94 -1.67 13.11
C ILE A 1050 -2.85 -0.88 12.42
N ASP A 1051 -1.94 -1.56 11.73
CA ASP A 1051 -0.87 -0.84 11.03
C ASP A 1051 -1.43 -0.02 9.88
N ARG A 1052 -2.36 -0.57 9.11
CA ARG A 1052 -2.89 0.23 8.01
C ARG A 1052 -3.69 1.43 8.54
N LEU A 1053 -4.47 1.22 9.61
CA LEU A 1053 -5.14 2.36 10.24
C LEU A 1053 -4.14 3.41 10.70
N ILE A 1054 -3.03 2.95 11.30
CA ILE A 1054 -2.04 3.87 11.84
C ILE A 1054 -1.45 4.72 10.71
N ASN A 1055 -1.07 4.06 9.62
CA ASN A 1055 -0.48 4.81 8.50
C ASN A 1055 -1.46 5.81 7.94
N GLY A 1056 -2.72 5.41 7.78
CA GLY A 1056 -3.70 6.33 7.25
C GLY A 1056 -3.88 7.56 8.12
N ARG A 1057 -4.07 7.35 9.41
CA ARG A 1057 -4.28 8.48 10.29
C ARG A 1057 -3.07 9.39 10.32
N LEU A 1058 -1.88 8.80 10.32
CA LEU A 1058 -0.67 9.60 10.36
C LEU A 1058 -0.52 10.46 9.11
N THR A 1059 -0.88 9.91 7.95
CA THR A 1059 -0.70 10.71 6.73
C THR A 1059 -1.74 11.82 6.64
N THR A 1060 -2.97 11.58 7.11
CA THR A 1060 -3.93 12.68 7.16
C THR A 1060 -3.45 13.76 8.09
N LEU A 1061 -2.82 13.36 9.20
CA LEU A 1061 -2.35 14.34 10.16
C LEU A 1061 -1.23 15.19 9.57
N ASN A 1062 -0.33 14.56 8.81
CA ASN A 1062 0.69 15.33 8.11
C ASN A 1062 0.09 16.33 7.14
N ALA A 1063 -0.93 15.90 6.39
CA ALA A 1063 -1.57 16.82 5.45
C ALA A 1063 -2.14 18.02 6.19
N PHE A 1064 -2.80 17.76 7.32
CA PHE A 1064 -3.37 18.85 8.12
C PHE A 1064 -2.28 19.84 8.54
N VAL A 1065 -1.13 19.32 8.99
CA VAL A 1065 -0.07 20.23 9.41
C VAL A 1065 0.40 21.09 8.26
N ALA A 1066 0.59 20.50 7.08
CA ALA A 1066 1.05 21.29 5.94
C ALA A 1066 0.06 22.40 5.59
N GLN A 1067 -1.22 22.07 5.59
CA GLN A 1067 -2.23 23.07 5.29
C GLN A 1067 -2.21 24.19 6.31
N GLN A 1068 -2.04 23.84 7.59
CA GLN A 1068 -1.97 24.86 8.62
C GLN A 1068 -0.80 25.80 8.41
N LEU A 1069 0.35 25.26 8.01
CA LEU A 1069 1.49 26.13 7.75
C LEU A 1069 1.20 27.10 6.62
N VAL A 1070 0.58 26.62 5.54
CA VAL A 1070 0.27 27.51 4.42
C VAL A 1070 -0.65 28.63 4.87
N ARG A 1071 -1.73 28.27 5.57
CA ARG A 1071 -2.68 29.28 6.02
C ARG A 1071 -2.02 30.27 6.97
N SER A 1072 -1.14 29.79 7.83
CA SER A 1072 -0.46 30.67 8.77
C SER A 1072 0.39 31.70 8.05
N GLU A 1073 1.13 31.29 7.04
CA GLU A 1073 1.95 32.26 6.32
C GLU A 1073 1.09 33.30 5.61
N SER A 1074 0.00 32.86 4.98
CA SER A 1074 -0.87 33.83 4.33
C SER A 1074 -1.42 34.82 5.35
N ALA A 1075 -1.81 34.33 6.52
CA ALA A 1075 -2.34 35.21 7.55
C ALA A 1075 -1.29 36.19 8.05
N ALA A 1076 -0.03 35.78 8.14
CA ALA A 1076 1.00 36.73 8.56
C ALA A 1076 1.16 37.85 7.54
N LEU A 1077 1.12 37.52 6.25
CA LEU A 1077 1.17 38.57 5.24
C LEU A 1077 -0.03 39.51 5.36
N SER A 1078 -1.22 38.94 5.57
CA SER A 1078 -2.39 39.79 5.75
C SER A 1078 -2.24 40.70 6.97
N ALA A 1079 -1.63 40.19 8.03
CA ALA A 1079 -1.42 41.02 9.21
C ALA A 1079 -0.52 42.20 8.90
N GLN A 1080 0.54 41.97 8.11
CA GLN A 1080 1.37 43.08 7.68
C GLN A 1080 0.56 44.11 6.90
N LEU A 1081 -0.31 43.63 6.01
CA LEU A 1081 -1.16 44.56 5.25
C LEU A 1081 -2.07 45.36 6.17
N ALA A 1082 -2.65 44.71 7.17
CA ALA A 1082 -3.54 45.42 8.10
C ALA A 1082 -2.77 46.46 8.88
N LYS A 1083 -1.53 46.16 9.25
CA LYS A 1083 -0.71 47.15 9.93
C LYS A 1083 -0.50 48.38 9.05
N ASP A 1084 -0.22 48.17 7.77
CA ASP A 1084 -0.10 49.32 6.86
C ASP A 1084 -1.39 50.10 6.77
N LYS A 1085 -2.52 49.40 6.65
CA LYS A 1085 -3.81 50.06 6.53
C LYS A 1085 -4.11 50.90 7.76
N VAL A 1086 -3.81 50.37 8.95
CA VAL A 1086 -4.03 51.15 10.16
C VAL A 1086 -3.13 52.38 10.14
N ASN A 1087 -1.88 52.21 9.77
CA ASN A 1087 -0.94 53.32 9.89
C ASN A 1087 -1.26 54.44 8.93
N GLU A 1088 -1.86 54.16 7.79
CA GLU A 1088 -2.07 55.25 6.84
C GLU A 1088 -3.49 55.49 6.41
N CYS A 1089 -4.47 54.72 6.88
CA CYS A 1089 -5.87 55.05 6.68
C CYS A 1089 -6.53 55.53 7.95
N VAL A 1090 -6.14 54.99 9.10
CA VAL A 1090 -6.78 55.32 10.36
C VAL A 1090 -6.04 56.43 11.08
N LYS A 1091 -4.72 56.41 11.03
CA LYS A 1091 -3.92 57.41 11.72
C LYS A 1091 -3.59 58.62 10.86
N ALA A 1092 -4.10 58.69 9.64
CA ALA A 1092 -3.83 59.82 8.78
C ALA A 1092 -4.87 59.84 7.68
N GLN A 1093 -4.70 60.74 6.71
CA GLN A 1093 -5.53 60.80 5.52
C GLN A 1093 -4.69 60.41 4.32
N SER A 1094 -5.32 59.74 3.36
CA SER A 1094 -4.59 58.81 2.50
C SER A 1094 -3.78 59.51 1.41
N LYS A 1095 -4.43 60.26 0.53
CA LYS A 1095 -3.95 60.78 -0.74
C LYS A 1095 -3.92 59.74 -1.85
N ARG A 1096 -4.17 58.47 -1.56
CA ARG A 1096 -4.11 57.44 -2.59
C ARG A 1096 -5.52 57.11 -3.07
N SER A 1097 -5.61 56.67 -4.32
CA SER A 1097 -6.90 56.56 -4.97
C SER A 1097 -7.74 55.42 -4.39
N GLY A 1098 -7.09 54.28 -4.17
CA GLY A 1098 -7.83 53.09 -3.69
C GLY A 1098 -7.18 52.34 -2.55
N PHE A 1099 -6.06 52.83 -1.98
CA PHE A 1099 -5.52 52.11 -0.79
C PHE A 1099 -6.66 52.08 0.22
N CYS A 1100 -7.05 53.26 0.73
CA CYS A 1100 -8.28 53.28 1.54
C CYS A 1100 -9.32 53.36 0.43
N GLY A 1101 -10.03 52.26 0.15
CA GLY A 1101 -10.89 52.18 -1.05
C GLY A 1101 -12.12 53.05 -1.14
N GLN A 1102 -12.51 53.42 -2.38
CA GLN A 1102 -13.80 54.12 -2.63
C GLN A 1102 -13.76 55.64 -2.40
N GLY A 1103 -13.84 56.43 -3.47
CA GLY A 1103 -13.93 57.90 -3.34
C GLY A 1103 -12.65 58.55 -2.85
N THR A 1104 -12.75 59.79 -2.36
CA THR A 1104 -11.56 60.47 -1.78
C THR A 1104 -11.60 60.20 -0.28
N HIS A 1105 -10.56 59.56 0.26
CA HIS A 1105 -10.59 59.17 1.70
C HIS A 1105 -10.69 60.41 2.60
N ILE A 1106 -11.55 60.34 3.61
CA ILE A 1106 -11.65 61.47 4.59
C ILE A 1106 -11.20 60.93 5.95
N VAL A 1107 -11.87 59.89 6.45
CA VAL A 1107 -11.50 59.33 7.75
C VAL A 1107 -11.95 57.87 7.74
N SER A 1108 -11.24 57.04 8.48
CA SER A 1108 -11.60 55.64 8.58
C SER A 1108 -11.46 55.16 10.01
N PHE A 1109 -12.33 54.22 10.38
CA PHE A 1109 -12.37 53.64 11.71
C PHE A 1109 -12.17 52.14 11.60
N VAL A 1110 -11.54 51.54 12.61
CA VAL A 1110 -11.26 50.12 12.62
C VAL A 1110 -11.80 49.52 13.92
N VAL A 1111 -12.40 48.34 13.82
CA VAL A 1111 -12.85 47.59 14.99
C VAL A 1111 -12.42 46.15 14.83
N ASN A 1112 -12.36 45.44 15.97
CA ASN A 1112 -12.04 44.02 15.94
C ASN A 1112 -13.13 43.23 15.24
N ALA A 1113 -12.74 42.19 14.53
CA ALA A 1113 -13.64 41.29 13.84
C ALA A 1113 -13.22 39.86 14.19
N PRO A 1114 -14.09 38.89 13.97
CA PRO A 1114 -13.69 37.50 14.21
C PRO A 1114 -12.48 37.12 13.37
N ASN A 1115 -11.44 36.65 14.04
CA ASN A 1115 -10.21 36.17 13.39
C ASN A 1115 -9.56 37.24 12.52
N GLY A 1116 -9.58 38.49 13.01
CA GLY A 1116 -8.97 39.61 12.27
C GLY A 1116 -9.50 40.97 12.70
N LEU A 1117 -9.50 41.96 11.81
CA LEU A 1117 -10.10 43.29 12.14
C LEU A 1117 -10.94 43.80 10.96
N TYR A 1118 -12.00 44.55 11.24
CA TYR A 1118 -12.91 45.03 10.17
C TYR A 1118 -12.62 46.51 9.90
N PHE A 1119 -12.48 46.88 8.63
CA PHE A 1119 -12.11 48.29 8.28
C PHE A 1119 -13.30 49.01 7.67
N MET A 1120 -13.62 50.20 8.20
CA MET A 1120 -14.71 51.03 7.63
C MET A 1120 -14.12 52.37 7.21
N HIS A 1121 -14.32 52.79 5.95
CA HIS A 1121 -13.71 54.04 5.44
C HIS A 1121 -14.81 55.00 4.97
N VAL A 1122 -14.63 56.31 5.19
CA VAL A 1122 -15.63 57.31 4.72
C VAL A 1122 -15.04 58.07 3.54
N GLY A 1123 -15.71 58.04 2.38
CA GLY A 1123 -15.24 58.79 1.20
C GLY A 1123 -16.38 59.62 0.61
N TYR A 1124 -16.14 60.91 0.35
CA TYR A 1124 -17.18 61.76 -0.29
C TYR A 1124 -17.32 61.40 -1.78
N TYR A 1125 -18.53 61.56 -2.32
CA TYR A 1125 -18.77 61.28 -3.76
C TYR A 1125 -19.32 62.53 -4.45
N PRO A 1126 -18.82 62.88 -5.66
CA PRO A 1126 -19.25 64.10 -6.34
C PRO A 1126 -20.75 64.09 -6.67
N SER A 1127 -21.27 62.95 -7.13
CA SER A 1127 -22.72 62.79 -7.42
C SER A 1127 -23.18 63.63 -8.62
N ASN A 1128 -22.60 64.83 -8.82
CA ASN A 1128 -23.10 65.68 -9.90
C ASN A 1128 -21.89 66.23 -10.62
N HIS A 1129 -22.13 66.83 -11.77
CA HIS A 1129 -21.03 67.38 -12.52
C HIS A 1129 -21.55 68.42 -13.49
N ILE A 1130 -20.82 69.53 -13.59
CA ILE A 1130 -21.19 70.65 -14.43
C ILE A 1130 -19.97 71.06 -15.23
N GLU A 1131 -20.15 71.30 -16.54
CA GLU A 1131 -18.99 71.65 -17.42
C GLU A 1131 -18.81 73.17 -17.47
N VAL A 1132 -17.80 73.69 -16.76
CA VAL A 1132 -17.56 75.17 -16.72
C VAL A 1132 -16.21 75.48 -17.36
N VAL A 1133 -16.16 76.47 -18.26
CA VAL A 1133 -14.90 76.82 -18.99
C VAL A 1133 -13.84 77.38 -18.03
N SER A 1134 -12.56 77.03 -18.25
CA SER A 1134 -11.45 77.60 -17.44
C SER A 1134 -10.42 78.21 -18.40
N ALA A 1135 -9.89 79.40 -18.09
CA ALA A 1135 -8.98 80.10 -19.04
C ALA A 1135 -7.50 79.86 -18.73
N TYR A 1136 -7.17 78.92 -17.81
CA TYR A 1136 -5.77 78.65 -17.40
C TYR A 1136 -5.20 79.81 -16.58
N GLY A 1137 -6.09 80.62 -15.98
CA GLY A 1137 -5.64 81.76 -15.15
C GLY A 1137 -5.52 83.05 -15.93
N LEU A 1138 -5.31 84.17 -15.23
CA LEU A 1138 -5.19 85.49 -15.88
C LEU A 1138 -3.70 85.77 -16.14
N CYS A 1139 -3.40 86.67 -17.09
CA CYS A 1139 -1.98 87.07 -17.31
C CYS A 1139 -1.86 88.59 -17.34
N ASP A 1140 -0.84 89.13 -16.67
CA ASP A 1140 -0.59 90.59 -16.62
C ASP A 1140 0.87 90.73 -16.18
N ALA A 1141 1.30 91.91 -15.77
CA ALA A 1141 2.67 92.00 -15.21
C ALA A 1141 2.70 91.03 -14.03
N ALA A 1142 1.62 90.97 -13.25
CA ALA A 1142 1.50 89.97 -12.17
C ALA A 1142 0.37 89.00 -12.55
N ASN A 1143 0.65 87.70 -12.63
CA ASN A 1143 -0.38 86.73 -13.10
C ASN A 1143 -0.62 85.64 -12.06
N PRO A 1144 -1.89 85.27 -11.73
CA PRO A 1144 -2.18 84.14 -10.82
C PRO A 1144 -1.98 82.77 -11.52
N THR A 1145 -1.48 81.78 -11.03
CA THR A 1145 -1.26 80.50 -11.77
C THR A 1145 -2.58 79.72 -11.87
N ASN A 1146 -2.62 78.69 -12.54
CA ASN A 1146 -3.82 77.85 -12.82
C ASN A 1146 -3.79 76.57 -11.98
N CYS A 1147 -2.61 75.99 -11.73
CA CYS A 1147 -2.52 74.69 -11.01
C CYS A 1147 -3.05 74.86 -9.58
N ILE A 1148 -2.23 75.37 -8.65
CA ILE A 1148 -2.76 75.67 -7.33
C ILE A 1148 -3.40 77.05 -7.38
N ALA A 1149 -4.70 77.12 -7.04
CA ALA A 1149 -5.43 78.40 -7.14
C ALA A 1149 -6.79 78.22 -6.44
N PRO A 1150 -7.49 79.30 -6.02
CA PRO A 1150 -8.83 79.12 -5.46
C PRO A 1150 -9.66 78.56 -6.61
N VAL A 1151 -10.42 77.50 -6.37
CA VAL A 1151 -11.21 76.87 -7.47
C VAL A 1151 -12.52 77.63 -7.58
N ASN A 1152 -12.42 78.94 -7.83
CA ASN A 1152 -13.64 79.79 -7.86
C ASN A 1152 -13.22 81.18 -8.35
N GLY A 1153 -14.17 82.08 -8.62
CA GLY A 1153 -13.77 83.47 -8.95
C GLY A 1153 -14.57 84.16 -10.03
N TYR A 1154 -14.91 83.48 -11.13
CA TYR A 1154 -15.59 84.17 -12.26
C TYR A 1154 -14.78 85.43 -12.59
N PHE A 1155 -13.46 85.27 -12.74
CA PHE A 1155 -12.60 86.47 -12.93
C PHE A 1155 -12.99 87.23 -14.19
N ILE A 1156 -13.28 86.52 -15.29
CA ILE A 1156 -13.78 87.24 -16.51
C ILE A 1156 -14.93 86.48 -17.15
N LYS A 1157 -14.68 85.30 -17.73
CA LYS A 1157 -15.74 84.58 -18.48
C LYS A 1157 -16.43 83.53 -17.60
N THR A 1158 -15.67 82.75 -16.83
CA THR A 1158 -16.28 81.62 -16.07
C THR A 1158 -15.57 81.40 -14.72
N ASN A 1159 -16.32 80.48 -13.87
CA ASN A 1159 -15.81 80.29 -12.49
C ASN A 1159 -15.10 78.94 -12.30
N ASN A 1160 -14.41 78.65 -11.27
CA ASN A 1160 -13.79 77.31 -10.99
C ASN A 1160 -12.46 77.08 -11.73
N THR A 1161 -11.42 76.54 -11.00
CA THR A 1161 -10.19 76.10 -11.71
C THR A 1161 -10.16 74.56 -11.76
N ARG A 1162 -9.85 73.89 -10.63
CA ARG A 1162 -9.77 72.40 -10.61
C ARG A 1162 -10.23 71.84 -9.26
N ILE A 1163 -11.31 71.03 -9.23
CA ILE A 1163 -11.84 70.32 -8.01
C ILE A 1163 -12.36 71.15 -6.83
N VAL A 1164 -13.57 71.11 -6.48
CA VAL A 1164 -14.16 71.74 -5.26
C VAL A 1164 -15.50 71.03 -5.05
N ASP A 1165 -15.96 70.76 -3.91
CA ASP A 1165 -17.11 69.89 -3.61
C ASP A 1165 -18.39 70.50 -4.19
N GLU A 1166 -18.54 71.83 -4.12
CA GLU A 1166 -19.75 72.50 -4.62
C GLU A 1166 -19.38 73.45 -5.77
N TRP A 1167 -20.26 74.44 -6.06
CA TRP A 1167 -20.10 75.38 -7.21
C TRP A 1167 -18.93 76.36 -7.00
N SER A 1168 -19.17 77.65 -6.98
CA SER A 1168 -18.06 78.64 -6.92
C SER A 1168 -18.32 79.82 -5.97
N TYR A 1169 -17.24 80.51 -5.55
CA TYR A 1169 -17.33 81.70 -4.67
C TYR A 1169 -16.38 82.75 -5.28
N THR A 1170 -16.47 84.02 -4.87
CA THR A 1170 -15.49 85.02 -5.40
C THR A 1170 -14.05 84.56 -5.13
N GLY A 1171 -13.14 84.72 -6.10
CA GLY A 1171 -11.76 84.35 -5.93
C GLY A 1171 -11.18 84.90 -4.67
N SER A 1172 -10.82 84.01 -3.73
CA SER A 1172 -10.25 84.45 -2.46
C SER A 1172 -8.90 85.15 -2.68
N SER A 1173 -8.07 84.60 -3.57
CA SER A 1173 -6.73 85.03 -3.90
C SER A 1173 -5.74 84.62 -2.83
N PHE A 1174 -6.17 83.87 -1.82
CA PHE A 1174 -5.23 83.27 -0.89
C PHE A 1174 -4.55 82.06 -1.51
N TYR A 1175 -5.28 81.26 -2.28
CA TYR A 1175 -4.69 80.04 -2.82
C TYR A 1175 -4.01 80.28 -4.17
N ALA A 1176 -3.99 81.53 -4.64
CA ALA A 1176 -3.40 81.87 -5.93
C ALA A 1176 -1.98 82.38 -5.75
N PRO A 1177 -0.95 81.65 -6.20
CA PRO A 1177 0.41 82.20 -6.19
C PRO A 1177 0.70 82.94 -7.48
N GLU A 1178 1.87 83.55 -7.51
CA GLU A 1178 2.26 84.34 -8.66
C GLU A 1178 3.38 83.66 -9.42
N PRO A 1179 3.09 82.99 -10.51
CA PRO A 1179 4.12 82.25 -11.24
C PRO A 1179 4.67 83.05 -12.40
N ILE A 1180 5.52 82.40 -13.18
CA ILE A 1180 6.01 82.98 -14.41
C ILE A 1180 4.94 82.91 -15.49
N THR A 1181 5.08 83.75 -16.50
CA THR A 1181 4.11 83.82 -17.56
C THR A 1181 4.18 82.59 -18.48
N SER A 1182 3.14 82.37 -19.28
CA SER A 1182 3.22 81.26 -20.28
C SER A 1182 2.74 81.74 -21.66
N LEU A 1183 2.17 80.84 -22.47
CA LEU A 1183 1.76 81.19 -23.86
C LEU A 1183 0.42 81.96 -23.87
N ASN A 1184 0.04 82.53 -25.02
CA ASN A 1184 -1.27 83.22 -25.15
C ASN A 1184 -1.39 84.35 -24.13
N THR A 1185 -0.66 85.46 -24.31
CA THR A 1185 -0.62 86.56 -23.31
C THR A 1185 -2.03 87.07 -23.00
N LYS A 1186 -2.29 87.49 -21.75
CA LYS A 1186 -3.63 87.92 -21.25
C LYS A 1186 -4.25 86.71 -20.54
N TYR A 1187 -3.68 85.52 -20.76
CA TYR A 1187 -4.10 84.30 -20.02
C TYR A 1187 -2.80 83.52 -19.76
N VAL A 1188 -2.71 82.77 -18.66
CA VAL A 1188 -1.45 81.99 -18.49
C VAL A 1188 -1.38 80.97 -19.63
N ALA A 1189 -2.51 80.33 -19.96
CA ALA A 1189 -2.56 79.35 -21.08
C ALA A 1189 -1.20 78.68 -21.29
N TYR B 1 12.73 -32.89 -40.51
CA TYR B 1 14.09 -33.00 -41.05
C TYR B 1 14.06 -32.83 -42.55
N VAL B 2 14.43 -31.65 -43.01
CA VAL B 2 14.30 -31.28 -44.40
C VAL B 2 15.44 -31.89 -45.21
N ASP B 3 15.18 -32.13 -46.49
CA ASP B 3 16.20 -32.62 -47.41
C ASP B 3 16.93 -31.43 -48.01
N VAL B 4 18.23 -31.32 -47.72
CA VAL B 4 19.02 -30.22 -48.25
C VAL B 4 19.65 -30.58 -49.59
N GLY B 5 19.93 -31.85 -49.83
CA GLY B 5 20.57 -32.28 -51.04
C GLY B 5 21.58 -33.37 -50.79
N PRO B 6 22.25 -33.82 -51.84
CA PRO B 6 23.25 -34.88 -51.69
C PRO B 6 24.48 -34.39 -50.95
N ASP B 7 25.15 -35.31 -50.26
CA ASP B 7 26.38 -34.96 -49.58
C ASP B 7 27.47 -34.64 -50.61
N SER B 8 28.66 -34.29 -50.11
CA SER B 8 29.80 -34.03 -50.96
C SER B 8 30.60 -35.30 -51.10
N VAL B 9 30.99 -35.62 -52.34
CA VAL B 9 31.62 -36.90 -52.64
C VAL B 9 33.14 -36.83 -52.64
N LYS B 10 33.73 -35.65 -52.77
CA LYS B 10 35.17 -35.54 -52.90
C LYS B 10 35.86 -35.97 -51.61
N SER B 11 36.97 -36.69 -51.77
CA SER B 11 37.66 -37.25 -50.61
C SER B 11 38.32 -36.16 -49.78
N ALA B 12 39.07 -35.26 -50.41
CA ALA B 12 39.87 -34.29 -49.71
C ALA B 12 39.32 -32.88 -49.90
N CYS B 13 39.51 -32.05 -48.88
CA CYS B 13 39.10 -30.66 -48.90
C CYS B 13 40.26 -29.81 -49.40
N ILE B 14 39.93 -28.69 -50.05
CA ILE B 14 40.98 -27.82 -50.58
C ILE B 14 41.82 -27.25 -49.44
N GLU B 15 43.11 -27.02 -49.71
CA GLU B 15 43.99 -26.46 -48.71
C GLU B 15 43.71 -24.99 -48.49
N VAL B 16 44.02 -24.52 -47.28
CA VAL B 16 43.71 -23.17 -46.85
C VAL B 16 44.91 -22.59 -46.11
N ASP B 17 45.18 -21.30 -46.32
CA ASP B 17 46.23 -20.58 -45.64
C ASP B 17 45.66 -19.56 -44.67
N ILE B 18 46.39 -19.32 -43.60
CA ILE B 18 45.99 -18.35 -42.59
C ILE B 18 47.16 -17.38 -42.45
N GLN B 19 47.16 -16.33 -43.26
CA GLN B 19 48.08 -15.20 -43.05
C GLN B 19 47.32 -14.04 -42.40
N GLN B 20 47.11 -14.20 -41.09
CA GLN B 20 46.43 -13.16 -40.34
C GLN B 20 47.15 -11.83 -40.45
N THR B 21 48.44 -11.84 -40.79
CA THR B 21 49.17 -10.59 -40.93
C THR B 21 48.76 -9.83 -42.17
N PHE B 22 48.22 -10.52 -43.17
CA PHE B 22 47.83 -9.82 -44.39
C PHE B 22 46.55 -9.04 -44.20
N PHE B 23 45.71 -9.47 -43.26
CA PHE B 23 44.40 -8.88 -43.04
C PHE B 23 44.40 -7.80 -41.97
N ASP B 24 45.50 -7.61 -41.26
CA ASP B 24 45.56 -6.63 -40.20
C ASP B 24 45.67 -5.22 -40.76
N LYS B 25 44.54 -4.55 -40.93
CA LYS B 25 44.51 -3.16 -41.39
C LYS B 25 43.79 -2.32 -40.35
N THR B 26 43.90 -1.01 -40.51
CA THR B 26 43.18 -0.06 -39.66
C THR B 26 42.38 0.86 -40.58
N TRP B 27 41.10 0.57 -40.71
CA TRP B 27 40.17 1.37 -41.51
C TRP B 27 39.00 1.72 -40.60
N PRO B 28 39.17 2.67 -39.70
CA PRO B 28 38.14 2.94 -38.70
C PRO B 28 36.87 3.45 -39.35
N ARG B 29 35.75 2.79 -39.02
CA ARG B 29 34.42 3.27 -39.40
C ARG B 29 33.53 3.16 -38.17
N PRO B 30 33.78 3.99 -37.17
CA PRO B 30 33.04 3.86 -35.92
C PRO B 30 31.59 4.24 -36.07
N ILE B 31 30.76 3.68 -35.20
CA ILE B 31 29.36 4.08 -35.12
C ILE B 31 29.28 5.54 -34.74
N ASP B 32 28.48 6.30 -35.47
CA ASP B 32 28.08 7.61 -34.99
C ASP B 32 26.59 7.77 -35.19
N VAL B 33 25.87 8.00 -34.10
CA VAL B 33 24.41 8.08 -34.15
C VAL B 33 23.92 9.41 -34.68
N SER B 34 24.80 10.38 -34.88
CA SER B 34 24.37 11.65 -35.43
C SER B 34 23.86 11.53 -36.85
N LYS B 35 24.12 10.41 -37.52
CA LYS B 35 23.51 10.11 -38.80
C LYS B 35 22.87 8.72 -38.77
N ALA B 36 22.48 8.26 -37.59
CA ALA B 36 21.72 7.04 -37.40
C ALA B 36 22.41 5.84 -38.05
N ASP B 37 23.59 5.51 -37.52
CA ASP B 37 24.31 4.34 -37.95
C ASP B 37 23.87 3.14 -37.13
N GLY B 38 23.47 2.06 -37.80
CA GLY B 38 23.08 0.82 -37.10
C GLY B 38 21.92 1.04 -36.14
N ILE B 39 20.78 1.50 -36.65
CA ILE B 39 19.57 1.69 -35.79
C ILE B 39 18.48 0.71 -36.21
N ILE B 40 17.93 -0.03 -35.24
CA ILE B 40 16.80 -0.96 -35.54
C ILE B 40 15.49 -0.22 -35.29
N TYR B 41 14.58 -0.21 -36.27
CA TYR B 41 13.31 0.54 -36.15
C TYR B 41 12.36 -0.12 -35.14
N PRO B 42 11.44 0.62 -34.48
CA PRO B 42 10.45 0.00 -33.60
C PRO B 42 9.70 -1.08 -34.40
N GLN B 43 9.47 -2.24 -33.79
CA GLN B 43 8.90 -3.38 -34.55
C GLN B 43 7.50 -3.11 -35.13
N GLY B 44 6.57 -2.51 -34.38
CA GLY B 44 5.20 -2.37 -34.89
C GLY B 44 4.72 -0.96 -35.10
N ARG B 45 5.52 0.04 -34.71
CA ARG B 45 5.10 1.43 -34.82
C ARG B 45 5.81 2.11 -35.97
N THR B 46 5.26 3.25 -36.37
CA THR B 46 6.00 4.29 -37.06
C THR B 46 5.55 5.63 -36.49
N TYR B 47 6.30 6.68 -36.79
CA TYR B 47 6.02 7.99 -36.25
C TYR B 47 6.25 9.04 -37.32
N SER B 48 6.06 10.30 -36.94
CA SER B 48 6.20 11.45 -37.84
C SER B 48 7.12 12.44 -37.14
N ASN B 49 7.04 13.72 -37.53
CA ASN B 49 7.99 14.75 -37.12
C ASN B 49 8.53 14.65 -35.70
N ILE B 50 7.79 14.00 -34.80
CA ILE B 50 8.11 13.95 -33.38
C ILE B 50 9.52 13.44 -33.11
N THR B 51 10.04 13.81 -31.94
CA THR B 51 11.30 13.33 -31.41
C THR B 51 11.03 12.70 -30.05
N ILE B 52 11.44 11.45 -29.85
CA ILE B 52 11.12 10.76 -28.61
C ILE B 52 12.31 9.96 -28.10
N THR B 53 12.27 9.65 -26.81
CA THR B 53 13.20 8.68 -26.27
C THR B 53 12.63 7.30 -26.47
N TYR B 54 13.53 6.33 -26.62
CA TYR B 54 13.14 4.97 -26.93
C TYR B 54 14.24 4.06 -26.44
N GLN B 55 13.86 2.99 -25.77
CA GLN B 55 14.85 2.08 -25.21
C GLN B 55 14.75 0.74 -25.88
N GLY B 56 15.86 0.28 -26.40
CA GLY B 56 15.90 -0.95 -27.16
C GLY B 56 17.29 -1.50 -27.18
N LEU B 57 17.63 -2.17 -28.27
CA LEU B 57 18.95 -2.76 -28.46
C LEU B 57 19.69 -1.94 -29.48
N PHE B 58 20.79 -1.33 -29.06
CA PHE B 58 21.50 -0.39 -29.92
C PHE B 58 22.99 -0.62 -29.82
N PRO B 59 23.83 -0.21 -30.81
CA PRO B 59 25.29 -0.27 -30.64
C PRO B 59 25.73 1.03 -29.95
N TYR B 60 26.70 0.98 -29.04
CA TYR B 60 27.07 2.20 -28.29
C TYR B 60 27.74 3.21 -29.23
N GLN B 61 27.53 4.51 -28.98
CA GLN B 61 28.07 5.58 -29.87
C GLN B 61 29.60 5.53 -29.91
N GLY B 62 30.19 5.70 -31.10
CA GLY B 62 31.62 5.74 -31.23
C GLY B 62 32.29 4.38 -31.24
N ASP B 63 31.53 3.31 -31.20
CA ASP B 63 32.12 1.97 -31.17
C ASP B 63 32.76 1.67 -32.51
N HIS B 64 33.92 1.04 -32.47
CA HIS B 64 34.65 0.67 -33.68
C HIS B 64 34.28 -0.70 -34.20
N GLY B 65 33.75 -1.58 -33.37
CA GLY B 65 33.37 -2.88 -33.85
C GLY B 65 34.59 -3.71 -34.21
N ASP B 66 34.32 -4.77 -34.98
CA ASP B 66 35.36 -5.65 -35.49
C ASP B 66 35.30 -5.64 -37.00
N MET B 67 36.45 -5.43 -37.64
CA MET B 67 36.53 -5.40 -39.09
C MET B 67 36.92 -6.77 -39.61
N TYR B 68 36.25 -7.20 -40.67
CA TYR B 68 36.57 -8.45 -41.33
C TYR B 68 36.68 -8.18 -42.82
N VAL B 69 37.50 -8.98 -43.48
CA VAL B 69 37.77 -8.75 -44.90
C VAL B 69 38.02 -10.09 -45.57
N TYR B 70 37.56 -10.20 -46.81
CA TYR B 70 37.67 -11.40 -47.63
C TYR B 70 38.62 -11.15 -48.79
N SER B 71 39.21 -12.22 -49.31
CA SER B 71 40.25 -12.08 -50.31
C SER B 71 40.19 -13.20 -51.33
N ALA B 72 40.89 -13.01 -52.44
CA ALA B 72 41.07 -14.06 -53.42
C ALA B 72 42.01 -15.14 -52.87
N GLY B 73 42.08 -16.26 -53.57
CA GLY B 73 42.94 -17.35 -53.19
C GLY B 73 44.23 -17.39 -53.98
N HIS B 74 45.10 -18.33 -53.62
CA HIS B 74 46.30 -18.55 -54.40
C HIS B 74 45.94 -18.82 -55.84
N ALA B 75 46.45 -18.01 -56.74
CA ALA B 75 46.30 -18.29 -58.15
C ALA B 75 47.64 -18.18 -58.85
N THR B 76 47.95 -19.18 -59.65
CA THR B 76 49.05 -19.06 -60.59
C THR B 76 48.50 -18.34 -61.81
N GLY B 77 49.17 -18.46 -62.96
CA GLY B 77 48.73 -17.78 -64.20
C GLY B 77 47.23 -17.85 -64.41
N THR B 78 46.72 -19.00 -64.87
CA THR B 78 45.27 -19.16 -65.13
C THR B 78 44.66 -20.21 -64.19
N THR B 79 45.42 -20.72 -63.23
CA THR B 79 44.95 -21.84 -62.38
C THR B 79 44.77 -21.43 -60.90
N PRO B 80 43.59 -21.52 -60.26
CA PRO B 80 43.44 -21.25 -58.83
C PRO B 80 43.97 -22.42 -57.97
N GLN B 81 44.48 -22.12 -56.76
CA GLN B 81 45.06 -23.16 -55.89
C GLN B 81 44.48 -23.07 -54.47
N LYS B 82 45.36 -22.93 -53.45
CA LYS B 82 44.90 -22.91 -52.03
C LYS B 82 44.09 -21.64 -51.72
N LEU B 83 43.09 -21.74 -50.85
CA LEU B 83 42.26 -20.58 -50.46
C LEU B 83 43.04 -19.68 -49.48
N PHE B 84 42.71 -18.38 -49.44
CA PHE B 84 43.35 -17.46 -48.45
C PHE B 84 42.30 -17.01 -47.43
N VAL B 85 42.56 -17.26 -46.14
CA VAL B 85 41.59 -16.88 -45.07
C VAL B 85 42.34 -16.35 -43.85
N ALA B 86 41.63 -15.72 -42.90
CA ALA B 86 42.29 -15.26 -41.67
C ALA B 86 42.05 -16.27 -40.53
N ASN B 87 42.03 -15.80 -39.28
CA ASN B 87 41.82 -16.71 -38.12
C ASN B 87 40.38 -16.57 -37.62
N TYR B 88 39.48 -16.02 -38.45
CA TYR B 88 38.10 -15.75 -38.00
C TYR B 88 37.41 -17.06 -37.58
N SER B 89 37.61 -18.14 -38.34
CA SER B 89 36.93 -19.42 -38.02
C SER B 89 37.39 -19.94 -36.65
N GLN B 90 38.71 -19.89 -36.39
CA GLN B 90 39.25 -20.36 -35.08
C GLN B 90 38.75 -19.46 -33.95
N ASP B 91 38.69 -18.15 -34.18
CA ASP B 91 38.25 -17.19 -33.13
C ASP B 91 36.78 -17.47 -32.80
N VAL B 92 36.43 -17.44 -31.51
CA VAL B 92 35.03 -17.68 -31.08
C VAL B 92 34.52 -16.42 -30.36
N LYS B 93 33.50 -15.76 -30.90
CA LYS B 93 32.95 -14.53 -30.28
C LYS B 93 31.66 -14.91 -29.55
N GLN B 94 31.09 -13.99 -28.76
CA GLN B 94 29.91 -14.35 -27.94
C GLN B 94 28.67 -13.57 -28.40
N PHE B 95 27.56 -14.27 -28.63
CA PHE B 95 26.29 -13.62 -29.05
C PHE B 95 25.55 -13.15 -27.79
N ALA B 96 26.07 -12.11 -27.12
CA ALA B 96 25.45 -11.67 -25.84
C ALA B 96 24.03 -11.14 -26.06
N ASN B 97 23.84 -10.28 -27.07
CA ASN B 97 22.50 -9.70 -27.34
C ASN B 97 22.31 -9.50 -28.86
N GLY B 98 23.13 -10.18 -29.67
CA GLY B 98 23.06 -9.99 -31.13
C GLY B 98 23.99 -8.90 -31.62
N PHE B 99 24.07 -8.66 -32.93
CA PHE B 99 25.02 -7.68 -33.48
C PHE B 99 24.50 -7.05 -34.77
N VAL B 100 25.05 -5.89 -35.16
CA VAL B 100 24.66 -5.22 -36.43
C VAL B 100 25.88 -5.17 -37.35
N VAL B 101 25.70 -5.42 -38.65
CA VAL B 101 26.87 -5.51 -39.59
C VAL B 101 26.81 -4.39 -40.62
N ARG B 102 27.92 -3.66 -40.82
CA ARG B 102 27.98 -2.62 -41.88
C ARG B 102 28.52 -3.30 -43.14
N ILE B 103 27.82 -3.21 -44.28
CA ILE B 103 28.25 -3.97 -45.49
C ILE B 103 28.52 -3.03 -46.66
N GLY B 104 29.63 -3.21 -47.38
CA GLY B 104 29.94 -2.40 -48.58
C GLY B 104 30.07 -0.91 -48.31
N ALA B 105 30.71 -0.53 -47.20
CA ALA B 105 30.94 0.91 -46.90
C ALA B 105 32.04 1.46 -47.80
N ALA B 106 33.05 0.64 -48.13
CA ALA B 106 34.17 1.11 -48.93
C ALA B 106 33.95 0.94 -50.42
N ALA B 107 32.84 0.35 -50.84
CA ALA B 107 32.59 0.14 -52.26
C ALA B 107 32.46 1.47 -52.98
N ASN B 108 32.55 1.41 -54.31
CA ASN B 108 32.52 2.56 -55.22
C ASN B 108 33.79 3.39 -55.07
N SER B 109 34.82 2.87 -54.42
CA SER B 109 36.10 3.53 -54.36
C SER B 109 37.18 2.53 -54.74
N THR B 110 38.37 3.04 -55.07
CA THR B 110 39.48 2.14 -55.49
C THR B 110 40.51 2.03 -54.36
N GLY B 111 40.84 0.81 -53.94
CA GLY B 111 41.83 0.60 -52.88
C GLY B 111 42.77 -0.53 -53.22
N THR B 112 43.98 -0.52 -52.66
CA THR B 112 44.94 -1.63 -52.91
C THR B 112 44.33 -2.93 -52.36
N VAL B 113 44.43 -4.02 -53.13
CA VAL B 113 43.89 -5.33 -52.66
C VAL B 113 44.73 -5.76 -51.44
N ILE B 114 44.07 -6.28 -50.40
CA ILE B 114 44.78 -6.69 -49.16
C ILE B 114 45.76 -7.82 -49.49
N ILE B 115 45.33 -8.79 -50.30
CA ILE B 115 46.17 -9.98 -50.62
C ILE B 115 47.42 -9.54 -51.40
N SER B 116 47.27 -8.65 -52.39
CA SER B 116 48.45 -8.13 -53.12
C SER B 116 48.42 -6.60 -53.00
N PRO B 117 49.23 -5.99 -52.11
CA PRO B 117 49.19 -4.54 -51.90
C PRO B 117 49.59 -3.77 -53.18
N SER B 118 50.56 -4.29 -53.94
CA SER B 118 50.99 -3.61 -55.19
C SER B 118 49.80 -3.54 -56.16
N THR B 119 49.01 -4.61 -56.26
CA THR B 119 47.81 -4.59 -57.13
C THR B 119 46.74 -3.66 -56.51
N SER B 120 46.08 -2.85 -57.33
CA SER B 120 44.99 -1.97 -56.83
C SER B 120 43.71 -2.25 -57.64
N ALA B 121 42.58 -2.45 -56.95
CA ALA B 121 41.31 -2.75 -57.66
C ALA B 121 40.17 -1.92 -57.04
N THR B 122 39.15 -1.58 -57.85
CA THR B 122 37.99 -0.83 -57.33
C THR B 122 37.29 -1.68 -56.25
N ILE B 123 37.14 -1.13 -55.05
CA ILE B 123 36.47 -1.86 -53.96
C ILE B 123 35.06 -2.25 -54.39
N ARG B 124 34.68 -3.48 -54.08
CA ARG B 124 33.34 -3.95 -54.41
C ARG B 124 32.73 -4.66 -53.22
N LYS B 125 31.41 -4.67 -53.18
CA LYS B 125 30.68 -5.14 -52.00
C LYS B 125 30.63 -6.65 -51.95
N ILE B 126 30.78 -7.20 -50.75
CA ILE B 126 30.68 -8.63 -50.51
C ILE B 126 29.85 -8.86 -49.25
N TYR B 127 29.31 -10.05 -49.12
CA TYR B 127 28.43 -10.28 -47.99
C TYR B 127 29.03 -11.26 -46.99
N PRO B 128 28.83 -11.03 -45.70
CA PRO B 128 29.42 -11.89 -44.69
C PRO B 128 28.69 -13.23 -44.57
N ALA B 129 29.32 -14.15 -43.87
CA ALA B 129 28.75 -15.45 -43.56
C ALA B 129 29.04 -15.77 -42.10
N PHE B 130 28.05 -16.32 -41.40
CA PHE B 130 28.17 -16.54 -39.97
C PHE B 130 27.76 -17.95 -39.59
N MET B 131 28.40 -18.45 -38.54
CA MET B 131 28.01 -19.66 -37.85
C MET B 131 27.65 -19.28 -36.43
N LEU B 132 26.48 -19.71 -35.97
CA LEU B 132 26.01 -19.36 -34.64
C LEU B 132 25.55 -20.62 -33.94
N GLY B 133 25.86 -20.71 -32.65
CA GLY B 133 25.50 -21.93 -31.95
C GLY B 133 25.49 -21.73 -30.46
N SER B 134 25.15 -22.81 -29.75
CA SER B 134 25.02 -22.80 -28.31
C SER B 134 26.14 -23.53 -27.59
N SER B 135 26.93 -24.33 -28.29
CA SER B 135 28.02 -25.06 -27.66
C SER B 135 29.24 -25.03 -28.57
N VAL B 136 30.40 -24.81 -27.97
CA VAL B 136 31.65 -24.68 -28.71
C VAL B 136 32.70 -25.57 -28.07
N GLY B 137 33.56 -26.15 -28.90
CA GLY B 137 34.71 -26.89 -28.45
C GLY B 137 35.80 -26.77 -29.49
N ASN B 138 36.90 -27.48 -29.24
CA ASN B 138 37.94 -27.58 -30.25
C ASN B 138 37.73 -28.84 -31.09
N PHE B 139 38.47 -28.92 -32.18
CA PHE B 139 38.48 -30.11 -33.01
C PHE B 139 39.34 -31.17 -32.35
N SER B 140 39.65 -32.23 -33.09
CA SER B 140 40.57 -33.25 -32.59
C SER B 140 41.93 -32.65 -32.30
N ASP B 141 42.39 -31.75 -33.15
CA ASP B 141 43.73 -31.19 -33.06
C ASP B 141 43.88 -30.16 -31.96
N GLY B 142 42.81 -29.85 -31.22
CA GLY B 142 42.84 -28.75 -30.30
C GLY B 142 42.58 -27.40 -30.92
N LYS B 143 42.34 -27.36 -32.23
CA LYS B 143 41.98 -26.13 -32.90
C LYS B 143 40.60 -25.69 -32.46
N MET B 144 40.51 -24.49 -31.91
CA MET B 144 39.22 -23.93 -31.51
C MET B 144 38.30 -23.84 -32.73
N GLY B 145 37.00 -23.81 -32.47
CA GLY B 145 36.06 -23.51 -33.53
C GLY B 145 35.15 -24.63 -33.99
N ARG B 146 34.70 -25.48 -33.09
CA ARG B 146 33.77 -26.55 -33.42
C ARG B 146 32.44 -26.29 -32.74
N PHE B 147 31.37 -26.37 -33.51
CA PHE B 147 30.01 -26.20 -33.01
C PHE B 147 29.35 -27.56 -32.92
N PHE B 148 28.95 -27.95 -31.71
CA PHE B 148 28.62 -29.36 -31.48
C PHE B 148 27.23 -29.74 -31.97
N ASN B 149 26.19 -29.19 -31.35
CA ASN B 149 24.83 -29.62 -31.62
C ASN B 149 24.28 -28.82 -32.79
N HIS B 150 22.94 -28.77 -32.89
CA HIS B 150 22.27 -28.00 -33.96
C HIS B 150 22.80 -26.57 -33.95
N THR B 151 23.40 -26.11 -35.06
CA THR B 151 23.99 -24.75 -35.15
C THR B 151 23.41 -24.02 -36.36
N LEU B 152 22.98 -22.77 -36.19
CA LEU B 152 22.45 -21.96 -37.31
C LEU B 152 23.62 -21.50 -38.20
N VAL B 153 23.51 -21.68 -39.52
CA VAL B 153 24.58 -21.22 -40.45
C VAL B 153 23.95 -20.29 -41.49
N LEU B 154 24.49 -19.08 -41.66
CA LEU B 154 24.00 -18.16 -42.72
C LEU B 154 25.14 -17.95 -43.72
N LEU B 155 24.91 -18.21 -45.01
CA LEU B 155 25.97 -17.93 -46.02
C LEU B 155 25.37 -17.31 -47.29
N PRO B 156 26.05 -16.33 -47.94
CA PRO B 156 25.58 -15.79 -49.22
C PRO B 156 25.91 -16.78 -50.34
N ASP B 157 25.15 -16.73 -51.44
CA ASP B 157 25.37 -17.67 -52.58
C ASP B 157 25.11 -16.92 -53.89
N GLY B 158 25.53 -17.51 -55.02
CA GLY B 158 25.30 -16.88 -56.34
C GLY B 158 25.94 -15.51 -56.44
N CYS B 159 27.16 -15.34 -55.93
CA CYS B 159 27.90 -14.04 -56.01
C CYS B 159 27.09 -12.92 -55.35
N GLY B 160 26.44 -13.21 -54.22
CA GLY B 160 25.72 -12.17 -53.48
C GLY B 160 24.33 -11.90 -54.01
N THR B 161 23.65 -12.91 -54.57
CA THR B 161 22.29 -12.72 -55.03
C THR B 161 21.26 -13.41 -54.14
N LEU B 162 21.67 -14.33 -53.27
CA LEU B 162 20.71 -14.88 -52.33
C LEU B 162 21.40 -15.14 -51.01
N LEU B 163 20.58 -15.31 -49.99
CA LEU B 163 21.04 -15.67 -48.65
C LEU B 163 20.34 -16.95 -48.23
N ARG B 164 21.08 -17.86 -47.63
CA ARG B 164 20.51 -19.10 -47.14
C ARG B 164 20.75 -19.22 -45.65
N ALA B 165 19.70 -19.60 -44.94
CA ALA B 165 19.78 -19.79 -43.49
C ALA B 165 19.33 -21.20 -43.17
N PHE B 166 20.12 -21.92 -42.38
CA PHE B 166 19.69 -23.26 -42.03
C PHE B 166 20.24 -23.68 -40.69
N TYR B 167 19.50 -24.54 -40.00
CA TYR B 167 19.80 -24.92 -38.62
C TYR B 167 20.08 -26.40 -38.59
N CYS B 168 21.34 -26.78 -38.82
CA CYS B 168 21.70 -28.17 -39.03
C CYS B 168 22.67 -28.64 -37.95
N ILE B 169 22.96 -29.93 -37.96
CA ILE B 169 24.03 -30.50 -37.15
C ILE B 169 25.21 -30.73 -38.07
N LEU B 170 26.35 -30.17 -37.72
CA LEU B 170 27.53 -30.22 -38.56
C LEU B 170 28.51 -31.23 -37.98
N GLU B 171 28.84 -32.25 -38.76
CA GLU B 171 29.86 -33.18 -38.35
C GLU B 171 31.02 -33.09 -39.33
N PRO B 172 32.25 -33.00 -38.84
CA PRO B 172 33.38 -32.82 -39.75
C PRO B 172 33.62 -34.05 -40.61
N ARG B 173 34.58 -33.97 -41.51
CA ARG B 173 34.86 -35.04 -42.45
C ARG B 173 36.32 -35.42 -42.38
N SER B 174 36.60 -36.67 -42.72
CA SER B 174 37.89 -37.29 -42.44
C SER B 174 38.87 -37.23 -43.61
N GLY B 175 38.50 -36.58 -44.71
CA GLY B 175 39.43 -36.46 -45.81
C GLY B 175 40.60 -35.56 -45.48
N ASN B 176 41.54 -35.49 -46.42
CA ASN B 176 42.68 -34.59 -46.25
C ASN B 176 42.21 -33.15 -46.18
N HIS B 177 42.68 -32.44 -45.16
CA HIS B 177 42.38 -31.03 -44.93
C HIS B 177 40.95 -30.83 -44.46
N CYS B 178 40.16 -31.87 -44.46
CA CYS B 178 38.84 -31.72 -43.89
C CYS B 178 38.94 -31.78 -42.37
N PRO B 179 38.08 -31.03 -41.66
CA PRO B 179 38.36 -30.77 -40.24
C PRO B 179 38.46 -32.01 -39.36
N ALA B 180 37.80 -33.11 -39.70
CA ALA B 180 38.04 -34.33 -38.95
C ALA B 180 39.21 -35.14 -39.49
N GLY B 181 39.73 -34.77 -40.66
CA GLY B 181 40.83 -35.48 -41.27
C GLY B 181 42.18 -34.93 -40.83
N ASN B 182 43.19 -35.26 -41.61
CA ASN B 182 44.56 -34.88 -41.31
C ASN B 182 44.99 -33.68 -42.16
N SER B 183 46.04 -33.00 -41.68
CA SER B 183 46.58 -31.82 -42.34
C SER B 183 45.51 -30.74 -42.50
N TYR B 184 44.79 -30.48 -41.42
CA TYR B 184 43.70 -29.52 -41.41
C TYR B 184 44.18 -28.17 -40.91
N THR B 185 44.07 -27.16 -41.75
CA THR B 185 44.45 -25.80 -41.37
C THR B 185 43.25 -25.02 -40.83
N SER B 186 42.23 -24.85 -41.66
CA SER B 186 41.00 -24.16 -41.27
C SER B 186 39.96 -24.40 -42.33
N PHE B 187 38.73 -24.69 -41.91
CA PHE B 187 37.65 -24.77 -42.87
C PHE B 187 37.33 -23.39 -43.41
N ALA B 188 36.75 -23.37 -44.60
CA ALA B 188 36.44 -22.11 -45.26
C ALA B 188 35.28 -22.35 -46.22
N THR B 189 35.06 -21.39 -47.10
CA THR B 189 34.08 -21.55 -48.16
C THR B 189 34.53 -20.70 -49.34
N TYR B 190 34.06 -21.04 -50.52
CA TYR B 190 34.61 -20.44 -51.72
C TYR B 190 33.61 -20.55 -52.85
N HIS B 191 33.83 -19.71 -53.86
CA HIS B 191 33.12 -19.85 -55.13
C HIS B 191 34.05 -19.39 -56.23
N THR B 192 34.13 -20.17 -57.30
CA THR B 192 34.99 -19.82 -58.42
C THR B 192 34.22 -19.04 -59.46
N PRO B 193 34.59 -17.80 -59.75
CA PRO B 193 33.77 -16.96 -60.63
C PRO B 193 33.83 -17.34 -62.08
N ALA B 194 34.86 -18.06 -62.52
CA ALA B 194 34.94 -18.43 -63.93
C ALA B 194 33.78 -19.34 -64.31
N THR B 195 33.46 -20.30 -63.46
CA THR B 195 32.36 -21.23 -63.75
C THR B 195 31.10 -20.90 -62.95
N ASP B 196 31.23 -20.78 -61.63
CA ASP B 196 30.05 -20.61 -60.78
C ASP B 196 29.35 -19.28 -61.04
N CYS B 197 30.08 -18.24 -61.40
CA CYS B 197 29.54 -16.90 -61.44
C CYS B 197 29.40 -16.41 -62.88
N SER B 198 28.99 -17.30 -63.77
CA SER B 198 28.82 -16.94 -65.17
C SER B 198 27.60 -16.05 -65.34
N ASP B 199 27.61 -15.29 -66.43
CA ASP B 199 26.61 -14.26 -66.65
C ASP B 199 25.22 -14.87 -66.76
N GLY B 200 24.31 -14.42 -65.91
CA GLY B 200 22.95 -14.90 -65.92
C GLY B 200 22.77 -16.34 -65.48
N ASN B 201 23.81 -16.98 -64.96
CA ASN B 201 23.74 -18.39 -64.57
C ASN B 201 24.44 -18.60 -63.23
N TYR B 202 24.17 -17.71 -62.28
CA TYR B 202 24.82 -17.79 -60.98
C TYR B 202 24.46 -19.08 -60.26
N ASN B 203 25.44 -19.96 -60.09
CA ASN B 203 25.21 -21.20 -59.37
C ASN B 203 24.76 -20.89 -57.96
N ARG B 204 23.54 -21.27 -57.63
CA ARG B 204 22.95 -20.96 -56.34
C ARG B 204 23.27 -21.99 -55.28
N ASN B 205 24.07 -23.00 -55.60
CA ASN B 205 24.53 -23.94 -54.60
C ASN B 205 26.04 -23.93 -54.45
N ALA B 206 26.74 -23.05 -55.17
CA ALA B 206 28.20 -23.08 -55.21
C ALA B 206 28.78 -22.96 -53.81
N SER B 207 28.38 -21.93 -53.07
CA SER B 207 28.88 -21.78 -51.71
C SER B 207 28.38 -22.89 -50.81
N LEU B 208 27.16 -23.36 -51.04
CA LEU B 208 26.66 -24.50 -50.27
C LEU B 208 27.49 -25.75 -50.56
N ASN B 209 27.87 -25.95 -51.82
CA ASN B 209 28.75 -27.08 -52.12
C ASN B 209 30.09 -26.92 -51.42
N SER B 210 30.65 -25.71 -51.45
CA SER B 210 31.90 -25.46 -50.74
C SER B 210 31.76 -25.82 -49.27
N PHE B 211 30.66 -25.42 -48.66
CA PHE B 211 30.46 -25.73 -47.25
C PHE B 211 30.34 -27.22 -47.03
N LYS B 212 29.60 -27.92 -47.89
CA LYS B 212 29.42 -29.35 -47.74
C LYS B 212 30.72 -30.11 -47.94
N GLU B 213 31.70 -29.50 -48.62
CA GLU B 213 33.01 -30.12 -48.74
C GLU B 213 33.57 -30.49 -47.37
N TYR B 214 33.44 -29.58 -46.40
CA TYR B 214 34.08 -29.76 -45.11
C TYR B 214 33.19 -30.39 -44.05
N PHE B 215 31.88 -30.25 -44.17
CA PHE B 215 30.97 -30.78 -43.16
C PHE B 215 29.90 -31.65 -43.81
N ASN B 216 29.42 -32.63 -43.05
CA ASN B 216 28.28 -33.46 -43.42
C ASN B 216 27.10 -33.01 -42.58
N LEU B 217 26.32 -32.09 -43.13
CA LEU B 217 25.16 -31.57 -42.43
C LEU B 217 24.07 -32.61 -42.30
N ARG B 218 23.48 -32.69 -41.11
CA ARG B 218 22.55 -33.74 -40.75
C ARG B 218 21.42 -33.14 -39.92
N ASN B 219 20.26 -33.79 -39.94
CA ASN B 219 19.12 -33.43 -39.09
C ASN B 219 18.77 -31.95 -39.21
N CYS B 220 18.62 -31.47 -40.45
CA CYS B 220 18.36 -30.07 -40.69
C CYS B 220 16.89 -29.78 -40.44
N THR B 221 16.61 -28.94 -39.44
CA THR B 221 15.23 -28.61 -39.10
C THR B 221 14.57 -27.79 -40.20
N PHE B 222 15.30 -26.85 -40.79
CA PHE B 222 14.71 -26.00 -41.80
C PHE B 222 15.79 -25.40 -42.69
N MET B 223 15.35 -24.85 -43.80
CA MET B 223 16.22 -24.10 -44.70
C MET B 223 15.42 -22.97 -45.34
N TYR B 224 16.00 -21.79 -45.40
CA TYR B 224 15.31 -20.62 -45.92
C TYR B 224 16.20 -19.92 -46.93
N THR B 225 15.58 -19.33 -47.94
CA THR B 225 16.30 -18.62 -48.99
C THR B 225 15.67 -17.26 -49.21
N TYR B 226 16.50 -16.24 -49.35
CA TYR B 226 16.05 -14.87 -49.59
C TYR B 226 16.77 -14.28 -50.80
N ASN B 227 16.01 -13.75 -51.73
CA ASN B 227 16.60 -13.17 -52.93
C ASN B 227 17.19 -11.80 -52.64
N ILE B 228 18.23 -11.44 -53.38
CA ILE B 228 18.99 -10.21 -53.15
C ILE B 228 19.33 -9.59 -54.50
N THR B 229 18.93 -8.35 -54.70
CA THR B 229 19.32 -7.60 -55.88
C THR B 229 20.80 -7.22 -55.80
N GLU B 230 21.45 -7.12 -56.95
CA GLU B 230 22.85 -6.70 -57.02
C GLU B 230 22.95 -5.18 -57.17
N ASP B 231 23.84 -4.58 -56.39
CA ASP B 231 24.15 -3.17 -56.47
C ASP B 231 25.38 -2.92 -55.60
N GLU B 232 25.78 -1.67 -55.50
CA GLU B 232 26.97 -1.28 -54.76
C GLU B 232 26.64 -0.21 -53.75
N ILE B 233 25.59 -0.45 -52.97
CA ILE B 233 25.09 0.50 -52.00
C ILE B 233 25.38 -0.01 -50.60
N LEU B 234 25.84 0.88 -49.74
CA LEU B 234 26.05 0.55 -48.33
C LEU B 234 24.78 -0.03 -47.74
N GLU B 235 24.92 -1.08 -46.95
CA GLU B 235 23.72 -1.62 -46.34
C GLU B 235 24.04 -2.17 -44.96
N TRP B 236 22.99 -2.42 -44.20
CA TRP B 236 23.10 -2.87 -42.82
C TRP B 236 22.38 -4.20 -42.65
N PHE B 237 22.84 -4.95 -41.67
CA PHE B 237 22.23 -6.25 -41.37
C PHE B 237 22.22 -6.41 -39.86
N GLY B 238 21.27 -7.15 -39.34
CA GLY B 238 21.16 -7.29 -37.91
C GLY B 238 20.61 -8.64 -37.51
N ILE B 239 21.04 -9.12 -36.35
CA ILE B 239 20.62 -10.41 -35.84
C ILE B 239 20.32 -10.27 -34.35
N THR B 240 19.21 -10.85 -33.92
CA THR B 240 18.87 -10.80 -32.50
C THR B 240 18.09 -12.04 -32.12
N GLN B 241 18.02 -12.29 -30.82
CA GLN B 241 17.42 -13.51 -30.28
C GLN B 241 16.34 -13.16 -29.27
N THR B 242 15.13 -13.67 -29.49
CA THR B 242 14.04 -13.50 -28.55
C THR B 242 13.38 -14.86 -28.31
N ALA B 243 12.44 -14.88 -27.36
CA ALA B 243 11.70 -16.09 -27.10
C ALA B 243 10.91 -16.55 -28.32
N GLN B 244 10.68 -15.67 -29.27
CA GLN B 244 9.98 -16.00 -30.50
C GLN B 244 10.89 -16.60 -31.56
N GLY B 245 12.18 -16.74 -31.29
CA GLY B 245 13.11 -17.24 -32.28
C GLY B 245 14.22 -16.25 -32.55
N VAL B 246 14.94 -16.38 -33.66
CA VAL B 246 15.94 -15.37 -34.00
C VAL B 246 15.38 -14.49 -35.09
N HIS B 247 15.68 -13.20 -35.00
CA HIS B 247 15.16 -12.21 -35.92
C HIS B 247 16.28 -11.66 -36.78
N LEU B 248 15.99 -11.51 -38.06
CA LEU B 248 16.93 -11.01 -39.05
C LEU B 248 16.44 -9.65 -39.55
N PHE B 249 17.30 -8.66 -39.51
CA PHE B 249 16.95 -7.31 -39.91
C PHE B 249 17.84 -6.88 -41.05
N SER B 250 17.32 -6.01 -41.91
CA SER B 250 18.12 -5.47 -42.99
C SER B 250 17.54 -4.13 -43.38
N SER B 251 18.38 -3.31 -43.98
CA SER B 251 17.95 -2.06 -44.56
C SER B 251 17.62 -2.18 -46.03
N ARG B 252 17.71 -3.39 -46.57
CA ARG B 252 17.74 -3.55 -48.01
C ARG B 252 16.39 -3.24 -48.64
N TYR B 253 15.32 -3.76 -48.07
CA TYR B 253 14.02 -3.66 -48.72
C TYR B 253 13.32 -2.34 -48.43
N VAL B 254 13.33 -1.89 -47.18
CA VAL B 254 12.51 -0.75 -46.80
C VAL B 254 13.25 0.57 -46.93
N ASP B 255 14.46 0.65 -46.37
CA ASP B 255 15.19 1.92 -46.37
C ASP B 255 16.52 1.77 -47.10
N LEU B 256 16.48 1.23 -48.31
CA LEU B 256 17.67 0.96 -49.10
C LEU B 256 18.67 2.10 -49.11
N TYR B 257 18.19 3.33 -49.17
CA TYR B 257 19.07 4.49 -49.27
C TYR B 257 19.30 5.20 -47.95
N GLY B 258 18.74 4.71 -46.86
CA GLY B 258 18.92 5.39 -45.59
C GLY B 258 19.62 4.59 -44.53
N GLY B 259 19.45 3.27 -44.56
CA GLY B 259 20.16 2.40 -43.65
C GLY B 259 19.40 1.93 -42.43
N ASN B 260 18.16 2.36 -42.24
CA ASN B 260 17.39 1.85 -41.11
C ASN B 260 17.07 0.38 -41.32
N MET B 261 17.22 -0.41 -40.28
CA MET B 261 16.97 -1.84 -40.38
C MET B 261 15.54 -2.17 -40.01
N PHE B 262 14.91 -3.03 -40.80
CA PHE B 262 13.58 -3.54 -40.53
C PHE B 262 13.61 -5.05 -40.60
N GLN B 263 12.84 -5.69 -39.72
CA GLN B 263 12.81 -7.14 -39.70
C GLN B 263 12.29 -7.70 -41.01
N PHE B 264 12.93 -8.76 -41.49
CA PHE B 264 12.48 -9.43 -42.70
C PHE B 264 12.43 -10.94 -42.55
N ALA B 265 12.69 -11.48 -41.36
CA ALA B 265 12.63 -12.91 -41.19
C ALA B 265 12.68 -13.24 -39.71
N THR B 266 11.98 -14.31 -39.35
CA THR B 266 12.06 -14.89 -38.03
C THR B 266 12.28 -16.38 -38.20
N LEU B 267 13.24 -16.92 -37.45
CA LEU B 267 13.67 -18.28 -37.61
C LEU B 267 13.39 -19.08 -36.35
N PRO B 268 12.84 -20.27 -36.49
CA PRO B 268 12.51 -21.16 -35.37
C PRO B 268 13.72 -21.81 -34.73
N VAL B 269 14.47 -21.02 -33.98
CA VAL B 269 15.59 -21.48 -33.18
C VAL B 269 15.30 -21.10 -31.74
N TYR B 270 15.37 -22.07 -30.83
CA TYR B 270 14.92 -21.82 -29.48
C TYR B 270 15.89 -22.22 -28.40
N ASP B 271 17.07 -22.71 -28.75
CA ASP B 271 18.13 -22.86 -27.76
C ASP B 271 18.95 -21.57 -27.75
N THR B 272 19.20 -21.05 -26.55
CA THR B 272 19.90 -19.78 -26.41
C THR B 272 21.23 -19.83 -27.11
N ILE B 273 21.41 -18.98 -28.12
CA ILE B 273 22.68 -18.88 -28.81
C ILE B 273 23.67 -18.15 -27.91
N LYS B 274 24.82 -18.77 -27.66
CA LYS B 274 25.86 -18.11 -26.89
C LYS B 274 27.08 -17.74 -27.71
N TYR B 275 27.30 -18.36 -28.85
CA TYR B 275 28.56 -18.17 -29.55
C TYR B 275 28.30 -17.98 -31.03
N TYR B 276 29.22 -17.28 -31.67
CA TYR B 276 29.16 -17.10 -33.11
C TYR B 276 30.57 -16.87 -33.63
N SER B 277 30.73 -17.09 -34.92
CA SER B 277 31.99 -16.81 -35.58
C SER B 277 31.72 -16.52 -37.04
N ILE B 278 32.67 -15.86 -37.67
CA ILE B 278 32.55 -15.48 -39.07
C ILE B 278 33.22 -16.53 -39.93
N ILE B 279 32.48 -17.03 -40.90
CA ILE B 279 32.99 -18.05 -41.81
C ILE B 279 33.94 -17.37 -42.79
N PRO B 280 35.17 -17.84 -42.90
CA PRO B 280 36.08 -17.26 -43.88
C PRO B 280 35.66 -17.68 -45.27
N HIS B 281 35.70 -16.74 -46.20
CA HIS B 281 35.29 -17.00 -47.57
C HIS B 281 36.35 -16.47 -48.51
N SER B 282 36.89 -17.33 -49.34
CA SER B 282 37.92 -16.97 -50.30
C SER B 282 37.36 -17.12 -51.71
N ILE B 283 37.76 -16.22 -52.59
CA ILE B 283 37.19 -16.15 -53.92
C ILE B 283 38.18 -16.76 -54.89
N ARG B 284 37.80 -17.87 -55.49
CA ARG B 284 38.73 -18.77 -56.16
C ARG B 284 38.90 -18.34 -57.62
N SER B 285 39.61 -17.23 -57.79
CA SER B 285 39.82 -16.60 -59.08
C SER B 285 41.29 -16.68 -59.48
N ILE B 286 41.63 -16.03 -60.60
CA ILE B 286 43.00 -15.99 -61.11
C ILE B 286 43.64 -14.67 -60.68
N GLN B 287 44.98 -14.69 -60.51
CA GLN B 287 45.62 -13.50 -59.96
C GLN B 287 45.47 -12.29 -60.87
N SER B 288 45.33 -12.53 -62.17
CA SER B 288 45.13 -11.41 -63.08
C SER B 288 43.79 -10.72 -62.88
N ASP B 289 42.84 -11.34 -62.17
CA ASP B 289 41.53 -10.76 -61.93
C ASP B 289 41.25 -10.60 -60.44
N ARG B 290 42.28 -10.39 -59.65
CA ARG B 290 42.12 -10.24 -58.22
C ARG B 290 41.35 -8.94 -57.94
N LYS B 291 40.16 -9.04 -57.39
CA LYS B 291 39.37 -7.86 -57.08
C LYS B 291 39.39 -7.56 -55.59
N ALA B 292 39.17 -6.28 -55.24
CA ALA B 292 39.17 -5.87 -53.83
C ALA B 292 37.75 -5.94 -53.28
N TRP B 293 37.59 -6.35 -52.01
CA TRP B 293 36.24 -6.54 -51.44
C TRP B 293 36.05 -5.66 -50.20
N ALA B 294 34.91 -4.97 -50.11
CA ALA B 294 34.68 -4.02 -48.99
C ALA B 294 34.68 -4.77 -47.65
N ALA B 295 35.32 -4.18 -46.63
CA ALA B 295 35.36 -4.79 -45.29
C ALA B 295 33.97 -4.70 -44.64
N PHE B 296 33.60 -5.71 -43.84
CA PHE B 296 32.31 -5.66 -43.12
C PHE B 296 32.59 -5.49 -41.62
N TYR B 297 31.87 -4.58 -40.96
CA TYR B 297 32.16 -4.27 -39.54
C TYR B 297 31.03 -4.79 -38.65
N VAL B 298 31.36 -5.55 -37.61
CA VAL B 298 30.32 -6.14 -36.71
C VAL B 298 30.31 -5.36 -35.40
N TYR B 299 29.15 -4.80 -35.03
CA TYR B 299 29.03 -4.03 -33.76
C TYR B 299 28.01 -4.73 -32.86
N LYS B 300 28.37 -5.02 -31.61
CA LYS B 300 27.47 -5.77 -30.69
C LYS B 300 26.28 -4.89 -30.27
N LEU B 301 25.14 -5.52 -29.97
CA LEU B 301 23.94 -4.76 -29.52
C LEU B 301 23.86 -4.82 -28.00
N GLN B 302 23.65 -3.51 -27.43
CA GLN B 302 23.59 -3.35 -25.95
C GLN B 302 22.22 -2.75 -25.55
N PRO B 303 21.50 -3.24 -24.39
CA PRO B 303 20.31 -2.50 -24.01
C PRO B 303 20.73 -1.05 -23.75
N LEU B 304 20.01 -0.09 -24.34
CA LEU B 304 20.41 1.34 -24.21
C LEU B 304 19.18 2.22 -24.42
N THR B 305 19.24 3.48 -23.94
CA THR B 305 18.13 4.42 -24.20
C THR B 305 18.62 5.41 -25.26
N PHE B 306 17.86 5.57 -26.35
CA PHE B 306 18.32 6.46 -27.46
C PHE B 306 17.28 7.54 -27.74
N LEU B 307 17.71 8.80 -27.85
CA LEU B 307 16.77 9.86 -28.26
C LEU B 307 16.67 9.74 -29.78
N LEU B 308 15.48 9.47 -30.32
CA LEU B 308 15.39 9.23 -31.80
C LEU B 308 14.60 10.36 -32.46
N ASP B 309 15.14 10.92 -33.54
CA ASP B 309 14.41 11.97 -34.29
C ASP B 309 13.73 11.30 -35.47
N PHE B 310 12.41 11.47 -35.59
CA PHE B 310 11.64 10.83 -36.69
C PHE B 310 11.26 11.91 -37.70
N SER B 311 11.50 11.66 -38.99
CA SER B 311 11.15 12.63 -40.06
C SER B 311 9.66 12.49 -40.39
N VAL B 312 9.14 13.34 -41.29
CA VAL B 312 7.73 13.18 -41.73
C VAL B 312 7.62 11.79 -42.37
N ASP B 313 8.66 11.37 -43.10
CA ASP B 313 8.70 10.00 -43.69
C ASP B 313 8.74 8.95 -42.57
N GLY B 314 9.17 9.35 -41.37
CA GLY B 314 9.21 8.42 -40.22
C GLY B 314 10.58 7.79 -40.11
N TYR B 315 11.42 8.03 -41.11
CA TYR B 315 12.76 7.46 -41.11
C TYR B 315 13.63 8.18 -40.09
N ILE B 316 14.41 7.42 -39.34
CA ILE B 316 15.33 7.99 -38.37
C ILE B 316 16.59 8.41 -39.10
N ARG B 317 16.91 9.71 -39.04
CA ARG B 317 18.12 10.23 -39.65
C ARG B 317 19.03 10.89 -38.64
N ARG B 318 18.72 10.76 -37.35
CA ARG B 318 19.44 11.47 -36.31
C ARG B 318 19.10 10.83 -34.98
N ALA B 319 20.10 10.60 -34.15
CA ALA B 319 19.85 9.99 -32.86
C ALA B 319 20.88 10.48 -31.86
N ILE B 320 20.57 10.27 -30.58
CA ILE B 320 21.47 10.59 -29.48
C ILE B 320 21.60 9.36 -28.60
N ASP B 321 22.83 8.98 -28.29
CA ASP B 321 23.12 7.94 -27.33
C ASP B 321 23.16 8.59 -25.95
N CYS B 322 22.12 8.37 -25.16
CA CYS B 322 21.97 9.13 -23.93
C CYS B 322 23.08 8.86 -22.93
N GLY B 323 23.79 7.75 -23.05
CA GLY B 323 24.85 7.45 -22.11
C GLY B 323 26.24 7.70 -22.65
N PHE B 324 26.39 8.54 -23.67
CA PHE B 324 27.71 8.71 -24.25
C PHE B 324 28.56 9.68 -23.44
N ASN B 325 28.10 10.93 -23.30
CA ASN B 325 28.82 11.91 -22.51
C ASN B 325 27.78 12.80 -21.83
N ASP B 326 28.25 13.87 -21.20
CA ASP B 326 27.35 14.69 -20.39
C ASP B 326 26.39 15.47 -21.26
N LEU B 327 26.87 16.00 -22.37
CA LEU B 327 26.00 16.73 -23.26
C LEU B 327 24.89 15.85 -23.80
N SER B 328 25.20 14.57 -24.00
CA SER B 328 24.16 13.61 -24.36
C SER B 328 23.14 13.44 -23.24
N GLN B 329 23.60 13.44 -21.98
CA GLN B 329 22.66 13.41 -20.88
C GLN B 329 21.70 14.58 -20.97
N LEU B 330 22.22 15.77 -21.24
CA LEU B 330 21.37 16.94 -21.31
C LEU B 330 20.36 16.81 -22.44
N HIS B 331 20.82 16.38 -23.61
CA HIS B 331 19.91 16.23 -24.74
C HIS B 331 18.82 15.24 -24.42
N CYS B 332 19.19 14.10 -23.83
CA CYS B 332 18.21 13.07 -23.55
C CYS B 332 17.25 13.51 -22.45
N SER B 333 17.73 14.28 -21.49
CA SER B 333 16.89 14.71 -20.38
C SER B 333 15.89 15.76 -20.81
N TYR B 334 16.34 16.74 -21.60
CA TYR B 334 15.41 17.72 -22.14
C TYR B 334 14.66 17.17 -23.33
N GLU B 335 15.03 15.99 -23.80
CA GLU B 335 14.34 15.29 -24.88
C GLU B 335 14.25 16.19 -26.10
N SER B 336 15.40 16.69 -26.52
CA SER B 336 15.50 17.61 -27.64
C SER B 336 16.92 17.59 -28.17
N PHE B 337 17.07 17.96 -29.42
CA PHE B 337 18.39 18.13 -30.00
C PHE B 337 18.92 19.54 -29.81
N ASP B 338 18.19 20.38 -29.08
CA ASP B 338 18.60 21.74 -28.78
C ASP B 338 18.36 22.01 -27.31
N VAL B 339 19.41 22.39 -26.60
CA VAL B 339 19.31 22.77 -25.20
C VAL B 339 19.84 24.18 -25.05
N GLU B 340 19.20 24.97 -24.20
CA GLU B 340 19.59 26.35 -24.02
C GLU B 340 20.94 26.44 -23.33
N SER B 341 21.67 27.50 -23.66
CA SER B 341 22.97 27.72 -23.03
C SER B 341 22.79 27.91 -21.53
N GLY B 342 23.75 27.40 -20.77
CA GLY B 342 23.68 27.50 -19.32
C GLY B 342 24.74 26.64 -18.69
N VAL B 343 24.63 26.51 -17.37
CA VAL B 343 25.54 25.69 -16.57
C VAL B 343 24.72 24.61 -15.92
N TYR B 344 24.85 23.39 -16.41
CA TYR B 344 24.01 22.29 -15.94
C TYR B 344 24.85 21.31 -15.14
N SER B 345 24.34 20.86 -14.01
CA SER B 345 25.05 19.87 -13.22
C SER B 345 24.76 18.49 -13.76
N VAL B 346 25.78 17.65 -13.85
CA VAL B 346 25.65 16.31 -14.38
C VAL B 346 26.18 15.33 -13.34
N SER B 347 26.13 14.05 -13.68
CA SER B 347 26.44 13.00 -12.74
C SER B 347 27.91 12.98 -12.36
N SER B 348 28.18 12.76 -11.08
CA SER B 348 29.49 12.97 -10.49
C SER B 348 30.33 11.70 -10.52
N PHE B 349 31.65 11.88 -10.59
CA PHE B 349 32.55 10.73 -10.47
C PHE B 349 32.57 10.22 -9.04
N GLU B 350 33.04 8.99 -8.89
CA GLU B 350 33.26 8.44 -7.56
C GLU B 350 34.46 7.51 -7.61
N ALA B 351 35.20 7.46 -6.51
CA ALA B 351 36.49 6.80 -6.50
C ALA B 351 36.32 5.28 -6.61
N LYS B 352 37.43 4.61 -6.92
CA LYS B 352 37.45 3.17 -7.04
C LYS B 352 38.07 2.52 -5.81
N PRO B 353 37.55 1.37 -5.41
CA PRO B 353 38.08 0.68 -4.23
C PRO B 353 39.38 -0.06 -4.54
N SER B 354 40.04 -0.50 -3.48
CA SER B 354 41.24 -1.33 -3.54
C SER B 354 41.58 -1.81 -2.14
N GLY B 355 42.17 -3.01 -2.08
CA GLY B 355 42.73 -3.52 -0.84
C GLY B 355 41.76 -3.73 0.29
N SER B 356 40.74 -4.56 0.06
CA SER B 356 39.71 -4.80 1.07
C SER B 356 40.32 -5.26 2.38
N VAL B 357 40.18 -4.44 3.41
CA VAL B 357 40.77 -4.72 4.72
C VAL B 357 39.86 -5.69 5.45
N VAL B 358 40.46 -6.63 6.18
CA VAL B 358 39.73 -7.61 6.97
C VAL B 358 40.38 -7.75 8.34
N GLU B 359 39.57 -7.92 9.38
CA GLU B 359 40.06 -8.42 10.65
C GLU B 359 39.05 -9.45 11.14
N GLN B 360 39.53 -10.39 11.94
CA GLN B 360 38.65 -11.32 12.65
C GLN B 360 39.19 -11.66 14.03
N VAL B 364 36.70 -20.23 17.42
CA VAL B 364 37.14 -20.94 16.24
C VAL B 364 36.49 -22.30 16.18
N GLU B 365 36.25 -22.81 14.96
CA GLU B 365 35.80 -24.17 14.72
C GLU B 365 34.45 -24.45 15.39
N CYS B 366 33.42 -23.78 14.88
CA CYS B 366 32.06 -24.12 15.25
C CYS B 366 31.82 -25.61 15.07
N ASP B 367 31.54 -26.30 16.17
CA ASP B 367 31.42 -27.75 16.13
C ASP B 367 29.98 -28.20 15.91
N PHE B 368 29.84 -29.35 15.25
CA PHE B 368 28.54 -29.93 14.97
C PHE B 368 28.47 -31.39 15.41
N SER B 369 29.28 -31.78 16.37
CA SER B 369 29.28 -33.17 16.84
C SER B 369 27.94 -33.61 17.40
N PRO B 370 27.28 -32.87 18.30
CA PRO B 370 26.00 -33.36 18.85
C PRO B 370 24.91 -33.52 17.80
N LEU B 371 25.04 -32.88 16.65
CA LEU B 371 24.10 -33.15 15.56
C LEU B 371 24.12 -34.61 15.14
N LEU B 372 25.25 -35.28 15.32
CA LEU B 372 25.44 -36.61 14.75
C LEU B 372 25.28 -37.74 15.76
N SER B 373 25.70 -37.54 17.00
CA SER B 373 25.66 -38.58 18.01
C SER B 373 24.29 -38.62 18.68
N GLY B 374 23.69 -39.80 18.71
CA GLY B 374 22.44 -40.00 19.40
C GLY B 374 21.25 -40.10 18.47
N THR B 375 20.08 -39.84 19.04
CA THR B 375 18.82 -39.88 18.31
C THR B 375 18.31 -38.45 18.17
N PRO B 376 18.05 -37.97 16.96
CA PRO B 376 17.52 -36.62 16.80
C PRO B 376 16.17 -36.50 17.47
N PRO B 377 16.01 -35.55 18.39
CA PRO B 377 14.80 -35.50 19.19
C PRO B 377 13.56 -35.14 18.37
N GLN B 378 12.40 -35.10 19.02
CA GLN B 378 11.18 -34.85 18.29
C GLN B 378 11.08 -33.39 17.87
N VAL B 379 10.18 -33.14 16.92
CA VAL B 379 9.93 -31.79 16.45
C VAL B 379 9.29 -30.90 17.51
N TYR B 380 8.79 -31.49 18.61
CA TYR B 380 8.43 -30.70 19.78
C TYR B 380 9.47 -30.81 20.89
N ASN B 381 10.45 -31.69 20.75
CA ASN B 381 11.59 -31.75 21.64
C ASN B 381 12.87 -31.34 20.93
N PHE B 382 12.72 -30.56 19.87
CA PHE B 382 13.83 -30.16 19.01
C PHE B 382 14.94 -29.51 19.82
N LYS B 383 16.17 -29.72 19.40
CA LYS B 383 17.31 -29.16 20.13
C LYS B 383 18.14 -28.28 19.23
N ARG B 384 18.63 -27.17 19.78
CA ARG B 384 19.32 -26.13 19.02
C ARG B 384 20.81 -26.16 19.31
N LEU B 385 21.56 -25.50 18.44
CA LEU B 385 22.98 -25.24 18.63
C LEU B 385 23.20 -23.77 18.33
N VAL B 386 23.52 -23.00 19.35
CA VAL B 386 23.94 -21.62 19.11
C VAL B 386 25.44 -21.62 18.84
N PHE B 387 25.86 -20.68 18.02
CA PHE B 387 27.24 -20.52 17.65
C PHE B 387 27.61 -19.06 17.81
N THR B 388 28.73 -18.87 18.53
CA THR B 388 29.26 -17.52 18.83
C THR B 388 30.74 -17.74 19.17
N ASN B 389 31.64 -16.85 18.73
CA ASN B 389 33.09 -16.94 18.94
C ASN B 389 33.68 -18.14 18.23
N CYS B 390 33.28 -18.34 16.98
CA CYS B 390 33.81 -19.43 16.18
C CYS B 390 33.59 -19.12 14.71
N ASN B 391 34.29 -19.87 13.87
CA ASN B 391 34.16 -19.83 12.42
C ASN B 391 33.75 -21.21 11.92
N TYR B 392 33.22 -21.27 10.71
CA TYR B 392 32.53 -22.49 10.30
C TYR B 392 32.57 -22.65 8.78
N ASN B 393 32.12 -23.82 8.33
CA ASN B 393 31.85 -24.12 6.94
C ASN B 393 30.57 -24.96 6.89
N LEU B 394 29.63 -24.56 6.04
CA LEU B 394 28.34 -25.25 5.99
C LEU B 394 28.29 -26.31 4.90
N THR B 395 29.05 -26.14 3.82
CA THR B 395 29.05 -27.13 2.75
C THR B 395 29.58 -28.47 3.24
N LYS B 396 30.63 -28.42 4.09
CA LYS B 396 31.18 -29.65 4.64
C LYS B 396 30.14 -30.41 5.45
N LEU B 397 29.37 -29.70 6.29
CA LEU B 397 28.30 -30.35 7.03
C LEU B 397 27.24 -30.90 6.09
N LEU B 398 26.83 -30.12 5.10
CA LEU B 398 25.66 -30.46 4.30
C LEU B 398 25.95 -31.56 3.28
N SER B 399 27.21 -31.76 2.90
CA SER B 399 27.52 -32.79 1.92
C SER B 399 27.40 -34.20 2.47
N LEU B 400 27.37 -34.36 3.80
CA LEU B 400 27.23 -35.68 4.40
C LEU B 400 25.81 -36.20 4.32
N PHE B 401 24.83 -35.35 4.02
CA PHE B 401 23.44 -35.75 4.01
C PHE B 401 22.83 -35.54 2.64
N SER B 402 21.54 -35.84 2.54
CA SER B 402 20.75 -35.67 1.33
C SER B 402 19.61 -34.71 1.66
N VAL B 403 19.79 -33.44 1.31
CA VAL B 403 18.82 -32.41 1.65
C VAL B 403 17.63 -32.51 0.70
N ASN B 404 16.44 -32.74 1.28
CA ASN B 404 15.21 -32.84 0.50
C ASN B 404 14.60 -31.48 0.20
N ASP B 405 14.78 -30.51 1.08
CA ASP B 405 14.24 -29.17 0.90
C ASP B 405 15.25 -28.15 1.44
N PHE B 406 15.48 -27.09 0.68
CA PHE B 406 16.41 -26.01 1.07
C PHE B 406 15.80 -24.68 0.65
N THR B 407 15.04 -24.06 1.55
CA THR B 407 14.36 -22.80 1.23
C THR B 407 14.84 -21.72 2.20
N CYS B 408 15.45 -20.68 1.65
CA CYS B 408 16.00 -19.59 2.44
C CYS B 408 15.14 -18.36 2.27
N SER B 409 14.67 -17.80 3.39
CA SER B 409 13.83 -16.61 3.40
C SER B 409 14.64 -15.43 3.89
N GLN B 410 14.55 -14.31 3.19
CA GLN B 410 15.27 -13.08 3.53
C GLN B 410 16.78 -13.28 3.45
N ILE B 411 17.20 -14.35 2.78
CA ILE B 411 18.60 -14.76 2.72
C ILE B 411 18.75 -15.68 1.51
N SER B 412 19.95 -15.71 0.95
CA SER B 412 20.07 -16.57 -0.21
C SER B 412 20.83 -17.85 0.14
N PRO B 413 20.57 -18.94 -0.56
CA PRO B 413 21.30 -20.19 -0.29
C PRO B 413 22.81 -20.06 -0.44
N ALA B 414 23.30 -19.21 -1.33
CA ALA B 414 24.73 -18.97 -1.39
C ALA B 414 25.21 -18.12 -0.22
N ALA B 415 24.45 -17.08 0.13
CA ALA B 415 24.87 -16.19 1.21
C ALA B 415 24.90 -16.90 2.54
N ILE B 416 23.90 -17.75 2.81
CA ILE B 416 23.83 -18.45 4.09
C ILE B 416 25.03 -19.36 4.29
N ALA B 417 25.82 -19.57 3.24
CA ALA B 417 27.09 -20.28 3.35
C ALA B 417 28.30 -19.36 3.43
N SER B 418 28.14 -18.07 3.11
CA SER B 418 29.29 -17.19 2.97
C SER B 418 29.26 -15.93 3.82
N ASN B 419 28.09 -15.41 4.18
CA ASN B 419 28.05 -14.18 4.94
C ASN B 419 28.41 -14.43 6.41
N CYS B 420 28.84 -13.37 7.08
CA CYS B 420 29.17 -13.41 8.49
C CYS B 420 28.16 -12.59 9.29
N TYR B 421 28.01 -12.92 10.57
CA TYR B 421 27.04 -12.24 11.40
C TYR B 421 27.42 -12.45 12.87
N SER B 422 26.49 -12.21 13.78
CA SER B 422 26.80 -12.30 15.19
C SER B 422 26.72 -13.73 15.71
N SER B 423 25.64 -14.43 15.36
CA SER B 423 25.31 -15.68 16.02
C SER B 423 24.52 -16.57 15.07
N LEU B 424 24.83 -17.86 15.10
CA LEU B 424 24.11 -18.84 14.31
C LEU B 424 23.26 -19.70 15.24
N ILE B 425 22.02 -19.95 14.88
CA ILE B 425 21.16 -20.87 15.61
C ILE B 425 20.75 -21.98 14.66
N LEU B 426 21.09 -23.22 15.00
CA LEU B 426 20.80 -24.36 14.14
C LEU B 426 20.02 -25.37 14.97
N ASP B 427 18.71 -25.46 14.75
CA ASP B 427 17.87 -26.37 15.50
C ASP B 427 17.53 -27.59 14.65
N TYR B 428 17.60 -28.77 15.28
CA TYR B 428 17.33 -30.02 14.57
C TYR B 428 16.43 -30.92 15.39
N PHE B 429 15.74 -31.80 14.66
CA PHE B 429 14.78 -32.74 15.21
C PHE B 429 14.53 -33.81 14.13
N SER B 430 13.67 -34.77 14.45
CA SER B 430 13.29 -35.84 13.52
C SER B 430 12.00 -35.45 12.83
N TYR B 431 12.04 -35.32 11.51
CA TYR B 431 10.87 -34.84 10.79
C TYR B 431 10.56 -35.66 9.55
N PRO B 432 9.39 -36.28 9.48
CA PRO B 432 8.99 -37.00 8.27
C PRO B 432 8.80 -36.06 7.10
N LEU B 433 9.04 -36.59 5.90
CA LEU B 433 8.79 -35.82 4.69
C LEU B 433 7.31 -35.72 4.34
N SER B 434 6.46 -36.49 5.02
CA SER B 434 5.02 -36.42 4.76
C SER B 434 4.46 -35.06 5.18
N MET B 435 4.90 -34.53 6.32
CA MET B 435 4.39 -33.28 6.85
C MET B 435 5.27 -32.09 6.49
N LYS B 436 5.88 -32.10 5.30
CA LYS B 436 6.70 -30.97 4.87
C LYS B 436 5.87 -29.70 4.74
N SER B 437 4.64 -29.82 4.23
CA SER B 437 3.79 -28.65 4.07
C SER B 437 3.48 -27.99 5.40
N ASP B 438 3.31 -28.80 6.45
CA ASP B 438 3.08 -28.23 7.79
C ASP B 438 4.30 -27.46 8.29
N LEU B 439 5.49 -27.82 7.83
CA LEU B 439 6.71 -27.13 8.25
C LEU B 439 6.92 -25.91 7.37
N SER B 440 6.21 -24.84 7.71
CA SER B 440 6.38 -23.56 7.04
C SER B 440 5.98 -22.45 8.01
N VAL B 441 6.51 -21.26 7.74
CA VAL B 441 6.18 -20.12 8.59
C VAL B 441 4.71 -19.73 8.44
N SER B 442 4.15 -19.89 7.25
CA SER B 442 2.76 -19.53 6.97
C SER B 442 1.98 -20.82 6.73
N SER B 443 1.47 -21.40 7.81
CA SER B 443 0.63 -22.59 7.71
C SER B 443 -0.18 -22.74 8.99
N ALA B 444 -1.35 -23.34 8.85
CA ALA B 444 -2.25 -23.59 9.98
C ALA B 444 -2.06 -24.97 10.59
N GLY B 445 -1.06 -25.72 10.13
CA GLY B 445 -0.81 -27.05 10.64
C GLY B 445 -0.39 -27.02 12.09
N PRO B 446 -0.62 -28.13 12.79
CA PRO B 446 -0.22 -28.19 14.21
C PRO B 446 1.27 -28.03 14.42
N ILE B 447 2.07 -28.26 13.38
CA ILE B 447 3.52 -28.09 13.50
C ILE B 447 3.87 -26.67 13.91
N SER B 448 3.28 -25.68 13.24
CA SER B 448 3.61 -24.29 13.54
C SER B 448 3.01 -23.86 14.88
N GLN B 449 1.74 -24.18 15.12
CA GLN B 449 1.01 -23.61 16.24
C GLN B 449 1.19 -24.38 17.55
N PHE B 450 1.78 -25.56 17.51
CA PHE B 450 2.01 -26.30 18.75
C PHE B 450 3.38 -26.94 18.83
N ASN B 451 4.11 -27.03 17.72
CA ASN B 451 5.19 -27.99 17.63
C ASN B 451 6.55 -27.35 17.37
N TYR B 452 6.61 -26.46 16.37
CA TYR B 452 7.87 -25.80 16.03
C TYR B 452 7.58 -24.58 15.18
N LYS B 453 8.17 -23.44 15.55
CA LYS B 453 7.94 -22.17 14.87
C LYS B 453 9.27 -21.44 14.66
N GLN B 454 9.37 -20.74 13.54
CA GLN B 454 10.50 -19.88 13.24
C GLN B 454 10.11 -18.42 13.44
N SER B 455 11.09 -17.53 13.29
CA SER B 455 10.92 -16.11 13.54
C SER B 455 10.88 -15.35 12.23
N PHE B 456 9.86 -14.49 12.09
CA PHE B 456 9.76 -13.64 10.90
C PHE B 456 10.74 -12.49 10.94
N SER B 457 11.23 -12.11 12.11
CA SER B 457 12.07 -10.93 12.25
C SER B 457 13.51 -11.15 11.84
N ASN B 458 13.85 -12.33 11.32
CA ASN B 458 15.23 -12.66 11.04
C ASN B 458 15.30 -13.44 9.73
N PRO B 459 16.48 -13.47 9.09
CA PRO B 459 16.64 -14.33 7.90
C PRO B 459 16.71 -15.81 8.25
N THR B 460 15.56 -16.41 8.53
CA THR B 460 15.50 -17.83 8.88
C THR B 460 15.37 -18.68 7.63
N CYS B 461 16.26 -19.66 7.49
CA CYS B 461 16.25 -20.57 6.36
C CYS B 461 15.91 -21.97 6.87
N LEU B 462 15.33 -22.79 6.01
CA LEU B 462 14.72 -24.06 6.40
C LEU B 462 15.30 -25.20 5.57
N ILE B 463 15.61 -26.31 6.25
CA ILE B 463 16.22 -27.47 5.62
C ILE B 463 15.43 -28.71 6.00
N LEU B 464 15.20 -29.59 5.04
CA LEU B 464 14.68 -30.93 5.27
C LEU B 464 15.66 -31.90 4.63
N ALA B 465 16.16 -32.86 5.41
CA ALA B 465 17.22 -33.75 4.94
C ALA B 465 16.95 -35.17 5.40
N THR B 466 17.68 -36.11 4.81
CA THR B 466 17.53 -37.52 5.12
C THR B 466 18.90 -38.17 5.00
N VAL B 467 19.24 -39.03 5.96
CA VAL B 467 20.47 -39.80 5.88
C VAL B 467 20.11 -41.23 5.47
N PRO B 468 20.44 -41.66 4.24
CA PRO B 468 19.93 -42.95 3.76
C PRO B 468 20.41 -44.14 4.56
N HIS B 469 21.72 -44.40 4.56
CA HIS B 469 22.27 -45.50 5.34
C HIS B 469 23.64 -45.22 5.96
N ASN B 470 24.44 -44.32 5.41
CA ASN B 470 25.88 -44.34 5.67
C ASN B 470 26.20 -43.93 7.10
N LEU B 471 25.60 -42.85 7.58
CA LEU B 471 25.99 -42.29 8.87
C LEU B 471 25.30 -43.09 9.98
N THR B 472 25.96 -44.17 10.40
CA THR B 472 25.48 -44.97 11.51
C THR B 472 25.63 -44.26 12.85
N THR B 473 26.34 -43.12 12.87
CA THR B 473 26.51 -42.39 14.12
C THR B 473 25.19 -41.89 14.69
N ILE B 474 24.21 -41.67 13.83
CA ILE B 474 22.90 -41.23 14.27
C ILE B 474 22.00 -42.44 14.46
N THR B 475 21.18 -42.41 15.52
CA THR B 475 20.30 -43.52 15.85
C THR B 475 18.86 -43.14 15.56
N LYS B 476 18.12 -44.07 14.98
CA LYS B 476 16.77 -43.77 14.53
C LYS B 476 15.78 -43.88 15.70
N PRO B 477 14.76 -43.04 15.73
CA PRO B 477 13.72 -43.15 16.75
C PRO B 477 12.76 -44.29 16.44
N LEU B 478 11.81 -44.50 17.37
CA LEU B 478 10.83 -45.55 17.18
C LEU B 478 9.70 -45.11 16.27
N LYS B 479 9.24 -43.87 16.43
CA LYS B 479 8.19 -43.29 15.60
C LYS B 479 8.33 -41.79 15.64
N TYR B 480 7.66 -41.12 14.71
CA TYR B 480 7.58 -39.66 14.72
C TYR B 480 6.45 -39.24 15.65
N SER B 481 6.76 -38.34 16.58
CA SER B 481 5.77 -37.81 17.50
C SER B 481 5.62 -36.31 17.24
N TYR B 482 4.37 -35.86 17.06
CA TYR B 482 4.12 -34.44 16.86
C TYR B 482 2.86 -34.06 17.62
N ILE B 483 2.90 -32.91 18.30
CA ILE B 483 1.77 -32.47 19.11
C ILE B 483 0.78 -31.72 18.24
N ASN B 484 -0.50 -32.07 18.36
CA ASN B 484 -1.56 -31.41 17.62
C ASN B 484 -2.44 -30.50 18.45
N LYS B 485 -2.61 -30.87 19.72
CA LYS B 485 -3.48 -30.06 20.62
C LYS B 485 -2.71 -29.75 21.90
N CYS B 486 -2.74 -28.50 22.33
CA CYS B 486 -2.11 -28.09 23.59
C CYS B 486 -2.85 -26.84 24.07
N SER B 487 -3.72 -27.02 25.05
CA SER B 487 -4.61 -25.95 25.49
C SER B 487 -4.77 -26.00 27.00
N ARG B 488 -4.92 -24.83 27.61
CA ARG B 488 -5.11 -24.74 29.05
C ARG B 488 -6.60 -24.74 29.36
N LEU B 489 -7.03 -25.67 30.20
CA LEU B 489 -8.41 -25.76 30.64
C LEU B 489 -8.55 -25.04 31.97
N LEU B 490 -9.35 -23.99 31.99
CA LEU B 490 -9.51 -23.24 33.22
C LEU B 490 -10.55 -23.93 34.11
N SER B 491 -10.81 -23.32 35.27
CA SER B 491 -11.88 -23.79 36.13
C SER B 491 -13.26 -23.59 35.51
N ASP B 492 -13.35 -22.83 34.42
CA ASP B 492 -14.59 -22.55 33.73
C ASP B 492 -15.22 -23.77 33.07
N ASP B 493 -14.62 -24.96 33.23
CA ASP B 493 -15.28 -26.22 32.90
C ASP B 493 -15.69 -26.29 31.43
N ARG B 494 -14.65 -26.43 30.59
CA ARG B 494 -14.71 -26.67 29.14
C ARG B 494 -14.84 -25.38 28.32
N THR B 495 -14.69 -24.22 28.94
CA THR B 495 -14.43 -22.99 28.18
C THR B 495 -12.91 -22.93 27.98
N GLU B 496 -12.46 -23.33 26.80
CA GLU B 496 -11.08 -23.73 26.58
C GLU B 496 -10.32 -22.67 25.80
N VAL B 497 -9.02 -22.56 26.08
CA VAL B 497 -8.14 -21.63 25.38
C VAL B 497 -6.88 -22.36 24.93
N PRO B 498 -6.55 -22.34 23.64
CA PRO B 498 -5.33 -23.02 23.17
C PRO B 498 -4.07 -22.38 23.72
N GLN B 499 -3.06 -23.22 23.95
CA GLN B 499 -1.72 -22.76 24.33
C GLN B 499 -0.84 -22.83 23.09
N LEU B 500 -1.00 -21.84 22.22
CA LEU B 500 -0.18 -21.77 21.02
C LEU B 500 1.27 -21.46 21.39
N VAL B 501 2.19 -22.00 20.62
CA VAL B 501 3.61 -21.88 20.92
C VAL B 501 4.18 -20.66 20.22
N ASN B 502 5.15 -20.03 20.87
CA ASN B 502 5.85 -18.89 20.31
C ASN B 502 7.02 -19.36 19.46
N ALA B 503 7.61 -18.41 18.73
CA ALA B 503 8.76 -18.72 17.90
C ALA B 503 9.98 -19.01 18.77
N ASN B 504 10.75 -20.02 18.38
CA ASN B 504 11.97 -20.42 19.08
C ASN B 504 11.71 -20.74 20.54
N GLN B 505 10.53 -21.27 20.83
CA GLN B 505 10.15 -21.63 22.19
C GLN B 505 9.50 -22.99 22.18
N TYR B 506 9.61 -23.69 23.30
CA TYR B 506 8.92 -24.97 23.45
C TYR B 506 7.49 -24.74 23.91
N SER B 507 6.60 -25.63 23.50
CA SER B 507 5.23 -25.55 23.98
C SER B 507 5.19 -25.79 25.48
N PRO B 508 4.26 -25.12 26.18
CA PRO B 508 4.13 -25.39 27.63
C PRO B 508 3.72 -26.81 27.94
N CYS B 509 3.16 -27.53 26.97
CA CYS B 509 2.74 -28.90 27.15
C CYS B 509 3.87 -29.91 27.01
N VAL B 510 5.09 -29.45 26.72
CA VAL B 510 6.20 -30.38 26.47
C VAL B 510 6.51 -31.21 27.71
N SER B 511 6.57 -30.57 28.89
CA SER B 511 6.92 -31.31 30.10
C SER B 511 5.93 -32.42 30.38
N ILE B 512 4.63 -32.13 30.24
CA ILE B 512 3.60 -33.12 30.53
C ILE B 512 3.60 -34.23 29.48
N VAL B 513 3.73 -33.87 28.22
CA VAL B 513 3.64 -34.85 27.13
C VAL B 513 4.86 -35.74 27.19
N PRO B 514 4.74 -37.03 26.85
CA PRO B 514 5.92 -37.88 26.74
C PRO B 514 6.83 -37.42 25.61
N SER B 515 8.09 -37.85 25.70
CA SER B 515 9.08 -37.50 24.67
C SER B 515 8.67 -38.05 23.31
N THR B 516 8.31 -39.32 23.26
CA THR B 516 7.78 -39.95 22.05
C THR B 516 6.39 -40.48 22.39
N VAL B 517 5.38 -40.02 21.64
CA VAL B 517 4.01 -40.37 21.96
C VAL B 517 3.82 -41.87 21.80
N TRP B 518 3.23 -42.50 22.81
CA TRP B 518 3.10 -43.96 22.82
C TRP B 518 2.23 -44.45 21.66
N GLU B 519 1.12 -43.77 21.40
CA GLU B 519 0.21 -44.19 20.35
C GLU B 519 -0.50 -42.96 19.81
N ASP B 520 -1.04 -43.08 18.61
CA ASP B 520 -1.75 -41.96 18.01
C ASP B 520 -2.98 -41.60 18.83
N GLY B 521 -3.28 -40.30 18.88
CA GLY B 521 -4.47 -39.82 19.56
C GLY B 521 -4.36 -39.71 21.07
N ASP B 522 -3.16 -39.86 21.63
CA ASP B 522 -3.02 -39.74 23.08
C ASP B 522 -3.37 -38.35 23.57
N TYR B 523 -4.03 -38.32 24.73
CA TYR B 523 -4.31 -37.12 25.48
C TYR B 523 -3.62 -37.23 26.83
N TYR B 524 -3.14 -36.10 27.33
CA TYR B 524 -2.42 -36.02 28.59
C TYR B 524 -2.93 -34.79 29.33
N ARG B 525 -3.02 -34.89 30.65
CA ARG B 525 -3.75 -33.91 31.41
C ARG B 525 -3.06 -33.66 32.74
N LYS B 526 -3.19 -32.44 33.26
CA LYS B 526 -2.57 -32.12 34.54
C LYS B 526 -3.28 -30.92 35.16
N GLN B 527 -3.26 -30.86 36.50
CA GLN B 527 -3.82 -29.71 37.20
C GLN B 527 -2.72 -28.74 37.59
N LEU B 528 -3.07 -27.45 37.63
CA LEU B 528 -2.14 -26.38 37.95
C LEU B 528 -2.59 -25.68 39.22
N SER B 529 -1.61 -25.31 40.05
CA SER B 529 -1.91 -24.69 41.33
C SER B 529 -2.50 -23.29 41.13
N PRO B 530 -3.33 -22.83 42.07
CA PRO B 530 -3.87 -21.46 41.96
C PRO B 530 -2.78 -20.41 41.92
N LEU B 531 -1.62 -20.67 42.52
CA LEU B 531 -0.52 -19.71 42.50
C LEU B 531 0.01 -19.48 41.08
N GLU B 532 -0.25 -20.41 40.16
CA GLU B 532 0.06 -20.22 38.74
C GLU B 532 -1.16 -19.78 37.95
N GLY B 533 -2.21 -19.32 38.64
CA GLY B 533 -3.47 -19.00 38.01
C GLY B 533 -4.50 -20.10 38.11
N GLY B 534 -4.11 -21.31 38.48
CA GLY B 534 -5.04 -22.40 38.66
C GLY B 534 -5.52 -22.96 37.34
N GLY B 535 -6.27 -24.06 37.45
CA GLY B 535 -6.88 -24.66 36.29
C GLY B 535 -6.25 -25.95 35.83
N TRP B 536 -6.23 -26.18 34.52
CA TRP B 536 -5.97 -27.52 34.03
C TRP B 536 -5.30 -27.38 32.66
N LEU B 537 -4.37 -28.27 32.37
CA LEU B 537 -3.65 -28.26 31.11
C LEU B 537 -3.89 -29.57 30.37
N VAL B 538 -4.27 -29.44 29.11
CA VAL B 538 -4.58 -30.56 28.22
C VAL B 538 -3.61 -30.52 27.05
N ALA B 539 -2.94 -31.65 26.79
CA ALA B 539 -1.99 -31.77 25.69
C ALA B 539 -2.33 -33.01 24.88
N SER B 540 -2.49 -32.86 23.57
CA SER B 540 -2.77 -34.02 22.69
C SER B 540 -1.76 -34.07 21.55
N GLY B 541 -1.11 -35.22 21.39
CA GLY B 541 -0.17 -35.44 20.32
C GLY B 541 -0.70 -36.39 19.27
N SER B 542 0.22 -36.90 18.46
CA SER B 542 -0.09 -37.86 17.42
C SER B 542 1.20 -38.52 16.96
N THR B 543 1.05 -39.73 16.41
CA THR B 543 2.17 -40.56 16.00
C THR B 543 2.11 -40.80 14.50
N VAL B 544 3.25 -40.68 13.85
CA VAL B 544 3.43 -41.01 12.45
C VAL B 544 4.46 -42.13 12.38
N ALA B 545 4.06 -43.26 11.79
CA ALA B 545 4.98 -44.38 11.67
C ALA B 545 6.14 -44.00 10.78
N MET B 546 7.36 -44.26 11.25
CA MET B 546 8.53 -43.84 10.51
C MET B 546 8.79 -44.74 9.31
N THR B 547 9.60 -44.20 8.39
CA THR B 547 10.13 -44.98 7.30
C THR B 547 11.49 -45.55 7.70
N GLU B 548 12.12 -46.26 6.78
CA GLU B 548 13.42 -46.86 7.07
C GLU B 548 14.48 -45.80 7.30
N GLN B 549 14.57 -44.83 6.39
CA GLN B 549 15.60 -43.81 6.48
C GLN B 549 15.25 -42.76 7.53
N LEU B 550 16.28 -42.21 8.16
CA LEU B 550 16.07 -41.12 9.10
C LEU B 550 15.90 -39.82 8.35
N GLN B 551 14.74 -39.19 8.54
CA GLN B 551 14.38 -37.92 7.93
C GLN B 551 14.31 -36.89 9.06
N MET B 552 15.07 -35.81 8.92
CA MET B 552 15.25 -34.83 9.98
C MET B 552 15.11 -33.42 9.42
N GLY B 553 14.84 -32.46 10.30
CA GLY B 553 14.63 -31.07 9.85
C GLY B 553 15.58 -30.09 10.50
N PHE B 554 16.00 -29.05 9.76
CA PHE B 554 16.92 -28.01 10.30
C PHE B 554 16.25 -26.63 10.20
N GLY B 555 16.50 -25.77 11.18
CA GLY B 555 15.94 -24.39 11.14
C GLY B 555 17.03 -23.37 11.40
N ILE B 556 17.91 -23.13 10.42
CA ILE B 556 19.06 -22.20 10.63
C ILE B 556 18.53 -20.77 10.80
N THR B 557 19.03 -20.06 11.81
CA THR B 557 18.62 -18.65 12.05
C THR B 557 19.89 -17.80 12.15
N VAL B 558 19.99 -16.71 11.38
CA VAL B 558 21.23 -15.88 11.38
C VAL B 558 20.91 -14.51 11.98
N GLN B 559 21.56 -14.15 13.09
CA GLN B 559 21.15 -12.91 13.79
C GLN B 559 22.10 -11.73 13.53
N TYR B 560 21.55 -10.58 13.11
CA TYR B 560 22.38 -9.36 12.95
C TYR B 560 21.95 -8.39 14.05
N GLY B 561 20.78 -8.63 14.65
CA GLY B 561 20.26 -7.75 15.73
C GLY B 561 21.13 -7.77 16.97
N THR B 562 21.65 -8.94 17.35
CA THR B 562 22.53 -9.07 18.54
C THR B 562 23.90 -8.46 18.18
N ASP B 563 24.75 -8.21 19.18
CA ASP B 563 26.11 -7.65 18.95
C ASP B 563 26.69 -8.33 17.72
N THR B 564 26.86 -7.59 16.60
CA THR B 564 27.24 -8.27 15.34
C THR B 564 28.72 -8.66 15.39
N ASN B 565 29.04 -9.66 16.21
CA ASN B 565 30.43 -10.16 16.31
C ASN B 565 30.42 -11.64 16.70
N SER B 566 31.48 -12.39 16.35
CA SER B 566 31.67 -13.79 16.82
C SER B 566 31.33 -14.93 15.83
N VAL B 567 30.44 -14.77 14.84
CA VAL B 567 30.19 -15.91 13.90
C VAL B 567 30.48 -15.51 12.43
N CYS B 568 31.50 -16.12 11.82
CA CYS B 568 31.81 -15.84 10.39
C CYS B 568 32.40 -17.11 9.77
N PRO B 569 32.09 -17.49 8.51
CA PRO B 569 32.74 -18.66 7.90
C PRO B 569 34.25 -18.46 7.74
N LYS B 570 35.04 -19.51 8.03
CA LYS B 570 36.51 -19.43 7.88
C LYS B 570 36.87 -19.28 6.39
N LEU B 571 37.89 -18.47 6.09
CA LEU B 571 38.31 -18.25 4.67
C LEU B 571 39.61 -19.01 4.40
N LYS B 578 49.97 -7.14 5.01
CA LYS B 578 49.18 -7.32 3.76
C LYS B 578 48.08 -6.25 3.71
N ILE B 579 47.12 -6.42 2.80
CA ILE B 579 45.99 -5.44 2.68
C ILE B 579 45.12 -5.53 3.95
N ALA B 580 45.05 -6.71 4.56
CA ALA B 580 44.22 -6.90 5.79
C ALA B 580 45.10 -6.70 7.02
N SER B 581 45.01 -5.54 7.67
CA SER B 581 45.85 -5.21 8.86
C SER B 581 45.59 -3.74 9.22
N GLN B 582 46.42 -3.15 10.07
CA GLN B 582 46.28 -1.69 10.35
C GLN B 582 46.55 -0.97 9.03
N LEU B 583 47.53 -1.45 8.27
CA LEU B 583 47.78 -0.88 6.92
C LEU B 583 46.54 -1.13 6.08
N GLY B 584 46.18 -0.21 5.18
CA GLY B 584 44.91 -0.36 4.45
C GLY B 584 44.08 0.90 4.53
N ASN B 585 44.71 2.06 4.35
CA ASN B 585 43.99 3.37 4.34
C ASN B 585 43.09 3.40 3.10
N CYS B 586 43.30 2.46 2.17
CA CYS B 586 42.49 2.39 0.93
C CYS B 586 41.02 2.23 1.29
N VAL B 587 40.11 2.78 0.48
CA VAL B 587 38.66 2.80 0.85
C VAL B 587 38.04 1.41 1.04
N GLU B 588 38.35 0.42 0.18
CA GLU B 588 37.64 -0.88 0.29
C GLU B 588 37.93 -1.57 1.62
N TYR B 589 36.90 -2.09 2.29
CA TYR B 589 37.11 -2.88 3.54
C TYR B 589 35.93 -3.84 3.75
N SER B 590 36.16 -4.97 4.44
CA SER B 590 35.07 -5.91 4.77
C SER B 590 35.17 -6.32 6.24
N LEU B 591 34.07 -6.28 7.00
CA LEU B 591 34.13 -6.56 8.47
C LEU B 591 32.89 -7.36 8.90
N TYR B 592 32.94 -7.96 10.09
CA TYR B 592 31.79 -8.75 10.61
C TYR B 592 30.56 -7.85 10.72
N GLY B 593 30.74 -6.65 11.28
CA GLY B 593 29.59 -5.75 11.47
C GLY B 593 28.97 -5.31 10.15
N VAL B 594 29.82 -4.89 9.20
CA VAL B 594 29.33 -4.48 7.85
C VAL B 594 30.51 -4.43 6.87
N SER B 595 30.24 -4.50 5.57
CA SER B 595 31.33 -4.31 4.57
C SER B 595 31.07 -2.96 3.90
N GLY B 596 32.08 -2.10 3.80
CA GLY B 596 31.81 -0.74 3.29
C GLY B 596 33.01 -0.14 2.58
N ARG B 597 32.84 1.00 1.92
CA ARG B 597 33.99 1.68 1.26
C ARG B 597 34.24 3.00 2.01
N GLY B 598 35.48 3.23 2.47
CA GLY B 598 35.78 4.45 3.24
C GLY B 598 37.23 4.57 3.68
N VAL B 599 37.77 5.79 3.70
CA VAL B 599 39.14 6.06 4.12
C VAL B 599 39.28 5.74 5.61
N PHE B 600 40.47 5.28 5.99
CA PHE B 600 40.80 4.95 7.37
C PHE B 600 41.89 5.89 7.85
N GLN B 601 41.81 6.31 9.11
CA GLN B 601 42.84 7.15 9.71
C GLN B 601 43.04 6.78 11.17
N ASN B 602 44.07 7.39 11.79
CA ASN B 602 44.29 7.20 13.25
C ASN B 602 43.80 8.45 13.97
N CYS B 603 43.06 8.30 15.07
CA CYS B 603 42.45 9.49 15.76
C CYS B 603 42.61 9.38 17.28
N THR B 604 42.43 10.50 18.00
CA THR B 604 42.59 10.52 19.48
C THR B 604 41.55 9.60 20.13
N ALA B 605 41.93 8.91 21.23
CA ALA B 605 41.03 7.89 21.84
C ALA B 605 39.71 8.45 22.36
N VAL B 606 38.57 7.81 22.02
CA VAL B 606 37.23 8.20 22.55
C VAL B 606 36.43 6.91 22.68
N GLY B 607 35.33 6.90 23.45
CA GLY B 607 34.46 5.69 23.50
C GLY B 607 34.88 4.70 24.57
N VAL B 608 34.00 3.73 24.86
CA VAL B 608 34.29 2.70 25.91
C VAL B 608 35.51 1.87 25.49
N ARG B 609 35.62 1.53 24.20
CA ARG B 609 36.76 0.74 23.64
C ARG B 609 36.50 -0.77 23.80
N GLN B 610 35.43 -1.15 24.51
CA GLN B 610 35.07 -2.59 24.61
C GLN B 610 34.59 -3.10 23.25
N GLN B 611 33.79 -2.30 22.55
CA GLN B 611 33.26 -2.69 21.20
C GLN B 611 34.29 -2.38 20.12
N ARG B 612 34.06 -2.84 18.89
CA ARG B 612 35.00 -2.50 17.79
C ARG B 612 34.36 -1.46 16.86
N PHE B 613 33.17 -0.92 17.19
CA PHE B 613 32.50 0.01 16.25
C PHE B 613 31.95 1.25 16.96
N VAL B 614 32.28 2.46 16.48
CA VAL B 614 31.68 3.72 17.04
C VAL B 614 30.71 4.25 15.99
N TYR B 615 29.51 4.66 16.41
CA TYR B 615 28.49 5.14 15.44
C TYR B 615 28.09 6.57 15.77
N ASP B 616 27.55 7.30 14.79
CA ASP B 616 27.10 8.70 15.02
C ASP B 616 25.56 8.73 15.03
N ALA B 617 24.92 7.59 15.29
CA ALA B 617 23.43 7.46 15.27
C ALA B 617 22.96 7.32 13.81
N TYR B 618 23.91 7.11 12.89
CA TYR B 618 23.58 6.92 11.45
C TYR B 618 24.36 5.69 10.96
N GLN B 619 24.04 5.20 9.77
CA GLN B 619 24.70 3.95 9.27
C GLN B 619 26.21 4.15 9.18
N ASN B 620 26.67 5.33 8.74
CA ASN B 620 28.12 5.62 8.70
C ASN B 620 28.71 5.46 10.11
N LEU B 621 29.93 4.92 10.21
CA LEU B 621 30.51 4.64 11.55
C LEU B 621 31.99 5.06 11.62
N VAL B 622 32.47 5.41 12.81
CA VAL B 622 33.92 5.75 13.02
C VAL B 622 34.75 4.46 12.83
N GLY B 623 34.17 3.29 13.12
CA GLY B 623 34.90 2.03 12.87
C GLY B 623 36.25 1.99 13.54
N TYR B 624 36.22 1.53 14.80
CA TYR B 624 37.40 1.06 15.58
C TYR B 624 38.84 0.88 15.11
N TYR B 625 39.42 -0.25 15.59
CA TYR B 625 40.85 -0.58 15.31
C TYR B 625 40.96 -1.61 14.19
N SER B 626 41.63 -1.24 13.09
CA SER B 626 41.84 -2.18 11.97
C SER B 626 42.70 -3.35 12.48
N ASP B 627 43.70 -3.06 13.30
CA ASP B 627 44.52 -4.15 13.91
C ASP B 627 44.53 -3.94 15.42
N ASP B 628 44.55 -5.01 16.21
CA ASP B 628 44.45 -4.90 17.70
C ASP B 628 45.47 -3.89 18.25
N GLY B 629 45.17 -3.26 19.39
CA GLY B 629 46.08 -2.28 20.00
C GLY B 629 46.37 -1.07 19.13
N ASN B 630 45.36 -0.57 18.41
CA ASN B 630 45.53 0.63 17.55
C ASN B 630 44.17 1.32 17.37
N TYR B 631 44.13 2.49 16.74
CA TYR B 631 42.83 3.16 16.46
C TYR B 631 42.74 3.51 14.97
N TYR B 632 41.61 3.19 14.31
CA TYR B 632 41.42 3.63 12.91
C TYR B 632 40.07 4.33 12.70
N CYS B 633 40.02 5.64 12.95
CA CYS B 633 38.78 6.42 12.67
C CYS B 633 38.47 6.30 11.17
N LEU B 634 37.20 6.14 10.80
CA LEU B 634 36.85 5.85 9.38
C LEU B 634 35.97 6.95 8.79
N ARG B 635 35.96 7.09 7.45
CA ARG B 635 35.19 8.16 6.78
C ARG B 635 34.41 7.55 5.61
N ALA B 636 33.28 8.14 5.23
CA ALA B 636 32.56 7.66 4.03
C ALA B 636 33.39 8.00 2.78
N CYS B 637 33.34 7.16 1.74
CA CYS B 637 34.17 7.39 0.53
C CYS B 637 33.78 8.73 -0.11
N VAL B 638 34.76 9.56 -0.45
CA VAL B 638 34.47 10.91 -1.03
C VAL B 638 34.14 10.78 -2.53
N SER B 639 33.37 11.73 -3.07
CA SER B 639 33.03 11.72 -4.52
C SER B 639 33.25 13.13 -5.09
N VAL B 640 33.55 13.23 -6.38
CA VAL B 640 33.87 14.53 -7.05
C VAL B 640 32.68 15.00 -7.90
N PRO B 641 32.00 16.14 -7.62
CA PRO B 641 30.91 16.63 -8.48
C PRO B 641 31.41 17.20 -9.82
N VAL B 642 30.58 17.09 -10.88
CA VAL B 642 30.97 17.61 -12.22
C VAL B 642 29.82 18.42 -12.82
N SER B 643 30.12 19.47 -13.57
CA SER B 643 29.08 20.30 -14.24
C SER B 643 29.53 20.66 -15.66
N VAL B 644 28.60 20.94 -16.57
CA VAL B 644 28.95 21.25 -17.99
C VAL B 644 28.35 22.60 -18.40
N ILE B 645 29.13 23.46 -19.06
CA ILE B 645 28.59 24.74 -19.58
C ILE B 645 28.35 24.57 -21.08
N TYR B 646 27.09 24.59 -21.53
CA TYR B 646 26.82 24.32 -22.97
C TYR B 646 27.40 25.40 -23.88
N ASP B 647 27.26 26.69 -23.53
CA ASP B 647 27.72 27.76 -24.46
C ASP B 647 27.08 27.48 -25.82
N LYS B 648 25.74 27.51 -25.91
CA LYS B 648 25.03 27.09 -27.16
C LYS B 648 25.45 27.91 -28.39
N GLU B 649 25.62 29.23 -28.27
CA GLU B 649 25.92 30.01 -29.50
C GLU B 649 27.26 29.53 -30.08
N THR B 650 28.29 29.40 -29.26
CA THR B 650 29.59 28.84 -29.73
C THR B 650 29.45 27.34 -29.99
N LYS B 651 28.69 26.63 -29.16
CA LYS B 651 28.51 25.14 -29.25
C LYS B 651 29.69 24.45 -28.56
N THR B 652 30.61 25.22 -27.96
CA THR B 652 31.74 24.61 -27.20
C THR B 652 31.25 24.18 -25.81
N HIS B 653 31.92 23.20 -25.20
CA HIS B 653 31.53 22.71 -23.85
C HIS B 653 32.73 22.85 -22.89
N ALA B 654 32.49 23.40 -21.69
CA ALA B 654 33.57 23.52 -20.68
C ALA B 654 33.17 22.73 -19.43
N THR B 655 34.22 21.84 -18.99
CA THR B 655 33.92 20.92 -17.85
C THR B 655 34.30 21.53 -16.49
N LEU B 656 33.32 22.40 -15.92
CA LEU B 656 33.67 22.92 -14.58
C LEU B 656 33.54 21.77 -13.58
N PHE B 657 34.52 21.60 -12.69
CA PHE B 657 34.45 20.52 -11.67
C PHE B 657 33.77 21.05 -10.41
N GLY B 658 33.87 20.32 -9.30
CA GLY B 658 33.19 20.72 -8.05
C GLY B 658 33.81 21.96 -7.44
N SER B 659 33.12 22.59 -6.48
CA SER B 659 33.60 23.87 -5.90
C SER B 659 35.02 23.68 -5.35
N VAL B 660 35.31 22.51 -4.79
CA VAL B 660 36.71 22.23 -4.34
C VAL B 660 37.15 20.90 -4.94
N ALA B 661 37.39 20.88 -6.25
CA ALA B 661 37.92 19.67 -6.90
C ALA B 661 39.05 20.11 -7.84
N CYS B 662 40.17 20.58 -7.29
CA CYS B 662 41.23 21.12 -8.17
C CYS B 662 42.59 20.44 -7.94
N GLU B 663 42.67 19.47 -7.03
CA GLU B 663 43.97 18.74 -6.87
C GLU B 663 43.80 17.27 -7.25
N HIS B 664 42.88 16.56 -6.60
CA HIS B 664 42.73 15.10 -6.85
C HIS B 664 42.26 14.81 -8.28
N ILE B 665 41.31 15.58 -8.80
CA ILE B 665 40.74 15.27 -10.14
C ILE B 665 41.79 15.50 -11.24
N SER B 666 41.81 14.64 -12.26
CA SER B 666 42.73 14.82 -13.41
C SER B 666 41.94 14.50 -14.70
N SER B 667 42.36 15.04 -15.84
CA SER B 667 41.57 14.83 -17.08
C SER B 667 41.57 13.34 -17.42
N THR B 668 40.39 12.76 -17.68
CA THR B 668 40.28 11.31 -18.04
C THR B 668 40.99 10.46 -16.98
N MET B 669 40.81 10.79 -15.70
CA MET B 669 41.56 10.07 -14.63
C MET B 669 41.09 8.62 -14.52
N SER B 670 42.03 7.68 -14.35
CA SER B 670 41.68 6.25 -14.18
C SER B 670 40.90 6.04 -12.88
N GLN B 671 41.26 6.76 -11.82
CA GLN B 671 40.61 6.55 -10.48
C GLN B 671 39.11 6.81 -10.54
N TYR B 672 38.70 7.89 -11.20
CA TYR B 672 37.26 8.27 -11.13
C TYR B 672 36.44 7.57 -12.22
N SER B 673 35.56 6.66 -11.80
CA SER B 673 34.68 5.94 -12.76
C SER B 673 33.26 6.51 -12.64
N ARG B 674 32.85 7.36 -13.59
CA ARG B 674 31.51 7.98 -13.56
C ARG B 674 30.44 6.95 -13.93
N SER B 675 29.20 7.18 -13.53
CA SER B 675 28.08 6.28 -13.90
C SER B 675 27.92 6.30 -15.42
N THR B 676 28.21 7.44 -16.06
CA THR B 676 28.13 7.57 -17.54
C THR B 676 29.28 6.76 -18.18
N ARG B 677 29.24 6.54 -19.50
CA ARG B 677 30.27 5.72 -20.20
C ARG B 677 31.68 6.25 -19.95
N SER B 678 31.87 7.11 -18.95
CA SER B 678 33.22 7.62 -18.57
C SER B 678 33.79 8.50 -19.68
N MET B 679 33.09 8.62 -20.82
CA MET B 679 33.57 9.60 -21.83
C MET B 679 33.34 10.97 -21.19
N LEU B 680 34.36 11.82 -21.16
CA LEU B 680 34.21 13.11 -20.44
C LEU B 680 33.67 14.19 -21.37
N LYS B 681 32.80 15.08 -20.87
CA LYS B 681 32.33 16.23 -21.67
C LYS B 681 32.03 15.78 -23.11
N PRO B 693 44.21 23.43 -16.98
CA PRO B 693 42.99 23.84 -16.29
C PRO B 693 43.20 25.09 -15.44
N VAL B 694 42.22 25.99 -15.42
CA VAL B 694 42.36 27.27 -14.64
C VAL B 694 42.51 26.89 -13.16
N GLY B 695 43.45 27.53 -12.43
CA GLY B 695 43.76 27.22 -11.01
C GLY B 695 42.67 26.62 -10.16
N CYS B 696 42.25 27.35 -9.12
CA CYS B 696 41.25 26.78 -8.17
C CYS B 696 40.17 27.81 -7.82
N VAL B 697 39.97 28.85 -8.65
CA VAL B 697 38.89 29.85 -8.41
C VAL B 697 37.70 29.10 -7.77
N LEU B 698 37.17 28.09 -8.47
CA LEU B 698 36.12 27.20 -7.90
C LEU B 698 36.33 25.80 -8.48
N GLY B 699 37.44 25.14 -8.14
CA GLY B 699 37.75 23.81 -8.69
C GLY B 699 38.43 23.89 -10.06
N LEU B 700 38.83 22.74 -10.60
CA LEU B 700 39.47 22.70 -11.95
C LEU B 700 38.40 22.85 -13.04
N VAL B 701 38.79 23.34 -14.22
CA VAL B 701 37.83 23.39 -15.36
C VAL B 701 38.59 22.94 -16.62
N ASN B 702 37.94 22.19 -17.52
CA ASN B 702 38.66 21.64 -18.70
C ASN B 702 39.18 22.77 -19.59
N SER B 703 38.37 23.81 -19.83
CA SER B 703 38.88 24.98 -20.60
C SER B 703 39.94 25.70 -19.76
N SER B 704 41.00 26.20 -20.39
CA SER B 704 42.11 26.79 -19.60
C SER B 704 42.51 28.18 -20.11
N LEU B 705 41.67 29.20 -19.89
CA LEU B 705 42.07 30.58 -20.27
C LEU B 705 42.00 31.50 -19.04
N PHE B 706 43.11 32.16 -18.69
CA PHE B 706 43.13 33.00 -17.47
C PHE B 706 42.81 34.45 -17.83
N VAL B 707 42.59 34.73 -19.12
CA VAL B 707 42.34 36.13 -19.55
C VAL B 707 41.07 36.64 -18.88
N GLU B 708 41.12 37.83 -18.27
CA GLU B 708 39.91 38.42 -17.65
C GLU B 708 39.50 39.69 -18.41
N ASP B 709 40.45 40.61 -18.61
CA ASP B 709 40.14 41.89 -19.31
C ASP B 709 38.98 42.57 -18.58
N CYS B 710 37.95 43.01 -19.33
CA CYS B 710 36.75 43.60 -18.70
C CYS B 710 35.52 42.83 -19.19
N LYS B 711 34.64 42.41 -18.28
CA LYS B 711 33.45 41.62 -18.68
C LYS B 711 32.17 42.37 -18.26
N LEU B 712 31.14 42.34 -19.11
CA LEU B 712 29.86 43.05 -18.81
C LEU B 712 28.93 42.11 -18.03
N PRO B 713 27.83 42.59 -17.41
CA PRO B 713 26.99 41.73 -16.56
C PRO B 713 26.38 40.51 -17.28
N LEU B 714 25.90 40.69 -18.51
CA LEU B 714 25.21 39.57 -19.22
C LEU B 714 26.18 38.41 -19.44
N GLY B 715 25.70 37.17 -19.24
CA GLY B 715 26.55 35.98 -19.44
C GLY B 715 26.10 34.80 -18.59
N GLN B 716 26.70 33.62 -18.80
CA GLN B 716 26.37 32.43 -18.03
C GLN B 716 26.40 32.71 -16.53
N SER B 717 27.41 33.45 -16.08
CA SER B 717 27.59 33.71 -14.66
C SER B 717 27.70 32.40 -13.90
N LEU B 718 28.68 31.59 -14.29
CA LEU B 718 28.84 30.28 -13.69
C LEU B 718 29.19 30.37 -12.21
N CYS B 719 29.93 31.39 -11.82
CA CYS B 719 30.47 31.42 -10.47
C CYS B 719 30.35 32.83 -9.89
N ALA B 720 31.00 33.02 -8.75
CA ALA B 720 31.00 34.32 -8.08
C ALA B 720 31.59 35.41 -8.97
N LEU B 721 32.87 35.31 -9.24
CA LEU B 721 33.51 36.24 -10.17
C LEU B 721 33.28 35.84 -11.63
N PRO B 722 33.60 34.61 -12.03
CA PRO B 722 33.69 34.30 -13.46
C PRO B 722 32.37 34.43 -14.20
N ASP B 723 32.47 34.82 -15.47
CA ASP B 723 31.32 34.93 -16.36
C ASP B 723 31.42 34.11 -17.63
N THR B 724 32.56 33.47 -17.91
CA THR B 724 32.75 32.66 -19.10
C THR B 724 32.15 33.21 -20.40
N PRO B 725 32.62 34.36 -20.87
CA PRO B 725 32.06 34.93 -22.10
C PRO B 725 32.28 34.02 -23.29
N SER B 726 31.23 33.92 -24.13
CA SER B 726 31.22 33.02 -25.33
C SER B 726 32.60 32.50 -25.78
N THR B 727 33.18 33.16 -26.79
CA THR B 727 34.13 32.48 -27.71
C THR B 727 35.56 32.60 -27.18
N MET B 740 34.66 29.15 -23.80
CA MET B 740 36.02 29.37 -23.34
C MET B 740 36.23 30.82 -22.95
N ARG B 741 37.48 31.20 -22.71
CA ARG B 741 37.83 32.53 -22.19
C ARG B 741 37.13 32.75 -20.84
N LEU B 742 37.50 31.90 -19.90
CA LEU B 742 36.78 31.82 -18.65
C LEU B 742 37.21 32.95 -17.75
N ALA B 743 36.64 32.98 -16.54
CA ALA B 743 37.19 33.76 -15.43
C ALA B 743 37.27 35.25 -15.78
N SER B 744 36.10 35.92 -15.79
CA SER B 744 36.12 37.36 -16.00
C SER B 744 34.94 38.04 -15.33
N ILE B 745 35.17 39.24 -14.80
CA ILE B 745 34.10 40.14 -14.38
C ILE B 745 34.68 41.53 -14.22
N ALA B 746 33.80 42.55 -14.26
CA ALA B 746 34.19 43.92 -13.89
C ALA B 746 33.00 44.81 -13.60
N PHE B 747 32.83 45.30 -12.37
CA PHE B 747 31.68 46.21 -12.16
C PHE B 747 32.11 47.68 -12.20
N ASN B 748 31.51 48.46 -13.11
CA ASN B 748 31.88 49.89 -13.27
C ASN B 748 31.53 50.67 -12.01
N HIS B 749 32.38 51.63 -11.64
CA HIS B 749 32.12 52.47 -10.44
C HIS B 749 31.14 53.61 -10.78
N PRO B 750 30.18 54.02 -9.91
CA PRO B 750 29.23 55.08 -10.31
C PRO B 750 29.88 56.47 -10.32
N ILE B 751 29.20 57.46 -10.89
CA ILE B 751 29.74 58.85 -10.91
C ILE B 751 30.20 59.25 -9.49
N GLN B 752 31.48 59.61 -9.34
CA GLN B 752 32.01 60.03 -8.05
C GLN B 752 32.03 61.55 -7.99
N VAL B 753 31.40 62.09 -6.95
CA VAL B 753 31.32 63.54 -6.75
C VAL B 753 31.93 63.83 -5.39
N ASP B 754 33.12 64.43 -5.39
CA ASP B 754 33.85 64.65 -4.15
C ASP B 754 33.18 65.72 -3.30
N GLN B 755 33.50 65.70 -2.03
CA GLN B 755 32.84 66.52 -1.02
C GLN B 755 33.80 67.58 -0.53
N LEU B 756 33.48 68.84 -0.80
CA LEU B 756 34.31 69.96 -0.38
C LEU B 756 34.23 70.13 1.14
N ASN B 757 35.18 70.89 1.68
CA ASN B 757 35.16 71.24 3.10
C ASN B 757 34.82 72.70 3.34
N SER B 758 34.63 73.48 2.28
CA SER B 758 34.24 74.88 2.43
C SER B 758 32.75 74.99 2.68
N SER B 759 32.22 76.21 2.60
CA SER B 759 30.79 76.42 2.70
C SER B 759 30.06 76.13 1.39
N TYR B 760 30.78 76.08 0.28
CA TYR B 760 30.19 75.65 -0.97
C TYR B 760 29.99 74.15 -0.95
N PHE B 761 29.05 73.67 -1.76
CA PHE B 761 28.92 72.24 -2.01
C PHE B 761 28.92 71.99 -3.51
N LYS B 762 29.54 70.89 -3.91
CA LYS B 762 29.67 70.54 -5.32
C LYS B 762 28.53 69.63 -5.73
N LEU B 763 27.86 69.95 -6.85
CA LEU B 763 26.76 69.14 -7.31
C LEU B 763 26.97 68.68 -8.74
N SER B 764 26.29 67.59 -9.13
CA SER B 764 26.37 67.09 -10.52
C SER B 764 24.95 67.00 -11.07
N ILE B 765 24.69 67.56 -12.25
CA ILE B 765 23.28 67.61 -12.76
C ILE B 765 23.21 67.09 -14.20
N PRO B 766 22.03 66.60 -14.66
CA PRO B 766 21.84 66.12 -16.03
C PRO B 766 22.11 67.08 -17.19
N THR B 767 22.09 66.55 -18.42
CA THR B 767 22.27 67.40 -19.63
C THR B 767 21.17 67.11 -20.66
N ASN B 768 20.55 65.92 -20.64
CA ASN B 768 19.57 65.56 -21.71
C ASN B 768 18.30 64.94 -21.09
N PHE B 769 17.34 64.55 -21.94
CA PHE B 769 16.10 63.91 -21.42
C PHE B 769 16.08 62.39 -21.65
N SER B 770 16.39 61.92 -22.87
CA SER B 770 16.48 60.46 -23.16
C SER B 770 15.31 59.65 -22.56
N PHE B 771 14.06 60.00 -22.86
CA PHE B 771 12.88 59.33 -22.23
C PHE B 771 12.64 57.92 -22.75
N GLY B 772 11.84 57.10 -22.02
CA GLY B 772 11.42 55.77 -22.52
C GLY B 772 12.14 54.56 -21.93
N VAL B 773 11.40 53.47 -21.68
CA VAL B 773 12.00 52.20 -21.18
C VAL B 773 11.01 51.05 -21.39
N THR B 774 11.48 49.79 -21.47
CA THR B 774 10.57 48.61 -21.53
C THR B 774 10.05 48.32 -20.12
N GLN B 775 8.87 47.72 -19.96
CA GLN B 775 8.31 47.59 -18.58
C GLN B 775 7.75 46.19 -18.23
N GLU B 776 7.51 45.94 -16.94
CA GLU B 776 7.09 44.59 -16.44
C GLU B 776 5.60 44.25 -16.64
N TYR B 777 5.24 42.99 -16.37
CA TYR B 777 3.85 42.48 -16.55
C TYR B 777 3.33 41.98 -15.20
N ILE B 778 2.05 42.19 -14.89
CA ILE B 778 1.56 41.83 -13.53
C ILE B 778 0.79 40.49 -13.48
N GLN B 779 0.41 39.90 -14.63
CA GLN B 779 -0.24 38.55 -14.60
C GLN B 779 -1.44 38.57 -13.64
N THR B 780 -2.39 39.48 -13.84
CA THR B 780 -3.55 39.63 -12.91
C THR B 780 -4.44 38.39 -12.82
N THR B 781 -4.69 37.68 -13.93
CA THR B 781 -5.66 36.54 -13.89
C THR B 781 -5.04 35.24 -14.40
N ILE B 782 -5.66 34.10 -14.08
CA ILE B 782 -5.15 32.77 -14.52
C ILE B 782 -6.27 32.05 -15.28
N GLN B 783 -5.92 31.07 -16.14
CA GLN B 783 -6.93 30.36 -16.96
C GLN B 783 -7.91 29.59 -16.06
N LYS B 784 -9.20 29.58 -16.42
CA LYS B 784 -10.21 28.84 -15.62
C LYS B 784 -10.50 27.50 -16.31
N VAL B 785 -10.31 26.39 -15.60
CA VAL B 785 -10.50 25.04 -16.21
C VAL B 785 -11.49 24.23 -15.38
N THR B 786 -12.47 23.58 -16.03
CA THR B 786 -13.41 22.69 -15.30
C THR B 786 -13.19 21.26 -15.79
N VAL B 787 -13.12 20.28 -14.89
CA VAL B 787 -12.97 18.86 -15.32
C VAL B 787 -14.34 18.17 -15.23
N ASP B 788 -14.71 17.43 -16.28
CA ASP B 788 -15.99 16.67 -16.22
C ASP B 788 -15.70 15.31 -15.58
N CYS B 789 -16.12 15.14 -14.32
CA CYS B 789 -15.90 13.86 -13.61
C CYS B 789 -16.85 12.80 -14.17
N LYS B 790 -16.43 11.53 -14.14
CA LYS B 790 -17.25 10.39 -14.70
C LYS B 790 -17.06 10.38 -16.22
N GLN B 791 -16.22 11.29 -16.74
CA GLN B 791 -15.90 11.30 -18.19
C GLN B 791 -14.40 11.09 -18.36
N TYR B 792 -13.58 11.94 -17.72
CA TYR B 792 -12.11 11.69 -17.74
C TYR B 792 -11.89 10.37 -17.01
N VAL B 793 -12.30 10.30 -15.73
CA VAL B 793 -11.95 9.12 -14.89
C VAL B 793 -12.55 7.82 -15.43
N CYS B 794 -13.78 7.48 -15.06
CA CYS B 794 -14.35 6.29 -15.77
C CYS B 794 -14.73 6.74 -17.17
N ASN B 795 -13.91 6.34 -18.15
CA ASN B 795 -14.06 6.71 -19.58
C ASN B 795 -15.54 6.72 -19.98
N GLY B 796 -16.38 5.97 -19.26
CA GLY B 796 -17.81 5.88 -19.62
C GLY B 796 -18.30 4.45 -19.65
N PHE B 797 -17.39 3.47 -19.49
CA PHE B 797 -17.82 2.06 -19.41
C PHE B 797 -18.71 1.89 -18.18
N GLN B 798 -19.83 1.16 -18.31
CA GLN B 798 -20.79 1.04 -17.18
C GLN B 798 -20.14 0.31 -15.99
N LYS B 799 -19.35 -0.73 -16.25
CA LYS B 799 -18.69 -1.48 -15.16
C LYS B 799 -17.72 -0.54 -14.43
N CYS B 800 -16.97 0.28 -15.19
CA CYS B 800 -16.06 1.26 -14.55
C CYS B 800 -16.89 2.29 -13.77
N GLU B 801 -18.02 2.74 -14.33
CA GLU B 801 -18.84 3.81 -13.68
C GLU B 801 -19.33 3.36 -12.29
N GLN B 802 -19.63 2.07 -12.12
CA GLN B 802 -20.14 1.61 -10.83
C GLN B 802 -19.00 1.39 -9.84
N LEU B 803 -17.87 0.85 -10.31
CA LEU B 803 -16.70 0.82 -9.46
C LEU B 803 -16.37 2.22 -8.95
N LEU B 804 -16.71 3.24 -9.72
CA LEU B 804 -16.54 4.61 -9.27
C LEU B 804 -17.62 5.03 -8.29
N ARG B 805 -18.86 4.58 -8.51
CA ARG B 805 -19.91 4.79 -7.52
C ARG B 805 -19.44 4.40 -6.15
N GLU B 806 -18.54 3.43 -6.09
CA GLU B 806 -17.87 3.14 -4.83
C GLU B 806 -17.20 4.39 -4.24
N TYR B 807 -16.55 5.20 -5.09
CA TYR B 807 -15.77 6.35 -4.63
C TYR B 807 -16.50 7.68 -4.77
N GLY B 808 -17.80 7.66 -5.04
CA GLY B 808 -18.52 8.81 -5.56
C GLY B 808 -18.21 10.19 -5.02
N GLN B 809 -17.89 10.32 -3.74
CA GLN B 809 -17.69 11.62 -3.13
C GLN B 809 -16.42 12.32 -3.61
N PHE B 810 -15.42 11.59 -4.08
CA PHE B 810 -14.20 12.23 -4.53
C PHE B 810 -14.44 13.11 -5.74
N CYS B 811 -15.24 12.61 -6.69
CA CYS B 811 -15.57 13.40 -7.86
C CYS B 811 -16.31 14.67 -7.48
N SER B 812 -17.23 14.56 -6.53
CA SER B 812 -17.95 15.75 -6.07
C SER B 812 -16.99 16.75 -5.46
N LYS B 813 -16.04 16.29 -4.65
CA LYS B 813 -15.09 17.23 -4.05
C LYS B 813 -14.28 17.95 -5.11
N ILE B 814 -13.82 17.21 -6.13
CA ILE B 814 -13.04 17.82 -7.19
C ILE B 814 -13.86 18.87 -7.93
N ASN B 815 -15.08 18.50 -8.30
CA ASN B 815 -15.93 19.42 -9.05
C ASN B 815 -16.19 20.68 -8.26
N GLN B 816 -16.48 20.55 -6.96
CA GLN B 816 -16.78 21.71 -6.15
C GLN B 816 -15.56 22.60 -5.99
N ALA B 817 -14.38 22.01 -5.82
CA ALA B 817 -13.17 22.82 -5.70
C ALA B 817 -12.95 23.65 -6.96
N LEU B 818 -13.07 23.03 -8.12
CA LEU B 818 -12.86 23.77 -9.35
C LEU B 818 -13.91 24.85 -9.55
N HIS B 819 -15.16 24.56 -9.20
CA HIS B 819 -16.21 25.55 -9.33
C HIS B 819 -15.93 26.76 -8.45
N GLY B 820 -15.49 26.52 -7.22
CA GLY B 820 -15.17 27.63 -6.35
C GLY B 820 -14.01 28.46 -6.87
N ALA B 821 -12.97 27.80 -7.38
CA ALA B 821 -11.84 28.55 -7.90
C ALA B 821 -12.25 29.44 -9.08
N ASN B 822 -13.08 28.90 -9.97
CA ASN B 822 -13.53 29.70 -11.10
C ASN B 822 -14.37 30.89 -10.64
N LEU B 823 -15.24 30.69 -9.65
CA LEU B 823 -16.01 31.82 -9.14
C LEU B 823 -15.11 32.90 -8.57
N ARG B 824 -14.08 32.50 -7.82
CA ARG B 824 -13.17 33.49 -7.26
C ARG B 824 -12.43 34.24 -8.36
N GLN B 825 -12.06 33.55 -9.43
CA GLN B 825 -11.43 34.25 -10.56
C GLN B 825 -12.37 35.30 -11.13
N ASP B 826 -13.64 34.94 -11.30
CA ASP B 826 -14.60 35.90 -11.82
C ASP B 826 -14.71 37.12 -10.92
N ASP B 827 -14.78 36.90 -9.61
CA ASP B 827 -14.89 38.01 -8.68
C ASP B 827 -13.65 38.89 -8.74
N SER B 828 -12.48 38.29 -8.86
CA SER B 828 -11.26 39.07 -8.92
C SER B 828 -11.23 39.96 -10.16
N VAL B 829 -11.61 39.41 -11.31
CA VAL B 829 -11.64 40.22 -12.52
C VAL B 829 -12.62 41.37 -12.36
N ARG B 830 -13.81 41.06 -11.82
CA ARG B 830 -14.83 42.08 -11.66
C ARG B 830 -14.33 43.21 -10.77
N ASN B 831 -13.70 42.86 -9.66
CA ASN B 831 -13.20 43.88 -8.74
C ASN B 831 -12.11 44.73 -9.37
N LEU B 832 -11.17 44.10 -10.08
CA LEU B 832 -10.10 44.85 -10.69
C LEU B 832 -10.64 45.85 -11.69
N PHE B 833 -11.54 45.42 -12.57
CA PHE B 833 -12.05 46.37 -13.53
C PHE B 833 -13.04 47.34 -12.91
N ALA B 834 -13.59 47.05 -11.74
CA ALA B 834 -14.36 48.06 -11.04
C ALA B 834 -13.47 49.17 -10.53
N SER B 835 -12.21 48.89 -10.28
CA SER B 835 -11.30 49.96 -9.86
C SER B 835 -10.59 50.64 -11.03
N VAL B 836 -10.42 49.97 -12.17
CA VAL B 836 -9.92 50.65 -13.36
C VAL B 836 -10.94 51.66 -13.90
N LYS B 837 -12.22 51.46 -13.55
CA LYS B 837 -13.30 52.35 -14.04
C LYS B 837 -13.16 53.74 -13.40
N SER B 838 -12.49 54.67 -14.10
CA SER B 838 -12.35 56.07 -13.58
C SER B 838 -13.71 56.76 -13.52
N SER B 839 -14.57 56.57 -14.53
CA SER B 839 -15.93 57.17 -14.61
C SER B 839 -15.88 58.59 -15.16
N GLN B 840 -14.68 59.14 -15.39
CA GLN B 840 -14.52 60.46 -16.04
C GLN B 840 -13.45 60.30 -17.12
N SER B 841 -13.73 60.73 -18.36
CA SER B 841 -12.74 60.47 -19.45
C SER B 841 -12.86 61.50 -20.57
N SER B 842 -11.81 61.64 -21.38
CA SER B 842 -11.90 62.53 -22.58
C SER B 842 -12.07 61.65 -23.83
N PRO B 843 -13.16 61.74 -24.64
CA PRO B 843 -13.33 60.82 -25.77
C PRO B 843 -12.02 60.62 -26.52
N ILE B 844 -11.35 59.46 -26.37
CA ILE B 844 -10.12 59.28 -27.20
C ILE B 844 -10.40 59.70 -28.66
N ILE B 845 -9.49 60.48 -29.24
CA ILE B 845 -9.62 60.95 -30.65
C ILE B 845 -8.20 60.99 -31.24
N PRO B 846 -8.02 61.01 -32.57
CA PRO B 846 -6.67 61.14 -33.15
C PRO B 846 -6.05 62.47 -32.70
N GLY B 847 -6.85 63.54 -32.61
CA GLY B 847 -6.37 64.86 -32.16
C GLY B 847 -5.84 64.85 -30.74
N PHE B 848 -6.32 63.94 -29.90
CA PHE B 848 -5.94 63.93 -28.46
C PHE B 848 -4.42 63.78 -28.32
N GLY B 849 -3.80 62.92 -29.12
CA GLY B 849 -2.35 62.69 -28.99
C GLY B 849 -1.56 63.96 -29.24
N GLY B 850 -1.96 64.74 -30.26
CA GLY B 850 -1.29 66.03 -30.54
C GLY B 850 0.15 65.85 -31.00
N ASP B 851 1.07 66.65 -30.44
CA ASP B 851 2.47 66.59 -30.86
C ASP B 851 3.05 65.21 -30.59
N PHE B 852 2.63 64.57 -29.52
CA PHE B 852 3.13 63.27 -29.12
C PHE B 852 2.29 62.20 -29.81
N ASN B 853 2.93 61.44 -30.68
CA ASN B 853 2.22 60.41 -31.44
C ASN B 853 1.89 59.22 -30.53
N LEU B 854 0.66 58.74 -30.62
CA LEU B 854 0.21 57.65 -29.75
C LEU B 854 -0.34 56.50 -30.59
N THR B 855 0.19 55.30 -30.37
CA THR B 855 -0.31 54.06 -30.94
C THR B 855 -1.34 53.40 -30.03
N LEU B 856 -1.66 54.02 -28.91
CA LEU B 856 -2.66 53.52 -28.01
C LEU B 856 -4.06 53.71 -28.57
N LEU B 857 -4.19 54.47 -29.64
CA LEU B 857 -5.50 54.71 -30.24
C LEU B 857 -6.03 53.45 -30.90
N GLU B 858 -7.30 53.33 -30.93
CA GLU B 858 -7.86 52.10 -31.47
C GLU B 858 -7.99 52.19 -32.97
N PRO B 859 -7.57 51.16 -33.70
CA PRO B 859 -7.70 51.17 -35.16
C PRO B 859 -9.13 51.07 -35.64
N VAL B 860 -10.03 50.54 -34.82
CA VAL B 860 -11.44 50.35 -35.19
C VAL B 860 -11.56 49.60 -36.52
N ALA B 869 -11.50 49.42 -29.61
CA ALA B 869 -11.29 48.00 -29.87
C ALA B 869 -9.84 47.69 -30.20
N ARG B 870 -9.07 47.33 -29.18
CA ARG B 870 -7.78 46.65 -29.35
C ARG B 870 -6.81 47.49 -30.18
N SER B 871 -6.28 48.51 -29.52
CA SER B 871 -5.20 49.33 -30.06
C SER B 871 -4.06 48.51 -30.64
N ALA B 872 -3.26 49.14 -31.51
CA ALA B 872 -2.26 48.42 -32.28
C ALA B 872 -1.28 47.66 -31.39
N ILE B 873 -0.92 48.21 -30.23
CA ILE B 873 0.05 47.54 -29.37
C ILE B 873 -0.54 46.26 -28.81
N GLU B 874 -1.82 46.27 -28.44
CA GLU B 874 -2.44 45.03 -28.00
C GLU B 874 -2.42 43.99 -29.11
N ASP B 875 -2.68 44.42 -30.35
CA ASP B 875 -2.60 43.50 -31.47
C ASP B 875 -1.20 42.91 -31.60
N LEU B 876 -0.18 43.75 -31.49
CA LEU B 876 1.18 43.25 -31.63
C LEU B 876 1.51 42.23 -30.55
N LEU B 877 1.22 42.56 -29.30
CA LEU B 877 1.62 41.61 -28.28
C LEU B 877 0.66 40.43 -28.15
N PHE B 878 -0.48 40.47 -28.81
CA PHE B 878 -1.28 39.26 -28.92
C PHE B 878 -0.88 38.41 -30.12
N ASP B 879 -0.20 38.99 -31.10
CA ASP B 879 0.29 38.21 -32.22
C ASP B 879 1.64 37.59 -31.90
N LYS B 880 2.56 38.37 -31.33
CA LYS B 880 3.92 37.89 -31.10
C LYS B 880 3.94 36.70 -30.16
N VAL B 881 3.07 36.69 -29.18
CA VAL B 881 2.92 35.55 -28.30
C VAL B 881 2.05 34.50 -28.99
N THR B 882 2.36 33.23 -28.74
CA THR B 882 1.66 32.12 -29.39
C THR B 882 0.64 31.55 -28.41
N ILE B 883 -0.64 31.77 -28.70
CA ILE B 883 -1.72 31.26 -27.87
C ILE B 883 -2.43 30.16 -28.66
N ALA B 884 -2.68 29.04 -27.99
CA ALA B 884 -3.49 27.98 -28.57
C ALA B 884 -4.93 28.01 -28.08
N ASP B 885 -5.40 29.16 -27.61
CA ASP B 885 -6.70 29.21 -26.96
C ASP B 885 -7.79 28.86 -27.97
N PRO B 886 -8.81 28.12 -27.55
CA PRO B 886 -9.74 27.53 -28.50
C PRO B 886 -10.72 28.57 -29.00
N GLY B 887 -11.44 28.20 -30.04
CA GLY B 887 -12.57 28.98 -30.45
C GLY B 887 -13.77 28.61 -29.62
N TYR B 888 -14.25 29.55 -28.81
CA TYR B 888 -15.59 29.40 -28.26
C TYR B 888 -16.58 29.50 -29.41
N MET B 889 -17.74 28.85 -29.23
CA MET B 889 -18.84 28.71 -30.18
C MET B 889 -18.47 27.89 -31.41
N GLN B 890 -17.21 27.48 -31.52
CA GLN B 890 -16.80 26.67 -32.67
C GLN B 890 -15.85 25.54 -32.36
N GLY B 891 -15.24 25.50 -31.18
CA GLY B 891 -14.14 24.58 -30.96
C GLY B 891 -14.50 23.13 -31.19
N TYR B 892 -15.71 22.74 -30.78
CA TYR B 892 -16.14 21.36 -30.96
C TYR B 892 -16.20 21.00 -32.44
N ASP B 893 -16.79 21.86 -33.25
CA ASP B 893 -16.89 21.58 -34.68
C ASP B 893 -15.52 21.57 -35.34
N ASP B 894 -14.65 22.52 -34.99
CA ASP B 894 -13.32 22.56 -35.57
C ASP B 894 -12.53 21.32 -35.22
N CYS B 895 -12.58 20.89 -33.96
CA CYS B 895 -11.89 19.67 -33.57
C CYS B 895 -12.52 18.44 -34.18
N MET B 896 -13.81 18.50 -34.52
CA MET B 896 -14.42 17.40 -35.25
C MET B 896 -13.91 17.36 -36.68
N GLN B 897 -13.59 18.52 -37.26
CA GLN B 897 -12.94 18.55 -38.56
C GLN B 897 -11.57 17.88 -38.52
N GLN B 898 -10.87 18.01 -37.39
CA GLN B 898 -9.48 17.53 -37.26
C GLN B 898 -9.38 16.04 -37.50
N ILE B 907 -8.28 21.81 -27.69
CA ILE B 907 -8.07 20.82 -28.73
C ILE B 907 -8.41 19.43 -28.21
N CYS B 908 -7.49 18.85 -27.43
CA CYS B 908 -7.76 17.58 -26.75
C CYS B 908 -8.85 17.73 -25.69
N ALA B 909 -9.08 18.96 -25.23
CA ALA B 909 -10.18 19.22 -24.29
C ALA B 909 -11.48 18.67 -24.81
N GLN B 910 -11.81 19.02 -26.05
CA GLN B 910 -13.12 18.67 -26.58
C GLN B 910 -13.25 17.15 -26.64
N TYR B 911 -12.17 16.47 -27.04
CA TYR B 911 -12.22 15.03 -27.17
C TYR B 911 -12.42 14.36 -25.82
N VAL B 912 -11.57 14.67 -24.84
CA VAL B 912 -11.73 14.01 -23.55
C VAL B 912 -13.04 14.43 -22.91
N ALA B 913 -13.25 15.76 -22.90
CA ALA B 913 -14.44 16.38 -22.27
C ALA B 913 -14.25 16.36 -20.76
N GLY B 914 -13.42 15.43 -20.27
CA GLY B 914 -12.66 15.62 -19.02
C GLY B 914 -12.40 17.10 -18.78
N TYR B 915 -11.30 17.65 -19.29
CA TYR B 915 -11.06 19.08 -18.96
C TYR B 915 -11.71 19.98 -20.03
N LYS B 916 -12.26 21.12 -19.60
CA LYS B 916 -12.88 22.09 -20.54
C LYS B 916 -12.36 23.49 -20.19
N VAL B 917 -12.10 24.32 -21.20
CA VAL B 917 -11.54 25.68 -20.95
C VAL B 917 -12.70 26.69 -20.91
N LEU B 918 -12.92 27.32 -19.75
CA LEU B 918 -14.02 28.31 -19.61
C LEU B 918 -13.65 29.63 -20.31
N PRO B 919 -14.62 30.35 -20.91
CA PRO B 919 -14.35 31.66 -21.52
C PRO B 919 -14.03 32.71 -20.43
N PRO B 920 -13.34 33.85 -20.73
CA PRO B 920 -12.88 34.78 -19.67
C PRO B 920 -13.88 35.75 -19.02
N LEU B 921 -15.19 35.48 -19.08
CA LEU B 921 -16.21 36.33 -18.38
C LEU B 921 -16.42 37.68 -19.07
N MET B 922 -15.34 38.33 -19.54
CA MET B 922 -15.47 39.69 -20.13
C MET B 922 -15.15 39.64 -21.64
N ASP B 923 -15.91 40.38 -22.46
CA ASP B 923 -15.69 40.44 -23.93
C ASP B 923 -14.37 41.18 -24.18
N VAL B 924 -13.64 40.79 -25.23
CA VAL B 924 -12.36 41.49 -25.59
C VAL B 924 -12.68 42.95 -25.91
N ASN B 925 -13.80 43.21 -26.60
CA ASN B 925 -14.21 44.62 -26.89
C ASN B 925 -14.50 45.35 -25.58
N MET B 926 -15.16 44.68 -24.63
CA MET B 926 -15.45 45.30 -23.30
C MET B 926 -14.13 45.59 -22.58
N GLU B 927 -13.17 44.67 -22.66
CA GLU B 927 -11.84 44.86 -22.02
C GLU B 927 -11.15 46.07 -22.66
N ALA B 928 -11.25 46.19 -23.99
CA ALA B 928 -10.61 47.32 -24.71
C ALA B 928 -11.31 48.62 -24.32
N ALA B 929 -12.64 48.60 -24.22
CA ALA B 929 -13.37 49.79 -23.80
C ALA B 929 -12.87 50.31 -22.47
N TYR B 930 -12.63 49.41 -21.52
CA TYR B 930 -12.11 49.83 -20.23
C TYR B 930 -10.76 50.52 -20.37
N THR B 931 -9.83 49.89 -21.09
CA THR B 931 -8.50 50.47 -21.19
C THR B 931 -8.51 51.78 -21.98
N SER B 932 -9.36 51.87 -23.01
CA SER B 932 -9.48 53.10 -23.76
C SER B 932 -10.02 54.23 -22.90
N SER B 933 -11.01 53.94 -22.06
CA SER B 933 -11.52 54.96 -21.17
C SER B 933 -10.43 55.44 -20.22
N LEU B 934 -9.61 54.51 -19.72
CA LEU B 934 -8.49 54.92 -18.88
C LEU B 934 -7.55 55.85 -19.63
N LEU B 935 -7.21 55.49 -20.87
CA LEU B 935 -6.32 56.33 -21.66
C LEU B 935 -6.90 57.71 -21.87
N GLY B 936 -8.21 57.79 -22.10
CA GLY B 936 -8.84 59.08 -22.23
C GLY B 936 -8.77 59.90 -20.95
N SER B 937 -8.85 59.25 -19.81
CA SER B 937 -8.82 60.00 -18.56
C SER B 937 -7.43 60.48 -18.18
N ILE B 938 -6.38 59.80 -18.64
CA ILE B 938 -5.02 60.06 -18.17
C ILE B 938 -4.66 61.54 -18.07
N ALA B 939 -4.80 62.28 -19.17
CA ALA B 939 -4.33 63.66 -19.17
C ALA B 939 -5.03 64.51 -18.12
N GLY B 940 -6.35 64.41 -18.06
CA GLY B 940 -7.09 65.28 -17.18
C GLY B 940 -6.96 64.91 -15.72
N VAL B 941 -7.06 63.61 -15.40
CA VAL B 941 -7.00 63.22 -14.00
C VAL B 941 -5.61 63.46 -13.44
N GLY B 942 -4.59 63.27 -14.25
CA GLY B 942 -3.22 63.47 -13.83
C GLY B 942 -2.80 64.90 -13.63
N TRP B 943 -3.68 65.86 -13.88
CA TRP B 943 -3.34 67.25 -13.61
C TRP B 943 -3.45 67.53 -12.12
N THR B 944 -2.78 68.59 -11.70
CA THR B 944 -2.42 68.79 -10.29
C THR B 944 -3.53 69.41 -9.43
N ALA B 945 -4.37 68.57 -8.84
CA ALA B 945 -5.12 68.87 -7.61
C ALA B 945 -5.65 67.56 -7.06
N GLY B 946 -6.70 67.64 -6.23
CA GLY B 946 -7.31 66.47 -5.65
C GLY B 946 -7.90 65.52 -6.67
N LEU B 947 -8.75 64.60 -6.22
CA LEU B 947 -9.05 63.39 -6.97
C LEU B 947 -10.10 63.55 -8.07
N SER B 948 -11.32 63.92 -7.70
CA SER B 948 -12.39 64.02 -8.67
C SER B 948 -12.29 65.31 -9.48
N SER B 949 -13.35 65.59 -10.24
CA SER B 949 -13.37 66.82 -11.00
C SER B 949 -12.37 66.87 -12.14
N PHE B 950 -12.53 65.96 -13.09
CA PHE B 950 -11.77 65.93 -14.33
C PHE B 950 -11.58 67.32 -14.91
N ALA B 951 -10.47 67.52 -15.62
CA ALA B 951 -10.12 68.83 -16.17
C ALA B 951 -10.19 68.90 -17.69
N ALA B 952 -9.75 67.86 -18.39
CA ALA B 952 -9.87 67.77 -19.86
C ALA B 952 -8.97 68.78 -20.57
N ILE B 953 -7.70 68.79 -20.18
CA ILE B 953 -6.69 69.58 -20.87
C ILE B 953 -6.10 68.68 -21.94
N PRO B 954 -5.38 69.20 -22.92
CA PRO B 954 -4.75 68.33 -23.91
C PRO B 954 -3.52 67.63 -23.35
N PHE B 955 -3.06 66.63 -24.10
CA PHE B 955 -1.98 65.78 -23.62
C PHE B 955 -0.67 66.54 -23.46
N ALA B 956 -0.37 67.45 -24.40
CA ALA B 956 0.89 68.17 -24.34
C ALA B 956 1.01 68.98 -23.05
N GLN B 957 -0.07 69.66 -22.68
CA GLN B 957 -0.04 70.43 -21.44
C GLN B 957 0.21 69.53 -20.25
N SER B 958 -0.43 68.37 -20.24
CA SER B 958 -0.24 67.44 -19.13
C SER B 958 1.20 66.98 -19.06
N ILE B 959 1.83 66.71 -20.21
CA ILE B 959 3.23 66.33 -20.21
C ILE B 959 4.09 67.43 -19.63
N PHE B 960 3.85 68.67 -20.04
CA PHE B 960 4.67 69.74 -19.51
C PHE B 960 4.50 69.89 -18.01
N TYR B 961 3.28 69.81 -17.51
CA TYR B 961 3.11 69.91 -16.06
C TYR B 961 3.75 68.76 -15.34
N ARG B 962 3.60 67.54 -15.85
CA ARG B 962 4.18 66.38 -15.19
C ARG B 962 5.68 66.51 -15.16
N LEU B 963 6.25 66.99 -16.26
CA LEU B 963 7.68 67.04 -16.43
C LEU B 963 8.27 68.13 -15.54
N ASN B 964 7.57 69.24 -15.40
CA ASN B 964 7.96 70.21 -14.38
C ASN B 964 7.84 69.64 -12.97
N GLY B 965 6.78 68.88 -12.71
CA GLY B 965 6.55 68.42 -11.35
C GLY B 965 7.63 67.48 -10.86
N VAL B 966 7.86 66.38 -11.59
CA VAL B 966 8.74 65.34 -11.06
C VAL B 966 10.16 65.86 -10.93
N GLY B 967 10.65 66.55 -11.94
CA GLY B 967 11.91 67.21 -11.77
C GLY B 967 11.65 68.64 -12.10
N ILE B 968 11.92 69.54 -11.18
CA ILE B 968 11.53 70.93 -11.40
C ILE B 968 12.37 71.39 -12.58
N THR B 969 11.71 71.94 -13.59
CA THR B 969 12.36 72.49 -14.76
C THR B 969 11.61 73.75 -15.14
N GLN B 970 12.29 74.88 -15.23
CA GLN B 970 11.54 76.12 -15.37
C GLN B 970 10.86 76.18 -16.73
N GLN B 971 9.75 76.90 -16.77
CA GLN B 971 8.90 76.86 -17.96
C GLN B 971 9.62 77.39 -19.18
N VAL B 972 10.43 78.45 -18.99
CA VAL B 972 11.12 79.02 -20.14
C VAL B 972 12.08 78.00 -20.72
N LEU B 973 12.67 77.17 -19.87
CA LEU B 973 13.55 76.13 -20.36
C LEU B 973 12.78 75.09 -21.15
N SER B 974 11.60 74.69 -20.66
CA SER B 974 10.81 73.71 -21.40
C SER B 974 10.42 74.25 -22.75
N GLU B 975 10.05 75.52 -22.82
CA GLU B 975 9.67 76.11 -24.09
C GLU B 975 10.85 76.16 -25.06
N ASN B 976 11.97 76.71 -24.60
CA ASN B 976 13.18 76.79 -25.45
C ASN B 976 13.66 75.37 -25.75
N GLN B 977 14.29 75.19 -26.91
CA GLN B 977 14.79 73.87 -27.39
C GLN B 977 13.79 72.75 -27.03
N LYS B 978 12.49 73.03 -26.96
CA LYS B 978 11.47 72.03 -26.71
C LYS B 978 12.01 70.63 -26.89
N LEU B 979 12.17 70.20 -28.15
CA LEU B 979 12.61 68.85 -28.56
C LEU B 979 11.94 67.72 -27.77
N ILE B 980 11.11 68.03 -26.77
CA ILE B 980 10.53 67.00 -25.92
C ILE B 980 9.66 66.06 -26.74
N ALA B 981 8.84 66.61 -27.63
CA ALA B 981 7.92 65.76 -28.38
C ALA B 981 8.68 64.73 -29.20
N ASN B 982 9.78 65.16 -29.83
CA ASN B 982 10.55 64.23 -30.64
C ASN B 982 11.15 63.12 -29.82
N LYS B 983 11.69 63.44 -28.65
CA LYS B 983 12.29 62.40 -27.82
C LYS B 983 11.23 61.43 -27.31
N PHE B 984 10.07 61.96 -26.92
CA PHE B 984 8.99 61.11 -26.50
C PHE B 984 8.58 60.17 -27.62
N ASN B 985 8.44 60.70 -28.83
CA ASN B 985 8.07 59.87 -29.97
C ASN B 985 9.14 58.83 -30.27
N GLN B 986 10.40 59.19 -30.13
CA GLN B 986 11.46 58.22 -30.38
C GLN B 986 11.37 57.06 -29.40
N ALA B 987 11.12 57.36 -28.13
CA ALA B 987 10.99 56.29 -27.15
C ALA B 987 9.80 55.39 -27.47
N LEU B 988 8.65 55.99 -27.79
CA LEU B 988 7.47 55.18 -28.09
C LEU B 988 7.71 54.31 -29.32
N GLY B 989 8.31 54.86 -30.37
CA GLY B 989 8.58 54.06 -31.54
C GLY B 989 9.56 52.94 -31.27
N ALA B 990 10.63 53.23 -30.55
CA ALA B 990 11.59 52.18 -30.21
C ALA B 990 10.91 51.06 -29.45
N MET B 991 9.96 51.40 -28.59
CA MET B 991 9.16 50.35 -27.96
C MET B 991 8.38 49.57 -29.00
N GLN B 992 7.74 50.28 -29.93
CA GLN B 992 6.91 49.61 -30.92
C GLN B 992 7.70 48.60 -31.73
N THR B 993 8.99 48.86 -31.93
CA THR B 993 9.80 47.97 -32.75
C THR B 993 9.92 46.57 -32.14
N GLY B 994 10.51 46.46 -30.97
CA GLY B 994 10.92 45.15 -30.49
C GLY B 994 10.14 44.56 -29.34
N PHE B 995 9.46 43.43 -29.61
CA PHE B 995 8.67 42.75 -28.56
C PHE B 995 9.23 41.35 -28.28
N THR B 996 9.63 40.60 -29.32
CA THR B 996 10.06 39.19 -29.13
C THR B 996 11.31 39.06 -28.24
N THR B 997 12.31 39.91 -28.43
CA THR B 997 13.72 39.52 -28.12
C THR B 997 14.21 40.22 -26.85
N THR B 998 14.81 39.47 -25.91
CA THR B 998 15.30 40.05 -24.62
C THR B 998 14.34 41.14 -24.19
N ASN B 999 13.10 40.77 -23.84
CA ASN B 999 12.09 41.77 -23.56
C ASN B 999 11.12 41.29 -22.52
N GLU B 1000 11.77 40.93 -21.38
CA GLU B 1000 11.15 40.39 -20.13
C GLU B 1000 9.64 40.44 -20.01
N ALA B 1001 9.05 41.58 -19.70
CA ALA B 1001 7.60 41.43 -19.45
C ALA B 1001 7.07 40.64 -20.61
N PHE B 1002 7.75 40.71 -21.76
CA PHE B 1002 7.13 39.92 -22.82
C PHE B 1002 7.44 38.45 -22.63
N GLN B 1003 8.67 38.14 -22.23
CA GLN B 1003 8.99 36.77 -21.86
C GLN B 1003 8.11 36.30 -20.73
N LYS B 1004 7.71 37.20 -19.83
CA LYS B 1004 6.82 36.78 -18.76
C LYS B 1004 5.41 36.51 -19.26
N VAL B 1005 4.95 37.25 -20.26
CA VAL B 1005 3.67 36.93 -20.88
C VAL B 1005 3.72 35.55 -21.49
N GLN B 1006 4.82 35.26 -22.20
CA GLN B 1006 5.00 33.93 -22.76
C GLN B 1006 5.03 32.88 -21.66
N ASP B 1007 5.72 33.17 -20.56
CA ASP B 1007 5.79 32.21 -19.46
C ASP B 1007 4.42 31.93 -18.88
N ALA B 1008 3.57 32.95 -18.83
CA ALA B 1008 2.20 32.77 -18.35
C ALA B 1008 1.43 31.82 -19.24
N VAL B 1009 1.44 32.10 -20.54
CA VAL B 1009 0.72 31.25 -21.48
C VAL B 1009 1.25 29.83 -21.38
N ASN B 1010 2.56 29.70 -21.29
CA ASN B 1010 3.18 28.38 -21.18
C ASN B 1010 2.76 27.68 -19.90
N ASN B 1011 2.71 28.40 -18.78
CA ASN B 1011 2.37 27.76 -17.53
C ASN B 1011 0.98 27.17 -17.58
N ASN B 1012 0.00 27.95 -18.03
CA ASN B 1012 -1.33 27.38 -17.98
C ASN B 1012 -1.51 26.32 -19.06
N ALA B 1013 -0.84 26.46 -20.21
CA ALA B 1013 -0.88 25.39 -21.20
C ALA B 1013 -0.23 24.12 -20.68
N GLN B 1014 0.87 24.25 -19.96
CA GLN B 1014 1.50 23.10 -19.32
C GLN B 1014 0.52 22.37 -18.43
N ALA B 1015 0.07 23.06 -17.38
CA ALA B 1015 -0.80 22.44 -16.41
C ALA B 1015 -1.98 21.79 -17.08
N LEU B 1016 -2.55 22.44 -18.09
CA LEU B 1016 -3.66 21.83 -18.79
C LEU B 1016 -3.23 20.57 -19.53
N SER B 1017 -2.46 20.76 -20.61
CA SER B 1017 -2.26 19.67 -21.55
C SER B 1017 -1.33 18.61 -20.97
N LYS B 1018 -0.11 19.01 -20.63
CA LYS B 1018 0.88 18.01 -20.28
C LYS B 1018 0.38 17.17 -19.11
N LEU B 1019 -0.18 17.81 -18.10
CA LEU B 1019 -0.63 17.03 -16.98
C LEU B 1019 -1.87 16.24 -17.36
N ALA B 1020 -2.97 16.90 -17.67
CA ALA B 1020 -4.17 16.08 -17.78
C ALA B 1020 -4.16 15.18 -19.01
N SER B 1021 -3.08 15.12 -19.79
CA SER B 1021 -3.10 14.17 -20.94
C SER B 1021 -2.09 13.03 -20.76
N GLU B 1022 -0.85 13.36 -20.36
CA GLU B 1022 0.20 12.32 -20.22
C GLU B 1022 -0.22 11.31 -19.16
N LEU B 1023 -0.80 11.79 -18.05
CA LEU B 1023 -1.23 10.89 -16.94
C LEU B 1023 -2.34 9.95 -17.41
N SER B 1024 -3.26 10.42 -18.27
CA SER B 1024 -4.41 9.59 -18.68
C SER B 1024 -3.96 8.31 -19.39
N ASN B 1025 -4.60 7.18 -19.08
CA ASN B 1025 -4.29 5.88 -19.73
C ASN B 1025 -2.86 5.43 -19.44
N THR B 1026 -2.30 5.79 -18.28
CA THR B 1026 -0.88 5.44 -18.03
C THR B 1026 -0.50 5.44 -16.54
N PHE B 1027 -1.43 5.57 -15.60
CA PHE B 1027 -0.97 5.56 -14.22
C PHE B 1027 -0.65 4.15 -13.75
N GLY B 1028 -1.63 3.26 -13.78
CA GLY B 1028 -1.57 2.07 -12.96
C GLY B 1028 -0.49 1.11 -13.40
N ALA B 1029 -0.29 0.09 -12.56
CA ALA B 1029 0.71 -0.93 -12.83
C ALA B 1029 0.43 -1.61 -14.16
N ILE B 1030 -0.68 -2.32 -14.26
CA ILE B 1030 -1.15 -2.83 -15.54
C ILE B 1030 -2.33 -1.95 -15.93
N SER B 1031 -2.12 -1.15 -16.94
CA SER B 1031 -2.95 0.02 -17.19
C SER B 1031 -3.22 0.20 -18.67
N ALA B 1032 -3.62 -0.89 -19.35
CA ALA B 1032 -3.72 -0.83 -20.79
C ALA B 1032 -4.94 -0.03 -21.23
N SER B 1033 -5.08 1.18 -20.70
CA SER B 1033 -6.04 2.21 -21.11
C SER B 1033 -7.46 1.84 -20.77
N ILE B 1034 -7.72 0.56 -20.51
CA ILE B 1034 -8.88 0.06 -19.80
C ILE B 1034 -8.38 -1.20 -19.10
N GLY B 1035 -8.28 -1.17 -17.77
CA GLY B 1035 -7.73 -2.30 -17.06
C GLY B 1035 -8.48 -3.56 -17.38
N ASP B 1036 -7.84 -4.50 -18.08
CA ASP B 1036 -8.53 -5.68 -18.57
C ASP B 1036 -9.76 -5.29 -19.37
N ILE B 1037 -9.49 -4.71 -20.55
CA ILE B 1037 -10.41 -3.81 -21.20
C ILE B 1037 -11.81 -4.38 -21.09
N ILE B 1038 -12.06 -5.50 -21.74
CA ILE B 1038 -13.09 -6.42 -21.32
C ILE B 1038 -12.55 -7.83 -21.44
N GLN B 1039 -11.33 -7.97 -21.97
CA GLN B 1039 -10.83 -9.34 -22.32
C GLN B 1039 -9.92 -9.97 -21.27
N ARG B 1040 -9.06 -9.20 -20.59
CA ARG B 1040 -8.07 -9.86 -19.71
C ARG B 1040 -8.79 -10.70 -18.63
N LEU B 1041 -9.92 -10.24 -18.08
CA LEU B 1041 -10.68 -11.12 -17.16
C LEU B 1041 -12.16 -10.74 -17.11
N ASP B 1042 -12.97 -11.58 -16.45
CA ASP B 1042 -14.40 -11.24 -16.23
C ASP B 1042 -14.50 -10.30 -15.03
N VAL B 1043 -15.49 -10.48 -14.16
CA VAL B 1043 -15.72 -9.51 -13.04
C VAL B 1043 -14.57 -9.45 -12.03
N LEU B 1044 -13.99 -10.58 -11.61
CA LEU B 1044 -13.01 -10.53 -10.48
C LEU B 1044 -11.71 -9.75 -10.77
N GLU B 1045 -11.02 -10.01 -11.87
CA GLU B 1045 -9.71 -9.32 -12.08
C GLU B 1045 -9.94 -7.99 -12.78
N GLN B 1046 -11.03 -7.86 -13.52
CA GLN B 1046 -11.35 -6.55 -14.14
C GLN B 1046 -11.52 -5.56 -12.99
N ASP B 1047 -12.15 -5.99 -11.89
CA ASP B 1047 -12.40 -5.07 -10.75
C ASP B 1047 -11.07 -4.56 -10.18
N ALA B 1048 -10.07 -5.42 -10.05
CA ALA B 1048 -8.78 -5.02 -9.43
C ALA B 1048 -8.01 -4.05 -10.34
N GLN B 1049 -7.86 -4.40 -11.63
CA GLN B 1049 -7.15 -3.57 -12.59
C GLN B 1049 -7.86 -2.25 -12.79
N ILE B 1050 -9.17 -2.30 -13.03
CA ILE B 1050 -9.91 -1.07 -13.20
C ILE B 1050 -9.83 -0.23 -11.93
N ASP B 1051 -9.72 -0.87 -10.78
CA ASP B 1051 -9.64 -0.14 -9.53
C ASP B 1051 -8.31 0.58 -9.38
N ARG B 1052 -7.21 -0.07 -9.72
CA ARG B 1052 -5.94 0.62 -9.62
C ARG B 1052 -5.87 1.78 -10.61
N LEU B 1053 -6.44 1.58 -11.80
CA LEU B 1053 -6.50 2.67 -12.77
C LEU B 1053 -7.34 3.83 -12.25
N ILE B 1054 -8.48 3.51 -11.64
CA ILE B 1054 -9.35 4.52 -11.05
C ILE B 1054 -8.60 5.30 -9.98
N ASN B 1055 -7.96 4.58 -9.07
CA ASN B 1055 -7.28 5.26 -7.97
C ASN B 1055 -6.20 6.19 -8.48
N GLY B 1056 -5.44 5.74 -9.48
CA GLY B 1056 -4.41 6.60 -10.02
C GLY B 1056 -4.97 7.86 -10.64
N ARG B 1057 -6.01 7.72 -11.45
CA ARG B 1057 -6.56 8.91 -12.10
C ARG B 1057 -7.14 9.87 -11.08
N LEU B 1058 -7.81 9.36 -10.04
CA LEU B 1058 -8.29 10.25 -8.99
C LEU B 1058 -7.15 10.98 -8.29
N THR B 1059 -6.06 10.29 -7.98
CA THR B 1059 -4.96 10.96 -7.29
C THR B 1059 -4.37 12.07 -8.16
N THR B 1060 -4.15 11.78 -9.43
CA THR B 1060 -3.58 12.81 -10.29
C THR B 1060 -4.52 13.99 -10.43
N LEU B 1061 -5.82 13.72 -10.46
CA LEU B 1061 -6.77 14.81 -10.59
C LEU B 1061 -6.81 15.67 -9.33
N ASN B 1062 -6.64 15.04 -8.17
CA ASN B 1062 -6.50 15.81 -6.92
C ASN B 1062 -5.27 16.69 -6.96
N ALA B 1063 -4.17 16.15 -7.48
CA ALA B 1063 -2.96 16.97 -7.61
C ALA B 1063 -3.21 18.18 -8.49
N PHE B 1064 -3.91 17.97 -9.60
CA PHE B 1064 -4.23 19.08 -10.50
C PHE B 1064 -5.05 20.14 -9.77
N VAL B 1065 -6.04 19.72 -8.99
CA VAL B 1065 -6.86 20.67 -8.27
C VAL B 1065 -6.01 21.49 -7.30
N ALA B 1066 -5.12 20.82 -6.56
CA ALA B 1066 -4.30 21.54 -5.59
C ALA B 1066 -3.42 22.57 -6.28
N GLN B 1067 -2.81 22.19 -7.41
CA GLN B 1067 -1.99 23.13 -8.14
C GLN B 1067 -2.80 24.32 -8.63
N GLN B 1068 -4.02 24.06 -9.10
CA GLN B 1068 -4.87 25.17 -9.54
C GLN B 1068 -5.17 26.12 -8.40
N LEU B 1069 -5.43 25.60 -7.21
CA LEU B 1069 -5.71 26.49 -6.09
C LEU B 1069 -4.51 27.36 -5.77
N VAL B 1070 -3.31 26.79 -5.76
CA VAL B 1070 -2.11 27.58 -5.48
C VAL B 1070 -1.95 28.68 -6.52
N ARG B 1071 -2.07 28.33 -7.79
CA ARG B 1071 -1.89 29.30 -8.86
C ARG B 1071 -2.95 30.40 -8.79
N SER B 1072 -4.19 30.03 -8.48
CA SER B 1072 -5.26 31.01 -8.38
C SER B 1072 -4.99 32.00 -7.25
N GLU B 1073 -4.49 31.51 -6.12
CA GLU B 1073 -4.18 32.42 -5.03
C GLU B 1073 -3.09 33.41 -5.41
N SER B 1074 -2.04 32.92 -6.07
CA SER B 1074 -0.98 33.83 -6.48
C SER B 1074 -1.51 34.87 -7.47
N ALA B 1075 -2.37 34.44 -8.39
CA ALA B 1075 -2.93 35.39 -9.35
C ALA B 1075 -3.79 36.43 -8.67
N ALA B 1076 -4.51 36.07 -7.62
CA ALA B 1076 -5.29 37.07 -6.90
C ALA B 1076 -4.39 38.12 -6.27
N LEU B 1077 -3.28 37.68 -5.67
CA LEU B 1077 -2.33 38.65 -5.13
C LEU B 1077 -1.80 39.58 -6.23
N SER B 1078 -1.45 39.00 -7.37
CA SER B 1078 -0.96 39.81 -8.48
C SER B 1078 -2.01 40.81 -8.95
N ALA B 1079 -3.28 40.41 -8.97
CA ALA B 1079 -4.32 41.33 -9.38
C ALA B 1079 -4.42 42.50 -8.43
N GLN B 1080 -4.26 42.25 -7.13
CA GLN B 1080 -4.22 43.37 -6.20
C GLN B 1080 -3.05 44.31 -6.51
N LEU B 1081 -1.90 43.74 -6.82
CA LEU B 1081 -0.75 44.57 -7.18
C LEU B 1081 -1.03 45.41 -8.43
N ALA B 1082 -1.69 44.81 -9.41
CA ALA B 1082 -2.02 45.54 -10.63
C ALA B 1082 -2.98 46.69 -10.35
N LYS B 1083 -3.95 46.45 -9.49
CA LYS B 1083 -4.84 47.52 -9.06
C LYS B 1083 -4.05 48.68 -8.49
N ASP B 1084 -3.09 48.37 -7.61
CA ASP B 1084 -2.29 49.43 -7.01
C ASP B 1084 -1.49 50.18 -8.05
N LYS B 1085 -0.90 49.46 -9.01
CA LYS B 1085 -0.09 50.14 -10.01
C LYS B 1085 -0.94 51.01 -10.92
N VAL B 1086 -2.14 50.57 -11.26
CA VAL B 1086 -3.02 51.42 -12.06
C VAL B 1086 -3.35 52.70 -11.30
N ASN B 1087 -3.71 52.56 -10.02
CA ASN B 1087 -4.10 53.75 -9.27
C ASN B 1087 -2.93 54.69 -9.06
N GLU B 1088 -1.74 54.16 -8.85
CA GLU B 1088 -0.64 54.96 -8.36
C GLU B 1088 0.32 55.37 -9.47
N CYS B 1089 0.15 54.84 -10.67
CA CYS B 1089 1.15 54.97 -11.72
C CYS B 1089 0.55 55.48 -13.01
N VAL B 1090 -0.72 55.16 -13.25
CA VAL B 1090 -1.38 55.55 -14.49
C VAL B 1090 -2.36 56.69 -14.27
N LYS B 1091 -3.15 56.63 -13.21
CA LYS B 1091 -4.04 57.74 -12.89
C LYS B 1091 -3.32 58.88 -12.18
N ALA B 1092 -2.02 58.75 -11.94
CA ALA B 1092 -1.27 59.79 -11.26
C ALA B 1092 0.18 59.69 -11.68
N GLN B 1093 0.99 60.61 -11.18
CA GLN B 1093 2.43 60.59 -11.36
C GLN B 1093 3.08 60.31 -10.01
N SER B 1094 3.95 59.31 -9.96
CA SER B 1094 4.47 58.84 -8.69
C SER B 1094 5.77 59.54 -8.33
N LYS B 1095 5.98 59.71 -7.03
CA LYS B 1095 7.14 60.38 -6.48
C LYS B 1095 8.26 59.41 -6.10
N ARG B 1096 8.07 58.11 -6.35
CA ARG B 1096 9.09 57.15 -5.85
C ARG B 1096 9.65 56.30 -6.99
N SER B 1097 10.48 55.30 -6.66
CA SER B 1097 10.97 54.35 -7.69
C SER B 1097 10.42 52.96 -7.36
N GLY B 1098 9.76 52.81 -6.20
CA GLY B 1098 9.26 51.49 -5.76
C GLY B 1098 8.20 50.86 -6.65
N PHE B 1099 7.22 51.65 -7.10
CA PHE B 1099 6.18 51.13 -8.04
C PHE B 1099 6.69 51.37 -9.45
N CYS B 1100 6.13 52.35 -10.17
CA CYS B 1100 6.75 52.67 -11.49
C CYS B 1100 8.26 52.76 -11.28
N GLY B 1101 9.06 52.14 -12.14
CA GLY B 1101 10.52 52.10 -11.91
C GLY B 1101 11.35 52.48 -13.11
N GLN B 1102 12.62 52.88 -12.89
CA GLN B 1102 13.56 53.23 -13.98
C GLN B 1102 13.44 54.72 -14.33
N GLY B 1103 14.40 55.53 -13.88
CA GLY B 1103 14.37 56.99 -14.15
C GLY B 1103 13.34 57.68 -13.28
N THR B 1104 12.96 58.91 -13.65
CA THR B 1104 11.88 59.62 -12.91
C THR B 1104 10.58 59.45 -13.68
N HIS B 1105 9.53 58.92 -13.04
CA HIS B 1105 8.27 58.62 -13.79
C HIS B 1105 7.65 59.89 -14.34
N ILE B 1106 7.21 59.87 -15.61
CA ILE B 1106 6.51 61.04 -16.21
C ILE B 1106 5.07 60.63 -16.49
N VAL B 1107 4.81 59.61 -17.23
CA VAL B 1107 3.42 59.14 -17.53
C VAL B 1107 3.46 57.61 -17.69
N SER B 1108 2.37 56.92 -17.53
CA SER B 1108 2.32 55.44 -17.67
C SER B 1108 1.07 55.04 -18.45
N PHE B 1109 1.17 54.00 -19.28
CA PHE B 1109 0.04 53.53 -20.07
C PHE B 1109 -0.24 52.06 -19.79
N VAL B 1110 -1.49 51.67 -19.97
CA VAL B 1110 -1.92 50.30 -19.71
C VAL B 1110 -2.62 49.76 -20.93
N VAL B 1111 -2.18 48.60 -21.40
CA VAL B 1111 -2.97 47.76 -22.27
C VAL B 1111 -3.08 46.41 -21.59
N ASN B 1112 -4.00 45.60 -22.07
CA ASN B 1112 -4.20 44.28 -21.49
C ASN B 1112 -3.70 43.19 -22.43
N ALA B 1113 -3.03 42.21 -21.84
CA ALA B 1113 -2.37 41.12 -22.50
C ALA B 1113 -2.94 39.80 -22.02
N PRO B 1114 -2.53 38.67 -22.61
CA PRO B 1114 -3.00 37.38 -22.11
C PRO B 1114 -2.86 37.25 -20.61
N ASN B 1115 -3.98 37.19 -19.91
CA ASN B 1115 -4.06 36.88 -18.49
C ASN B 1115 -3.60 38.01 -17.58
N GLY B 1116 -3.60 39.25 -18.04
CA GLY B 1116 -3.22 40.34 -17.17
C GLY B 1116 -3.15 41.65 -17.91
N LEU B 1117 -2.44 42.59 -17.30
CA LEU B 1117 -2.28 43.92 -17.85
C LEU B 1117 -0.83 44.17 -18.17
N TYR B 1118 -0.59 44.97 -19.19
CA TYR B 1118 0.74 45.29 -19.67
C TYR B 1118 0.97 46.78 -19.53
N PHE B 1119 1.97 47.16 -18.75
CA PHE B 1119 2.23 48.56 -18.43
C PHE B 1119 3.38 49.09 -19.26
N MET B 1120 3.24 50.32 -19.73
CA MET B 1120 4.34 51.03 -20.37
C MET B 1120 4.61 52.28 -19.54
N HIS B 1121 5.63 52.23 -18.70
CA HIS B 1121 6.03 53.38 -17.93
C HIS B 1121 7.02 54.22 -18.73
N VAL B 1122 6.78 55.51 -18.77
CA VAL B 1122 7.68 56.44 -19.44
C VAL B 1122 8.44 57.20 -18.36
N GLY B 1123 9.77 57.17 -18.44
CA GLY B 1123 10.61 57.82 -17.46
C GLY B 1123 11.47 58.89 -18.10
N TYR B 1124 12.09 59.68 -17.25
CA TYR B 1124 13.02 60.72 -17.65
C TYR B 1124 14.39 60.30 -17.15
N TYR B 1125 15.38 60.36 -18.05
CA TYR B 1125 16.72 59.81 -17.85
C TYR B 1125 17.81 60.85 -18.06
N PRO B 1126 18.36 61.43 -17.01
CA PRO B 1126 19.48 62.37 -17.17
C PRO B 1126 20.65 61.71 -17.87
N SER B 1127 21.35 62.47 -18.71
CA SER B 1127 22.41 61.88 -19.51
C SER B 1127 23.80 62.44 -19.22
N ASN B 1128 24.56 63.10 -20.07
CA ASN B 1128 26.04 63.31 -19.78
C ASN B 1128 26.42 63.54 -18.28
N HIS B 1129 26.25 64.78 -17.72
CA HIS B 1129 26.48 65.17 -16.27
C HIS B 1129 27.67 66.16 -16.07
N ILE B 1130 27.47 67.28 -15.35
CA ILE B 1130 28.56 68.29 -15.19
C ILE B 1130 28.64 68.75 -13.73
N GLU B 1131 29.86 68.83 -13.18
CA GLU B 1131 30.03 69.24 -11.79
C GLU B 1131 30.09 70.75 -11.69
N VAL B 1132 29.46 71.29 -10.67
CA VAL B 1132 29.29 72.72 -10.51
C VAL B 1132 29.38 73.03 -9.03
N VAL B 1133 29.78 74.25 -8.71
CA VAL B 1133 29.80 74.74 -7.34
C VAL B 1133 28.49 75.45 -7.06
N SER B 1134 27.91 75.22 -5.89
CA SER B 1134 26.68 75.90 -5.52
C SER B 1134 26.69 76.19 -4.04
N ALA B 1135 25.82 77.10 -3.64
CA ALA B 1135 25.72 77.57 -2.26
C ALA B 1135 24.38 77.18 -1.66
N TYR B 1136 24.37 77.00 -0.35
CA TYR B 1136 23.15 76.63 0.34
C TYR B 1136 22.10 77.72 0.29
N GLY B 1137 22.48 78.93 -0.07
CA GLY B 1137 21.55 80.04 -0.14
C GLY B 1137 22.26 81.32 0.21
N LEU B 1138 21.58 82.44 -0.02
CA LEU B 1138 22.27 83.72 -0.04
C LEU B 1138 21.72 84.66 1.02
N CYS B 1139 22.60 85.49 1.57
CA CYS B 1139 22.23 86.52 2.52
C CYS B 1139 22.57 87.88 1.98
N ASP B 1140 22.26 88.90 2.77
CA ASP B 1140 22.46 90.31 2.47
C ASP B 1140 23.30 90.93 3.56
N ALA B 1141 23.25 92.25 3.70
CA ALA B 1141 23.98 92.95 4.74
C ALA B 1141 23.99 92.14 6.04
N ALA B 1142 22.84 92.00 6.69
CA ALA B 1142 22.86 91.09 7.82
C ALA B 1142 21.84 89.96 7.80
N ASN B 1143 20.57 90.31 7.95
CA ASN B 1143 19.57 89.29 8.27
C ASN B 1143 18.90 88.66 7.06
N PRO B 1144 18.39 89.44 6.09
CA PRO B 1144 17.53 88.84 5.07
C PRO B 1144 18.28 87.82 4.23
N THR B 1145 17.63 86.68 4.01
CA THR B 1145 18.22 85.57 3.29
C THR B 1145 17.18 84.96 2.35
N ASN B 1146 17.64 84.39 1.25
CA ASN B 1146 16.78 83.66 0.33
C ASN B 1146 17.35 82.28 0.07
N CYS B 1147 16.46 81.30 0.03
CA CYS B 1147 16.85 79.91 -0.11
C CYS B 1147 16.86 79.49 -1.57
N ILE B 1148 17.49 78.34 -1.80
CA ILE B 1148 17.88 77.93 -3.14
C ILE B 1148 16.67 77.87 -4.07
N ALA B 1149 15.56 77.36 -3.58
CA ALA B 1149 14.31 77.35 -4.33
C ALA B 1149 13.22 77.00 -3.36
N PRO B 1150 11.96 77.19 -3.75
CA PRO B 1150 10.89 76.58 -2.97
C PRO B 1150 11.11 75.09 -2.87
N VAL B 1151 11.52 74.49 -3.98
CA VAL B 1151 12.02 73.13 -4.03
C VAL B 1151 12.95 73.02 -5.21
N ASN B 1152 13.97 72.17 -5.07
CA ASN B 1152 14.82 71.75 -6.16
C ASN B 1152 15.39 72.97 -6.88
N GLY B 1153 16.34 73.62 -6.19
CA GLY B 1153 17.08 74.75 -6.78
C GLY B 1153 18.51 74.60 -6.31
N TYR B 1154 19.49 75.30 -6.88
CA TYR B 1154 20.86 75.11 -6.32
C TYR B 1154 21.58 76.42 -6.02
N PHE B 1155 21.08 77.55 -6.50
CA PHE B 1155 21.77 78.85 -6.28
C PHE B 1155 23.25 78.74 -6.68
N ILE B 1156 23.55 78.35 -7.92
CA ILE B 1156 24.95 78.04 -8.34
C ILE B 1156 25.78 79.26 -8.77
N LYS B 1157 27.03 79.00 -9.19
CA LYS B 1157 27.94 80.06 -9.71
C LYS B 1157 28.08 81.20 -8.70
N THR B 1158 27.96 82.45 -9.18
CA THR B 1158 28.02 83.61 -8.26
C THR B 1158 26.64 83.77 -7.63
N ASN B 1159 25.63 84.09 -8.43
CA ASN B 1159 24.26 84.35 -7.88
C ASN B 1159 23.21 83.66 -8.75
N ASN B 1160 23.61 83.08 -9.88
CA ASN B 1160 22.62 82.47 -10.82
C ASN B 1160 21.95 81.26 -10.16
N THR B 1161 20.62 81.21 -10.17
CA THR B 1161 19.89 80.04 -9.60
C THR B 1161 20.08 78.85 -10.52
N ARG B 1162 19.94 77.63 -10.02
CA ARG B 1162 20.02 76.47 -10.96
C ARG B 1162 18.84 75.53 -10.72
N ILE B 1163 18.04 75.30 -11.76
CA ILE B 1163 16.87 74.39 -11.63
C ILE B 1163 17.32 73.03 -12.19
N VAL B 1164 16.89 71.94 -11.57
CA VAL B 1164 17.39 70.58 -11.98
C VAL B 1164 16.95 70.27 -13.42
N ASP B 1165 17.65 69.34 -14.09
CA ASP B 1165 17.32 68.89 -15.48
C ASP B 1165 18.11 69.68 -16.54
N GLU B 1166 18.89 70.67 -16.19
CA GLU B 1166 19.77 71.41 -17.14
C GLU B 1166 20.48 72.55 -16.38
N TRP B 1167 21.44 73.24 -17.00
CA TRP B 1167 22.24 74.25 -16.25
C TRP B 1167 22.17 75.65 -16.86
N SER B 1168 22.63 76.67 -16.12
CA SER B 1168 22.73 78.08 -16.62
C SER B 1168 21.36 78.78 -16.70
N TYR B 1169 20.83 79.25 -15.57
CA TYR B 1169 19.55 80.00 -15.57
C TYR B 1169 19.66 81.23 -14.67
N THR B 1170 19.04 82.34 -15.07
CA THR B 1170 19.06 83.59 -14.25
C THR B 1170 18.13 83.45 -13.04
N GLY B 1171 18.42 84.15 -11.94
CA GLY B 1171 17.56 84.11 -10.74
C GLY B 1171 16.46 85.16 -10.79
N SER B 1172 15.30 84.89 -10.17
CA SER B 1172 14.21 85.85 -10.13
C SER B 1172 13.68 86.11 -8.74
N SER B 1173 13.99 85.27 -7.77
CA SER B 1173 13.71 85.53 -6.36
C SER B 1173 12.22 85.47 -6.08
N PHE B 1174 11.39 85.40 -7.12
CA PHE B 1174 9.97 85.27 -6.88
C PHE B 1174 9.64 83.86 -6.44
N TYR B 1175 10.31 82.87 -7.01
CA TYR B 1175 10.16 81.51 -6.49
C TYR B 1175 10.93 81.31 -5.18
N ALA B 1176 12.15 81.81 -5.09
CA ALA B 1176 13.01 81.50 -3.96
C ALA B 1176 12.36 81.96 -2.66
N PRO B 1177 12.21 81.10 -1.66
CA PRO B 1177 11.63 81.51 -0.40
C PRO B 1177 12.67 82.21 0.46
N GLU B 1178 12.21 82.75 1.58
CA GLU B 1178 13.03 83.58 2.45
C GLU B 1178 13.10 82.93 3.82
N PRO B 1179 14.11 82.11 4.08
CA PRO B 1179 14.22 81.45 5.39
C PRO B 1179 15.07 82.23 6.35
N ILE B 1180 15.20 81.71 7.57
CA ILE B 1180 16.08 82.31 8.54
C ILE B 1180 17.52 82.05 8.16
N THR B 1181 18.40 82.89 8.69
CA THR B 1181 19.82 82.79 8.38
C THR B 1181 20.41 81.52 8.98
N SER B 1182 21.45 80.96 8.35
CA SER B 1182 22.13 79.80 8.98
C SER B 1182 23.60 80.13 9.29
N LEU B 1183 24.51 79.16 9.17
CA LEU B 1183 25.94 79.36 9.54
C LEU B 1183 26.67 80.21 8.49
N ASN B 1184 27.83 80.78 8.85
CA ASN B 1184 28.66 81.55 7.87
C ASN B 1184 27.86 82.70 7.25
N THR B 1185 27.64 83.78 8.01
CA THR B 1185 26.77 84.90 7.53
C THR B 1185 27.23 85.40 6.16
N LYS B 1186 26.30 85.79 5.28
CA LYS B 1186 26.55 86.19 3.86
C LYS B 1186 26.31 84.95 2.99
N TYR B 1187 26.17 83.78 3.63
CA TYR B 1187 25.80 82.53 2.91
C TYR B 1187 24.91 81.72 3.86
N VAL B 1188 23.96 80.95 3.34
CA VAL B 1188 23.17 80.08 4.27
C VAL B 1188 24.15 79.07 4.88
N ALA B 1189 25.06 78.52 4.06
CA ALA B 1189 26.07 77.55 4.56
C ALA B 1189 25.48 76.68 5.67
N TYR C 1 26.87 -35.29 30.21
CA TYR C 1 26.68 -34.58 31.46
C TYR C 1 28.06 -34.15 31.95
N VAL C 2 28.14 -33.61 33.17
CA VAL C 2 29.40 -33.13 33.72
C VAL C 2 29.49 -33.56 35.19
N ASP C 3 30.71 -33.70 35.68
CA ASP C 3 30.92 -34.14 37.05
C ASP C 3 30.45 -33.09 38.06
N VAL C 4 29.95 -33.57 39.19
CA VAL C 4 29.56 -32.70 40.29
C VAL C 4 30.31 -33.02 41.57
N GLY C 5 31.02 -34.14 41.65
CA GLY C 5 31.73 -34.52 42.84
C GLY C 5 30.87 -35.38 43.76
N PRO C 6 31.26 -35.45 45.03
CA PRO C 6 30.52 -36.28 45.98
C PRO C 6 29.26 -35.61 46.49
N ASP C 7 28.18 -36.39 46.55
CA ASP C 7 26.93 -35.88 47.08
C ASP C 7 27.04 -35.72 48.60
N SER C 8 26.09 -34.98 49.17
CA SER C 8 26.08 -34.78 50.61
C SER C 8 25.66 -36.06 51.33
N VAL C 9 26.12 -36.18 52.58
CA VAL C 9 25.98 -37.41 53.34
C VAL C 9 25.22 -37.21 54.65
N LYS C 10 24.92 -35.95 54.99
CA LYS C 10 24.19 -35.61 56.24
C LYS C 10 22.73 -36.06 56.17
N SER C 11 22.20 -36.65 57.26
CA SER C 11 20.85 -37.19 57.29
C SER C 11 19.91 -36.42 58.21
N ALA C 12 20.36 -35.28 58.74
CA ALA C 12 19.50 -34.41 59.56
C ALA C 12 19.90 -32.98 59.23
N CYS C 13 19.19 -32.36 58.29
CA CYS C 13 19.51 -30.98 57.85
C CYS C 13 19.51 -30.01 59.02
N ILE C 14 20.46 -29.08 59.02
CA ILE C 14 20.53 -28.01 60.00
C ILE C 14 19.16 -27.36 59.98
N GLU C 15 18.42 -27.46 61.07
CA GLU C 15 17.12 -26.82 61.11
C GLU C 15 17.30 -25.33 60.88
N VAL C 16 16.78 -24.84 59.76
CA VAL C 16 16.98 -23.47 59.34
C VAL C 16 15.87 -22.62 59.96
N ASP C 17 16.26 -21.57 60.66
CA ASP C 17 15.29 -20.71 61.36
C ASP C 17 14.91 -19.56 60.45
N ILE C 18 13.72 -19.66 59.85
CA ILE C 18 13.17 -18.54 59.10
C ILE C 18 12.61 -17.54 60.09
N GLN C 19 13.14 -16.31 60.08
CA GLN C 19 12.60 -15.22 60.90
C GLN C 19 12.43 -14.02 60.00
N GLN C 20 11.31 -14.00 59.28
CA GLN C 20 11.08 -12.97 58.29
C GLN C 20 11.04 -11.58 58.91
N THR C 21 10.56 -11.49 60.15
CA THR C 21 10.45 -10.19 60.81
C THR C 21 11.79 -9.52 60.99
N PHE C 22 12.88 -10.28 61.03
CA PHE C 22 14.19 -9.68 61.20
C PHE C 22 14.69 -9.01 59.94
N PHE C 23 14.11 -9.34 58.78
CA PHE C 23 14.53 -8.76 57.52
C PHE C 23 13.56 -7.71 56.99
N ASP C 24 12.33 -7.67 57.47
CA ASP C 24 11.38 -6.67 57.02
C ASP C 24 11.90 -5.31 57.48
N LYS C 25 12.44 -4.55 56.55
CA LYS C 25 13.08 -3.30 56.91
C LYS C 25 13.08 -2.38 55.70
N THR C 26 12.98 -1.09 55.95
CA THR C 26 12.77 -0.11 54.89
C THR C 26 14.07 0.65 54.65
N TRP C 27 14.71 0.36 53.53
CA TRP C 27 15.94 1.04 53.11
C TRP C 27 15.78 1.44 51.66
N PRO C 28 14.90 2.40 51.38
CA PRO C 28 14.56 2.69 50.00
C PRO C 28 15.77 3.19 49.23
N ARG C 29 15.85 2.79 47.98
CA ARG C 29 17.02 3.13 47.21
C ARG C 29 16.67 2.94 45.74
N PRO C 30 15.87 3.82 45.17
CA PRO C 30 15.20 3.52 43.91
C PRO C 30 16.00 3.93 42.67
N ILE C 31 15.52 3.47 41.52
CA ILE C 31 16.17 3.77 40.25
C ILE C 31 16.17 5.27 40.01
N ASP C 32 17.31 5.78 39.55
CA ASP C 32 17.48 7.20 39.24
C ASP C 32 18.21 7.28 37.90
N VAL C 33 17.45 7.38 36.81
CA VAL C 33 18.05 7.34 35.49
C VAL C 33 18.92 8.54 35.22
N SER C 34 18.75 9.63 35.98
N SER C 34 18.75 9.63 35.98
CA SER C 34 19.65 10.76 35.84
CA SER C 34 19.64 10.77 35.87
C SER C 34 21.06 10.45 36.31
C SER C 34 21.06 10.43 36.29
N LYS C 35 21.24 9.37 37.06
CA LYS C 35 22.56 8.87 37.41
C LYS C 35 22.89 7.62 36.62
N ALA C 36 22.10 7.32 35.59
CA ALA C 36 22.30 6.15 34.74
C ALA C 36 22.30 4.87 35.57
N ASP C 37 21.28 4.72 36.41
CA ASP C 37 21.17 3.55 37.25
C ASP C 37 20.59 2.38 36.46
N GLY C 38 21.31 1.28 36.44
CA GLY C 38 20.77 0.04 35.93
C GLY C 38 20.41 0.04 34.46
N ILE C 39 21.22 0.67 33.62
CA ILE C 39 20.98 0.69 32.19
C ILE C 39 22.01 -0.20 31.50
N ILE C 40 21.49 -1.10 30.66
CA ILE C 40 22.38 -1.99 29.87
C ILE C 40 22.88 -1.19 28.67
N TYR C 41 24.20 -1.11 28.50
CA TYR C 41 24.78 -0.31 27.38
C TYR C 41 24.26 -0.82 26.02
N PRO C 42 24.26 0.00 24.94
CA PRO C 42 23.88 -0.50 23.61
C PRO C 42 24.76 -1.74 23.43
N GLN C 43 24.17 -2.84 22.97
CA GLN C 43 24.91 -4.13 22.98
C GLN C 43 25.86 -4.37 21.80
N GLY C 44 25.66 -3.76 20.62
CA GLY C 44 26.56 -4.17 19.56
C GLY C 44 27.62 -3.15 19.22
N ARG C 45 27.45 -1.93 19.72
CA ARG C 45 28.20 -0.79 19.22
C ARG C 45 28.53 0.12 20.38
N THR C 46 29.08 1.30 20.05
CA THR C 46 29.27 2.34 21.03
C THR C 46 29.13 3.68 20.32
N TYR C 47 29.20 4.76 21.09
CA TYR C 47 28.87 6.06 20.58
C TYR C 47 29.77 7.11 21.20
N SER C 48 29.98 8.19 20.47
CA SER C 48 30.80 9.31 20.90
C SER C 48 29.92 10.34 21.61
N ASN C 49 30.38 11.59 21.65
CA ASN C 49 29.75 12.66 22.38
C ASN C 49 28.41 13.06 21.79
N ILE C 50 27.36 12.26 21.97
CA ILE C 50 26.07 12.54 21.36
C ILE C 50 24.95 12.21 22.35
N THR C 51 23.71 12.42 21.90
CA THR C 51 22.52 12.20 22.72
C THR C 51 21.43 11.67 21.81
N ILE C 52 20.98 10.44 22.03
CA ILE C 52 20.01 9.84 21.14
C ILE C 52 18.97 9.06 21.93
N THR C 53 17.83 8.83 21.30
CA THR C 53 16.83 7.93 21.87
C THR C 53 17.17 6.51 21.48
N TYR C 54 16.75 5.57 22.32
CA TYR C 54 17.11 4.18 22.12
C TYR C 54 16.02 3.32 22.73
N GLN C 55 15.66 2.24 22.04
CA GLN C 55 14.68 1.29 22.56
C GLN C 55 15.41 0.06 23.06
N GLY C 56 15.10 -0.36 24.26
CA GLY C 56 15.76 -1.50 24.84
C GLY C 56 14.99 -2.02 26.01
N LEU C 57 15.67 -2.80 26.84
CA LEU C 57 15.11 -3.28 28.09
C LEU C 57 15.71 -2.46 29.22
N PHE C 58 14.85 -1.76 29.94
CA PHE C 58 15.27 -0.81 30.96
C PHE C 58 14.35 -0.94 32.16
N PRO C 59 14.77 -0.47 33.33
CA PRO C 59 13.86 -0.37 34.46
C PRO C 59 13.15 0.97 34.51
N TYR C 60 11.95 0.97 35.11
CA TYR C 60 11.17 2.22 35.22
C TYR C 60 11.86 3.18 36.19
N GLN C 61 11.79 4.49 35.91
CA GLN C 61 12.37 5.50 36.83
C GLN C 61 11.61 5.48 38.14
N GLY C 62 12.38 5.56 39.30
CA GLY C 62 11.71 5.60 40.57
C GLY C 62 11.27 4.26 41.07
N ASP C 63 11.49 3.20 40.31
CA ASP C 63 11.16 1.87 40.79
C ASP C 63 11.96 1.56 42.04
N HIS C 64 11.30 1.06 43.06
CA HIS C 64 11.98 0.73 44.30
C HIS C 64 12.54 -0.67 44.28
N GLY C 65 12.06 -1.53 43.39
CA GLY C 65 12.58 -2.86 43.30
C GLY C 65 12.24 -3.65 44.54
N ASP C 66 12.92 -4.78 44.66
CA ASP C 66 12.79 -5.68 45.79
C ASP C 66 14.13 -5.77 46.49
N MET C 67 14.18 -5.36 47.74
CA MET C 67 15.40 -5.34 48.52
C MET C 67 15.50 -6.60 49.33
N TYR C 68 16.63 -7.29 49.25
CA TYR C 68 16.79 -8.47 50.08
C TYR C 68 18.19 -8.53 50.65
N VAL C 69 18.32 -9.25 51.77
CA VAL C 69 19.48 -9.15 52.64
C VAL C 69 19.78 -10.50 53.28
N TYR C 70 21.03 -10.67 53.72
CA TYR C 70 21.56 -11.94 54.22
C TYR C 70 21.98 -11.81 55.68
N SER C 71 21.65 -12.83 56.48
CA SER C 71 21.82 -12.79 57.92
C SER C 71 22.76 -13.87 58.42
N ALA C 72 23.45 -13.57 59.51
CA ALA C 72 24.16 -14.61 60.23
C ALA C 72 23.17 -15.58 60.87
N GLY C 73 23.57 -16.83 60.92
CA GLY C 73 22.80 -17.86 61.57
C GLY C 73 23.08 -17.95 63.06
N HIS C 74 22.18 -18.63 63.75
CA HIS C 74 22.20 -18.66 65.20
C HIS C 74 23.48 -19.32 65.70
N ALA C 75 23.92 -18.91 66.88
CA ALA C 75 25.15 -19.44 67.45
C ALA C 75 25.16 -19.24 68.95
N THR C 76 25.96 -20.05 69.63
CA THR C 76 26.42 -19.76 70.97
C THR C 76 27.76 -19.04 70.88
N GLY C 77 28.47 -18.96 72.00
CA GLY C 77 29.67 -18.12 72.06
C GLY C 77 30.69 -18.45 70.98
N THR C 78 30.84 -19.73 70.65
CA THR C 78 31.79 -20.11 69.60
C THR C 78 31.30 -21.26 68.72
N THR C 79 30.04 -21.63 68.79
CA THR C 79 29.57 -22.81 68.08
C THR C 79 28.54 -22.43 67.03
N PRO C 80 28.73 -22.83 65.78
CA PRO C 80 27.70 -22.62 64.77
C PRO C 80 26.45 -23.38 65.11
N GLN C 81 25.31 -22.82 64.74
CA GLN C 81 24.01 -23.39 65.04
C GLN C 81 23.06 -23.02 63.90
N LYS C 82 21.76 -23.09 64.17
CA LYS C 82 20.74 -22.93 63.15
C LYS C 82 21.02 -21.74 62.25
N LEU C 83 20.54 -21.84 61.01
CA LEU C 83 20.64 -20.75 60.05
C LEU C 83 19.51 -19.75 60.26
N PHE C 84 19.80 -18.48 60.01
CA PHE C 84 18.75 -17.48 59.88
C PHE C 84 18.66 -17.04 58.43
N VAL C 85 17.49 -17.28 57.83
CA VAL C 85 17.17 -16.84 56.50
C VAL C 85 15.79 -16.18 56.56
N ALA C 86 15.35 -15.68 55.41
CA ALA C 86 14.01 -15.15 55.30
C ALA C 86 13.17 -16.11 54.47
N ASN C 87 11.95 -15.69 54.15
CA ASN C 87 10.99 -16.56 53.50
C ASN C 87 11.27 -16.76 52.02
N TYR C 88 12.48 -16.41 51.57
CA TYR C 88 12.75 -16.27 50.15
C TYR C 88 12.38 -17.52 49.38
N SER C 89 12.61 -18.69 49.97
CA SER C 89 12.39 -19.94 49.26
C SER C 89 10.92 -20.08 48.86
N GLN C 90 10.00 -19.74 49.77
CA GLN C 90 8.59 -19.86 49.42
C GLN C 90 8.15 -18.80 48.43
N ASP C 91 8.88 -17.71 48.31
CA ASP C 91 8.43 -16.55 47.54
C ASP C 91 9.08 -16.62 46.15
N VAL C 92 8.35 -17.19 45.20
CA VAL C 92 8.83 -17.38 43.85
C VAL C 92 8.29 -16.26 42.98
N LYS C 93 9.18 -15.43 42.48
CA LYS C 93 8.77 -14.32 41.62
C LYS C 93 8.81 -14.75 40.16
N GLN C 94 8.24 -13.93 39.30
CA GLN C 94 7.98 -14.30 37.93
C GLN C 94 8.98 -13.58 37.03
N PHE C 95 9.96 -14.33 36.54
CA PHE C 95 10.91 -13.83 35.56
C PHE C 95 10.15 -13.47 34.30
N ALA C 96 10.12 -12.16 33.99
CA ALA C 96 9.42 -11.69 32.77
C ALA C 96 10.46 -11.41 31.67
N ASN C 97 10.84 -10.15 31.50
CA ASN C 97 11.84 -9.77 30.45
C ASN C 97 13.25 -9.82 31.04
N GLY C 98 13.37 -10.15 32.33
CA GLY C 98 14.69 -10.17 33.00
C GLY C 98 14.76 -9.14 34.11
N PHE C 99 15.85 -9.12 34.87
CA PHE C 99 15.96 -8.19 36.02
C PHE C 99 17.39 -7.65 36.15
N VAL C 100 17.54 -6.46 36.74
CA VAL C 100 18.89 -5.86 36.99
C VAL C 100 19.07 -5.75 38.51
N VAL C 101 20.24 -6.14 39.03
CA VAL C 101 20.44 -6.15 40.51
C VAL C 101 21.53 -5.15 40.91
N ARG C 102 21.38 -4.52 42.07
CA ARG C 102 22.41 -3.57 42.58
C ARG C 102 23.14 -4.27 43.73
N ILE C 103 24.48 -4.32 43.68
CA ILE C 103 25.25 -5.09 44.70
C ILE C 103 26.14 -4.12 45.50
N GLY C 104 26.25 -4.33 46.82
CA GLY C 104 27.11 -3.48 47.66
C GLY C 104 26.64 -2.04 47.71
N ALA C 105 25.32 -1.82 47.60
CA ALA C 105 24.75 -0.45 47.66
C ALA C 105 24.98 0.19 49.03
N ALA C 106 24.85 -0.59 50.11
CA ALA C 106 24.96 -0.04 51.49
C ALA C 106 26.37 -0.27 52.05
N ALA C 107 27.33 -0.65 51.19
CA ALA C 107 28.70 -0.98 51.66
C ALA C 107 29.40 0.25 52.25
N ASN C 108 30.38 0.02 53.15
CA ASN C 108 31.17 1.13 53.77
C ASN C 108 30.29 2.06 54.61
N SER C 109 29.28 1.52 55.31
CA SER C 109 28.46 2.35 56.24
C SER C 109 28.18 1.55 57.51
N THR C 110 27.82 2.22 58.61
CA THR C 110 27.45 1.51 59.87
C THR C 110 26.08 0.84 59.72
N GLY C 111 25.87 -0.30 60.38
CA GLY C 111 24.57 -1.01 60.30
C GLY C 111 24.43 -2.07 61.38
N THR C 112 23.27 -2.73 61.47
CA THR C 112 23.06 -3.77 62.47
C THR C 112 23.36 -5.13 61.87
N VAL C 113 24.04 -5.98 62.64
CA VAL C 113 24.20 -7.37 62.27
C VAL C 113 22.83 -8.01 62.49
N ILE C 114 22.07 -8.16 61.42
CA ILE C 114 20.62 -8.24 61.54
C ILE C 114 20.15 -9.46 62.32
N ILE C 115 21.08 -10.36 62.65
CA ILE C 115 20.75 -11.42 63.60
C ILE C 115 20.58 -10.83 65.00
N SER C 116 21.41 -9.86 65.35
CA SER C 116 21.43 -9.26 66.69
C SER C 116 21.29 -7.76 66.51
N PRO C 117 20.06 -7.25 66.48
CA PRO C 117 19.86 -5.84 66.11
C PRO C 117 20.59 -4.86 67.00
N SER C 118 20.96 -5.25 68.21
CA SER C 118 21.77 -4.38 69.05
C SER C 118 23.19 -4.26 68.53
N THR C 119 23.68 -5.28 67.83
CA THR C 119 25.08 -5.38 67.47
C THR C 119 25.37 -4.53 66.25
N SER C 120 25.85 -3.31 66.49
CA SER C 120 26.30 -2.47 65.39
C SER C 120 27.63 -2.98 64.85
N ALA C 121 27.82 -2.81 63.54
CA ALA C 121 29.07 -3.18 62.89
C ALA C 121 29.12 -2.52 61.52
N THR C 122 30.30 -2.52 60.91
CA THR C 122 30.39 -1.98 59.57
C THR C 122 29.80 -2.96 58.56
N ILE C 123 29.37 -2.42 57.42
CA ILE C 123 28.65 -3.18 56.41
C ILE C 123 29.61 -3.65 55.33
N ARG C 124 29.52 -4.92 54.99
CA ARG C 124 30.49 -5.59 54.12
C ARG C 124 29.72 -6.29 53.01
N LYS C 125 30.19 -6.14 51.77
CA LYS C 125 29.45 -6.56 50.59
C LYS C 125 29.20 -8.06 50.57
N ILE C 126 28.07 -8.46 49.99
CA ILE C 126 27.71 -9.85 49.76
C ILE C 126 27.20 -9.97 48.32
N TYR C 127 26.92 -11.19 47.89
CA TYR C 127 26.46 -11.41 46.52
C TYR C 127 25.21 -12.27 46.49
N PRO C 128 24.36 -12.10 45.48
CA PRO C 128 23.05 -12.75 45.47
C PRO C 128 23.02 -14.10 44.76
N ALA C 129 22.00 -14.86 45.09
CA ALA C 129 21.74 -16.16 44.48
C ALA C 129 20.42 -16.15 43.73
N PHE C 130 20.39 -16.79 42.58
CA PHE C 130 19.18 -16.86 41.78
C PHE C 130 18.99 -18.28 41.31
N MET C 131 17.84 -18.85 41.57
CA MET C 131 17.53 -20.18 41.08
C MET C 131 16.31 -20.02 40.19
N LEU C 132 16.51 -20.32 38.90
CA LEU C 132 15.61 -19.92 37.83
C LEU C 132 15.13 -21.17 37.10
N GLY C 133 13.89 -21.13 36.62
CA GLY C 133 13.40 -22.25 35.87
C GLY C 133 12.10 -21.95 35.18
N SER C 134 11.54 -23.00 34.57
CA SER C 134 10.28 -22.89 33.86
C SER C 134 9.14 -23.63 34.53
N SER C 135 9.42 -24.43 35.56
CA SER C 135 8.40 -25.22 36.25
C SER C 135 8.56 -25.06 37.75
N VAL C 136 7.42 -24.88 38.42
CA VAL C 136 7.40 -24.65 39.86
C VAL C 136 6.26 -25.47 40.47
N GLY C 137 6.33 -25.63 41.79
CA GLY C 137 5.32 -26.37 42.52
C GLY C 137 5.57 -26.23 43.99
N ASN C 138 4.79 -26.97 44.78
CA ASN C 138 4.98 -27.05 46.21
C ASN C 138 5.58 -28.40 46.61
N PHE C 139 6.22 -28.41 47.77
CA PHE C 139 6.95 -29.59 48.25
C PHE C 139 5.99 -30.62 48.84
N SER C 140 6.57 -31.69 49.40
CA SER C 140 5.77 -32.72 50.06
C SER C 140 5.03 -32.14 51.26
N ASP C 141 5.69 -31.27 52.03
CA ASP C 141 5.05 -30.63 53.16
C ASP C 141 3.96 -29.67 52.73
N GLY C 142 3.85 -29.36 51.45
CA GLY C 142 3.02 -28.29 50.97
C GLY C 142 3.72 -26.96 50.88
N LYS C 143 4.97 -26.89 51.31
CA LYS C 143 5.72 -25.64 51.22
C LYS C 143 5.98 -25.28 49.77
N MET C 144 5.65 -24.05 49.41
CA MET C 144 5.82 -23.60 48.04
C MET C 144 7.29 -23.35 47.76
N GLY C 145 7.66 -23.43 46.49
CA GLY C 145 9.02 -23.15 46.07
C GLY C 145 9.82 -24.33 45.54
N ARG C 146 9.18 -25.41 45.16
CA ARG C 146 9.84 -26.59 44.62
C ARG C 146 10.02 -26.43 43.12
N PHE C 147 11.26 -26.43 42.64
CA PHE C 147 11.48 -26.35 41.22
C PHE C 147 11.57 -27.74 40.61
N PHE C 148 10.87 -27.91 39.51
CA PHE C 148 10.79 -29.16 38.78
C PHE C 148 11.88 -29.17 37.72
N ASN C 149 11.74 -30.03 36.71
CA ASN C 149 12.76 -30.36 35.72
C ASN C 149 13.64 -29.17 35.34
N HIS C 150 14.95 -29.43 35.28
CA HIS C 150 15.90 -28.60 34.53
C HIS C 150 15.94 -27.15 35.04
N THR C 151 16.60 -26.97 36.20
CA THR C 151 16.67 -25.62 36.83
C THR C 151 18.03 -24.96 36.56
N LEU C 152 18.08 -23.62 36.51
CA LEU C 152 19.35 -22.86 36.31
C LEU C 152 19.73 -22.21 37.65
N VAL C 153 20.95 -22.42 38.13
CA VAL C 153 21.33 -21.90 39.48
C VAL C 153 22.57 -21.02 39.42
N LEU C 154 22.53 -19.82 40.03
CA LEU C 154 23.73 -18.94 40.13
C LEU C 154 24.12 -18.94 41.61
N LEU C 155 25.41 -18.80 41.96
CA LEU C 155 25.76 -18.95 43.40
C LEU C 155 26.98 -18.10 43.78
N PRO C 156 26.98 -17.33 44.90
CA PRO C 156 28.21 -16.69 45.37
C PRO C 156 28.84 -17.62 46.42
N ASP C 157 30.13 -17.42 46.75
CA ASP C 157 30.75 -18.20 47.85
C ASP C 157 30.72 -17.35 49.13
N GLY C 158 30.08 -16.18 49.06
CA GLY C 158 29.94 -15.29 50.24
C GLY C 158 31.16 -14.44 50.54
N CYS C 159 32.34 -15.04 50.73
CA CYS C 159 33.53 -14.23 51.15
C CYS C 159 34.76 -14.58 50.32
N GLY C 160 35.79 -13.72 50.32
CA GLY C 160 36.97 -13.92 49.45
C GLY C 160 36.69 -13.48 48.03
N THR C 161 37.01 -14.30 47.04
CA THR C 161 36.76 -13.97 45.61
C THR C 161 35.68 -14.93 45.09
N LEU C 162 34.59 -14.43 44.49
CA LEU C 162 33.52 -15.42 44.12
C LEU C 162 32.41 -14.96 43.15
N LEU C 163 31.89 -15.88 42.33
CA LEU C 163 30.64 -15.65 41.54
C LEU C 163 30.38 -16.98 40.84
N ARG C 164 29.16 -17.35 40.39
CA ARG C 164 29.01 -18.72 39.77
C ARG C 164 27.76 -18.94 38.92
N ALA C 165 27.77 -19.96 38.01
CA ALA C 165 26.58 -20.30 37.17
C ALA C 165 26.56 -21.80 36.77
N PHE C 166 25.42 -22.50 36.91
CA PHE C 166 25.29 -23.93 36.48
C PHE C 166 23.82 -24.34 36.23
N TYR C 167 23.57 -25.44 35.48
CA TYR C 167 22.19 -25.90 35.17
C TYR C 167 22.05 -27.42 35.40
N CYS C 168 21.06 -27.88 36.20
CA CYS C 168 20.91 -29.33 36.54
C CYS C 168 19.51 -29.65 37.08
N ILE C 169 19.23 -30.92 37.44
CA ILE C 169 17.95 -31.28 38.04
C ILE C 169 18.20 -31.54 39.52
N LEU C 170 17.18 -31.28 40.33
CA LEU C 170 17.31 -31.19 41.76
C LEU C 170 16.21 -32.01 42.43
N GLU C 171 16.59 -32.75 43.48
CA GLU C 171 15.60 -33.54 44.20
C GLU C 171 15.68 -33.29 45.69
N PRO C 172 14.58 -33.44 46.40
CA PRO C 172 14.62 -33.26 47.86
C PRO C 172 15.39 -34.38 48.56
N ARG C 173 16.14 -34.00 49.59
CA ARG C 173 16.75 -34.97 50.50
C ARG C 173 15.77 -35.41 51.57
N SER C 174 15.85 -36.68 51.93
CA SER C 174 14.95 -37.28 52.89
C SER C 174 15.48 -37.25 54.32
N GLY C 175 16.64 -36.66 54.54
CA GLY C 175 17.16 -36.53 55.89
C GLY C 175 16.27 -35.65 56.74
N ASN C 176 16.48 -35.75 58.05
CA ASN C 176 15.70 -34.94 58.97
C ASN C 176 15.89 -33.46 58.64
N HIS C 177 14.79 -32.72 58.66
CA HIS C 177 14.73 -31.29 58.37
C HIS C 177 15.02 -30.97 56.90
N CYS C 178 15.25 -31.98 56.06
CA CYS C 178 15.50 -31.84 54.63
C CYS C 178 14.21 -31.93 53.84
N PRO C 179 14.18 -31.40 52.62
CA PRO C 179 12.88 -31.21 51.93
C PRO C 179 12.07 -32.48 51.73
N ALA C 180 12.70 -33.63 51.50
CA ALA C 180 11.94 -34.87 51.48
C ALA C 180 11.83 -35.52 52.85
N GLY C 181 12.65 -35.09 53.81
CA GLY C 181 12.51 -35.53 55.18
C GLY C 181 11.50 -34.69 55.93
N ASN C 182 11.27 -35.08 57.18
CA ASN C 182 10.34 -34.35 58.02
C ASN C 182 11.07 -33.30 58.85
N SER C 183 10.28 -32.45 59.50
CA SER C 183 10.77 -31.24 60.17
C SER C 183 11.47 -30.30 59.21
N TYR C 184 11.12 -30.37 57.93
CA TYR C 184 11.75 -29.53 56.92
C TYR C 184 11.26 -28.10 57.06
N THR C 185 12.19 -27.16 57.28
CA THR C 185 11.83 -25.75 57.36
C THR C 185 11.96 -25.07 56.00
N SER C 186 13.17 -25.04 55.47
CA SER C 186 13.46 -24.46 54.16
C SER C 186 14.91 -24.75 53.84
N PHE C 187 15.21 -24.88 52.55
CA PHE C 187 16.59 -25.01 52.14
C PHE C 187 17.26 -23.65 52.12
N ALA C 188 18.58 -23.68 52.04
CA ALA C 188 19.41 -22.48 52.06
C ALA C 188 20.81 -22.89 51.63
N THR C 189 21.78 -22.00 51.91
CA THR C 189 23.21 -22.30 51.62
C THR C 189 24.02 -21.64 52.75
N TYR C 190 24.97 -22.36 53.34
CA TYR C 190 25.71 -21.78 54.50
C TYR C 190 27.21 -22.04 54.36
N HIS C 191 28.02 -21.26 55.11
CA HIS C 191 29.48 -21.45 55.10
C HIS C 191 29.96 -21.54 56.55
N THR C 192 31.13 -22.11 56.79
CA THR C 192 31.69 -22.10 58.17
C THR C 192 32.67 -20.94 58.27
N PRO C 193 32.44 -19.92 59.13
CA PRO C 193 33.30 -18.74 59.20
C PRO C 193 34.74 -19.02 59.65
N ALA C 194 35.72 -18.32 59.05
CA ALA C 194 37.15 -18.45 59.46
C ALA C 194 37.78 -19.75 58.95
N THR C 195 37.07 -20.52 58.12
CA THR C 195 37.68 -21.74 57.52
C THR C 195 37.66 -21.61 55.99
N ASP C 196 36.47 -21.64 55.39
CA ASP C 196 36.35 -21.45 53.91
C ASP C 196 36.82 -20.05 53.53
N CYS C 197 36.46 -19.04 54.34
CA CYS C 197 36.94 -17.66 54.08
C CYS C 197 38.00 -17.29 55.12
N SER C 198 39.23 -16.99 54.68
CA SER C 198 40.33 -16.61 55.60
C SER C 198 41.34 -15.79 54.80
N ASP C 199 42.24 -15.05 55.48
CA ASP C 199 43.18 -14.17 54.74
C ASP C 199 44.09 -15.04 53.85
N GLY C 200 44.25 -14.66 52.58
CA GLY C 200 45.16 -15.40 51.67
C GLY C 200 44.55 -16.64 51.05
N ASN C 201 43.27 -16.93 51.32
CA ASN C 201 42.65 -18.17 50.81
C ASN C 201 41.14 -18.00 50.61
N TYR C 202 40.52 -18.87 49.79
CA TYR C 202 39.05 -18.82 49.58
C TYR C 202 38.56 -20.24 49.27
N ASN C 203 37.25 -20.46 49.28
CA ASN C 203 36.69 -21.80 48.96
C ASN C 203 36.32 -21.84 47.47
N ARG C 204 37.03 -22.65 46.68
CA ARG C 204 36.67 -22.77 45.24
C ARG C 204 35.27 -23.37 45.13
N ASN C 205 34.97 -24.44 45.90
CA ASN C 205 33.66 -25.12 45.80
C ASN C 205 33.20 -25.61 47.18
N ALA C 206 32.91 -24.72 48.13
CA ALA C 206 32.36 -25.19 49.43
C ALA C 206 30.93 -24.67 49.62
N SER C 207 30.57 -23.58 48.95
CA SER C 207 29.20 -23.02 49.05
C SER C 207 28.19 -24.04 48.49
N LEU C 208 28.53 -24.68 47.36
CA LEU C 208 27.63 -25.67 46.72
C LEU C 208 27.46 -26.91 47.62
N ASN C 209 28.46 -27.24 48.45
CA ASN C 209 28.37 -28.46 49.28
C ASN C 209 27.17 -28.33 50.23
N SER C 210 26.99 -27.16 50.85
CA SER C 210 25.81 -26.92 51.72
C SER C 210 24.54 -26.97 50.87
N PHE C 211 24.59 -26.40 49.67
CA PHE C 211 23.42 -26.42 48.75
C PHE C 211 23.09 -27.88 48.42
N LYS C 212 24.12 -28.71 48.23
CA LYS C 212 23.92 -30.16 47.92
C LYS C 212 23.24 -30.88 49.09
N GLU C 213 23.52 -30.50 50.34
CA GLU C 213 22.79 -31.15 51.46
C GLU C 213 21.31 -30.86 51.26
N TYR C 214 20.97 -29.61 50.95
CA TYR C 214 19.56 -29.24 50.68
C TYR C 214 19.04 -29.83 49.36
N PHE C 215 19.86 -29.86 48.31
CA PHE C 215 19.36 -30.30 46.97
C PHE C 215 20.15 -31.47 46.39
N ASN C 216 19.44 -32.49 45.89
CA ASN C 216 20.04 -33.70 45.37
C ASN C 216 20.36 -33.41 43.92
N LEU C 217 21.64 -33.20 43.64
CA LEU C 217 22.09 -32.66 42.37
C LEU C 217 22.31 -33.80 41.38
N ARG C 218 21.45 -33.89 40.37
CA ARG C 218 21.55 -34.95 39.39
C ARG C 218 21.49 -34.35 38.00
N ASN C 219 22.13 -35.02 37.04
CA ASN C 219 21.86 -34.80 35.62
C ASN C 219 22.17 -33.37 35.20
N CYS C 220 23.44 -32.99 35.34
CA CYS C 220 23.88 -31.65 34.98
C CYS C 220 24.23 -31.58 33.51
N THR C 221 24.34 -30.34 33.00
CA THR C 221 24.71 -30.10 31.61
C THR C 221 25.83 -29.09 31.42
N PHE C 222 26.17 -28.29 32.44
CA PHE C 222 27.40 -27.50 32.44
C PHE C 222 27.58 -26.99 33.86
N MET C 223 28.71 -26.30 34.10
CA MET C 223 29.02 -25.77 35.46
C MET C 223 30.28 -24.89 35.36
N TYR C 224 30.14 -23.59 35.14
CA TYR C 224 31.36 -22.72 35.10
C TYR C 224 31.23 -21.51 36.03
N THR C 225 32.26 -21.29 36.85
CA THR C 225 32.25 -20.13 37.80
C THR C 225 33.37 -19.15 37.40
N TYR C 226 33.04 -17.86 37.29
CA TYR C 226 34.05 -16.83 36.92
C TYR C 226 34.14 -15.79 38.03
N ASN C 227 35.36 -15.53 38.54
CA ASN C 227 35.54 -14.54 39.64
C ASN C 227 36.86 -13.79 39.46
N ILE C 228 36.94 -12.54 39.94
CA ILE C 228 38.22 -11.76 39.89
C ILE C 228 38.56 -11.30 41.32
N THR C 229 38.71 -9.99 41.54
CA THR C 229 39.01 -9.45 42.90
C THR C 229 37.91 -8.45 43.26
N GLU C 230 37.30 -8.57 44.44
CA GLU C 230 36.14 -7.69 44.79
C GLU C 230 36.49 -6.76 45.95
N ASP C 231 36.08 -5.49 45.85
CA ASP C 231 36.34 -4.50 46.93
C ASP C 231 35.01 -3.84 47.30
N GLU C 232 34.92 -3.21 48.47
CA GLU C 232 33.64 -2.60 48.95
C GLU C 232 33.20 -1.45 48.02
N ILE C 233 32.87 -1.76 46.76
CA ILE C 233 32.43 -0.76 45.80
C ILE C 233 31.21 -1.29 45.06
N LEU C 234 30.16 -0.47 44.98
CA LEU C 234 28.88 -0.92 44.47
C LEU C 234 28.98 -1.28 43.01
N GLU C 235 28.06 -2.12 42.55
CA GLU C 235 28.15 -2.61 41.19
C GLU C 235 26.80 -3.15 40.78
N TRP C 236 26.70 -3.45 39.50
CA TRP C 236 25.44 -3.82 38.88
C TRP C 236 25.56 -5.17 38.21
N PHE C 237 24.47 -5.91 38.22
CA PHE C 237 24.43 -7.18 37.53
C PHE C 237 23.10 -7.31 36.83
N GLY C 238 23.07 -7.97 35.70
CA GLY C 238 21.82 -8.07 34.95
C GLY C 238 21.70 -9.39 34.25
N ILE C 239 20.48 -9.82 34.02
CA ILE C 239 20.22 -11.08 33.34
C ILE C 239 19.01 -10.93 32.44
N THR C 240 19.08 -11.54 31.26
CA THR C 240 17.95 -11.54 30.34
C THR C 240 18.00 -12.81 29.50
N GLN C 241 16.91 -13.10 28.81
CA GLN C 241 16.82 -14.29 27.98
C GLN C 241 16.36 -13.93 26.57
N THR C 242 16.87 -14.66 25.59
CA THR C 242 16.44 -14.51 24.21
C THR C 242 16.63 -15.85 23.49
N ALA C 243 16.50 -15.81 22.16
CA ALA C 243 16.73 -17.01 21.37
C ALA C 243 18.16 -17.51 21.48
N GLN C 244 19.10 -16.63 21.84
CA GLN C 244 20.48 -17.04 22.07
C GLN C 244 20.65 -17.77 23.38
N GLY C 245 19.63 -17.82 24.22
CA GLY C 245 19.78 -18.41 25.53
C GLY C 245 19.64 -17.38 26.63
N VAL C 246 20.62 -17.31 27.52
CA VAL C 246 20.56 -16.41 28.66
C VAL C 246 21.80 -15.55 28.67
N HIS C 247 21.62 -14.23 28.70
CA HIS C 247 22.71 -13.29 28.72
C HIS C 247 22.90 -12.76 30.13
N LEU C 248 24.16 -12.68 30.53
CA LEU C 248 24.58 -12.15 31.81
C LEU C 248 25.39 -10.88 31.58
N PHE C 249 25.10 -9.86 32.36
CA PHE C 249 25.71 -8.55 32.20
C PHE C 249 26.27 -8.11 33.53
N SER C 250 27.34 -7.33 33.50
CA SER C 250 27.83 -6.74 34.73
C SER C 250 28.68 -5.53 34.40
N SER C 251 28.73 -4.60 35.34
CA SER C 251 29.62 -3.46 35.23
C SER C 251 30.98 -3.74 35.80
N ARG C 252 31.13 -4.85 36.51
CA ARG C 252 32.32 -5.08 37.32
C ARG C 252 33.55 -5.28 36.47
N TYR C 253 33.37 -5.69 35.21
CA TYR C 253 34.50 -6.00 34.35
C TYR C 253 35.02 -4.78 33.62
N VAL C 254 34.23 -3.71 33.56
CA VAL C 254 34.71 -2.44 33.00
C VAL C 254 34.57 -1.34 34.05
N ASP C 255 33.35 -1.05 34.45
CA ASP C 255 33.05 0.11 35.28
C ASP C 255 32.86 -0.31 36.72
N LEU C 256 33.92 -0.22 37.53
CA LEU C 256 33.72 -0.29 38.95
C LEU C 256 33.08 0.99 39.49
N TYR C 257 33.10 2.08 38.71
CA TYR C 257 32.82 3.41 39.21
C TYR C 257 31.41 3.91 38.89
N GLY C 258 31.06 3.97 37.61
CA GLY C 258 29.74 4.46 37.25
C GLY C 258 28.74 3.33 37.26
N GLY C 259 29.05 2.27 36.53
CA GLY C 259 28.22 1.08 36.60
C GLY C 259 27.41 0.81 35.36
N ASN C 260 27.87 1.25 34.20
CA ASN C 260 27.22 0.86 32.97
C ASN C 260 27.39 -0.64 32.78
N MET C 261 26.29 -1.25 32.32
CA MET C 261 26.26 -2.74 32.25
C MET C 261 26.69 -3.26 30.90
N PHE C 262 27.53 -4.29 30.91
CA PHE C 262 28.03 -4.93 29.70
C PHE C 262 27.94 -6.43 29.83
N GLN C 263 27.63 -7.09 28.71
CA GLN C 263 27.51 -8.54 28.71
C GLN C 263 28.87 -9.19 28.79
N PHE C 264 28.96 -10.26 29.58
CA PHE C 264 30.20 -11.01 29.69
C PHE C 264 30.06 -12.48 29.42
N ALA C 265 28.86 -13.04 29.49
CA ALA C 265 28.68 -14.47 29.30
C ALA C 265 27.42 -14.72 28.47
N THR C 266 27.20 -16.00 28.16
CA THR C 266 25.97 -16.45 27.52
C THR C 266 25.82 -17.93 27.83
N LEU C 267 24.59 -18.34 28.10
CA LEU C 267 24.31 -19.66 28.59
C LEU C 267 23.30 -20.33 27.67
N PRO C 268 23.56 -21.54 27.22
CA PRO C 268 22.65 -22.22 26.28
C PRO C 268 21.44 -22.83 26.98
N VAL C 269 20.59 -21.97 27.53
CA VAL C 269 19.34 -22.37 28.14
C VAL C 269 18.22 -21.96 27.21
N TYR C 270 17.28 -22.87 26.95
CA TYR C 270 16.31 -22.62 25.91
C TYR C 270 14.87 -22.80 26.37
N ASP C 271 14.63 -23.39 27.52
CA ASP C 271 13.30 -23.32 28.12
C ASP C 271 12.97 -21.86 28.40
N THR C 272 11.74 -21.48 28.13
CA THR C 272 11.31 -20.12 28.45
C THR C 272 11.25 -19.99 29.95
N ILE C 273 12.27 -19.34 30.53
CA ILE C 273 12.29 -19.15 31.97
C ILE C 273 11.11 -18.29 32.37
N LYS C 274 10.27 -18.82 33.25
CA LYS C 274 9.13 -18.08 33.73
C LYS C 274 9.16 -17.84 35.22
N TYR C 275 10.09 -18.43 35.95
CA TYR C 275 10.14 -18.25 37.39
C TYR C 275 11.57 -18.14 37.85
N TYR C 276 11.75 -17.46 38.97
CA TYR C 276 13.05 -17.41 39.62
C TYR C 276 12.80 -17.14 41.10
N SER C 277 13.83 -17.36 41.90
CA SER C 277 13.74 -16.99 43.29
C SER C 277 15.13 -16.77 43.84
N ILE C 278 15.22 -15.95 44.88
CA ILE C 278 16.48 -15.79 45.58
C ILE C 278 16.72 -17.05 46.40
N ILE C 279 17.94 -17.54 46.38
CA ILE C 279 18.36 -18.64 47.26
C ILE C 279 18.87 -18.01 48.55
N PRO C 280 18.23 -18.29 49.68
CA PRO C 280 18.67 -17.68 50.94
C PRO C 280 20.07 -18.14 51.31
N HIS C 281 20.79 -17.27 52.01
CA HIS C 281 22.19 -17.59 52.40
C HIS C 281 22.39 -17.20 53.87
N SER C 282 23.07 -18.05 54.64
CA SER C 282 23.22 -17.78 56.09
C SER C 282 24.69 -17.71 56.49
N ILE C 283 24.98 -17.09 57.65
CA ILE C 283 26.34 -16.97 58.15
C ILE C 283 26.46 -17.56 59.55
N ARG C 284 26.33 -18.87 59.72
CA ARG C 284 26.37 -19.58 61.04
C ARG C 284 27.45 -18.92 61.88
N SER C 285 27.18 -17.95 62.61
CA SER C 285 28.06 -17.03 63.30
C SER C 285 28.61 -17.64 64.59
N ILE C 286 29.31 -16.81 65.36
CA ILE C 286 29.54 -17.01 66.79
C ILE C 286 29.30 -15.67 67.46
N GLN C 287 28.65 -15.70 68.63
CA GLN C 287 28.19 -14.49 69.31
C GLN C 287 29.23 -13.36 69.28
N SER C 288 30.50 -13.70 69.24
CA SER C 288 31.55 -12.69 69.18
C SER C 288 31.94 -12.30 67.78
N ASP C 289 31.58 -13.08 66.76
CA ASP C 289 32.03 -12.81 65.40
C ASP C 289 30.85 -12.68 64.45
N ARG C 290 29.79 -12.02 64.88
CA ARG C 290 28.65 -11.75 64.02
C ARG C 290 28.95 -10.50 63.19
N LYS C 291 28.62 -10.56 61.90
CA LYS C 291 28.97 -9.49 60.97
C LYS C 291 27.80 -9.12 60.08
N ALA C 292 27.86 -7.89 59.56
CA ALA C 292 26.82 -7.31 58.74
C ALA C 292 27.13 -7.47 57.25
N TRP C 293 26.09 -7.29 56.43
CA TRP C 293 26.24 -7.42 54.99
C TRP C 293 25.34 -6.40 54.31
N ALA C 294 25.75 -5.96 53.13
CA ALA C 294 24.90 -5.07 52.36
C ALA C 294 23.76 -5.85 51.74
N ALA C 295 22.70 -5.13 51.40
CA ALA C 295 21.52 -5.73 50.81
C ALA C 295 21.51 -5.46 49.32
N PHE C 296 21.09 -6.45 48.55
CA PHE C 296 21.03 -6.28 47.10
C PHE C 296 19.61 -6.00 46.67
N TYR C 297 19.49 -5.23 45.59
CA TYR C 297 18.20 -4.75 45.11
C TYR C 297 17.94 -5.28 43.72
N VAL C 298 16.73 -5.79 43.49
CA VAL C 298 16.36 -6.41 42.23
C VAL C 298 15.27 -5.58 41.57
N TYR C 299 15.53 -5.13 40.35
CA TYR C 299 14.61 -4.29 39.60
C TYR C 299 14.23 -4.99 38.30
N LYS C 300 12.94 -4.97 37.99
CA LYS C 300 12.41 -5.59 36.79
C LYS C 300 12.85 -4.82 35.55
N LEU C 301 12.76 -5.48 34.40
CA LEU C 301 13.11 -4.89 33.11
C LEU C 301 11.91 -4.92 32.18
N GLN C 302 11.71 -3.82 31.45
CA GLN C 302 10.61 -3.68 30.51
C GLN C 302 11.14 -3.16 29.19
N PRO C 303 10.46 -3.43 28.10
CA PRO C 303 10.85 -2.84 26.81
C PRO C 303 10.39 -1.38 26.75
N LEU C 304 11.34 -0.47 26.86
CA LEU C 304 11.05 0.95 26.94
C LEU C 304 11.90 1.70 25.93
N THR C 305 11.63 2.99 25.82
CA THR C 305 12.44 3.93 25.08
C THR C 305 13.06 4.89 26.08
N PHE C 306 14.38 5.03 26.04
CA PHE C 306 15.06 6.01 26.86
C PHE C 306 15.72 7.06 25.98
N LEU C 307 16.05 8.18 26.59
CA LEU C 307 16.96 9.14 26.00
C LEU C 307 18.31 8.96 26.67
N LEU C 308 19.31 8.53 25.90
CA LEU C 308 20.63 8.24 26.42
C LEU C 308 21.60 9.36 26.03
N ASP C 309 22.51 9.67 26.94
CA ASP C 309 23.53 10.68 26.71
C ASP C 309 24.90 10.01 26.74
N PHE C 310 25.53 9.86 25.57
CA PHE C 310 26.85 9.25 25.48
C PHE C 310 27.93 10.31 25.55
N SER C 311 28.81 10.16 26.53
CA SER C 311 29.91 11.07 26.73
C SER C 311 31.06 10.73 25.79
N VAL C 312 32.04 11.62 25.73
CA VAL C 312 33.20 11.41 24.87
C VAL C 312 33.87 10.10 25.22
N ASP C 313 34.08 9.86 26.51
CA ASP C 313 34.70 8.63 26.98
C ASP C 313 33.81 7.42 26.72
N GLY C 314 32.63 7.65 26.12
CA GLY C 314 31.77 6.58 25.68
C GLY C 314 30.71 6.14 26.66
N TYR C 315 30.86 6.47 27.94
CA TYR C 315 29.93 5.98 28.94
C TYR C 315 28.65 6.78 28.93
N ILE C 316 27.60 6.19 29.47
CA ILE C 316 26.31 6.86 29.60
C ILE C 316 26.21 7.38 31.02
N ARG C 317 26.08 8.71 31.15
CA ARG C 317 26.01 9.32 32.51
C ARG C 317 24.61 9.87 32.76
N ARG C 318 23.88 10.24 31.69
CA ARG C 318 22.51 10.82 31.85
C ARG C 318 21.52 9.99 31.03
N ALA C 319 20.37 9.65 31.63
CA ALA C 319 19.31 8.91 30.89
C ALA C 319 17.94 9.50 31.24
N ILE C 320 16.96 9.36 30.34
CA ILE C 320 15.57 9.86 30.59
C ILE C 320 14.60 8.68 30.47
N ASP C 321 13.71 8.50 31.47
CA ASP C 321 12.75 7.36 31.44
C ASP C 321 11.84 7.52 30.23
N CYS C 322 11.37 8.74 29.95
CA CYS C 322 10.54 9.04 28.74
C CYS C 322 9.07 8.69 28.98
N GLY C 323 8.77 8.00 30.09
CA GLY C 323 7.38 7.71 30.44
C GLY C 323 7.09 8.17 31.86
N PHE C 324 8.13 8.58 32.57
CA PHE C 324 7.95 8.96 34.00
C PHE C 324 7.02 10.18 34.11
N ASN C 325 7.20 11.18 33.25
CA ASN C 325 6.38 12.41 33.38
C ASN C 325 6.29 13.13 32.03
N ASP C 326 5.42 14.14 31.93
CA ASP C 326 5.22 14.86 30.64
C ASP C 326 6.51 15.60 30.25
N LEU C 327 7.29 16.06 31.23
CA LEU C 327 8.59 16.72 30.94
C LEU C 327 9.54 15.72 30.28
N SER C 328 9.56 14.47 30.75
CA SER C 328 10.42 13.42 30.12
C SER C 328 9.98 13.19 28.67
N GLN C 329 8.66 13.20 28.43
CA GLN C 329 8.13 13.02 27.06
C GLN C 329 8.62 14.19 26.18
N LEU C 330 8.63 15.41 26.73
CA LEU C 330 9.11 16.60 25.98
C LEU C 330 10.60 16.43 25.65
N HIS C 331 11.39 15.92 26.60
CA HIS C 331 12.85 15.75 26.37
C HIS C 331 13.06 14.79 25.19
N CYS C 332 12.30 13.70 25.15
CA CYS C 332 12.41 12.71 24.04
C CYS C 332 12.00 13.36 22.72
N SER C 333 10.95 14.18 22.74
CA SER C 333 10.44 14.78 21.47
C SER C 333 11.53 15.64 20.83
N TYR C 334 12.24 16.43 21.63
CA TYR C 334 13.31 17.31 21.09
C TYR C 334 14.64 16.55 21.04
N GLU C 335 14.69 15.36 21.64
CA GLU C 335 15.94 14.54 21.69
C GLU C 335 17.01 15.34 22.44
N SER C 336 16.59 16.24 23.33
CA SER C 336 17.56 17.10 24.08
C SER C 336 17.15 17.16 25.55
N PHE C 337 18.12 17.13 26.47
CA PHE C 337 17.82 17.27 27.91
C PHE C 337 17.26 18.67 28.17
N ASP C 338 17.80 19.69 27.48
CA ASP C 338 17.34 21.09 27.69
C ASP C 338 16.20 21.43 26.72
N VAL C 339 15.04 21.84 27.25
CA VAL C 339 13.91 22.25 26.44
C VAL C 339 13.61 23.71 26.74
N GLU C 340 13.36 24.49 25.69
CA GLU C 340 13.06 25.89 25.89
C GLU C 340 11.76 26.07 26.64
N SER C 341 11.68 27.15 27.41
CA SER C 341 10.48 27.43 28.18
C SER C 341 9.32 27.73 27.26
N GLY C 342 8.12 27.34 27.69
CA GLY C 342 6.95 27.49 26.87
C GLY C 342 5.79 26.74 27.48
N VAL C 343 4.70 26.68 26.72
CA VAL C 343 3.52 25.91 27.09
C VAL C 343 3.32 24.85 26.02
N TYR C 344 3.37 23.59 26.44
CA TYR C 344 3.37 22.46 25.52
C TYR C 344 2.18 21.55 25.81
N SER C 345 1.48 21.13 24.78
CA SER C 345 0.41 20.17 25.00
C SER C 345 1.00 18.77 25.14
N VAL C 346 0.39 17.95 26.00
CA VAL C 346 0.91 16.61 26.25
C VAL C 346 -0.24 15.61 26.22
N SER C 347 0.05 14.35 26.53
CA SER C 347 -0.92 13.28 26.38
C SER C 347 -2.07 13.44 27.35
N SER C 348 -3.30 13.33 26.83
CA SER C 348 -4.49 13.61 27.60
C SER C 348 -4.91 12.41 28.44
N PHE C 349 -5.73 12.69 29.45
CA PHE C 349 -6.40 11.65 30.23
C PHE C 349 -7.64 11.15 29.50
N GLU C 350 -7.95 9.87 29.64
CA GLU C 350 -9.28 9.39 29.27
C GLU C 350 -9.92 8.66 30.43
N ALA C 351 -11.24 8.74 30.47
CA ALA C 351 -12.02 8.16 31.55
C ALA C 351 -11.97 6.64 31.49
N LYS C 352 -12.16 6.03 32.65
CA LYS C 352 -12.13 4.59 32.84
C LYS C 352 -13.53 4.01 32.75
N PRO C 353 -13.69 2.84 32.13
CA PRO C 353 -14.98 2.17 32.13
C PRO C 353 -15.40 1.80 33.55
N SER C 354 -16.69 1.88 33.80
CA SER C 354 -17.22 1.55 35.12
C SER C 354 -18.68 1.13 34.94
N GLY C 355 -18.94 -0.17 35.06
CA GLY C 355 -20.30 -0.63 34.98
C GLY C 355 -20.78 -1.07 33.61
N SER C 356 -20.08 -2.03 33.01
CA SER C 356 -20.44 -2.53 31.68
C SER C 356 -21.92 -2.84 31.60
N VAL C 357 -22.49 -2.62 30.41
CA VAL C 357 -23.91 -2.80 30.15
C VAL C 357 -24.07 -3.72 28.96
N VAL C 358 -24.97 -4.69 29.06
CA VAL C 358 -25.22 -5.65 27.99
C VAL C 358 -26.72 -5.82 27.78
N GLU C 359 -27.13 -5.86 26.53
CA GLU C 359 -28.48 -6.26 26.15
C GLU C 359 -28.42 -7.26 25.00
N GLN C 360 -29.48 -8.05 24.90
CA GLN C 360 -29.47 -9.20 24.01
C GLN C 360 -30.87 -9.76 23.80
N VAL C 364 -33.38 -16.65 24.55
CA VAL C 364 -33.58 -15.82 25.73
C VAL C 364 -34.42 -16.54 26.77
N GLU C 365 -33.82 -16.85 27.92
CA GLU C 365 -34.51 -17.34 29.10
C GLU C 365 -35.26 -18.65 28.80
N CYS C 366 -34.47 -19.71 28.62
CA CYS C 366 -34.98 -21.06 28.36
C CYS C 366 -36.23 -21.33 29.18
N ASP C 367 -37.30 -21.70 28.50
CA ASP C 367 -38.61 -21.83 29.14
C ASP C 367 -38.68 -23.18 29.86
N PHE C 368 -38.64 -23.16 31.19
CA PHE C 368 -38.78 -24.35 32.00
C PHE C 368 -40.24 -24.65 32.33
N SER C 369 -41.18 -24.05 31.59
CA SER C 369 -42.60 -24.20 31.90
C SER C 369 -43.09 -25.65 31.85
N PRO C 370 -42.80 -26.45 30.83
CA PRO C 370 -43.39 -27.80 30.80
C PRO C 370 -43.00 -28.66 31.98
N LEU C 371 -41.82 -28.45 32.55
CA LEU C 371 -41.43 -29.18 33.75
C LEU C 371 -42.32 -28.81 34.93
N LEU C 372 -42.57 -27.51 35.12
CA LEU C 372 -43.31 -27.06 36.30
C LEU C 372 -44.80 -27.32 36.19
N SER C 373 -45.34 -27.38 34.99
CA SER C 373 -46.78 -27.50 34.77
C SER C 373 -47.12 -28.89 34.25
N GLY C 374 -48.14 -29.51 34.82
CA GLY C 374 -48.64 -30.78 34.36
C GLY C 374 -48.26 -31.92 35.28
N THR C 375 -49.04 -33.00 35.19
CA THR C 375 -48.77 -34.18 35.98
C THR C 375 -47.46 -34.82 35.53
N PRO C 376 -46.53 -35.10 36.44
CA PRO C 376 -45.25 -35.66 36.02
C PRO C 376 -45.43 -37.02 35.38
N PRO C 377 -44.71 -37.30 34.31
CA PRO C 377 -44.73 -38.65 33.72
C PRO C 377 -43.85 -39.59 34.52
N GLN C 378 -43.95 -40.88 34.19
CA GLN C 378 -43.18 -41.88 34.90
C GLN C 378 -41.77 -41.99 34.34
N VAL C 379 -40.96 -42.84 34.96
CA VAL C 379 -39.55 -42.95 34.59
C VAL C 379 -39.39 -43.50 33.19
N TYR C 380 -40.26 -44.45 32.80
CA TYR C 380 -40.19 -44.98 31.44
C TYR C 380 -40.76 -44.00 30.41
N ASN C 381 -41.68 -43.13 30.84
CA ASN C 381 -42.29 -42.13 29.97
C ASN C 381 -41.75 -40.73 30.24
N PHE C 382 -40.45 -40.64 30.54
CA PHE C 382 -39.85 -39.37 30.91
C PHE C 382 -40.06 -38.33 29.81
N LYS C 383 -40.46 -37.13 30.22
CA LYS C 383 -40.75 -36.05 29.27
C LYS C 383 -39.50 -35.23 28.98
N ARG C 384 -39.27 -34.96 27.70
CA ARG C 384 -38.05 -34.35 27.20
C ARG C 384 -38.30 -32.92 26.78
N LEU C 385 -37.42 -32.01 27.22
CA LEU C 385 -37.41 -30.61 26.84
C LEU C 385 -36.02 -30.32 26.29
N VAL C 386 -35.92 -29.45 25.29
CA VAL C 386 -34.64 -29.09 24.71
C VAL C 386 -34.59 -27.58 24.55
N PHE C 387 -33.50 -26.97 25.01
CA PHE C 387 -33.37 -25.51 24.91
C PHE C 387 -32.18 -25.13 24.04
N THR C 388 -32.41 -24.21 23.11
CA THR C 388 -31.39 -23.75 22.17
C THR C 388 -31.27 -22.24 22.27
N ASN C 389 -30.06 -21.76 22.56
CA ASN C 389 -29.72 -20.34 22.54
C ASN C 389 -30.66 -19.52 23.43
N CYS C 390 -30.56 -19.80 24.73
CA CYS C 390 -31.34 -19.08 25.73
C CYS C 390 -30.62 -19.15 27.07
N ASN C 391 -30.97 -18.21 27.94
CA ASN C 391 -30.34 -18.13 29.26
C ASN C 391 -30.94 -19.19 30.18
N TYR C 392 -30.09 -20.05 30.72
CA TYR C 392 -30.52 -21.14 31.59
C TYR C 392 -30.03 -20.87 33.00
N ASN C 393 -30.92 -21.05 33.98
CA ASN C 393 -30.61 -20.90 35.39
C ASN C 393 -31.21 -22.09 36.12
N LEU C 394 -30.44 -23.18 36.19
CA LEU C 394 -30.92 -24.37 36.89
C LEU C 394 -30.96 -24.17 38.39
N THR C 395 -30.25 -23.17 38.91
CA THR C 395 -30.25 -22.94 40.35
C THR C 395 -31.64 -22.54 40.85
N LYS C 396 -32.35 -21.72 40.08
CA LYS C 396 -33.71 -21.36 40.47
C LYS C 396 -34.62 -22.58 40.49
N LEU C 397 -34.48 -23.47 39.49
CA LEU C 397 -35.27 -24.68 39.48
C LEU C 397 -34.97 -25.56 40.67
N LEU C 398 -33.69 -25.69 41.03
CA LEU C 398 -33.32 -26.46 42.22
C LEU C 398 -33.88 -25.82 43.47
N SER C 399 -33.92 -24.48 43.53
CA SER C 399 -34.53 -23.80 44.66
C SER C 399 -36.02 -24.08 44.75
N LEU C 400 -36.69 -24.23 43.61
CA LEU C 400 -38.12 -24.51 43.63
C LEU C 400 -38.43 -25.84 44.29
N PHE C 401 -37.61 -26.86 44.05
CA PHE C 401 -37.79 -28.16 44.65
C PHE C 401 -36.94 -28.28 45.92
N SER C 402 -36.89 -29.48 46.48
CA SER C 402 -36.02 -29.81 47.61
C SER C 402 -35.05 -30.89 47.16
N VAL C 403 -33.75 -30.63 47.32
CA VAL C 403 -32.73 -31.55 46.83
C VAL C 403 -32.76 -32.83 47.67
N ASN C 404 -32.77 -33.97 47.00
CA ASN C 404 -32.69 -35.27 47.63
C ASN C 404 -31.47 -36.07 47.17
N ASP C 405 -31.10 -35.96 45.91
CA ASP C 405 -29.97 -36.69 45.36
C ASP C 405 -29.47 -35.94 44.13
N PHE C 406 -28.15 -35.86 43.97
CA PHE C 406 -27.56 -35.13 42.84
C PHE C 406 -26.25 -35.86 42.48
N THR C 407 -26.32 -36.76 41.50
CA THR C 407 -25.15 -37.55 41.15
C THR C 407 -24.82 -37.35 39.67
N CYS C 408 -23.52 -37.18 39.39
CA CYS C 408 -23.08 -36.92 38.03
C CYS C 408 -21.83 -37.73 37.73
N SER C 409 -21.62 -37.98 36.43
CA SER C 409 -20.48 -38.72 35.93
C SER C 409 -19.78 -37.88 34.88
N GLN C 410 -18.46 -37.79 34.99
CA GLN C 410 -17.60 -37.05 34.07
C GLN C 410 -17.91 -35.55 34.06
N ILE C 411 -18.62 -35.05 35.06
CA ILE C 411 -19.01 -33.65 35.12
C ILE C 411 -19.29 -33.29 36.57
N SER C 412 -18.98 -32.05 36.92
CA SER C 412 -19.21 -31.50 38.26
C SER C 412 -20.49 -30.68 38.27
N PRO C 413 -21.11 -30.51 39.45
CA PRO C 413 -22.32 -29.68 39.52
C PRO C 413 -22.12 -28.27 38.99
N ALA C 414 -20.98 -27.65 39.31
CA ALA C 414 -20.71 -26.30 38.81
C ALA C 414 -20.51 -26.30 37.29
N ALA C 415 -19.95 -27.38 36.74
CA ALA C 415 -19.77 -27.47 35.30
C ALA C 415 -21.11 -27.46 34.58
N ILE C 416 -22.07 -28.26 35.05
CA ILE C 416 -23.37 -28.29 34.38
C ILE C 416 -24.15 -27.02 34.66
N ALA C 417 -23.97 -26.43 35.85
CA ALA C 417 -24.73 -25.23 36.21
C ALA C 417 -24.16 -23.95 35.63
N SER C 418 -22.93 -23.98 35.12
CA SER C 418 -22.28 -22.77 34.64
C SER C 418 -21.81 -22.85 33.20
N ASN C 419 -21.26 -23.98 32.76
CA ASN C 419 -20.77 -24.09 31.40
C ASN C 419 -21.89 -23.90 30.40
N CYS C 420 -21.58 -23.20 29.31
CA CYS C 420 -22.52 -23.04 28.22
C CYS C 420 -22.46 -24.25 27.31
N TYR C 421 -23.63 -24.72 26.89
CA TYR C 421 -23.73 -25.96 26.14
C TYR C 421 -24.51 -25.73 24.86
N SER C 422 -24.25 -26.60 23.87
CA SER C 422 -24.85 -26.45 22.55
C SER C 422 -26.36 -26.38 22.66
N SER C 423 -26.96 -27.36 23.33
CA SER C 423 -28.39 -27.34 23.62
C SER C 423 -28.64 -28.35 24.73
N LEU C 424 -29.14 -27.83 25.87
CA LEU C 424 -29.36 -28.71 27.04
C LEU C 424 -30.66 -29.48 26.89
N ILE C 425 -30.65 -30.75 27.28
CA ILE C 425 -31.80 -31.64 27.24
C ILE C 425 -32.22 -31.93 28.67
N LEU C 426 -33.47 -31.63 28.98
CA LEU C 426 -34.05 -31.74 30.31
C LEU C 426 -35.13 -32.81 30.29
N ASP C 427 -34.90 -33.93 30.98
CA ASP C 427 -35.87 -35.01 31.06
C ASP C 427 -36.40 -35.07 32.49
N TYR C 428 -37.71 -35.11 32.64
CA TYR C 428 -38.30 -35.20 33.97
C TYR C 428 -39.27 -36.37 34.04
N PHE C 429 -39.33 -37.00 35.22
CA PHE C 429 -40.15 -38.18 35.40
C PHE C 429 -40.53 -38.30 36.87
N SER C 430 -41.55 -39.13 37.13
CA SER C 430 -42.01 -39.40 38.50
C SER C 430 -41.13 -40.49 39.09
N TYR C 431 -40.08 -40.07 39.77
CA TYR C 431 -39.15 -41.01 40.40
C TYR C 431 -39.21 -40.87 41.91
N PRO C 432 -39.69 -41.88 42.64
CA PRO C 432 -39.68 -41.79 44.10
C PRO C 432 -38.27 -41.95 44.66
N LEU C 433 -38.09 -41.45 45.88
CA LEU C 433 -36.82 -41.58 46.56
C LEU C 433 -36.56 -42.98 47.10
N SER C 434 -37.54 -43.88 47.03
CA SER C 434 -37.40 -45.20 47.62
C SER C 434 -36.54 -46.13 46.78
N MET C 435 -36.31 -45.82 45.51
CA MET C 435 -35.59 -46.70 44.60
C MET C 435 -34.34 -46.01 44.08
N LYS C 436 -33.78 -45.13 44.92
CA LYS C 436 -32.61 -44.33 44.53
C LYS C 436 -31.41 -45.19 44.17
N SER C 437 -31.36 -46.42 44.67
CA SER C 437 -30.24 -47.30 44.36
C SER C 437 -30.18 -47.69 42.89
N ASP C 438 -31.29 -47.54 42.16
CA ASP C 438 -31.35 -47.94 40.76
C ASP C 438 -31.31 -46.79 39.78
N LEU C 439 -31.37 -45.54 40.24
CA LEU C 439 -31.25 -44.38 39.37
C LEU C 439 -29.81 -43.87 39.45
N SER C 440 -28.94 -44.49 38.65
CA SER C 440 -27.57 -44.07 38.55
C SER C 440 -27.05 -44.37 37.15
N VAL C 441 -26.02 -43.65 36.75
CA VAL C 441 -25.46 -43.82 35.41
C VAL C 441 -24.73 -45.16 35.30
N SER C 442 -23.92 -45.47 36.29
CA SER C 442 -23.22 -46.76 36.34
C SER C 442 -23.97 -47.72 37.28
N SER C 443 -25.20 -48.04 36.87
CA SER C 443 -26.07 -48.89 37.67
C SER C 443 -26.73 -49.93 36.77
N ALA C 444 -27.12 -51.05 37.38
CA ALA C 444 -27.75 -52.16 36.68
C ALA C 444 -29.16 -52.42 37.20
N GLY C 445 -29.81 -51.40 37.72
CA GLY C 445 -31.15 -51.53 38.23
C GLY C 445 -32.18 -51.62 37.13
N PRO C 446 -33.42 -51.93 37.52
CA PRO C 446 -34.49 -51.99 36.52
C PRO C 446 -34.72 -50.68 35.80
N ILE C 447 -34.43 -49.55 36.44
CA ILE C 447 -34.63 -48.25 35.82
C ILE C 447 -33.71 -48.09 34.61
N SER C 448 -32.42 -48.34 34.80
CA SER C 448 -31.49 -48.25 33.68
C SER C 448 -31.70 -49.39 32.70
N GLN C 449 -32.19 -50.54 33.17
CA GLN C 449 -32.40 -51.68 32.28
C GLN C 449 -33.54 -51.42 31.30
N PHE C 450 -34.70 -50.98 31.81
CA PHE C 450 -35.90 -50.94 30.97
C PHE C 450 -36.76 -49.70 31.19
N ASN C 451 -36.27 -48.67 31.88
CA ASN C 451 -37.03 -47.45 32.06
C ASN C 451 -36.37 -46.23 31.45
N TYR C 452 -35.10 -45.98 31.77
CA TYR C 452 -34.46 -44.73 31.37
C TYR C 452 -32.96 -44.95 31.20
N LYS C 453 -32.43 -44.50 30.06
CA LYS C 453 -30.99 -44.50 29.80
C LYS C 453 -30.61 -43.20 29.12
N GLN C 454 -29.37 -42.76 29.36
CA GLN C 454 -28.85 -41.52 28.83
C GLN C 454 -27.65 -41.79 27.94
N SER C 455 -27.21 -40.75 27.23
CA SER C 455 -26.05 -40.86 26.36
C SER C 455 -24.79 -41.07 27.18
N PHE C 456 -23.87 -41.88 26.67
CA PHE C 456 -22.65 -42.19 27.39
C PHE C 456 -21.47 -41.33 26.97
N SER C 457 -21.45 -40.84 25.72
CA SER C 457 -20.37 -39.95 25.30
C SER C 457 -20.43 -38.63 26.06
N ASN C 458 -21.63 -38.09 26.28
CA ASN C 458 -21.76 -36.87 27.05
C ASN C 458 -21.62 -37.17 28.54
N PRO C 459 -20.97 -36.28 29.30
CA PRO C 459 -20.97 -36.43 30.76
C PRO C 459 -22.38 -36.32 31.30
N THR C 460 -22.74 -37.23 32.19
CA THR C 460 -24.13 -37.43 32.59
C THR C 460 -24.41 -36.86 33.97
N CYS C 461 -25.70 -36.61 34.23
CA CYS C 461 -26.16 -36.15 35.52
C CYS C 461 -27.54 -36.71 35.80
N LEU C 462 -27.90 -36.76 37.08
CA LEU C 462 -29.25 -37.13 37.45
C LEU C 462 -29.56 -36.56 38.84
N ILE C 463 -30.84 -36.25 39.02
CA ILE C 463 -31.35 -35.53 40.18
C ILE C 463 -32.54 -36.31 40.72
N LEU C 464 -32.67 -36.33 42.04
CA LEU C 464 -33.89 -36.76 42.70
C LEU C 464 -34.31 -35.64 43.64
N ALA C 465 -35.57 -35.24 43.55
CA ALA C 465 -36.08 -34.14 44.36
C ALA C 465 -37.46 -34.50 44.91
N THR C 466 -37.96 -33.66 45.79
CA THR C 466 -39.25 -33.88 46.43
C THR C 466 -39.81 -32.52 46.80
N VAL C 467 -40.93 -32.14 46.18
CA VAL C 467 -41.56 -30.85 46.46
C VAL C 467 -42.68 -31.09 47.46
N PRO C 468 -42.52 -30.68 48.71
CA PRO C 468 -43.50 -31.05 49.74
C PRO C 468 -44.90 -30.52 49.49
N HIS C 469 -45.05 -29.20 49.49
CA HIS C 469 -46.38 -28.60 49.32
C HIS C 469 -46.41 -27.35 48.46
N ASN C 470 -45.29 -26.63 48.30
CA ASN C 470 -45.34 -25.28 47.75
C ASN C 470 -45.83 -25.28 46.30
N LEU C 471 -45.27 -26.16 45.47
CA LEU C 471 -45.63 -26.20 44.06
C LEU C 471 -46.78 -27.19 43.86
N THR C 472 -47.96 -26.77 44.33
CA THR C 472 -49.16 -27.60 44.26
C THR C 472 -49.69 -27.75 42.84
N THR C 473 -49.24 -26.93 41.90
CA THR C 473 -49.67 -27.08 40.51
C THR C 473 -49.20 -28.40 39.92
N ILE C 474 -48.20 -29.03 40.53
CA ILE C 474 -47.77 -30.37 40.13
C ILE C 474 -48.79 -31.35 40.70
N THR C 475 -49.76 -31.75 39.89
CA THR C 475 -50.78 -32.69 40.34
C THR C 475 -50.14 -34.07 40.52
N LYS C 476 -50.42 -34.68 41.67
CA LYS C 476 -49.84 -35.97 41.97
C LYS C 476 -50.51 -37.05 41.12
N PRO C 477 -49.75 -37.94 40.48
CA PRO C 477 -50.37 -39.03 39.71
C PRO C 477 -50.95 -40.10 40.61
N LEU C 478 -51.45 -41.18 40.01
CA LEU C 478 -52.05 -42.26 40.80
C LEU C 478 -51.02 -42.90 41.72
N LYS C 479 -49.88 -43.30 41.16
CA LYS C 479 -48.80 -43.94 41.91
C LYS C 479 -47.59 -44.00 41.01
N TYR C 480 -46.42 -44.15 41.62
CA TYR C 480 -45.20 -44.24 40.81
C TYR C 480 -45.22 -45.53 40.01
N SER C 481 -44.90 -45.43 38.72
CA SER C 481 -44.91 -46.60 37.85
C SER C 481 -43.54 -46.77 37.22
N TYR C 482 -43.00 -47.99 37.29
CA TYR C 482 -41.74 -48.28 36.64
C TYR C 482 -41.76 -49.66 36.00
N ILE C 483 -41.17 -49.77 34.83
CA ILE C 483 -41.09 -51.03 34.10
C ILE C 483 -39.96 -51.86 34.67
N ASN C 484 -40.27 -53.10 35.05
CA ASN C 484 -39.22 -54.01 35.54
C ASN C 484 -38.71 -54.95 34.46
N LYS C 485 -39.60 -55.47 33.62
CA LYS C 485 -39.24 -56.41 32.58
C LYS C 485 -39.85 -55.96 31.26
N CYS C 486 -38.99 -55.77 30.25
CA CYS C 486 -39.43 -55.46 28.89
C CYS C 486 -38.56 -56.31 27.96
N SER C 487 -39.04 -57.51 27.65
CA SER C 487 -38.28 -58.46 26.85
C SER C 487 -39.18 -59.03 25.76
N ARG C 488 -38.53 -59.55 24.71
CA ARG C 488 -39.18 -60.11 23.55
C ARG C 488 -38.93 -61.61 23.49
N LEU C 489 -39.98 -62.37 23.20
CA LEU C 489 -39.84 -63.79 22.96
C LEU C 489 -39.69 -64.02 21.46
N LEU C 490 -38.69 -64.81 21.08
CA LEU C 490 -38.40 -65.02 19.66
C LEU C 490 -39.48 -65.91 19.03
N SER C 491 -39.32 -66.17 17.73
CA SER C 491 -40.27 -66.99 17.00
C SER C 491 -40.30 -68.43 17.49
N ASP C 492 -39.26 -68.87 18.21
CA ASP C 492 -39.21 -70.23 18.73
C ASP C 492 -40.02 -70.41 20.01
N ASP C 493 -40.61 -69.33 20.54
CA ASP C 493 -41.41 -69.32 21.76
C ASP C 493 -40.60 -69.72 22.99
N ARG C 494 -39.28 -69.84 22.86
CA ARG C 494 -38.39 -70.21 23.94
C ARG C 494 -37.34 -69.15 24.26
N THR C 495 -36.73 -68.55 23.24
CA THR C 495 -35.66 -67.59 23.45
C THR C 495 -36.23 -66.27 23.95
N GLU C 496 -35.79 -65.85 25.14
CA GLU C 496 -36.23 -64.60 25.75
C GLU C 496 -35.08 -63.61 25.70
N VAL C 497 -35.29 -62.48 25.04
CA VAL C 497 -34.25 -61.49 24.81
C VAL C 497 -34.68 -60.16 25.45
N PRO C 498 -34.01 -59.69 26.50
CA PRO C 498 -34.36 -58.38 27.06
C PRO C 498 -34.18 -57.27 26.05
N GLN C 499 -35.09 -56.30 26.09
CA GLN C 499 -35.06 -55.14 25.20
C GLN C 499 -34.70 -53.92 26.05
N LEU C 500 -33.40 -53.70 26.23
CA LEU C 500 -32.93 -52.62 27.09
C LEU C 500 -33.25 -51.25 26.50
N VAL C 501 -33.64 -50.32 27.36
CA VAL C 501 -33.89 -48.95 26.92
C VAL C 501 -32.58 -48.32 26.48
N ASN C 502 -32.61 -47.64 25.34
CA ASN C 502 -31.41 -47.09 24.73
C ASN C 502 -31.14 -45.67 25.25
N ALA C 503 -30.04 -45.09 24.79
CA ALA C 503 -29.60 -43.78 25.28
C ALA C 503 -30.49 -42.66 24.76
N ASN C 504 -30.92 -41.78 25.66
CA ASN C 504 -31.76 -40.63 25.32
C ASN C 504 -32.97 -41.04 24.49
N GLN C 505 -33.51 -42.21 24.78
CA GLN C 505 -34.69 -42.72 24.09
C GLN C 505 -35.59 -43.41 25.11
N TYR C 506 -36.83 -43.63 24.70
CA TYR C 506 -37.82 -44.22 25.60
C TYR C 506 -37.62 -45.73 25.70
N SER C 507 -38.26 -46.32 26.71
CA SER C 507 -38.25 -47.77 26.86
C SER C 507 -39.01 -48.41 25.70
N PRO C 508 -38.59 -49.61 25.27
CA PRO C 508 -39.31 -50.28 24.19
C PRO C 508 -40.77 -50.58 24.49
N CYS C 509 -41.13 -50.72 25.77
CA CYS C 509 -42.47 -51.16 26.15
C CYS C 509 -43.40 -50.01 26.52
N VAL C 510 -42.96 -48.75 26.38
CA VAL C 510 -43.81 -47.62 26.71
C VAL C 510 -45.05 -47.57 25.82
N SER C 511 -45.00 -48.21 24.65
CA SER C 511 -46.16 -48.23 23.77
C SER C 511 -47.31 -49.03 24.37
N ILE C 512 -47.01 -50.17 24.98
CA ILE C 512 -48.04 -51.05 25.54
C ILE C 512 -48.18 -50.91 27.06
N VAL C 513 -47.18 -50.37 27.75
CA VAL C 513 -47.28 -50.17 29.19
C VAL C 513 -48.15 -48.94 29.44
N PRO C 514 -49.20 -49.04 30.26
CA PRO C 514 -50.00 -47.86 30.59
C PRO C 514 -49.17 -46.84 31.36
N SER C 515 -49.53 -45.57 31.20
CA SER C 515 -48.83 -44.51 31.92
C SER C 515 -48.95 -44.69 33.42
N THR C 516 -50.13 -45.09 33.90
CA THR C 516 -50.34 -45.47 35.29
C THR C 516 -50.71 -46.94 35.34
N VAL C 517 -49.87 -47.75 35.98
CA VAL C 517 -50.12 -49.18 36.11
C VAL C 517 -51.23 -49.39 37.14
N TRP C 518 -52.14 -50.32 36.84
CA TRP C 518 -53.28 -50.53 37.71
C TRP C 518 -52.87 -51.14 39.05
N GLU C 519 -52.03 -52.18 39.01
CA GLU C 519 -51.65 -52.90 40.21
C GLU C 519 -50.18 -53.26 40.14
N ASP C 520 -49.59 -53.49 41.31
CA ASP C 520 -48.19 -53.84 41.39
C ASP C 520 -47.95 -55.26 40.84
N GLY C 521 -46.84 -55.43 40.13
CA GLY C 521 -46.48 -56.73 39.61
C GLY C 521 -47.28 -57.20 38.41
N ASP C 522 -48.04 -56.31 37.78
CA ASP C 522 -48.84 -56.72 36.64
C ASP C 522 -47.96 -56.90 35.40
N TYR C 523 -48.32 -57.92 34.61
CA TYR C 523 -47.62 -58.26 33.38
C TYR C 523 -48.60 -58.17 32.23
N TYR C 524 -48.12 -57.72 31.08
CA TYR C 524 -48.90 -57.54 29.87
C TYR C 524 -48.20 -58.25 28.72
N ARG C 525 -49.00 -58.83 27.83
CA ARG C 525 -48.51 -59.59 26.71
C ARG C 525 -49.05 -59.01 25.41
N LYS C 526 -48.24 -59.11 24.35
CA LYS C 526 -48.61 -58.60 23.03
C LYS C 526 -48.12 -59.58 21.98
N GLN C 527 -49.04 -60.08 21.16
CA GLN C 527 -48.67 -60.96 20.07
C GLN C 527 -47.99 -60.16 18.96
N LEU C 528 -46.93 -60.74 18.40
CA LEU C 528 -46.13 -60.09 17.37
C LEU C 528 -46.37 -60.77 16.03
N SER C 529 -46.68 -59.96 15.01
CA SER C 529 -46.89 -60.48 13.67
C SER C 529 -45.56 -60.94 13.07
N PRO C 530 -45.61 -61.82 12.06
CA PRO C 530 -44.35 -62.25 11.42
C PRO C 530 -43.55 -61.09 10.85
N LEU C 531 -44.22 -60.06 10.32
CA LEU C 531 -43.49 -58.88 9.87
C LEU C 531 -42.83 -58.16 11.03
N GLU C 532 -43.50 -58.08 12.18
CA GLU C 532 -42.92 -57.44 13.35
C GLU C 532 -41.75 -58.24 13.92
N GLY C 533 -41.81 -59.57 13.83
CA GLY C 533 -40.74 -60.41 14.33
C GLY C 533 -41.21 -61.70 14.95
N GLY C 534 -42.52 -61.82 15.19
CA GLY C 534 -43.07 -63.04 15.75
C GLY C 534 -42.81 -63.16 17.24
N GLY C 535 -43.28 -64.29 17.79
CA GLY C 535 -43.12 -64.53 19.21
C GLY C 535 -44.07 -63.70 20.05
N TRP C 536 -43.60 -63.35 21.25
CA TRP C 536 -44.40 -62.62 22.22
C TRP C 536 -43.62 -61.44 22.77
N LEU C 537 -44.34 -60.40 23.18
CA LEU C 537 -43.74 -59.23 23.84
C LEU C 537 -44.34 -59.13 25.24
N VAL C 538 -43.48 -59.14 26.25
CA VAL C 538 -43.90 -59.09 27.65
C VAL C 538 -43.41 -57.80 28.27
N ALA C 539 -44.29 -57.15 29.04
CA ALA C 539 -43.94 -55.91 29.73
C ALA C 539 -44.56 -55.93 31.12
N SER C 540 -43.76 -55.58 32.13
CA SER C 540 -44.21 -55.69 33.51
C SER C 540 -44.07 -54.34 34.19
N GLY C 541 -45.17 -53.86 34.77
CA GLY C 541 -45.22 -52.56 35.43
C GLY C 541 -45.38 -52.72 36.93
N SER C 542 -44.67 -51.88 37.68
CA SER C 542 -44.69 -51.94 39.14
C SER C 542 -45.09 -50.59 39.70
N THR C 543 -45.92 -50.62 40.75
CA THR C 543 -46.52 -49.43 41.34
C THR C 543 -45.92 -49.17 42.72
N VAL C 544 -45.70 -47.90 43.02
CA VAL C 544 -45.15 -47.45 44.29
C VAL C 544 -46.14 -46.48 44.92
N ALA C 545 -46.44 -46.70 46.19
CA ALA C 545 -47.45 -45.93 46.91
C ALA C 545 -46.99 -44.50 47.12
N MET C 546 -47.95 -43.64 47.41
CA MET C 546 -47.73 -42.21 47.48
C MET C 546 -47.47 -41.76 48.91
N THR C 547 -46.66 -40.72 49.04
CA THR C 547 -46.43 -40.01 50.29
C THR C 547 -47.14 -38.66 50.23
N GLU C 548 -47.05 -37.90 51.32
CA GLU C 548 -47.64 -36.57 51.32
C GLU C 548 -46.75 -35.52 50.66
N GLN C 549 -45.53 -35.88 50.29
CA GLN C 549 -44.64 -35.00 49.52
C GLN C 549 -44.27 -35.71 48.23
N LEU C 550 -44.53 -35.06 47.10
CA LEU C 550 -44.30 -35.69 45.81
C LEU C 550 -42.81 -35.75 45.50
N GLN C 551 -42.35 -36.94 45.13
CA GLN C 551 -40.95 -37.18 44.77
C GLN C 551 -40.86 -37.42 43.27
N MET C 552 -39.77 -36.94 42.67
CA MET C 552 -39.58 -37.06 41.23
C MET C 552 -38.10 -37.10 40.91
N GLY C 553 -37.80 -37.47 39.67
CA GLY C 553 -36.43 -37.54 39.21
C GLY C 553 -36.23 -36.75 37.93
N PHE C 554 -35.01 -36.27 37.76
CA PHE C 554 -34.60 -35.45 36.63
C PHE C 554 -33.34 -36.04 36.02
N GLY C 555 -33.22 -35.91 34.70
CA GLY C 555 -32.01 -36.26 33.99
C GLY C 555 -31.65 -35.15 33.01
N ILE C 556 -30.52 -34.52 33.22
CA ILE C 556 -30.09 -33.39 32.41
C ILE C 556 -28.84 -33.80 31.63
N THR C 557 -28.94 -33.74 30.30
CA THR C 557 -27.85 -34.09 29.41
C THR C 557 -27.43 -32.82 28.68
N VAL C 558 -26.17 -32.44 28.86
CA VAL C 558 -25.65 -31.18 28.31
C VAL C 558 -24.55 -31.52 27.32
N GLN C 559 -24.64 -30.94 26.13
CA GLN C 559 -23.67 -31.15 25.07
C GLN C 559 -22.98 -29.83 24.78
N TYR C 560 -21.67 -29.79 24.95
CA TYR C 560 -20.91 -28.57 24.67
C TYR C 560 -20.50 -28.60 23.21
N GLY C 561 -21.17 -27.81 22.39
CA GLY C 561 -20.77 -27.68 21.02
C GLY C 561 -19.46 -26.92 20.89
N THR C 562 -18.80 -27.13 19.75
CA THR C 562 -17.53 -26.46 19.51
C THR C 562 -17.70 -24.95 19.48
N ASP C 563 -18.74 -24.47 18.81
CA ASP C 563 -19.05 -23.05 18.72
C ASP C 563 -20.50 -22.75 18.99
N THR C 564 -21.32 -23.76 19.26
CA THR C 564 -22.76 -23.61 19.37
C THR C 564 -23.25 -23.56 20.81
N ASN C 565 -22.34 -23.39 21.77
CA ASN C 565 -22.72 -23.32 23.17
C ASN C 565 -23.37 -21.99 23.48
N SER C 566 -24.59 -21.79 22.97
CA SER C 566 -25.31 -20.54 23.16
C SER C 566 -26.18 -20.54 24.41
N VAL C 567 -26.31 -21.59 25.11
CA VAL C 567 -27.11 -21.64 26.35
C VAL C 567 -26.19 -21.20 27.49
N CYS C 568 -26.18 -19.99 27.86
CA CYS C 568 -25.32 -19.37 28.86
C CYS C 568 -26.16 -18.81 30.00
N PRO C 569 -25.58 -18.65 31.19
CA PRO C 569 -26.34 -18.12 32.32
C PRO C 569 -26.71 -16.65 32.11
N LYS C 570 -27.51 -16.15 33.04
CA LYS C 570 -28.06 -14.80 32.98
C LYS C 570 -27.50 -13.97 34.13
N LEU C 571 -27.01 -12.77 33.82
CA LEU C 571 -26.50 -11.86 34.83
C LEU C 571 -26.41 -10.44 34.31
N LYS C 578 -29.53 -4.24 38.71
CA LYS C 578 -28.38 -5.08 38.39
C LYS C 578 -27.31 -4.26 37.67
N ILE C 579 -26.10 -4.80 37.63
CA ILE C 579 -24.95 -4.06 37.11
C ILE C 579 -25.08 -3.83 35.61
N ALA C 580 -25.43 -4.87 34.85
CA ALA C 580 -25.45 -4.78 33.40
C ALA C 580 -26.62 -3.96 32.88
N SER C 581 -27.38 -3.36 33.80
CA SER C 581 -28.65 -2.67 33.44
C SER C 581 -28.46 -1.30 32.79
N GLN C 582 -29.54 -0.51 32.69
CA GLN C 582 -29.47 0.78 31.94
C GLN C 582 -29.06 1.98 32.82
N LEU C 583 -29.34 1.96 34.13
CA LEU C 583 -28.87 3.06 35.03
C LEU C 583 -27.52 3.53 34.51
N GLY C 584 -26.44 2.79 34.78
CA GLY C 584 -25.15 2.99 34.17
C GLY C 584 -25.10 4.30 33.44
N ASN C 585 -24.93 5.40 34.18
CA ASN C 585 -24.80 6.73 33.58
C ASN C 585 -23.32 6.98 33.25
N CYS C 586 -22.59 5.91 32.99
CA CYS C 586 -21.15 5.96 32.79
C CYS C 586 -20.81 5.04 31.61
N VAL C 587 -19.54 4.68 31.49
CA VAL C 587 -18.94 4.19 30.26
C VAL C 587 -19.24 2.70 29.97
N GLU C 588 -18.85 2.23 28.78
CA GLU C 588 -18.75 0.82 28.40
C GLU C 588 -20.04 0.02 28.25
N TYR C 589 -20.76 0.19 27.15
CA TYR C 589 -21.90 -0.64 26.81
C TYR C 589 -21.51 -1.81 25.90
N SER C 590 -22.49 -2.69 25.66
CA SER C 590 -22.45 -3.63 24.54
C SER C 590 -23.89 -4.07 24.25
N LEU C 591 -24.48 -3.50 23.20
CA LEU C 591 -25.87 -3.74 22.86
C LEU C 591 -25.98 -4.95 21.93
N TYR C 592 -27.14 -5.12 21.28
CA TYR C 592 -27.54 -6.39 20.70
C TYR C 592 -26.46 -7.01 19.84
N GLY C 593 -25.81 -6.21 19.01
CA GLY C 593 -24.70 -6.73 18.24
C GLY C 593 -23.61 -5.70 18.11
N VAL C 594 -23.76 -4.60 18.83
CA VAL C 594 -22.89 -3.45 18.72
C VAL C 594 -22.30 -3.14 20.09
N SER C 595 -21.04 -2.77 20.12
CA SER C 595 -20.31 -2.51 21.35
C SER C 595 -19.57 -1.19 21.22
N GLY C 596 -18.83 -0.85 22.25
CA GLY C 596 -18.08 0.38 22.30
C GLY C 596 -18.18 1.00 23.68
N ARG C 597 -17.76 2.25 23.77
CA ARG C 597 -17.80 3.01 25.00
C ARG C 597 -18.76 4.18 24.83
N GLY C 598 -19.21 4.73 25.94
CA GLY C 598 -20.03 5.92 25.88
C GLY C 598 -20.82 6.12 27.15
N VAL C 599 -21.50 7.26 27.18
CA VAL C 599 -22.30 7.66 28.33
C VAL C 599 -23.75 7.76 27.89
N PHE C 600 -24.63 7.02 28.53
CA PHE C 600 -26.05 7.08 28.23
C PHE C 600 -26.72 8.16 29.04
N GLN C 601 -27.98 8.42 28.70
CA GLN C 601 -28.72 9.49 29.35
C GLN C 601 -30.18 9.38 28.96
N ASN C 602 -31.08 9.53 29.94
CA ASN C 602 -32.49 9.63 29.62
C ASN C 602 -32.70 10.81 28.69
N CYS C 603 -33.48 10.58 27.64
CA CYS C 603 -33.44 11.49 26.50
C CYS C 603 -34.72 11.27 25.70
N THR C 604 -35.12 12.33 24.97
CA THR C 604 -36.43 12.39 24.25
C THR C 604 -36.91 11.08 23.63
N ALA C 605 -36.82 10.97 22.30
CA ALA C 605 -37.30 9.77 21.58
C ALA C 605 -37.23 9.92 20.07
N VAL C 606 -36.21 10.61 19.53
CA VAL C 606 -36.26 10.61 18.07
C VAL C 606 -35.91 9.26 17.46
N GLY C 607 -36.17 9.11 16.17
CA GLY C 607 -35.91 7.89 15.44
C GLY C 607 -37.18 7.24 14.95
N VAL C 608 -37.07 5.95 14.64
CA VAL C 608 -38.20 5.18 14.16
C VAL C 608 -38.75 4.21 15.21
N ARG C 609 -37.91 3.71 16.11
CA ARG C 609 -38.20 2.82 17.22
C ARG C 609 -38.35 1.36 16.79
N GLN C 610 -38.44 1.05 15.52
CA GLN C 610 -38.48 -0.37 15.19
C GLN C 610 -37.08 -0.91 14.98
N GLN C 611 -36.22 -0.13 14.34
CA GLN C 611 -34.78 -0.31 14.45
C GLN C 611 -34.32 0.48 15.66
N ARG C 612 -33.58 -0.17 16.54
CA ARG C 612 -33.28 0.41 17.84
C ARG C 612 -32.11 1.39 17.80
N PHE C 613 -31.34 1.42 16.72
CA PHE C 613 -30.14 2.24 16.64
C PHE C 613 -30.37 3.43 15.72
N VAL C 614 -30.12 4.63 16.23
CA VAL C 614 -30.15 5.84 15.44
C VAL C 614 -28.74 6.40 15.33
N TYR C 615 -28.29 6.64 14.10
CA TYR C 615 -26.96 7.16 13.83
C TYR C 615 -27.08 8.61 13.39
N ASP C 616 -25.96 9.19 12.97
CA ASP C 616 -25.96 10.56 12.47
C ASP C 616 -24.86 10.73 11.43
N ALA C 617 -25.23 10.75 10.16
CA ALA C 617 -24.41 11.32 9.10
C ALA C 617 -23.10 10.58 8.90
N TYR C 618 -22.82 9.62 9.78
CA TYR C 618 -21.57 8.87 9.75
C TYR C 618 -21.88 7.48 10.30
N GLN C 619 -20.85 6.74 10.67
CA GLN C 619 -21.10 5.50 11.40
C GLN C 619 -21.57 5.78 12.81
N ASN C 620 -20.93 6.73 13.49
CA ASN C 620 -21.02 6.83 14.94
C ASN C 620 -22.45 6.80 15.45
N LEU C 621 -22.66 5.95 16.44
CA LEU C 621 -23.99 5.65 16.96
C LEU C 621 -24.40 6.64 18.03
N VAL C 622 -25.50 7.35 17.80
CA VAL C 622 -25.90 8.43 18.76
C VAL C 622 -27.38 8.29 19.09
N GLY C 623 -27.67 7.76 20.28
CA GLY C 623 -29.08 7.54 20.67
C GLY C 623 -29.53 6.14 20.31
N TYR C 624 -30.58 5.65 20.96
CA TYR C 624 -31.12 4.31 20.61
C TYR C 624 -32.37 4.01 21.45
N TYR C 625 -33.05 2.91 21.16
CA TYR C 625 -34.24 2.51 21.96
C TYR C 625 -33.88 1.26 22.76
N SER C 626 -33.66 1.41 24.07
CA SER C 626 -33.25 0.27 24.93
C SER C 626 -34.43 -0.68 25.15
N ASP C 627 -34.15 -1.96 25.42
CA ASP C 627 -35.24 -2.88 25.78
C ASP C 627 -35.84 -2.30 27.06
N ASP C 628 -37.17 -2.30 27.22
CA ASP C 628 -37.90 -1.69 28.37
C ASP C 628 -38.66 -0.47 27.85
N GLY C 629 -38.04 0.37 27.00
CA GLY C 629 -38.83 1.46 26.41
C GLY C 629 -38.32 2.86 26.69
N ASN C 630 -37.00 3.12 26.64
CA ASN C 630 -36.63 4.50 26.86
C ASN C 630 -35.67 4.91 25.76
N TYR C 631 -35.59 6.22 25.52
CA TYR C 631 -34.68 6.77 24.52
C TYR C 631 -33.43 7.27 25.24
N TYR C 632 -32.32 6.57 25.02
CA TYR C 632 -31.03 6.93 25.60
C TYR C 632 -30.14 7.47 24.49
N CYS C 633 -29.96 8.79 24.48
CA CYS C 633 -29.06 9.40 23.50
C CYS C 633 -27.65 9.39 24.08
N LEU C 634 -26.80 8.52 23.54
CA LEU C 634 -25.49 8.30 24.12
C LEU C 634 -24.44 9.16 23.43
N ARG C 635 -23.41 9.50 24.18
CA ARG C 635 -22.25 10.23 23.71
C ARG C 635 -21.06 9.30 23.71
N ALA C 636 -19.87 9.85 23.44
CA ALA C 636 -18.65 9.09 23.51
C ALA C 636 -17.90 9.45 24.78
N CYS C 637 -17.09 8.51 25.27
CA CYS C 637 -16.31 8.76 26.47
C CYS C 637 -15.31 9.88 26.22
N VAL C 638 -15.25 10.81 27.14
CA VAL C 638 -14.54 12.08 26.92
C VAL C 638 -13.15 12.00 27.50
N SER C 639 -12.24 12.79 26.95
CA SER C 639 -10.88 12.92 27.44
C SER C 639 -10.70 14.23 28.16
N VAL C 640 -9.62 14.32 28.93
CA VAL C 640 -9.23 15.55 29.63
C VAL C 640 -7.93 16.03 29.02
N PRO C 641 -7.92 17.16 28.31
CA PRO C 641 -6.68 17.65 27.73
C PRO C 641 -5.76 18.19 28.80
N VAL C 642 -4.46 18.18 28.51
CA VAL C 642 -3.48 18.62 29.49
C VAL C 642 -2.26 19.21 28.77
N SER C 643 -1.67 20.23 29.40
CA SER C 643 -0.50 20.90 28.89
C SER C 643 0.40 21.28 30.05
N VAL C 644 1.63 21.65 29.73
CA VAL C 644 2.70 21.84 30.70
C VAL C 644 3.31 23.20 30.48
N ILE C 645 3.51 23.95 31.57
CA ILE C 645 4.15 25.26 31.56
C ILE C 645 5.53 25.05 32.17
N TYR C 646 6.59 25.40 31.44
CA TYR C 646 7.91 24.91 31.82
C TYR C 646 8.79 25.90 32.56
N ASP C 647 9.13 27.04 31.95
CA ASP C 647 10.09 27.99 32.54
C ASP C 647 11.45 27.33 32.79
N LYS C 648 12.13 27.02 31.69
CA LYS C 648 13.46 26.42 31.69
C LYS C 648 14.41 26.97 32.74
N GLU C 649 14.41 28.28 32.96
CA GLU C 649 15.39 28.88 33.86
C GLU C 649 15.30 28.29 35.25
N THR C 650 14.19 28.50 35.93
CA THR C 650 14.03 28.00 37.28
C THR C 650 13.64 26.53 37.34
N LYS C 651 13.37 25.91 36.18
CA LYS C 651 12.99 24.50 36.10
C LYS C 651 11.72 24.22 36.88
N THR C 652 10.86 25.21 37.03
CA THR C 652 9.62 25.07 37.77
C THR C 652 8.45 24.98 36.79
N HIS C 653 7.78 23.83 36.84
CA HIS C 653 6.69 23.57 35.87
C HIS C 653 5.31 23.57 36.52
N ALA C 654 4.26 23.67 35.71
CA ALA C 654 2.89 23.65 36.17
C ALA C 654 2.05 22.92 35.14
N THR C 655 0.87 22.50 35.56
CA THR C 655 -0.01 21.69 34.72
C THR C 655 -1.30 22.44 34.47
N LEU C 656 -1.71 22.50 33.22
CA LEU C 656 -2.94 23.17 32.80
C LEU C 656 -3.88 22.15 32.19
N PHE C 657 -5.12 22.16 32.62
CA PHE C 657 -6.16 21.33 32.02
C PHE C 657 -7.09 22.27 31.27
N GLY C 658 -6.94 22.31 29.95
CA GLY C 658 -7.67 23.27 29.15
C GLY C 658 -9.18 23.10 29.19
N SER C 659 -9.87 24.16 29.58
CA SER C 659 -11.33 24.19 29.57
C SER C 659 -11.94 23.09 30.43
N VAL C 660 -11.33 22.84 31.58
CA VAL C 660 -11.84 21.86 32.54
C VAL C 660 -12.12 22.58 33.84
N ALA C 661 -13.31 22.35 34.40
CA ALA C 661 -13.70 23.03 35.62
C ALA C 661 -12.89 22.54 36.81
N CYS C 662 -12.76 23.41 37.82
CA CYS C 662 -12.02 23.04 39.01
C CYS C 662 -12.62 21.82 39.69
N GLU C 663 -13.95 21.79 39.82
CA GLU C 663 -14.60 20.68 40.52
C GLU C 663 -14.46 19.37 39.78
N HIS C 664 -14.38 19.42 38.45
CA HIS C 664 -14.51 18.20 37.67
C HIS C 664 -13.34 17.26 37.89
N ILE C 665 -12.15 17.79 38.12
CA ILE C 665 -10.97 16.95 38.26
C ILE C 665 -10.21 17.29 39.52
N SER C 666 -9.38 16.35 39.96
CA SER C 666 -8.64 16.45 41.20
C SER C 666 -7.20 16.04 40.96
N SER C 667 -6.32 16.55 41.82
CA SER C 667 -4.90 16.24 41.71
C SER C 667 -4.66 14.77 41.99
N THR C 668 -3.67 14.20 41.31
CA THR C 668 -3.37 12.77 41.39
C THR C 668 -4.63 11.96 41.12
N MET C 669 -5.32 12.36 40.07
CA MET C 669 -6.57 11.78 39.66
C MET C 669 -6.45 10.30 39.31
N SER C 670 -7.33 9.48 39.87
CA SER C 670 -7.24 8.01 39.65
C SER C 670 -8.50 7.51 38.93
N GLN C 671 -9.34 8.44 38.47
CA GLN C 671 -10.58 8.06 37.73
C GLN C 671 -10.29 8.05 36.22
N TYR C 672 -9.05 8.38 35.83
CA TYR C 672 -8.70 8.45 34.39
C TYR C 672 -7.63 7.40 34.05
N SER C 673 -7.83 6.62 32.98
CA SER C 673 -6.88 5.52 32.63
C SER C 673 -5.49 6.02 32.21
N ARG C 674 -5.36 7.17 31.53
CA ARG C 674 -4.09 7.78 31.01
C ARG C 674 -2.86 6.85 30.86
N SER C 675 -2.21 6.89 29.70
CA SER C 675 -1.05 6.02 29.39
C SER C 675 0.18 6.30 30.26
N THR C 676 0.60 7.55 30.47
CA THR C 676 1.90 7.89 31.16
C THR C 676 2.16 7.10 32.46
N ARG C 677 3.56 6.75 32.70
CA ARG C 677 3.83 5.92 33.92
C ARG C 677 3.33 6.60 35.21
N SER C 678 3.49 7.83 35.45
CA SER C 678 3.34 8.64 36.68
C SER C 678 2.86 10.06 36.33
N MET C 679 2.57 10.88 37.34
CA MET C 679 2.03 12.24 37.09
C MET C 679 3.16 13.29 37.18
N LEU C 680 2.82 14.52 37.57
CA LEU C 680 3.83 15.62 37.62
C LEU C 680 3.84 16.23 39.02
N LYS C 681 5.02 16.61 39.52
CA LYS C 681 5.14 17.19 40.89
C LYS C 681 4.35 18.50 40.95
N PRO C 693 -7.29 22.37 43.47
CA PRO C 693 -7.10 23.81 43.69
C PRO C 693 -8.05 24.63 42.84
N VAL C 694 -8.43 25.81 43.34
CA VAL C 694 -9.28 26.71 42.57
C VAL C 694 -8.35 27.50 41.65
N GLY C 695 -8.03 26.90 40.51
CA GLY C 695 -7.20 27.55 39.52
C GLY C 695 -7.88 27.77 38.19
N CYS C 696 -9.16 27.44 38.05
CA CYS C 696 -9.83 27.50 36.75
C CYS C 696 -10.24 28.93 36.40
N VAL C 697 -9.23 29.76 36.15
CA VAL C 697 -9.47 31.09 35.59
C VAL C 697 -9.84 31.00 34.11
N LEU C 698 -9.14 30.16 33.37
CA LEU C 698 -9.48 29.86 31.97
C LEU C 698 -9.62 28.37 31.81
N GLY C 699 -8.69 27.65 32.43
CA GLY C 699 -8.85 26.23 32.67
C GLY C 699 -8.19 25.93 34.00
N LEU C 700 -8.51 24.76 34.54
CA LEU C 700 -7.92 24.40 35.83
C LEU C 700 -6.43 24.20 35.69
N VAL C 701 -5.67 24.89 36.53
CA VAL C 701 -4.21 24.81 36.54
C VAL C 701 -3.75 24.49 37.95
N ASN C 702 -2.83 23.53 38.09
CA ASN C 702 -2.41 23.08 39.45
C ASN C 702 -1.14 23.79 39.93
N SER C 703 -1.21 25.09 40.22
CA SER C 703 -0.04 25.82 40.78
C SER C 703 -0.53 27.09 41.50
N SER C 704 0.34 27.76 42.27
CA SER C 704 -0.07 28.95 43.05
C SER C 704 -0.58 30.02 42.08
N LEU C 705 -1.69 30.70 42.41
CA LEU C 705 -2.27 31.68 41.45
C LEU C 705 -2.71 32.96 42.16
N PHE C 706 -3.40 33.85 41.44
CA PHE C 706 -3.93 35.12 42.02
C PHE C 706 -2.78 35.91 42.65
N VAL C 707 -1.61 35.89 42.01
CA VAL C 707 -0.46 36.72 42.50
C VAL C 707 -0.76 38.18 42.16
N GLU C 708 -0.10 39.13 42.84
CA GLU C 708 -0.30 40.59 42.59
C GLU C 708 -0.86 40.84 41.18
N ASP C 709 -2.05 41.44 41.08
CA ASP C 709 -2.71 41.71 39.77
C ASP C 709 -1.71 42.35 38.80
N CYS C 710 -1.35 43.62 39.00
CA CYS C 710 -0.48 44.32 38.01
C CYS C 710 0.94 43.77 38.09
N LYS C 711 1.17 42.57 37.52
CA LYS C 711 2.51 41.93 37.65
C LYS C 711 2.87 41.23 36.34
N LEU C 712 2.17 41.53 35.24
CA LEU C 712 2.52 40.92 33.93
C LEU C 712 2.62 41.97 32.83
N PRO C 713 3.62 42.88 32.81
CA PRO C 713 3.80 43.80 31.68
C PRO C 713 4.15 42.89 30.50
N LEU C 714 5.01 41.89 30.74
CA LEU C 714 5.35 40.88 29.70
C LEU C 714 5.34 39.52 30.39
N GLY C 715 4.94 38.45 29.71
CA GLY C 715 4.82 37.14 30.39
C GLY C 715 4.93 35.97 29.44
N GLN C 716 5.09 34.76 29.98
CA GLN C 716 5.13 33.53 29.14
C GLN C 716 3.78 33.43 28.44
N SER C 717 2.68 33.80 29.11
CA SER C 717 1.32 33.81 28.52
C SER C 717 0.75 32.40 28.42
N LEU C 718 0.42 31.80 29.57
CA LEU C 718 -0.16 30.47 29.58
C LEU C 718 -1.50 30.44 28.83
N CYS C 719 -2.29 31.49 28.95
CA CYS C 719 -3.59 31.50 28.30
C CYS C 719 -3.81 32.88 27.70
N ALA C 720 -5.07 33.22 27.47
CA ALA C 720 -5.41 34.54 26.94
C ALA C 720 -5.01 35.64 27.92
N LEU C 721 -5.40 35.50 29.20
CA LEU C 721 -5.12 36.55 30.20
C LEU C 721 -3.86 36.25 31.03
N PRO C 722 -3.72 35.13 31.77
CA PRO C 722 -2.56 34.90 32.66
C PRO C 722 -1.19 34.80 31.98
N ASP C 723 -0.15 35.37 32.60
CA ASP C 723 1.21 35.38 31.98
C ASP C 723 2.19 34.44 32.70
N THR C 724 1.79 33.81 33.81
CA THR C 724 2.64 32.81 34.54
C THR C 724 4.08 33.27 34.85
N PRO C 725 4.34 34.44 35.47
CA PRO C 725 5.72 34.81 35.84
C PRO C 725 6.19 33.94 37.02
N SER C 726 7.31 33.22 36.89
CA SER C 726 7.70 32.28 37.97
C SER C 726 8.64 32.96 38.98
N THR C 727 9.96 32.91 38.74
CA THR C 727 10.94 33.60 39.60
C THR C 727 12.29 33.69 38.87
N MET C 740 5.37 28.93 39.25
CA MET C 740 4.44 29.42 40.26
C MET C 740 4.04 30.86 39.98
N ARG C 741 3.31 31.42 40.94
CA ARG C 741 2.93 32.83 40.94
C ARG C 741 2.26 33.17 39.61
N LEU C 742 1.39 32.25 39.18
CA LEU C 742 0.78 32.45 37.85
C LEU C 742 -0.48 33.32 37.96
N ALA C 743 -1.28 33.32 36.91
CA ALA C 743 -2.48 34.13 36.86
C ALA C 743 -2.17 35.58 37.21
N SER C 744 -1.80 36.41 36.25
CA SER C 744 -1.71 37.87 36.57
C SER C 744 -2.24 38.66 35.37
N ILE C 745 -2.49 39.97 35.51
CA ILE C 745 -2.92 40.74 34.30
C ILE C 745 -2.38 42.17 34.34
N ALA C 746 -1.88 42.68 33.21
CA ALA C 746 -1.45 44.10 33.13
C ALA C 746 -1.69 44.61 31.71
N PHE C 747 -2.07 45.87 31.55
CA PHE C 747 -2.28 46.47 30.21
C PHE C 747 -1.47 47.77 30.09
N ASN C 748 -0.68 47.91 29.02
CA ASN C 748 0.05 49.18 28.80
C ASN C 748 -0.97 50.28 28.49
N HIS C 749 -0.84 51.46 29.09
CA HIS C 749 -1.88 52.50 28.90
C HIS C 749 -1.31 53.69 28.11
N PRO C 750 -1.98 54.14 27.02
CA PRO C 750 -1.52 55.32 26.26
C PRO C 750 -1.70 56.61 27.06
N ILE C 751 -0.82 57.59 26.83
CA ILE C 751 -0.94 58.91 27.52
C ILE C 751 -2.32 59.51 27.21
N GLN C 752 -2.97 60.11 28.19
CA GLN C 752 -4.29 60.70 27.99
C GLN C 752 -4.17 62.22 27.99
N VAL C 753 -4.71 62.85 26.96
CA VAL C 753 -4.73 64.30 26.84
C VAL C 753 -6.18 64.76 26.80
N ASP C 754 -6.52 65.68 27.70
CA ASP C 754 -7.89 66.15 27.81
C ASP C 754 -8.27 67.07 26.65
N GLN C 755 -9.55 67.07 26.32
CA GLN C 755 -10.06 67.87 25.23
C GLN C 755 -10.87 69.04 25.78
N LEU C 756 -10.54 70.24 25.33
CA LEU C 756 -11.12 71.46 25.86
C LEU C 756 -12.29 71.89 25.00
N ASN C 757 -13.41 72.22 25.64
CA ASN C 757 -14.56 72.73 24.90
C ASN C 757 -14.38 74.18 24.48
N SER C 758 -13.49 74.91 25.14
CA SER C 758 -13.24 76.29 24.74
C SER C 758 -12.50 76.32 23.41
N SER C 759 -12.31 77.54 22.90
CA SER C 759 -11.63 77.72 21.63
C SER C 759 -10.16 77.30 21.70
N TYR C 760 -9.54 77.46 22.85
CA TYR C 760 -8.20 76.93 23.03
C TYR C 760 -8.23 75.41 22.94
N PHE C 761 -7.15 74.82 22.45
CA PHE C 761 -6.99 73.38 22.49
C PHE C 761 -5.71 72.98 23.21
N LYS C 762 -5.78 71.88 23.95
CA LYS C 762 -4.65 71.37 24.70
C LYS C 762 -3.71 70.61 23.77
N LEU C 763 -2.41 70.80 23.97
CA LEU C 763 -1.39 70.25 23.07
C LEU C 763 -0.33 69.56 23.90
N SER C 764 -0.08 68.26 23.64
CA SER C 764 1.03 67.55 24.32
C SER C 764 2.31 67.74 23.49
N ILE C 765 3.39 68.28 24.08
CA ILE C 765 4.60 68.58 23.26
C ILE C 765 5.85 67.86 23.78
N PRO C 766 6.63 67.18 22.90
CA PRO C 766 7.89 66.51 23.29
C PRO C 766 9.03 67.44 23.72
N THR C 767 9.95 66.96 24.56
CA THR C 767 11.11 67.79 24.98
C THR C 767 12.45 67.05 24.79
N ASN C 768 12.43 65.83 24.24
CA ASN C 768 13.69 65.05 24.14
C ASN C 768 13.87 64.41 22.76
N PHE C 769 15.10 64.02 22.40
CA PHE C 769 15.38 63.43 21.06
C PHE C 769 15.46 61.89 21.13
N SER C 770 16.29 61.33 22.02
CA SER C 770 16.34 59.85 22.23
C SER C 770 16.38 59.07 20.91
N PHE C 771 17.32 59.38 20.01
CA PHE C 771 17.35 58.73 18.66
C PHE C 771 17.79 57.27 18.69
N GLY C 772 17.44 56.49 17.66
CA GLY C 772 17.96 55.10 17.52
C GLY C 772 17.04 53.97 17.95
N VAL C 773 17.09 52.84 17.25
CA VAL C 773 16.30 51.62 17.62
C VAL C 773 16.85 50.40 16.86
N THR C 774 16.63 49.18 17.35
CA THR C 774 17.03 47.95 16.61
C THR C 774 16.03 47.73 15.45
N GLN C 775 16.45 47.11 14.34
CA GLN C 775 15.53 47.03 13.17
C GLN C 775 15.43 45.63 12.53
N GLU C 776 14.36 45.36 11.77
CA GLU C 776 14.05 44.00 11.23
C GLU C 776 14.92 43.53 10.05
N TYR C 777 14.80 42.25 9.68
CA TYR C 777 15.58 41.62 8.58
C TYR C 777 14.63 41.19 7.46
N ILE C 778 15.06 41.26 6.18
CA ILE C 778 14.12 40.96 5.05
C ILE C 778 14.35 39.58 4.39
N GLN C 779 15.51 38.95 4.56
CA GLN C 779 15.74 37.57 4.02
C GLN C 779 15.43 37.50 2.52
N THR C 780 16.15 38.26 1.69
CA THR C 780 15.87 38.34 0.22
C THR C 780 16.06 37.01 -0.54
N THR C 781 17.08 36.20 -0.25
CA THR C 781 17.35 35.00 -1.11
C THR C 781 17.48 33.71 -0.28
N ILE C 782 17.49 32.54 -0.93
CA ILE C 782 17.71 31.28 -0.22
C ILE C 782 18.87 30.54 -0.89
N GLN C 783 19.37 29.54 -0.17
CA GLN C 783 20.51 28.78 -0.65
C GLN C 783 20.16 28.00 -1.90
N LYS C 784 21.10 27.96 -2.84
CA LYS C 784 20.93 27.23 -4.09
C LYS C 784 21.57 25.86 -3.97
N VAL C 785 20.78 24.82 -4.21
CA VAL C 785 21.20 23.44 -4.06
C VAL C 785 20.78 22.67 -5.30
N THR C 786 21.66 21.84 -5.82
CA THR C 786 21.31 20.91 -6.88
C THR C 786 21.55 19.50 -6.36
N VAL C 787 20.65 18.59 -6.69
CA VAL C 787 20.72 17.20 -6.27
C VAL C 787 20.99 16.34 -7.49
N ASP C 788 21.96 15.45 -7.38
CA ASP C 788 22.29 14.50 -8.45
C ASP C 788 21.48 13.24 -8.25
N CYS C 789 20.38 13.11 -9.00
CA CYS C 789 19.67 11.85 -9.00
C CYS C 789 20.55 10.78 -9.66
N LYS C 790 20.11 9.54 -9.55
CA LYS C 790 20.83 8.38 -10.07
C LYS C 790 22.11 8.17 -9.29
N GLN C 791 22.41 9.11 -8.41
CA GLN C 791 23.49 8.99 -7.46
C GLN C 791 22.98 9.04 -6.03
N TYR C 792 22.04 9.92 -5.75
CA TYR C 792 21.31 9.91 -4.50
C TYR C 792 20.66 8.54 -4.33
N VAL C 793 19.73 8.24 -5.22
CA VAL C 793 19.25 6.87 -5.36
C VAL C 793 20.25 6.11 -6.21
N CYS C 794 20.36 4.79 -6.00
CA CYS C 794 21.32 3.97 -6.74
C CYS C 794 22.75 4.46 -6.50
N ASN C 795 23.22 4.24 -5.27
CA ASN C 795 24.38 4.92 -4.72
C ASN C 795 25.65 4.68 -5.52
N GLY C 796 25.54 3.97 -6.64
CA GLY C 796 26.69 3.72 -7.48
C GLY C 796 26.64 2.34 -8.08
N PHE C 797 25.57 1.62 -7.76
CA PHE C 797 25.48 0.20 -8.08
C PHE C 797 24.81 -0.01 -9.42
N GLN C 798 25.45 -0.81 -10.26
CA GLN C 798 25.00 -0.99 -11.64
C GLN C 798 23.59 -1.57 -11.70
N LYS C 799 23.30 -2.55 -10.84
CA LYS C 799 21.99 -3.17 -10.84
C LYS C 799 20.90 -2.14 -10.56
N CYS C 800 21.13 -1.27 -9.58
CA CYS C 800 20.13 -0.28 -9.24
C CYS C 800 19.90 0.66 -10.41
N GLU C 801 20.97 1.04 -11.11
CA GLU C 801 20.79 1.93 -12.25
C GLU C 801 20.00 1.26 -13.35
N GLN C 802 20.26 -0.02 -13.59
CA GLN C 802 19.46 -0.77 -14.55
C GLN C 802 17.99 -0.71 -14.18
N LEU C 803 17.68 -0.92 -12.90
CA LEU C 803 16.28 -0.86 -12.47
C LEU C 803 15.71 0.54 -12.63
N LEU C 804 16.49 1.55 -12.26
CA LEU C 804 16.03 2.93 -12.33
C LEU C 804 15.76 3.36 -13.76
N ARG C 805 16.37 2.69 -14.73
CA ARG C 805 16.11 3.00 -16.13
C ARG C 805 14.62 3.10 -16.43
N GLU C 806 13.79 2.29 -15.75
CA GLU C 806 12.35 2.32 -15.97
C GLU C 806 11.71 3.59 -15.42
N TYR C 807 12.43 4.37 -14.63
CA TYR C 807 11.89 5.57 -14.01
C TYR C 807 12.57 6.85 -14.47
N GLY C 808 13.64 6.76 -15.26
CA GLY C 808 14.55 7.88 -15.49
C GLY C 808 13.93 9.23 -15.75
N GLN C 809 12.72 9.25 -16.30
CA GLN C 809 12.04 10.52 -16.53
C GLN C 809 11.77 11.27 -15.23
N PHE C 810 11.58 10.55 -14.13
CA PHE C 810 11.42 11.25 -12.85
C PHE C 810 12.69 11.99 -12.46
N CYS C 811 13.84 11.36 -12.62
CA CYS C 811 15.09 12.03 -12.32
C CYS C 811 15.27 13.25 -13.20
N SER C 812 14.90 13.13 -14.46
CA SER C 812 14.99 14.28 -15.36
C SER C 812 14.10 15.42 -14.89
N LYS C 813 12.87 15.11 -14.48
CA LYS C 813 11.98 16.16 -14.00
C LYS C 813 12.55 16.84 -12.76
N ILE C 814 13.09 16.06 -11.83
CA ILE C 814 13.66 16.62 -10.63
C ILE C 814 14.80 17.57 -10.98
N ASN C 815 15.72 17.10 -11.83
CA ASN C 815 16.87 17.93 -12.19
C ASN C 815 16.43 19.21 -12.86
N GLN C 816 15.50 19.13 -13.80
CA GLN C 816 15.08 20.32 -14.53
C GLN C 816 14.40 21.32 -13.61
N ALA C 817 13.53 20.85 -12.73
CA ALA C 817 12.83 21.76 -11.85
C ALA C 817 13.82 22.48 -10.95
N LEU C 818 14.80 21.76 -10.42
CA LEU C 818 15.70 22.37 -9.47
C LEU C 818 16.64 23.35 -10.17
N HIS C 819 17.05 23.02 -11.40
CA HIS C 819 17.84 23.94 -12.21
C HIS C 819 17.09 25.23 -12.49
N GLY C 820 15.80 25.12 -12.84
CA GLY C 820 15.02 26.32 -13.08
C GLY C 820 14.88 27.17 -11.84
N ALA C 821 14.71 26.54 -10.68
CA ALA C 821 14.63 27.30 -9.45
C ALA C 821 15.90 28.10 -9.20
N ASN C 822 17.05 27.47 -9.44
CA ASN C 822 18.30 28.21 -9.24
C ASN C 822 18.42 29.38 -10.22
N LEU C 823 18.00 29.18 -11.46
CA LEU C 823 18.02 30.30 -12.39
C LEU C 823 17.15 31.44 -11.92
N ARG C 824 15.98 31.13 -11.38
CA ARG C 824 15.10 32.19 -10.90
C ARG C 824 15.71 32.93 -9.73
N GLN C 825 16.39 32.20 -8.83
CA GLN C 825 17.11 32.86 -7.75
C GLN C 825 18.14 33.83 -8.29
N ASP C 826 18.89 33.41 -9.30
CA ASP C 826 19.92 34.27 -9.86
C ASP C 826 19.31 35.53 -10.43
N ASP C 827 18.19 35.40 -11.15
CA ASP C 827 17.53 36.58 -11.68
C ASP C 827 17.07 37.52 -10.58
N SER C 828 16.53 36.96 -9.49
CA SER C 828 16.09 37.81 -8.40
C SER C 828 17.24 38.63 -7.85
N VAL C 829 18.37 37.97 -7.61
CA VAL C 829 19.51 38.69 -7.04
C VAL C 829 19.99 39.78 -7.99
N ARG C 830 20.07 39.46 -9.27
CA ARG C 830 20.53 40.44 -10.25
C ARG C 830 19.61 41.65 -10.28
N ASN C 831 18.30 41.41 -10.20
CA ASN C 831 17.31 42.52 -10.25
C ASN C 831 17.46 43.43 -9.02
N LEU C 832 17.54 42.84 -7.82
CA LEU C 832 17.61 43.65 -6.57
C LEU C 832 18.88 44.51 -6.57
N PHE C 833 20.01 43.92 -6.97
CA PHE C 833 21.31 44.64 -6.98
C PHE C 833 21.27 45.80 -7.99
N ALA C 834 20.58 45.61 -9.12
CA ALA C 834 20.46 46.68 -10.14
C ALA C 834 19.76 47.89 -9.52
N SER C 835 18.74 47.66 -8.68
CA SER C 835 18.05 48.79 -7.99
C SER C 835 19.02 49.49 -7.03
N VAL C 836 19.87 48.72 -6.34
CA VAL C 836 20.90 49.32 -5.44
C VAL C 836 21.88 50.14 -6.28
N LYS C 837 22.18 49.69 -7.50
CA LYS C 837 23.14 50.40 -8.38
C LYS C 837 22.56 51.75 -8.81
N SER C 838 23.36 52.61 -9.46
CA SER C 838 22.92 53.95 -9.94
C SER C 838 23.00 54.96 -8.79
N SER C 839 23.57 54.57 -7.66
CA SER C 839 23.75 55.51 -6.52
C SER C 839 25.16 56.08 -6.61
N GLN C 840 25.26 57.39 -6.84
CA GLN C 840 26.56 58.07 -7.04
C GLN C 840 27.25 58.20 -5.68
N SER C 841 28.05 57.21 -5.30
CA SER C 841 28.64 57.25 -3.95
C SER C 841 29.68 58.35 -3.84
N SER C 842 29.57 59.19 -2.82
CA SER C 842 30.68 60.14 -2.57
C SER C 842 31.78 59.21 -2.08
N PRO C 843 33.07 59.39 -2.40
CA PRO C 843 34.07 58.39 -2.00
C PRO C 843 33.94 58.17 -0.49
N ILE C 844 33.92 56.90 -0.06
CA ILE C 844 33.81 56.60 1.40
C ILE C 844 35.02 57.24 2.07
N ILE C 845 34.78 58.11 3.07
CA ILE C 845 35.94 58.85 3.65
C ILE C 845 36.07 58.37 5.10
N PRO C 846 37.28 58.26 5.70
CA PRO C 846 37.37 57.87 7.10
C PRO C 846 36.61 58.88 7.96
N GLY C 847 36.74 60.18 7.69
CA GLY C 847 35.92 61.18 8.40
C GLY C 847 34.61 61.40 7.67
N PHE C 848 33.80 60.36 7.51
CA PHE C 848 32.52 60.47 6.75
C PHE C 848 31.56 61.43 7.46
N GLY C 849 31.48 61.35 8.79
CA GLY C 849 30.54 62.21 9.55
C GLY C 849 31.26 63.07 10.58
N GLY C 850 31.04 64.38 10.53
CA GLY C 850 31.79 65.31 11.40
C GLY C 850 31.75 64.92 12.85
N ASP C 851 30.62 65.16 13.51
CA ASP C 851 30.46 64.75 14.93
C ASP C 851 29.69 63.44 14.97
N PHE C 852 29.23 62.95 13.80
CA PHE C 852 28.56 61.66 13.79
C PHE C 852 29.53 60.54 13.47
N ASN C 853 29.53 59.51 14.30
CA ASN C 853 30.50 58.43 14.19
C ASN C 853 29.86 57.24 13.51
N LEU C 854 30.49 56.74 12.45
CA LEU C 854 29.93 55.64 11.68
C LEU C 854 30.87 54.44 11.72
N THR C 855 30.34 53.29 12.17
CA THR C 855 31.01 52.01 12.15
C THR C 855 30.74 51.24 10.87
N LEU C 856 30.08 51.87 9.92
CA LEU C 856 29.75 51.28 8.64
C LEU C 856 30.88 51.42 7.65
N LEU C 857 31.92 52.16 7.99
CA LEU C 857 33.08 52.27 7.12
C LEU C 857 33.76 50.91 7.03
N GLU C 858 34.24 50.57 5.85
CA GLU C 858 34.94 49.31 5.69
C GLU C 858 36.32 49.37 6.35
N PRO C 859 36.77 48.25 6.94
CA PRO C 859 38.09 48.27 7.59
C PRO C 859 39.25 48.05 6.64
N VAL C 860 39.01 47.48 5.45
CA VAL C 860 40.08 47.18 4.49
C VAL C 860 41.17 46.34 5.12
N ALA C 869 34.27 46.94 1.74
CA ALA C 869 34.81 45.61 1.96
C ALA C 869 34.47 45.09 3.34
N ARG C 870 33.22 44.67 3.51
CA ARG C 870 32.80 43.96 4.71
C ARG C 870 33.02 44.82 5.97
N SER C 871 32.16 45.83 6.09
CA SER C 871 32.15 46.76 7.22
C SER C 871 32.10 46.03 8.56
N ALA C 872 32.41 46.76 9.63
CA ALA C 872 32.52 46.14 10.95
C ALA C 872 31.22 45.51 11.38
N ILE C 873 30.09 46.21 11.20
CA ILE C 873 28.81 45.62 11.57
C ILE C 873 28.53 44.39 10.73
N GLU C 874 28.85 44.46 9.44
CA GLU C 874 28.58 43.35 8.54
C GLU C 874 29.31 42.10 8.98
N ASP C 875 30.61 42.22 9.29
CA ASP C 875 31.33 41.04 9.69
C ASP C 875 30.99 40.62 11.12
N LEU C 876 30.60 41.56 11.97
CA LEU C 876 30.11 41.17 13.29
C LEU C 876 28.90 40.27 13.17
N LEU C 877 27.95 40.62 12.33
CA LEU C 877 26.79 39.75 12.24
C LEU C 877 27.04 38.52 11.39
N PHE C 878 28.09 38.52 10.57
CA PHE C 878 28.47 37.26 9.92
C PHE C 878 29.18 36.33 10.87
N ASP C 879 29.85 36.85 11.90
CA ASP C 879 30.50 36.00 12.89
C ASP C 879 29.51 35.52 13.93
N LYS C 880 28.64 36.41 14.40
CA LYS C 880 27.72 36.06 15.49
C LYS C 880 26.81 34.93 15.08
N VAL C 881 26.33 34.94 13.83
CA VAL C 881 25.45 33.88 13.36
C VAL C 881 26.23 32.58 13.27
N THR C 882 25.56 31.49 13.62
CA THR C 882 26.20 30.18 13.51
C THR C 882 26.28 29.78 12.04
N ILE C 883 27.40 30.10 11.39
CA ILE C 883 27.64 29.64 10.03
C ILE C 883 27.88 28.15 10.05
N ALA C 884 26.89 27.39 9.63
CA ALA C 884 26.97 25.93 9.64
C ALA C 884 27.60 25.38 8.37
N ASP C 885 28.07 26.25 7.48
CA ASP C 885 28.62 25.83 6.20
C ASP C 885 29.94 26.54 5.92
N PRO C 886 31.01 26.20 6.63
CA PRO C 886 32.35 26.60 6.20
C PRO C 886 32.91 25.73 5.09
N GLY C 887 32.14 24.74 4.65
CA GLY C 887 32.58 23.78 3.64
C GLY C 887 32.72 24.35 2.24
N TYR C 888 32.66 25.67 2.14
CA TYR C 888 32.90 26.31 0.86
C TYR C 888 34.39 26.36 0.54
N MET C 889 34.73 26.04 -0.70
CA MET C 889 36.09 26.15 -1.23
C MET C 889 37.02 25.09 -0.64
N GLN C 890 36.57 24.38 0.38
CA GLN C 890 37.39 23.33 1.00
C GLN C 890 36.58 22.13 1.47
N GLY C 891 35.29 22.05 1.16
CA GLY C 891 34.47 20.98 1.71
C GLY C 891 35.01 19.61 1.38
N TYR C 892 35.65 19.47 0.23
CA TYR C 892 36.35 18.25 -0.12
C TYR C 892 37.42 17.94 0.92
N ASP C 893 38.39 18.85 1.06
CA ASP C 893 39.48 18.65 2.00
C ASP C 893 39.02 18.75 3.45
N ASP C 894 38.04 19.62 3.74
CA ASP C 894 37.53 19.66 5.11
C ASP C 894 36.91 18.34 5.50
N CYS C 895 36.13 17.73 4.61
CA CYS C 895 35.56 16.42 4.90
C CYS C 895 36.65 15.38 5.02
N MET C 896 37.70 15.50 4.21
CA MET C 896 38.80 14.55 4.28
C MET C 896 39.54 14.62 5.61
N GLN C 897 39.79 15.82 6.12
CA GLN C 897 40.72 15.99 7.23
C GLN C 897 40.12 15.72 8.60
N GLN C 898 38.80 15.84 8.75
CA GLN C 898 38.16 15.66 10.05
C GLN C 898 38.43 14.27 10.64
N ILE C 907 29.47 18.03 4.47
CA ILE C 907 29.74 16.78 5.14
C ILE C 907 29.31 15.64 4.22
N CYS C 908 28.05 15.22 4.32
CA CYS C 908 27.56 14.12 3.51
C CYS C 908 27.52 14.50 2.03
N ALA C 909 27.45 15.80 1.75
CA ALA C 909 27.49 16.26 0.34
C ALA C 909 28.73 15.67 -0.34
N GLN C 910 29.91 15.87 0.27
CA GLN C 910 31.18 15.33 -0.29
C GLN C 910 31.21 13.80 -0.27
N TYR C 911 30.68 13.17 0.78
CA TYR C 911 30.74 11.68 0.87
C TYR C 911 29.65 11.15 -0.04
N VAL C 912 29.78 10.56 -1.10
CA VAL C 912 28.68 10.18 -2.07
C VAL C 912 28.41 11.50 -2.80
N ALA C 913 27.79 11.50 -3.98
CA ALA C 913 27.50 12.81 -4.60
C ALA C 913 26.00 13.02 -4.69
N GLY C 914 25.34 13.15 -3.54
CA GLY C 914 23.87 13.29 -3.53
C GLY C 914 23.45 14.73 -3.78
N TYR C 915 24.10 15.70 -3.13
CA TYR C 915 23.63 17.11 -3.24
C TYR C 915 24.83 18.07 -3.24
N LYS C 916 24.79 19.09 -4.09
CA LYS C 916 25.90 20.08 -4.17
C LYS C 916 25.34 21.50 -3.96
N VAL C 917 25.99 22.30 -3.11
CA VAL C 917 25.55 23.71 -2.93
C VAL C 917 26.12 24.56 -4.08
N LEU C 918 25.28 25.33 -4.76
CA LEU C 918 25.73 26.17 -5.91
C LEU C 918 26.51 27.39 -5.40
N PRO C 919 27.44 28.01 -6.18
CA PRO C 919 28.13 29.24 -5.75
C PRO C 919 27.19 30.41 -5.38
N PRO C 920 27.68 31.45 -4.66
CA PRO C 920 26.86 32.59 -4.27
C PRO C 920 26.43 33.49 -5.45
N LEU C 921 27.05 33.31 -6.63
CA LEU C 921 26.76 34.14 -7.85
C LEU C 921 27.51 35.47 -7.77
N MET C 922 27.45 36.17 -6.63
CA MET C 922 28.22 37.42 -6.46
C MET C 922 29.28 37.22 -5.36
N ASP C 923 30.51 37.66 -5.60
CA ASP C 923 31.59 37.57 -4.58
C ASP C 923 31.23 38.49 -3.40
N VAL C 924 31.76 38.19 -2.21
CA VAL C 924 31.43 39.01 -1.00
C VAL C 924 31.89 40.45 -1.23
N ASN C 925 33.04 40.63 -1.90
CA ASN C 925 33.56 41.99 -2.20
C ASN C 925 32.57 42.73 -3.11
N MET C 926 31.99 42.02 -4.10
CA MET C 926 31.01 42.65 -5.03
C MET C 926 29.79 43.12 -4.23
N GLU C 927 29.30 42.28 -3.31
CA GLU C 927 28.13 42.64 -2.47
C GLU C 927 28.50 43.85 -1.60
N ALA C 928 29.71 43.86 -1.05
CA ALA C 928 30.15 44.97 -0.18
C ALA C 928 30.27 46.26 -1.00
N ALA C 929 30.86 46.18 -2.19
CA ALA C 929 30.97 47.35 -3.06
C ALA C 929 29.62 48.00 -3.28
N TYR C 930 28.59 47.20 -3.55
CA TYR C 930 27.27 47.77 -3.76
C TYR C 930 26.78 48.52 -2.52
N THR C 931 26.86 47.88 -1.35
CA THR C 931 26.36 48.54 -0.15
C THR C 931 27.20 49.76 0.20
N SER C 932 28.50 49.72 -0.07
CA SER C 932 29.34 50.87 0.20
C SER C 932 28.97 52.04 -0.70
N SER C 933 28.67 51.77 -1.97
CA SER C 933 28.21 52.84 -2.84
C SER C 933 26.92 53.44 -2.33
N LEU C 934 26.01 52.60 -1.86
CA LEU C 934 24.77 53.11 -1.28
C LEU C 934 25.06 54.04 -0.11
N LEU C 935 25.94 53.62 0.78
CA LEU C 935 26.29 54.45 1.92
C LEU C 935 26.88 55.77 1.48
N GLY C 936 27.72 55.74 0.45
CA GLY C 936 28.29 56.98 -0.05
C GLY C 936 27.25 57.92 -0.60
N SER C 937 26.18 57.38 -1.18
CA SER C 937 25.16 58.26 -1.75
C SER C 937 24.10 58.71 -0.77
N ILE C 938 24.08 58.14 0.44
CA ILE C 938 23.05 58.49 1.43
C ILE C 938 22.78 59.98 1.53
N ALA C 939 23.79 60.74 1.91
CA ALA C 939 23.57 62.15 2.23
C ALA C 939 23.19 62.93 0.99
N GLY C 940 23.85 62.67 -0.13
CA GLY C 940 23.60 63.44 -1.33
C GLY C 940 22.19 63.26 -1.84
N VAL C 941 21.73 62.01 -1.94
CA VAL C 941 20.35 61.82 -2.39
C VAL C 941 19.36 62.04 -1.27
N GLY C 942 19.83 62.30 -0.05
CA GLY C 942 18.93 62.65 1.04
C GLY C 942 18.16 63.92 0.78
N TRP C 943 18.69 64.81 -0.05
CA TRP C 943 17.93 65.94 -0.53
C TRP C 943 16.84 65.45 -1.48
N THR C 944 16.13 66.40 -2.10
CA THR C 944 14.87 66.15 -2.79
C THR C 944 14.85 64.80 -3.50
N ALA C 945 13.80 64.02 -3.22
CA ALA C 945 13.70 62.61 -3.64
C ALA C 945 13.95 62.44 -5.14
N GLY C 946 13.86 63.51 -5.91
CA GLY C 946 14.14 63.45 -7.34
C GLY C 946 15.50 62.85 -7.61
N LEU C 947 15.53 61.83 -8.46
CA LEU C 947 16.77 61.09 -8.67
C LEU C 947 17.79 61.91 -9.44
N SER C 948 17.35 62.78 -10.34
CA SER C 948 18.26 63.38 -11.29
C SER C 948 18.99 64.58 -10.73
N SER C 949 19.93 64.33 -9.85
CA SER C 949 20.94 65.29 -9.41
C SER C 949 21.66 64.67 -8.23
N PHE C 950 22.85 65.15 -7.89
CA PHE C 950 23.50 64.70 -6.67
C PHE C 950 24.07 65.90 -5.94
N ALA C 951 23.58 66.16 -4.73
CA ALA C 951 23.99 67.34 -3.99
C ALA C 951 25.40 67.21 -3.42
N ALA C 952 25.76 66.03 -2.89
CA ALA C 952 27.08 65.78 -2.32
C ALA C 952 27.37 66.67 -1.12
N ILE C 953 26.37 66.86 -0.28
CA ILE C 953 26.52 67.62 0.96
C ILE C 953 27.10 66.70 2.04
N PRO C 954 27.74 67.21 3.07
CA PRO C 954 28.22 66.34 4.14
C PRO C 954 27.08 65.74 4.95
N PHE C 955 27.42 64.68 5.68
CA PHE C 955 26.41 63.89 6.38
C PHE C 955 25.72 64.71 7.46
N ALA C 956 26.48 65.54 8.18
CA ALA C 956 25.89 66.35 9.24
C ALA C 956 24.82 67.29 8.69
N GLN C 957 25.11 67.92 7.55
CA GLN C 957 24.12 68.80 6.93
C GLN C 957 22.87 68.04 6.56
N SER C 958 23.02 66.85 6.00
CA SER C 958 21.87 66.05 5.65
C SER C 958 21.05 65.70 6.87
N ILE C 959 21.71 65.37 7.97
CA ILE C 959 21.00 65.04 9.20
C ILE C 959 20.22 66.25 9.69
N PHE C 960 20.82 67.43 9.62
CA PHE C 960 20.11 68.61 10.11
C PHE C 960 18.94 68.96 9.23
N TYR C 961 19.06 68.77 7.92
CA TYR C 961 17.92 68.99 7.05
C TYR C 961 16.80 68.01 7.34
N ARG C 962 17.14 66.75 7.56
CA ARG C 962 16.12 65.72 7.91
C ARG C 962 15.37 66.17 9.15
N LEU C 963 16.10 66.57 10.20
CA LEU C 963 15.48 67.03 11.47
C LEU C 963 14.65 68.29 11.22
N ASN C 964 15.12 69.19 10.36
CA ASN C 964 14.40 70.47 10.11
C ASN C 964 13.01 70.21 9.53
N GLY C 965 12.88 69.23 8.62
CA GLY C 965 11.58 69.04 7.95
C GLY C 965 10.75 67.93 8.57
N VAL C 966 11.11 66.66 8.34
CA VAL C 966 10.32 65.51 8.87
C VAL C 966 10.39 65.53 10.40
N GLY C 967 11.57 65.82 10.95
CA GLY C 967 11.71 65.96 12.42
C GLY C 967 10.87 67.12 12.94
N ILE C 968 10.72 68.20 12.14
CA ILE C 968 9.98 69.43 12.55
C ILE C 968 10.68 70.08 13.76
N THR C 969 12.00 70.02 13.81
CA THR C 969 12.74 70.74 14.89
C THR C 969 13.29 72.03 14.29
N GLN C 970 13.13 73.17 14.98
CA GLN C 970 13.56 74.46 14.38
C GLN C 970 15.03 74.41 13.99
N GLN C 971 15.37 74.93 12.82
CA GLN C 971 16.82 75.07 12.45
C GLN C 971 17.55 75.70 13.63
N VAL C 972 16.95 76.71 14.26
CA VAL C 972 17.57 77.36 15.46
C VAL C 972 17.70 76.31 16.57
N LEU C 973 16.68 75.47 16.74
CA LEU C 973 16.73 74.38 17.76
C LEU C 973 17.84 73.38 17.41
N SER C 974 18.03 73.08 16.13
CA SER C 974 19.14 72.18 15.73
C SER C 974 20.47 72.83 16.16
N GLU C 975 20.59 74.15 15.96
CA GLU C 975 21.81 74.87 16.43
C GLU C 975 21.88 74.84 17.96
N ASN C 976 20.77 75.14 18.64
CA ASN C 976 20.77 75.28 20.13
C ASN C 976 21.83 74.41 20.78
N GLN C 977 21.64 73.09 20.75
CA GLN C 977 22.58 72.17 21.43
C GLN C 977 22.93 71.04 20.48
N LYS C 978 24.05 71.15 19.74
CA LYS C 978 24.44 70.03 18.91
C LYS C 978 25.11 68.95 19.76
N LEU C 979 24.48 68.63 20.89
CA LEU C 979 24.62 67.33 21.50
C LEU C 979 23.91 66.26 20.69
N ILE C 980 23.14 66.68 19.68
CA ILE C 980 22.45 65.76 18.78
C ILE C 980 23.40 64.70 18.29
N ALA C 981 24.63 65.09 17.97
CA ALA C 981 25.62 64.11 17.55
C ALA C 981 25.88 63.09 18.64
N ASN C 982 25.92 63.53 19.89
CA ASN C 982 26.15 62.58 20.98
C ASN C 982 25.02 61.58 21.10
N LYS C 983 23.78 62.03 20.99
CA LYS C 983 22.66 61.10 21.09
C LYS C 983 22.65 60.12 19.92
N PHE C 984 22.96 60.61 18.73
CA PHE C 984 23.09 59.75 17.56
C PHE C 984 24.15 58.69 17.80
N ASN C 985 25.31 59.10 18.31
CA ASN C 985 26.39 58.16 18.53
C ASN C 985 26.03 57.15 19.61
N GLN C 986 25.30 57.59 20.64
CA GLN C 986 24.87 56.66 21.67
C GLN C 986 23.97 55.58 21.10
N ALA C 987 23.04 55.98 20.22
CA ALA C 987 22.17 54.98 19.61
C ALA C 987 22.98 53.99 18.77
N LEU C 988 23.90 54.50 17.96
CA LEU C 988 24.70 53.62 17.12
C LEU C 988 25.54 52.66 17.96
N GLY C 989 26.17 53.16 19.02
CA GLY C 989 26.95 52.28 19.87
C GLY C 989 26.09 51.26 20.59
N ALA C 990 24.89 51.66 21.00
CA ALA C 990 24.00 50.72 21.67
C ALA C 990 23.68 49.56 20.77
N MET C 991 23.40 49.82 19.49
CA MET C 991 23.20 48.67 18.63
C MET C 991 24.51 47.98 18.30
N GLN C 992 25.63 48.68 18.42
CA GLN C 992 26.94 48.06 18.24
C GLN C 992 27.16 46.92 19.23
N THR C 993 26.80 47.13 20.49
CA THR C 993 27.09 46.11 21.50
C THR C 993 26.18 44.90 21.34
N GLY C 994 24.88 45.11 21.26
CA GLY C 994 23.94 44.02 21.38
C GLY C 994 23.49 43.35 20.10
N PHE C 995 23.82 42.06 19.97
CA PHE C 995 23.33 41.23 18.83
C PHE C 995 22.91 39.90 19.47
N THR C 996 22.26 39.96 20.64
CA THR C 996 21.94 38.73 21.41
C THR C 996 20.56 38.15 21.10
N THR C 997 20.07 37.26 21.96
CA THR C 997 18.75 36.57 21.77
C THR C 997 17.61 37.59 21.73
N THR C 998 17.69 38.65 22.53
CA THR C 998 16.57 39.63 22.61
C THR C 998 16.33 40.23 21.22
N ASN C 999 17.39 40.49 20.46
CA ASN C 999 17.26 41.06 19.09
C ASN C 999 16.55 40.06 18.17
N GLU C 1000 15.21 40.08 18.13
CA GLU C 1000 14.48 39.24 17.20
C GLU C 1000 14.34 39.91 15.85
N ALA C 1001 15.46 40.38 15.34
CA ALA C 1001 15.77 40.55 13.94
C ALA C 1001 17.03 39.81 13.58
N PHE C 1002 17.98 39.74 14.51
CA PHE C 1002 19.11 38.85 14.37
C PHE C 1002 18.67 37.40 14.46
N GLN C 1003 17.78 37.09 15.40
CA GLN C 1003 17.25 35.74 15.49
C GLN C 1003 16.54 35.33 14.20
N LYS C 1004 16.01 36.30 13.47
CA LYS C 1004 15.39 35.98 12.18
C LYS C 1004 16.45 35.57 11.17
N VAL C 1005 17.61 36.20 11.21
CA VAL C 1005 18.75 35.76 10.39
C VAL C 1005 19.13 34.34 10.75
N GLN C 1006 19.24 34.05 12.04
CA GLN C 1006 19.58 32.70 12.46
C GLN C 1006 18.50 31.72 12.01
N ASP C 1007 17.24 32.14 12.03
CA ASP C 1007 16.17 31.27 11.56
C ASP C 1007 16.33 30.94 10.10
N ALA C 1008 16.65 31.92 9.27
CA ALA C 1008 16.85 31.63 7.85
C ALA C 1008 18.00 30.66 7.65
N VAL C 1009 19.10 30.89 8.36
CA VAL C 1009 20.28 30.03 8.19
C VAL C 1009 19.95 28.61 8.60
N ASN C 1010 19.40 28.43 9.81
CA ASN C 1010 19.02 27.11 10.27
C ASN C 1010 17.99 26.49 9.35
N ASN C 1011 17.10 27.30 8.80
CA ASN C 1011 16.01 26.77 8.00
C ASN C 1011 16.55 26.11 6.75
N ASN C 1012 17.42 26.80 6.02
CA ASN C 1012 17.91 26.17 4.81
C ASN C 1012 18.93 25.08 5.13
N ALA C 1013 19.67 25.21 6.25
CA ALA C 1013 20.60 24.14 6.61
C ALA C 1013 19.86 22.85 6.94
N GLN C 1014 18.75 22.94 7.67
CA GLN C 1014 18.03 21.73 8.02
C GLN C 1014 17.23 21.20 6.84
N ALA C 1015 16.74 22.07 5.96
CA ALA C 1015 16.11 21.59 4.75
C ALA C 1015 17.10 20.78 3.93
N LEU C 1016 18.33 21.25 3.86
CA LEU C 1016 19.32 20.54 3.05
C LEU C 1016 19.79 19.28 3.74
N SER C 1017 20.59 19.45 4.79
CA SER C 1017 21.38 18.33 5.29
C SER C 1017 20.49 17.31 5.97
N LYS C 1018 19.79 17.74 7.02
CA LYS C 1018 18.92 16.82 7.74
C LYS C 1018 18.01 16.06 6.79
N LEU C 1019 17.20 16.79 6.03
CA LEU C 1019 16.14 16.13 5.29
C LEU C 1019 16.72 15.23 4.20
N ALA C 1020 17.64 15.73 3.39
CA ALA C 1020 18.11 14.92 2.28
C ALA C 1020 18.96 13.75 2.76
N SER C 1021 19.64 13.88 3.90
CA SER C 1021 20.53 12.81 4.33
C SER C 1021 19.79 11.73 5.09
N GLU C 1022 18.94 12.14 6.04
CA GLU C 1022 18.22 11.16 6.89
C GLU C 1022 17.18 10.42 6.04
N LEU C 1023 16.84 10.96 4.87
CA LEU C 1023 15.89 10.29 3.96
C LEU C 1023 16.68 9.48 2.93
N SER C 1024 18.00 9.39 3.10
CA SER C 1024 18.83 8.52 2.22
C SER C 1024 19.18 7.28 3.04
N ASN C 1025 18.50 7.10 4.18
CA ASN C 1025 18.84 5.98 5.10
C ASN C 1025 18.00 4.74 4.83
N THR C 1026 17.08 4.40 5.75
CA THR C 1026 16.26 3.16 5.60
C THR C 1026 14.81 3.55 5.28
N PHE C 1027 14.05 2.63 4.66
CA PHE C 1027 12.62 2.92 4.38
C PHE C 1027 11.73 1.90 5.09
N GLY C 1028 11.38 0.79 4.43
CA GLY C 1028 10.43 -0.14 5.06
C GLY C 1028 10.99 -0.77 6.33
N ALA C 1029 12.23 -1.27 6.29
CA ALA C 1029 12.91 -1.89 7.47
C ALA C 1029 14.03 -2.82 6.99
N ILE C 1030 13.67 -3.90 6.30
CA ILE C 1030 14.68 -4.95 5.91
C ILE C 1030 15.76 -4.39 4.97
N SER C 1031 15.41 -3.55 3.98
CA SER C 1031 16.45 -3.09 3.02
C SER C 1031 17.52 -2.32 3.79
N ALA C 1032 17.13 -1.43 4.71
CA ALA C 1032 18.08 -0.73 5.61
C ALA C 1032 19.14 0.17 4.98
N SER C 1033 19.84 -0.26 3.92
CA SER C 1033 20.96 0.54 3.45
C SER C 1033 21.19 0.53 1.95
N ILE C 1034 21.17 -0.65 1.34
CA ILE C 1034 21.81 -0.83 0.05
C ILE C 1034 20.85 -1.43 -0.96
N GLY C 1035 20.11 -2.46 -0.54
CA GLY C 1035 19.19 -3.17 -1.40
C GLY C 1035 19.39 -4.66 -1.33
N ASP C 1036 20.23 -5.10 -0.40
CA ASP C 1036 20.51 -6.52 -0.21
C ASP C 1036 21.10 -7.12 -1.49
N ILE C 1037 22.11 -6.46 -2.03
CA ILE C 1037 22.65 -6.89 -3.32
C ILE C 1037 23.39 -8.21 -3.19
N ILE C 1038 24.30 -8.32 -2.22
CA ILE C 1038 24.90 -9.60 -1.87
C ILE C 1038 24.81 -9.88 -0.39
N GLN C 1039 24.70 -8.85 0.43
CA GLN C 1039 24.88 -9.00 1.87
C GLN C 1039 24.00 -10.11 2.40
N ARG C 1040 22.80 -10.25 1.86
CA ARG C 1040 21.93 -11.36 2.23
C ARG C 1040 21.17 -12.01 1.09
N LEU C 1041 20.95 -11.36 -0.04
CA LEU C 1041 19.83 -11.76 -0.87
C LEU C 1041 20.24 -12.05 -2.31
N ASP C 1042 19.46 -12.92 -2.96
CA ASP C 1042 19.69 -13.36 -4.33
C ASP C 1042 19.05 -12.37 -5.30
N VAL C 1043 18.94 -12.75 -6.57
CA VAL C 1043 18.55 -11.81 -7.61
C VAL C 1043 17.05 -11.51 -7.57
N LEU C 1044 16.23 -12.56 -7.59
CA LEU C 1044 14.80 -12.37 -7.80
C LEU C 1044 14.18 -11.49 -6.74
N GLU C 1045 14.61 -11.65 -5.49
CA GLU C 1045 14.07 -10.84 -4.41
C GLU C 1045 14.80 -9.52 -4.26
N GLN C 1046 16.07 -9.45 -4.66
CA GLN C 1046 16.76 -8.17 -4.58
C GLN C 1046 16.16 -7.18 -5.56
N ASP C 1047 15.57 -7.65 -6.65
CA ASP C 1047 14.87 -6.72 -7.52
C ASP C 1047 13.75 -6.01 -6.77
N ALA C 1048 12.95 -6.77 -6.02
CA ALA C 1048 11.85 -6.16 -5.26
C ALA C 1048 12.37 -5.24 -4.17
N GLN C 1049 13.43 -5.65 -3.47
CA GLN C 1049 13.96 -4.80 -2.40
C GLN C 1049 14.48 -3.49 -2.96
N ILE C 1050 15.30 -3.56 -4.01
CA ILE C 1050 15.85 -2.37 -4.61
C ILE C 1050 14.75 -1.49 -5.17
N ASP C 1051 13.68 -2.10 -5.67
CA ASP C 1051 12.54 -1.30 -6.12
C ASP C 1051 11.92 -0.53 -4.96
N ARG C 1052 11.79 -1.17 -3.80
CA ARG C 1052 11.26 -0.45 -2.64
C ARG C 1052 12.13 0.75 -2.31
N LEU C 1053 13.44 0.55 -2.27
CA LEU C 1053 14.34 1.67 -1.96
C LEU C 1053 14.24 2.77 -3.01
N ILE C 1054 14.16 2.39 -4.29
CA ILE C 1054 14.11 3.37 -5.36
C ILE C 1054 12.87 4.23 -5.20
N ASN C 1055 11.71 3.60 -4.98
CA ASN C 1055 10.49 4.37 -4.85
C ASN C 1055 10.55 5.29 -3.64
N GLY C 1056 11.05 4.79 -2.51
CA GLY C 1056 11.14 5.65 -1.34
C GLY C 1056 11.99 6.87 -1.58
N ARG C 1057 13.19 6.67 -2.14
CA ARG C 1057 14.10 7.78 -2.34
C ARG C 1057 13.55 8.76 -3.35
N LEU C 1058 12.91 8.27 -4.41
CA LEU C 1058 12.33 9.18 -5.39
C LEU C 1058 11.23 10.03 -4.75
N THR C 1059 10.41 9.44 -3.89
CA THR C 1059 9.36 10.22 -3.26
C THR C 1059 9.93 11.31 -2.36
N THR C 1060 10.93 10.96 -1.53
CA THR C 1060 11.51 12.00 -0.68
C THR C 1060 12.12 13.10 -1.50
N LEU C 1061 12.73 12.74 -2.63
CA LEU C 1061 13.42 13.74 -3.42
C LEU C 1061 12.41 14.67 -4.10
N ASN C 1062 11.28 14.13 -4.53
CA ASN C 1062 10.20 14.97 -5.05
C ASN C 1062 9.67 15.92 -3.98
N ALA C 1063 9.54 15.43 -2.75
CA ALA C 1063 9.09 16.32 -1.67
C ALA C 1063 10.08 17.45 -1.47
N PHE C 1064 11.37 17.14 -1.49
CA PHE C 1064 12.40 18.16 -1.40
C PHE C 1064 12.21 19.22 -2.48
N VAL C 1065 12.00 18.80 -3.72
CA VAL C 1065 11.85 19.75 -4.81
C VAL C 1065 10.65 20.65 -4.56
N ALA C 1066 9.55 20.07 -4.12
CA ALA C 1066 8.34 20.87 -3.89
C ALA C 1066 8.57 21.94 -2.84
N GLN C 1067 9.18 21.57 -1.71
CA GLN C 1067 9.37 22.58 -0.69
C GLN C 1067 10.36 23.63 -1.14
N GLN C 1068 11.36 23.25 -1.96
CA GLN C 1068 12.28 24.26 -2.48
C GLN C 1068 11.55 25.26 -3.35
N LEU C 1069 10.62 24.78 -4.18
CA LEU C 1069 9.86 25.71 -5.02
C LEU C 1069 9.08 26.70 -4.16
N VAL C 1070 8.41 26.19 -3.13
CA VAL C 1070 7.63 27.08 -2.26
C VAL C 1070 8.52 28.12 -1.61
N ARG C 1071 9.64 27.67 -1.05
CA ARG C 1071 10.49 28.57 -0.29
C ARG C 1071 11.16 29.58 -1.20
N SER C 1072 11.46 29.19 -2.44
CA SER C 1072 11.99 30.13 -3.41
C SER C 1072 10.99 31.22 -3.75
N GLU C 1073 9.72 30.86 -3.91
CA GLU C 1073 8.72 31.90 -4.17
C GLU C 1073 8.64 32.89 -3.01
N SER C 1074 8.66 32.38 -1.79
CA SER C 1074 8.66 33.27 -0.63
C SER C 1074 9.83 34.23 -0.68
N ALA C 1075 11.02 33.72 -1.00
CA ALA C 1075 12.19 34.59 -1.04
C ALA C 1075 12.08 35.63 -2.14
N ALA C 1076 11.45 35.30 -3.26
CA ALA C 1076 11.30 36.29 -4.32
C ALA C 1076 10.41 37.44 -3.88
N LEU C 1077 9.31 37.13 -3.21
CA LEU C 1077 8.46 38.21 -2.70
C LEU C 1077 9.21 39.04 -1.67
N SER C 1078 9.98 38.40 -0.81
CA SER C 1078 10.77 39.16 0.15
C SER C 1078 11.77 40.07 -0.55
N ALA C 1079 12.34 39.61 -1.66
CA ALA C 1079 13.29 40.44 -2.38
C ALA C 1079 12.63 41.69 -2.93
N GLN C 1080 11.41 41.54 -3.44
CA GLN C 1080 10.69 42.74 -3.87
C GLN C 1080 10.46 43.68 -2.70
N LEU C 1081 10.12 43.13 -1.54
CA LEU C 1081 9.94 43.99 -0.37
C LEU C 1081 11.22 44.73 -0.02
N ALA C 1082 12.36 44.04 -0.09
CA ALA C 1082 13.63 44.68 0.22
C ALA C 1082 13.96 45.79 -0.76
N LYS C 1083 13.64 45.56 -2.03
CA LYS C 1083 13.82 46.62 -3.02
C LYS C 1083 13.02 47.85 -2.63
N ASP C 1084 11.77 47.64 -2.22
CA ASP C 1084 10.94 48.77 -1.78
C ASP C 1084 11.53 49.46 -0.56
N LYS C 1085 12.03 48.69 0.41
CA LYS C 1085 12.59 49.29 1.61
C LYS C 1085 13.83 50.11 1.27
N VAL C 1086 14.66 49.62 0.36
CA VAL C 1086 15.85 50.38 -0.02
C VAL C 1086 15.46 51.69 -0.68
N ASN C 1087 14.52 51.62 -1.63
CA ASN C 1087 14.14 52.85 -2.31
C ASN C 1087 13.42 53.82 -1.39
N GLU C 1088 12.72 53.32 -0.38
CA GLU C 1088 11.87 54.16 0.46
C GLU C 1088 12.55 54.68 1.70
N CYS C 1089 13.36 53.86 2.36
CA CYS C 1089 13.93 54.17 3.66
C CYS C 1089 15.37 54.64 3.58
N VAL C 1090 16.11 54.22 2.56
CA VAL C 1090 17.54 54.46 2.48
C VAL C 1090 17.86 55.59 1.51
N LYS C 1091 17.14 55.69 0.41
CA LYS C 1091 17.34 56.77 -0.54
C LYS C 1091 16.57 58.02 -0.18
N ALA C 1092 15.79 57.99 0.91
CA ALA C 1092 15.05 59.20 1.36
C ALA C 1092 14.32 58.91 2.67
N GLN C 1093 14.16 59.93 3.52
CA GLN C 1093 13.41 59.75 4.78
C GLN C 1093 11.91 59.63 4.45
N SER C 1094 11.32 60.70 3.89
CA SER C 1094 9.89 60.71 3.48
C SER C 1094 9.00 60.83 4.73
N LYS C 1095 7.68 60.80 4.53
CA LYS C 1095 6.74 60.86 5.68
C LYS C 1095 5.76 59.68 5.53
N ARG C 1096 6.25 58.46 5.78
CA ARG C 1096 5.39 57.27 5.58
C ARG C 1096 4.61 56.96 6.86
N SER C 1097 4.58 55.69 7.28
CA SER C 1097 3.75 55.28 8.43
C SER C 1097 4.10 53.86 8.84
N GLY C 1098 3.74 52.87 8.00
CA GLY C 1098 4.02 51.46 8.31
C GLY C 1098 5.27 50.94 7.62
N PHE C 1099 5.94 51.79 6.84
CA PHE C 1099 7.13 51.33 6.08
C PHE C 1099 8.34 51.24 7.01
N CYS C 1100 8.99 52.38 7.27
CA CYS C 1100 10.23 52.35 8.09
C CYS C 1100 9.70 52.46 9.53
N GLY C 1101 9.65 51.34 10.26
CA GLY C 1101 9.00 51.31 11.58
C GLY C 1101 9.80 51.85 12.75
N GLN C 1102 9.14 52.08 13.89
CA GLN C 1102 9.82 52.50 15.15
C GLN C 1102 10.21 53.98 15.17
N GLY C 1103 9.24 54.87 15.43
CA GLY C 1103 9.57 56.30 15.61
C GLY C 1103 9.59 57.09 14.31
N THR C 1104 9.77 58.40 14.41
CA THR C 1104 9.83 59.26 13.23
C THR C 1104 11.13 58.99 12.48
N HIS C 1105 11.02 58.45 11.28
CA HIS C 1105 12.20 58.03 10.53
C HIS C 1105 13.08 59.22 10.18
N ILE C 1106 14.38 59.08 10.42
CA ILE C 1106 15.36 60.11 10.09
C ILE C 1106 16.29 59.64 8.98
N VAL C 1107 16.96 58.51 9.19
CA VAL C 1107 17.92 57.99 8.23
C VAL C 1107 17.98 56.49 8.42
N SER C 1108 18.44 55.78 7.39
CA SER C 1108 18.48 54.33 7.45
C SER C 1108 19.68 53.82 6.69
N PHE C 1109 20.26 52.71 7.16
CA PHE C 1109 21.44 52.12 6.56
C PHE C 1109 21.18 50.65 6.25
N VAL C 1110 21.98 50.10 5.33
CA VAL C 1110 21.82 48.72 4.88
C VAL C 1110 23.18 48.06 4.83
N VAL C 1111 23.26 46.80 5.29
CA VAL C 1111 24.43 45.97 5.10
C VAL C 1111 23.97 44.58 4.64
N ASN C 1112 24.89 43.84 4.05
CA ASN C 1112 24.62 42.47 3.68
C ASN C 1112 24.60 41.56 4.89
N ALA C 1113 23.78 40.54 4.83
CA ALA C 1113 23.72 39.50 5.84
C ALA C 1113 23.40 38.18 5.16
N PRO C 1114 23.61 37.05 5.85
CA PRO C 1114 23.30 35.76 5.23
C PRO C 1114 21.92 35.71 4.60
N ASN C 1115 21.88 35.59 3.28
CA ASN C 1115 20.68 35.36 2.50
C ASN C 1115 19.75 36.56 2.43
N GLY C 1116 20.26 37.77 2.65
CA GLY C 1116 19.40 38.93 2.50
C GLY C 1116 20.11 40.19 2.93
N LEU C 1117 19.31 41.19 3.25
CA LEU C 1117 19.81 42.51 3.62
C LEU C 1117 19.39 42.81 5.05
N TYR C 1118 20.28 43.48 5.77
CA TYR C 1118 20.05 43.87 7.16
C TYR C 1118 19.89 45.37 7.23
N PHE C 1119 18.75 45.83 7.71
CA PHE C 1119 18.43 47.24 7.75
C PHE C 1119 18.58 47.78 9.16
N MET C 1120 18.99 49.03 9.25
CA MET C 1120 19.17 49.72 10.51
C MET C 1120 18.51 51.09 10.38
N HIS C 1121 17.28 51.21 10.85
CA HIS C 1121 16.54 52.45 10.75
C HIS C 1121 16.76 53.28 12.01
N VAL C 1122 17.09 54.55 11.82
CA VAL C 1122 17.26 55.48 12.93
C VAL C 1122 16.04 56.36 12.99
N GLY C 1123 15.38 56.39 14.15
CA GLY C 1123 14.19 57.19 14.34
C GLY C 1123 14.36 58.20 15.46
N TYR C 1124 13.36 59.06 15.56
CA TYR C 1124 13.30 60.11 16.56
C TYR C 1124 12.15 59.78 17.50
N TYR C 1125 12.40 59.96 18.79
CA TYR C 1125 11.49 59.61 19.89
C TYR C 1125 11.29 60.79 20.85
N PRO C 1126 10.05 61.14 21.18
CA PRO C 1126 9.82 62.31 22.03
C PRO C 1126 10.31 62.20 23.47
N SER C 1127 9.85 61.21 24.23
CA SER C 1127 10.41 60.86 25.53
C SER C 1127 10.11 61.75 26.73
N ASN C 1128 9.58 62.95 26.57
CA ASN C 1128 9.01 63.72 27.68
C ASN C 1128 7.95 64.65 27.14
N HIS C 1129 6.76 64.58 27.71
CA HIS C 1129 5.61 65.24 27.10
C HIS C 1129 5.03 66.17 28.14
N ILE C 1130 4.81 67.42 27.76
CA ILE C 1130 4.17 68.40 28.63
C ILE C 1130 2.99 68.99 27.89
N GLU C 1131 1.90 69.24 28.61
CA GLU C 1131 0.68 69.72 28.00
C GLU C 1131 0.63 71.23 28.14
N VAL C 1132 0.46 71.91 27.00
CA VAL C 1132 0.45 73.36 26.91
C VAL C 1132 -0.80 73.75 26.17
N VAL C 1133 -1.45 74.82 26.61
CA VAL C 1133 -2.60 75.33 25.88
C VAL C 1133 -2.13 76.10 24.65
N SER C 1134 -2.85 75.93 23.53
CA SER C 1134 -2.53 76.61 22.29
C SER C 1134 -3.81 77.01 21.59
N ALA C 1135 -3.67 77.89 20.59
CA ALA C 1135 -4.82 78.44 19.88
C ALA C 1135 -4.57 78.43 18.38
N TYR C 1136 -5.65 78.57 17.62
CA TYR C 1136 -5.61 78.60 16.16
C TYR C 1136 -5.55 80.04 15.68
N GLY C 1137 -4.44 80.45 15.14
CA GLY C 1137 -4.40 81.70 14.40
C GLY C 1137 -4.73 82.92 15.23
N LEU C 1138 -4.68 84.06 14.55
CA LEU C 1138 -4.89 85.35 15.19
C LEU C 1138 -5.67 86.22 14.22
N CYS C 1139 -6.35 87.24 14.74
CA CYS C 1139 -7.10 88.18 13.92
C CYS C 1139 -6.84 89.59 14.42
N ASP C 1140 -5.85 90.30 13.86
CA ASP C 1140 -5.54 91.59 14.45
C ASP C 1140 -6.56 92.64 13.99
N ALA C 1141 -6.33 93.28 12.83
CA ALA C 1141 -7.37 94.15 12.28
C ALA C 1141 -7.81 93.81 10.86
N ALA C 1142 -6.95 94.09 9.86
CA ALA C 1142 -7.38 93.93 8.46
C ALA C 1142 -6.44 92.99 7.70
N ASN C 1143 -6.97 91.92 7.09
CA ASN C 1143 -6.13 90.90 6.41
C ASN C 1143 -5.04 90.43 7.38
N PRO C 1144 -5.31 90.18 8.69
CA PRO C 1144 -4.26 89.86 9.65
C PRO C 1144 -4.27 88.40 10.11
N THR C 1145 -5.10 87.56 9.48
CA THR C 1145 -5.25 86.16 9.93
C THR C 1145 -3.91 85.43 9.76
N ASN C 1146 -3.48 84.67 10.77
CA ASN C 1146 -2.17 83.98 10.73
C ASN C 1146 -2.40 82.47 10.88
N CYS C 1147 -1.74 81.67 10.04
CA CYS C 1147 -1.87 80.19 10.15
C CYS C 1147 -1.06 79.75 11.38
N ILE C 1148 -1.36 78.57 11.92
CA ILE C 1148 -0.68 78.13 13.17
C ILE C 1148 0.81 78.10 12.89
N ALA C 1149 1.25 77.56 11.74
CA ALA C 1149 2.67 77.43 11.30
C ALA C 1149 2.75 76.10 10.57
N PRO C 1150 3.92 75.60 10.09
CA PRO C 1150 4.00 74.24 9.52
C PRO C 1150 3.56 73.30 10.64
N VAL C 1151 3.81 73.46 11.83
CA VAL C 1151 3.29 72.60 12.94
C VAL C 1151 2.39 73.53 13.77
N ASN C 1152 1.57 73.07 14.63
CA ASN C 1152 0.52 73.89 15.28
C ASN C 1152 1.12 74.99 16.19
N GLY C 1153 2.06 74.65 17.08
CA GLY C 1153 2.72 75.71 17.88
C GLY C 1153 1.72 76.65 18.53
N TYR C 1154 1.94 77.96 18.38
CA TYR C 1154 0.98 78.98 18.90
C TYR C 1154 0.68 78.78 20.38
N PHE C 1155 1.71 78.56 21.20
CA PHE C 1155 1.53 78.37 22.66
C PHE C 1155 1.11 79.69 23.30
N ILE C 1156 0.46 79.63 24.46
CA ILE C 1156 -0.03 80.85 25.17
C ILE C 1156 1.17 81.60 25.79
N LYS C 1157 1.04 82.92 25.97
CA LYS C 1157 2.11 83.84 26.48
C LYS C 1157 2.14 85.09 25.57
N THR C 1158 2.83 85.01 24.43
CA THR C 1158 3.01 86.18 23.49
C THR C 1158 2.71 85.74 22.06
N ASN C 1159 1.61 85.02 21.83
CA ASN C 1159 1.20 84.48 20.50
C ASN C 1159 2.42 83.77 19.90
N ASN C 1160 3.42 83.50 20.73
CA ASN C 1160 4.69 82.89 20.25
C ASN C 1160 4.42 81.50 19.65
N THR C 1161 5.02 81.19 18.50
CA THR C 1161 4.78 79.89 17.83
C THR C 1161 5.89 78.90 18.20
N ARG C 1162 5.59 77.60 18.16
CA ARG C 1162 6.61 76.60 18.58
C ARG C 1162 6.70 75.45 17.60
N ILE C 1163 7.86 74.82 17.50
CA ILE C 1163 8.06 73.63 16.63
C ILE C 1163 7.71 72.38 17.45
N VAL C 1164 7.97 71.18 16.91
CA VAL C 1164 7.59 69.91 17.60
C VAL C 1164 8.31 69.75 18.95
N ASP C 1165 9.52 70.31 19.12
CA ASP C 1165 10.29 70.05 20.36
C ASP C 1165 10.40 71.28 21.27
N GLU C 1166 10.18 71.11 22.59
CA GLU C 1166 10.37 72.20 23.61
C GLU C 1166 9.21 73.19 23.73
N TRP C 1167 9.33 74.16 24.65
CA TRP C 1167 8.27 75.18 24.89
C TRP C 1167 8.36 76.31 23.86
N SER C 1168 7.36 77.19 23.78
CA SER C 1168 7.30 78.22 22.71
C SER C 1168 8.50 79.17 22.69
N TYR C 1169 8.92 79.56 21.48
CA TYR C 1169 10.06 80.50 21.31
C TYR C 1169 9.56 81.62 20.40
N THR C 1170 10.21 82.79 20.38
CA THR C 1170 9.69 83.94 19.60
C THR C 1170 9.56 83.55 18.12
N GLY C 1171 8.45 83.92 17.49
CA GLY C 1171 8.22 83.57 16.07
C GLY C 1171 8.03 84.79 15.20
N SER C 1172 8.67 84.83 14.03
CA SER C 1172 8.59 86.02 13.13
C SER C 1172 8.21 85.57 11.71
N SER C 1173 6.92 85.26 11.49
CA SER C 1173 6.43 84.84 10.15
C SER C 1173 7.20 83.62 9.63
N PHE C 1174 8.04 83.02 10.47
CA PHE C 1174 8.93 81.98 9.90
C PHE C 1174 8.14 80.70 9.99
N TYR C 1175 6.96 80.86 10.57
CA TYR C 1175 6.09 79.70 10.76
C TYR C 1175 4.72 80.05 10.19
N ALA C 1176 4.19 81.22 10.56
CA ALA C 1176 2.80 81.60 10.22
C ALA C 1176 2.63 82.32 8.87
N PRO C 1177 1.94 81.75 7.83
CA PRO C 1177 1.61 82.50 6.62
C PRO C 1177 0.32 83.28 6.92
N GLU C 1178 -0.64 83.31 6.00
CA GLU C 1178 -1.85 84.11 6.19
C GLU C 1178 -3.08 83.51 5.54
N PRO C 1179 -3.98 82.86 6.31
CA PRO C 1179 -5.24 82.37 5.75
C PRO C 1179 -6.39 83.35 5.91
N ILE C 1180 -7.58 82.90 5.54
CA ILE C 1180 -8.81 83.61 5.80
C ILE C 1180 -9.28 83.30 7.22
N THR C 1181 -10.23 84.07 7.72
CA THR C 1181 -10.64 84.02 9.12
C THR C 1181 -11.43 82.74 9.42
N SER C 1182 -11.56 82.46 10.72
CA SER C 1182 -12.45 81.42 11.22
C SER C 1182 -12.99 81.88 12.57
N LEU C 1183 -13.74 80.99 13.23
CA LEU C 1183 -14.65 81.39 14.29
C LEU C 1183 -13.92 81.92 15.52
N ASN C 1184 -14.73 82.46 16.44
CA ASN C 1184 -14.32 83.02 17.73
C ASN C 1184 -13.39 84.20 17.56
N THR C 1185 -13.89 85.26 16.92
CA THR C 1185 -13.07 86.32 16.35
C THR C 1185 -12.08 86.89 17.36
N LYS C 1186 -10.96 87.41 16.85
CA LYS C 1186 -9.65 87.60 17.46
C LYS C 1186 -8.88 86.27 17.53
N TYR C 1187 -9.51 85.14 17.20
CA TYR C 1187 -8.85 83.88 16.91
C TYR C 1187 -9.39 83.30 15.62
N VAL C 1188 -8.61 82.41 15.03
CA VAL C 1188 -9.03 81.65 13.86
C VAL C 1188 -9.68 80.40 14.43
N ALA C 1189 -10.01 80.46 15.72
CA ALA C 1189 -10.67 79.36 16.40
C ALA C 1189 -12.01 79.02 15.75
N ASP D 1 -68.48 -25.15 -22.53
CA ASP D 1 -69.36 -24.41 -23.45
C ASP D 1 -70.65 -25.21 -23.69
N ILE D 2 -71.81 -24.57 -23.55
CA ILE D 2 -73.11 -25.26 -23.76
C ILE D 2 -73.19 -25.70 -25.23
N VAL D 3 -73.63 -26.93 -25.48
CA VAL D 3 -73.81 -27.41 -26.88
C VAL D 3 -75.28 -27.80 -27.07
N MET D 4 -75.92 -27.26 -28.11
CA MET D 4 -77.37 -27.52 -28.29
C MET D 4 -77.63 -28.22 -29.64
N THR D 5 -78.40 -29.30 -29.62
CA THR D 5 -78.74 -30.04 -30.87
C THR D 5 -80.25 -29.92 -31.11
N GLN D 6 -80.65 -29.56 -32.33
CA GLN D 6 -82.10 -29.36 -32.62
C GLN D 6 -82.73 -30.72 -32.94
N THR D 7 -83.84 -31.06 -32.27
CA THR D 7 -84.54 -32.36 -32.48
C THR D 7 -84.89 -32.56 -33.96
N PRO D 8 -85.47 -33.71 -34.43
CA PRO D 8 -85.62 -33.98 -35.87
C PRO D 8 -85.40 -32.75 -36.77
N SER D 9 -84.20 -32.66 -37.36
CA SER D 9 -83.85 -31.48 -38.19
C SER D 9 -84.55 -31.54 -39.53
N SER D 10 -85.10 -32.71 -39.88
CA SER D 10 -85.88 -32.79 -41.15
C SER D 10 -87.33 -33.20 -40.87
N LEU D 11 -88.29 -32.37 -41.27
CA LEU D 11 -89.73 -32.72 -41.12
C LEU D 11 -90.54 -32.12 -42.27
N SER D 12 -91.69 -32.71 -42.60
CA SER D 12 -92.57 -32.12 -43.64
C SER D 12 -93.94 -31.82 -43.03
N ALA D 13 -94.38 -30.56 -43.09
CA ALA D 13 -95.73 -30.20 -42.59
C ALA D 13 -96.48 -29.37 -43.64
N SER D 14 -97.73 -29.72 -43.94
CA SER D 14 -98.53 -29.00 -44.96
C SER D 14 -99.04 -27.68 -44.37
N VAL D 15 -99.54 -26.78 -45.23
CA VAL D 15 -100.08 -25.47 -44.76
C VAL D 15 -101.26 -25.72 -43.82
N GLY D 16 -101.39 -24.90 -42.77
CA GLY D 16 -102.50 -25.06 -41.82
C GLY D 16 -102.22 -26.12 -40.76
N ASP D 17 -100.98 -26.60 -40.66
CA ASP D 17 -100.64 -27.67 -39.69
C ASP D 17 -99.87 -27.08 -38.50
N ARG D 18 -100.29 -27.41 -37.28
CA ARG D 18 -99.54 -26.94 -36.08
C ARG D 18 -98.15 -27.57 -36.09
N VAL D 19 -97.10 -26.78 -35.86
CA VAL D 19 -95.70 -27.31 -35.91
C VAL D 19 -94.98 -26.96 -34.61
N THR D 20 -94.33 -27.94 -33.97
CA THR D 20 -93.53 -27.66 -32.75
C THR D 20 -92.07 -28.04 -33.05
N ILE D 21 -91.13 -27.12 -32.82
CA ILE D 21 -89.69 -27.48 -33.00
C ILE D 21 -89.02 -27.55 -31.62
N THR D 22 -88.31 -28.64 -31.33
CA THR D 22 -87.73 -28.85 -29.98
C THR D 22 -86.22 -28.60 -30.00
N CYS D 23 -85.71 -27.83 -29.03
CA CYS D 23 -84.24 -27.61 -28.93
C CYS D 23 -83.76 -28.18 -27.59
N ARG D 24 -82.67 -28.98 -27.62
CA ARG D 24 -82.19 -29.65 -26.38
C ARG D 24 -80.95 -28.90 -25.86
N ALA D 25 -80.95 -28.54 -24.58
CA ALA D 25 -79.81 -27.78 -24.00
C ALA D 25 -78.92 -28.71 -23.17
N SER D 26 -77.60 -28.59 -23.33
CA SER D 26 -76.67 -29.41 -22.57
C SER D 26 -76.67 -29.10 -21.09
N GLU D 27 -77.22 -27.97 -20.68
CA GLU D 27 -77.33 -27.66 -19.26
C GLU D 27 -78.38 -26.58 -19.08
N ASP D 28 -78.67 -26.26 -17.81
CA ASP D 28 -79.78 -25.32 -17.46
C ASP D 28 -79.65 -23.93 -18.12
N ILE D 29 -80.61 -23.57 -18.97
CA ILE D 29 -80.67 -22.18 -19.55
C ILE D 29 -82.12 -21.73 -19.36
N THR D 30 -82.55 -21.49 -18.12
CA THR D 30 -84.00 -21.24 -17.85
C THR D 30 -84.58 -20.04 -18.59
N SER D 31 -83.90 -18.89 -18.60
CA SER D 31 -84.53 -17.68 -19.21
C SER D 31 -83.76 -17.21 -20.44
N TYR D 32 -82.92 -18.06 -21.04
CA TYR D 32 -82.09 -17.55 -22.15
C TYR D 32 -82.09 -18.43 -23.40
N LEU D 33 -83.03 -18.19 -24.32
CA LEU D 33 -83.04 -18.88 -25.60
C LEU D 33 -83.68 -17.98 -26.64
N ASN D 34 -83.12 -18.03 -27.85
CA ASN D 34 -83.57 -17.21 -28.97
C ASN D 34 -83.93 -18.11 -30.12
N TRP D 35 -85.06 -17.82 -30.74
CA TRP D 35 -85.54 -18.53 -31.92
C TRP D 35 -85.35 -17.61 -33.11
N TYR D 36 -84.55 -18.07 -34.07
CA TYR D 36 -84.18 -17.31 -35.25
C TYR D 36 -84.72 -18.00 -36.49
N GLN D 37 -85.25 -17.21 -37.44
CA GLN D 37 -85.77 -17.79 -38.71
C GLN D 37 -84.79 -17.46 -39.84
N LEU D 38 -84.10 -18.47 -40.37
CA LEU D 38 -83.09 -18.24 -41.44
C LEU D 38 -83.73 -18.50 -42.80
N LYS D 39 -83.67 -17.52 -43.71
CA LYS D 39 -84.19 -17.72 -45.09
C LYS D 39 -82.98 -17.60 -46.03
N PRO D 40 -82.79 -18.51 -47.01
CA PRO D 40 -81.60 -18.48 -47.86
C PRO D 40 -81.50 -17.16 -48.64
N GLY D 41 -80.30 -16.56 -48.66
CA GLY D 41 -80.10 -15.29 -49.38
C GLY D 41 -80.60 -14.09 -48.59
N LYS D 42 -81.04 -14.31 -47.34
CA LYS D 42 -81.62 -13.21 -46.52
C LYS D 42 -81.02 -13.25 -45.11
N ALA D 43 -80.99 -12.10 -44.43
CA ALA D 43 -80.49 -12.04 -43.04
C ALA D 43 -81.43 -12.86 -42.14
N PRO D 44 -80.92 -13.60 -41.13
CA PRO D 44 -81.78 -14.35 -40.22
C PRO D 44 -82.73 -13.43 -39.44
N MET D 45 -84.02 -13.80 -39.37
CA MET D 45 -85.03 -12.99 -38.65
C MET D 45 -84.99 -13.27 -37.14
N PHE D 46 -85.51 -12.36 -36.33
CA PHE D 46 -85.59 -12.61 -34.86
C PHE D 46 -87.06 -12.92 -34.55
N LEU D 47 -87.33 -14.11 -33.99
CA LEU D 47 -88.75 -14.49 -33.76
C LEU D 47 -89.09 -14.43 -32.26
N ILE D 48 -88.29 -15.07 -31.41
CA ILE D 48 -88.62 -15.14 -29.95
C ILE D 48 -87.38 -14.75 -29.14
N TYR D 49 -87.54 -13.92 -28.10
CA TYR D 49 -86.40 -13.60 -27.20
C TYR D 49 -86.70 -14.15 -25.80
N ALA D 50 -85.76 -14.91 -25.21
CA ALA D 50 -85.92 -15.52 -23.86
C ALA D 50 -86.79 -16.78 -23.97
N ALA D 51 -87.23 -17.13 -25.20
CA ALA D 51 -88.05 -18.34 -25.46
C ALA D 51 -89.47 -18.14 -24.92
N SER D 52 -89.80 -16.94 -24.44
CA SER D 52 -91.14 -16.68 -23.86
C SER D 52 -91.79 -15.43 -24.46
N SER D 53 -91.07 -14.69 -25.32
CA SER D 53 -91.66 -13.41 -25.81
C SER D 53 -91.49 -13.21 -27.32
N LEU D 54 -92.66 -12.89 -27.98
CA LEU D 54 -92.67 -12.69 -29.45
C LEU D 54 -91.94 -11.41 -29.84
N GLN D 55 -90.88 -11.54 -30.74
CA GLN D 55 -90.29 -10.31 -31.24
C GLN D 55 -91.34 -9.49 -31.99
N SER D 56 -91.28 -8.17 -31.84
CA SER D 56 -92.21 -7.30 -32.54
C SER D 56 -92.06 -7.45 -34.05
N GLY D 57 -93.17 -7.35 -34.76
CA GLY D 57 -93.16 -7.58 -36.19
C GLY D 57 -93.23 -9.03 -36.60
N VAL D 58 -93.63 -9.91 -35.68
CA VAL D 58 -93.71 -11.34 -35.96
C VAL D 58 -95.17 -11.78 -35.79
N PRO D 59 -95.71 -12.60 -36.67
CA PRO D 59 -97.09 -13.05 -36.50
C PRO D 59 -97.28 -13.82 -35.21
N SER D 60 -98.46 -13.67 -34.61
CA SER D 60 -98.78 -14.38 -33.38
C SER D 60 -98.89 -15.88 -33.59
N ARG D 61 -98.93 -16.34 -34.84
CA ARG D 61 -98.87 -17.77 -35.12
C ARG D 61 -97.61 -18.41 -34.53
N PHE D 62 -96.54 -17.64 -34.37
CA PHE D 62 -95.37 -18.11 -33.65
C PHE D 62 -95.56 -17.91 -32.15
N SER D 63 -95.26 -18.95 -31.38
CA SER D 63 -95.35 -18.92 -29.93
C SER D 63 -94.13 -19.58 -29.35
N GLY D 64 -93.61 -19.04 -28.25
CA GLY D 64 -92.48 -19.61 -27.56
C GLY D 64 -92.91 -20.31 -26.29
N SER D 65 -92.39 -21.52 -26.08
CA SER D 65 -92.67 -22.28 -24.87
C SER D 65 -91.38 -22.89 -24.38
N GLY D 66 -91.28 -23.07 -23.06
CA GLY D 66 -90.19 -23.81 -22.47
C GLY D 66 -89.49 -23.04 -21.38
N SER D 67 -88.64 -23.78 -20.67
CA SER D 67 -87.77 -23.24 -19.65
C SER D 67 -86.73 -24.30 -19.33
N GLY D 68 -85.82 -23.99 -18.41
CA GLY D 68 -84.83 -24.96 -18.02
C GLY D 68 -84.03 -25.48 -19.20
N THR D 69 -84.33 -26.72 -19.62
CA THR D 69 -83.70 -27.31 -20.80
C THR D 69 -84.70 -27.79 -21.84
N ASP D 70 -86.00 -27.59 -21.60
CA ASP D 70 -87.04 -28.11 -22.52
C ASP D 70 -87.71 -26.95 -23.25
N PHE D 71 -87.31 -26.66 -24.49
CA PHE D 71 -87.86 -25.49 -25.22
C PHE D 71 -88.52 -25.91 -26.53
N THR D 72 -89.74 -25.43 -26.78
CA THR D 72 -90.45 -25.74 -28.05
C THR D 72 -90.94 -24.45 -28.71
N LEU D 73 -90.72 -24.28 -30.02
CA LEU D 73 -91.29 -23.10 -30.74
C LEU D 73 -92.52 -23.60 -31.50
N THR D 74 -93.68 -22.98 -31.31
CA THR D 74 -94.92 -23.51 -31.92
C THR D 74 -95.46 -22.57 -33.00
N ILE D 75 -95.73 -23.10 -34.19
CA ILE D 75 -96.36 -22.27 -35.28
C ILE D 75 -97.77 -22.81 -35.51
N SER D 76 -98.80 -21.98 -35.30
CA SER D 76 -100.20 -22.46 -35.42
C SER D 76 -100.53 -22.88 -36.85
N SER D 77 -100.16 -22.07 -37.84
CA SER D 77 -100.48 -22.38 -39.26
C SER D 77 -99.22 -22.17 -40.12
N LEU D 78 -98.89 -23.14 -40.97
CA LEU D 78 -97.74 -22.97 -41.89
C LEU D 78 -98.14 -22.07 -43.07
N GLN D 79 -97.21 -21.24 -43.55
CA GLN D 79 -97.49 -20.29 -44.66
C GLN D 79 -96.34 -20.38 -45.66
N PRO D 80 -96.48 -19.94 -46.94
CA PRO D 80 -95.41 -20.10 -47.91
C PRO D 80 -94.12 -19.40 -47.43
N GLU D 81 -94.21 -18.24 -46.86
CA GLU D 81 -92.99 -17.54 -46.34
C GLU D 81 -92.52 -18.25 -45.08
N ASP D 82 -93.45 -18.89 -44.32
CA ASP D 82 -93.04 -19.55 -43.06
C ASP D 82 -91.98 -20.64 -43.29
N PHE D 83 -92.08 -21.41 -44.37
CA PHE D 83 -91.11 -22.52 -44.52
C PHE D 83 -89.72 -21.89 -44.58
N ALA D 84 -88.85 -22.27 -43.64
CA ALA D 84 -87.49 -21.66 -43.55
C ALA D 84 -86.65 -22.46 -42.56
N THR D 85 -85.35 -22.16 -42.45
CA THR D 85 -84.51 -22.82 -41.42
C THR D 85 -84.82 -22.16 -40.07
N TYR D 86 -84.89 -22.95 -38.99
CA TYR D 86 -85.11 -22.40 -37.67
C TYR D 86 -83.95 -22.76 -36.75
N TYR D 87 -83.50 -21.79 -35.96
CA TYR D 87 -82.33 -21.94 -35.10
C TYR D 87 -82.66 -21.58 -33.66
N CYS D 88 -82.06 -22.32 -32.73
CA CYS D 88 -82.13 -22.03 -31.31
C CYS D 88 -80.75 -21.64 -30.82
N GLN D 89 -80.65 -20.46 -30.19
CA GLN D 89 -79.38 -19.92 -29.72
C GLN D 89 -79.50 -19.55 -28.25
N GLN D 90 -78.57 -20.02 -27.43
CA GLN D 90 -78.62 -19.71 -26.00
C GLN D 90 -77.99 -18.37 -25.71
N SER D 91 -78.66 -17.59 -24.86
CA SER D 91 -78.15 -16.31 -24.39
C SER D 91 -77.66 -16.40 -22.95
N TYR D 92 -77.43 -17.62 -22.45
CA TYR D 92 -77.19 -17.80 -21.02
C TYR D 92 -75.73 -17.53 -20.65
N SER D 93 -74.84 -18.38 -21.18
CA SER D 93 -73.38 -18.14 -20.98
C SER D 93 -72.97 -17.06 -21.97
N THR D 94 -71.90 -16.33 -21.68
CA THR D 94 -71.52 -15.18 -22.54
C THR D 94 -71.19 -15.61 -23.98
N PRO D 95 -70.47 -16.74 -24.27
CA PRO D 95 -70.27 -17.14 -25.65
C PRO D 95 -71.54 -17.81 -26.20
N PRO D 96 -72.19 -17.22 -27.23
CA PRO D 96 -73.42 -17.78 -27.80
C PRO D 96 -73.25 -19.11 -28.52
N THR D 97 -74.24 -20.01 -28.40
CA THR D 97 -74.20 -21.30 -29.14
C THR D 97 -75.52 -21.44 -29.90
N PHE D 98 -75.49 -21.93 -31.14
CA PHE D 98 -76.70 -22.06 -31.94
C PHE D 98 -77.09 -23.51 -32.13
N GLY D 99 -78.37 -23.73 -32.41
CA GLY D 99 -78.88 -25.05 -32.69
C GLY D 99 -78.59 -25.51 -34.11
N GLY D 100 -78.88 -26.79 -34.36
CA GLY D 100 -78.52 -27.40 -35.63
C GLY D 100 -79.27 -26.78 -36.81
N GLY D 101 -80.59 -26.62 -36.67
CA GLY D 101 -81.41 -26.14 -37.76
C GLY D 101 -82.49 -27.12 -38.17
N THR D 102 -83.61 -26.62 -38.68
CA THR D 102 -84.74 -27.46 -39.05
C THR D 102 -85.26 -27.04 -40.42
N LYS D 103 -85.47 -28.01 -41.30
CA LYS D 103 -86.01 -27.75 -42.63
C LYS D 103 -87.48 -28.10 -42.67
N VAL D 104 -88.24 -27.30 -43.42
CA VAL D 104 -89.69 -27.41 -43.49
C VAL D 104 -90.05 -27.78 -44.93
N GLU D 105 -90.89 -28.81 -45.05
CA GLU D 105 -91.35 -29.24 -46.39
C GLU D 105 -92.87 -29.40 -46.38
N ILE D 106 -93.47 -29.68 -47.52
CA ILE D 106 -94.91 -29.87 -47.69
C ILE D 106 -95.13 -31.21 -48.37
N LYS D 107 -96.32 -31.79 -48.15
CA LYS D 107 -96.73 -32.99 -48.85
C LYS D 107 -97.44 -32.66 -50.16
N ARG D 108 -97.07 -31.55 -50.80
CA ARG D 108 -97.88 -31.00 -51.88
C ARG D 108 -98.09 -32.03 -53.00
N THR D 109 -97.00 -32.61 -53.50
CA THR D 109 -97.07 -33.70 -54.46
C THR D 109 -96.00 -34.72 -54.11
N VAL D 110 -96.39 -35.97 -54.01
CA VAL D 110 -95.45 -37.08 -53.88
C VAL D 110 -95.24 -37.65 -55.27
N ALA D 111 -94.08 -37.41 -55.86
CA ALA D 111 -93.86 -37.72 -57.26
C ALA D 111 -92.59 -38.54 -57.42
N ALA D 112 -92.68 -39.55 -58.28
CA ALA D 112 -91.50 -40.31 -58.65
C ALA D 112 -90.60 -39.47 -59.57
N PRO D 113 -89.29 -39.66 -59.50
CA PRO D 113 -88.41 -38.92 -60.41
C PRO D 113 -88.55 -39.42 -61.83
N SER D 114 -88.53 -38.49 -62.79
CA SER D 114 -88.44 -38.83 -64.20
C SER D 114 -86.96 -38.83 -64.54
N VAL D 115 -86.44 -39.98 -64.95
CA VAL D 115 -85.00 -40.19 -65.06
C VAL D 115 -84.57 -40.03 -66.50
N PHE D 116 -83.53 -39.24 -66.71
CA PHE D 116 -82.92 -38.98 -68.00
C PHE D 116 -81.43 -39.24 -67.90
N ILE D 117 -80.80 -39.49 -69.05
CA ILE D 117 -79.36 -39.64 -69.13
C ILE D 117 -78.86 -38.89 -70.35
N PHE D 118 -77.75 -38.18 -70.20
CA PHE D 118 -77.19 -37.38 -71.29
C PHE D 118 -75.69 -37.62 -71.37
N PRO D 119 -75.20 -38.18 -72.49
CA PRO D 119 -73.77 -38.48 -72.62
C PRO D 119 -72.97 -37.24 -72.99
N PRO D 120 -71.64 -37.30 -72.92
CA PRO D 120 -70.82 -36.18 -73.40
C PRO D 120 -70.99 -35.94 -74.90
N SER D 121 -70.84 -34.68 -75.29
CA SER D 121 -70.96 -34.30 -76.69
C SER D 121 -69.64 -34.45 -77.43
N ASP D 122 -69.72 -34.51 -78.76
CA ASP D 122 -68.48 -34.59 -79.59
C ASP D 122 -67.54 -33.42 -79.27
N GLU D 123 -68.08 -32.23 -78.98
CA GLU D 123 -67.22 -31.09 -78.59
C GLU D 123 -66.53 -31.39 -77.26
N GLN D 124 -67.23 -32.05 -76.32
CA GLN D 124 -66.59 -32.44 -75.04
C GLN D 124 -65.52 -33.49 -75.32
N LEU D 125 -65.77 -34.38 -76.28
CA LEU D 125 -64.78 -35.44 -76.64
C LEU D 125 -63.51 -34.78 -77.20
N LYS D 126 -63.66 -33.76 -78.06
CA LYS D 126 -62.47 -33.03 -78.58
C LYS D 126 -61.78 -32.29 -77.42
N SER D 127 -62.56 -31.72 -76.49
CA SER D 127 -61.98 -30.92 -75.38
C SER D 127 -61.17 -31.83 -74.44
N GLY D 128 -61.63 -33.07 -74.23
CA GLY D 128 -60.89 -34.01 -73.36
C GLY D 128 -61.59 -34.21 -72.02
N THR D 129 -62.77 -33.62 -71.85
CA THR D 129 -63.57 -33.85 -70.60
C THR D 129 -64.84 -34.61 -70.97
N ALA D 130 -65.10 -35.76 -70.33
CA ALA D 130 -66.30 -36.57 -70.63
C ALA D 130 -67.24 -36.54 -69.42
N SER D 131 -68.53 -36.22 -69.63
CA SER D 131 -69.44 -36.08 -68.47
C SER D 131 -70.84 -36.62 -68.76
N VAL D 132 -71.21 -37.77 -68.17
CA VAL D 132 -72.57 -38.27 -68.31
C VAL D 132 -73.38 -37.73 -67.15
N VAL D 133 -74.56 -37.20 -67.46
CA VAL D 133 -75.41 -36.60 -66.44
C VAL D 133 -76.71 -37.39 -66.36
N CYS D 134 -77.04 -37.87 -65.17
CA CYS D 134 -78.31 -38.54 -64.91
C CYS D 134 -79.21 -37.56 -64.17
N LEU D 135 -80.33 -37.22 -64.78
CA LEU D 135 -81.21 -36.16 -64.30
C LEU D 135 -82.49 -36.78 -63.76
N LEU D 136 -82.82 -36.48 -62.51
CA LEU D 136 -84.06 -36.92 -61.88
C LEU D 136 -84.93 -35.69 -61.70
N ASN D 137 -86.07 -35.65 -62.38
CA ASN D 137 -86.89 -34.45 -62.40
C ASN D 137 -88.19 -34.67 -61.64
N ASN D 138 -88.62 -33.62 -60.95
CA ASN D 138 -89.92 -33.56 -60.30
C ASN D 138 -90.13 -34.75 -59.37
N PHE D 139 -89.26 -34.85 -58.36
CA PHE D 139 -89.30 -36.01 -57.42
C PHE D 139 -89.51 -35.54 -55.97
N TYR D 140 -90.51 -36.08 -55.26
CA TYR D 140 -90.85 -35.45 -53.96
C TYR D 140 -89.89 -35.65 -52.79
N PRO D 141 -90.04 -36.69 -51.94
CA PRO D 141 -89.27 -36.74 -50.71
C PRO D 141 -87.78 -36.60 -51.03
N ARG D 142 -87.14 -35.50 -50.63
CA ARG D 142 -85.72 -35.26 -51.01
C ARG D 142 -84.93 -36.56 -50.89
N GLU D 143 -85.29 -37.42 -49.92
CA GLU D 143 -84.59 -38.71 -49.71
C GLU D 143 -84.52 -39.49 -51.01
N ALA D 144 -83.33 -39.67 -51.57
CA ALA D 144 -83.13 -40.45 -52.78
C ALA D 144 -81.67 -40.91 -52.82
N LYS D 145 -81.44 -42.08 -53.41
CA LYS D 145 -80.09 -42.62 -53.50
C LYS D 145 -79.74 -42.89 -54.95
N VAL D 146 -78.60 -42.37 -55.38
CA VAL D 146 -78.14 -42.46 -56.76
C VAL D 146 -76.76 -43.09 -56.75
N GLN D 147 -76.53 -44.04 -57.65
CA GLN D 147 -75.20 -44.61 -57.83
C GLN D 147 -74.96 -44.86 -59.31
N TRP D 148 -73.70 -45.11 -59.65
CA TRP D 148 -73.28 -45.29 -61.03
C TRP D 148 -72.64 -46.66 -61.21
N LYS D 149 -73.07 -47.38 -62.24
CA LYS D 149 -72.42 -48.62 -62.65
C LYS D 149 -71.94 -48.43 -64.09
N VAL D 150 -70.63 -48.26 -64.24
CA VAL D 150 -69.98 -48.21 -65.54
C VAL D 150 -69.39 -49.58 -65.81
N ASP D 151 -69.96 -50.29 -66.79
CA ASP D 151 -69.55 -51.67 -67.10
C ASP D 151 -69.55 -52.55 -65.87
N ASN D 152 -70.65 -52.48 -65.10
CA ASN D 152 -70.84 -53.24 -63.87
C ASN D 152 -69.76 -52.93 -62.84
N ALA D 153 -69.14 -51.76 -62.94
CA ALA D 153 -68.18 -51.27 -61.96
C ALA D 153 -68.82 -50.11 -61.21
N LEU D 154 -68.87 -50.23 -59.89
CA LEU D 154 -69.51 -49.21 -59.06
C LEU D 154 -68.60 -47.99 -58.96
N GLN D 155 -68.98 -46.92 -59.65
CA GLN D 155 -68.19 -45.70 -59.66
C GLN D 155 -68.43 -44.86 -58.41
N SER D 156 -67.35 -44.31 -57.87
CA SER D 156 -67.45 -43.44 -56.71
C SER D 156 -66.31 -42.44 -56.73
N GLY D 157 -66.52 -41.31 -56.07
CA GLY D 157 -65.48 -40.32 -55.86
C GLY D 157 -65.33 -39.28 -56.94
N ASN D 158 -66.05 -39.40 -58.06
CA ASN D 158 -65.88 -38.46 -59.16
C ASN D 158 -67.22 -38.01 -59.75
N SER D 159 -68.29 -38.15 -58.97
CA SER D 159 -69.63 -37.70 -59.41
C SER D 159 -70.20 -36.75 -58.34
N GLN D 160 -70.64 -35.56 -58.75
CA GLN D 160 -71.14 -34.56 -57.77
C GLN D 160 -72.62 -34.30 -58.02
N GLU D 161 -73.43 -34.24 -56.95
CA GLU D 161 -74.90 -34.08 -57.12
C GLU D 161 -75.33 -32.67 -56.72
N SER D 162 -76.06 -31.98 -57.59
CA SER D 162 -76.54 -30.60 -57.30
C SER D 162 -78.07 -30.57 -57.36
N VAL D 163 -78.71 -29.95 -56.35
CA VAL D 163 -80.19 -29.93 -56.30
C VAL D 163 -80.67 -28.49 -56.50
N THR D 164 -81.81 -28.31 -57.17
CA THR D 164 -82.39 -26.94 -57.40
C THR D 164 -83.07 -26.42 -56.14
N GLU D 165 -83.29 -25.10 -56.07
CA GLU D 165 -83.98 -24.47 -54.92
C GLU D 165 -85.47 -24.85 -54.96
N GLN D 166 -86.20 -24.65 -53.86
CA GLN D 166 -87.62 -25.11 -53.81
C GLN D 166 -88.40 -24.49 -54.97
N ASP D 167 -89.10 -25.32 -55.74
CA ASP D 167 -89.97 -24.80 -56.83
C ASP D 167 -91.12 -24.01 -56.20
N SER D 168 -91.67 -24.52 -55.08
CA SER D 168 -92.77 -23.84 -54.34
C SER D 168 -94.12 -24.12 -55.03
N LYS D 169 -94.11 -24.91 -56.10
CA LYS D 169 -95.38 -25.29 -56.78
C LYS D 169 -95.62 -26.79 -56.58
N ASP D 170 -94.64 -27.62 -56.92
CA ASP D 170 -94.76 -29.10 -56.76
C ASP D 170 -93.89 -29.55 -55.59
N SER D 171 -93.16 -28.63 -54.95
CA SER D 171 -92.25 -28.99 -53.83
C SER D 171 -91.21 -30.02 -54.27
N THR D 172 -91.22 -30.44 -55.55
CA THR D 172 -90.21 -31.36 -56.02
C THR D 172 -89.02 -30.58 -56.57
N TYR D 173 -87.92 -31.29 -56.85
CA TYR D 173 -86.76 -30.61 -57.40
C TYR D 173 -86.25 -31.25 -58.67
N SER D 174 -85.16 -30.71 -59.18
CA SER D 174 -84.36 -31.34 -60.22
C SER D 174 -83.02 -31.74 -59.63
N LEU D 175 -82.73 -33.04 -59.66
CA LEU D 175 -81.44 -33.55 -59.11
C LEU D 175 -80.55 -34.01 -60.27
N SER D 176 -79.33 -33.49 -60.33
CA SER D 176 -78.38 -33.86 -61.36
C SER D 176 -77.24 -34.63 -60.71
N SER D 177 -77.04 -35.87 -61.16
CA SER D 177 -75.85 -36.64 -60.84
C SER D 177 -74.91 -36.45 -62.03
N THR D 178 -73.94 -35.54 -61.86
CA THR D 178 -72.97 -35.24 -62.90
C THR D 178 -71.75 -36.11 -62.65
N LEU D 179 -71.56 -37.12 -63.50
CA LEU D 179 -70.46 -38.06 -63.37
C LEU D 179 -69.41 -37.73 -64.43
N THR D 180 -68.18 -37.52 -64.00
CA THR D 180 -67.10 -37.05 -64.86
C THR D 180 -66.01 -38.10 -64.96
N LEU D 181 -65.53 -38.35 -66.18
CA LEU D 181 -64.44 -39.26 -66.46
C LEU D 181 -63.51 -38.62 -67.48
N SER D 182 -62.38 -39.28 -67.70
CA SER D 182 -61.42 -38.92 -68.72
C SER D 182 -61.43 -39.95 -69.83
N LYS D 183 -60.79 -39.60 -70.95
CA LYS D 183 -60.83 -40.45 -72.13
C LYS D 183 -60.18 -41.81 -71.89
N ALA D 184 -59.14 -41.85 -71.06
CA ALA D 184 -58.48 -43.12 -70.74
C ALA D 184 -59.41 -44.07 -69.99
N ASP D 185 -60.42 -43.54 -69.29
CA ASP D 185 -61.38 -44.37 -68.57
C ASP D 185 -62.79 -44.28 -69.13
N TYR D 186 -63.00 -43.52 -70.20
CA TYR D 186 -64.31 -43.40 -70.84
C TYR D 186 -64.41 -44.23 -72.11
N GLU D 187 -63.45 -44.09 -73.02
CA GLU D 187 -63.48 -44.83 -74.28
C GLU D 187 -63.25 -46.32 -74.09
N LYS D 188 -62.73 -46.74 -72.93
CA LYS D 188 -62.56 -48.16 -72.66
C LYS D 188 -63.80 -48.80 -72.04
N HIS D 189 -64.84 -48.00 -71.77
CA HIS D 189 -66.08 -48.50 -71.20
C HIS D 189 -67.23 -48.24 -72.14
N LYS D 190 -68.18 -49.17 -72.16
CA LYS D 190 -69.34 -49.10 -73.04
C LYS D 190 -70.62 -48.78 -72.29
N VAL D 191 -70.95 -49.54 -71.25
CA VAL D 191 -72.16 -49.32 -70.48
C VAL D 191 -71.95 -48.14 -69.54
N TYR D 192 -72.94 -47.26 -69.46
CA TYR D 192 -72.92 -46.15 -68.51
C TYR D 192 -74.30 -46.08 -67.90
N ALA D 193 -74.45 -46.61 -66.68
CA ALA D 193 -75.81 -46.69 -66.08
C ALA D 193 -75.89 -45.94 -64.76
N CYS D 194 -77.00 -45.24 -64.53
CA CYS D 194 -77.21 -44.59 -63.20
C CYS D 194 -78.34 -45.34 -62.49
N GLU D 195 -78.06 -45.86 -61.29
CA GLU D 195 -79.10 -46.59 -60.53
C GLU D 195 -79.71 -45.62 -59.52
N VAL D 196 -81.01 -45.35 -59.64
CA VAL D 196 -81.65 -44.34 -58.75
C VAL D 196 -82.69 -45.07 -57.89
N THR D 197 -82.66 -44.85 -56.57
CA THR D 197 -83.67 -45.46 -55.66
C THR D 197 -84.43 -44.33 -54.96
N HIS D 198 -85.76 -44.36 -55.02
CA HIS D 198 -86.58 -43.31 -54.34
C HIS D 198 -87.82 -43.96 -53.74
N GLN D 199 -88.26 -43.51 -52.56
CA GLN D 199 -89.53 -44.01 -51.98
C GLN D 199 -90.69 -43.59 -52.88
N GLY D 200 -90.66 -42.36 -53.40
CA GLY D 200 -91.69 -41.91 -54.36
C GLY D 200 -91.70 -42.81 -55.58
N LEU D 201 -90.52 -43.14 -56.11
CA LEU D 201 -90.42 -44.06 -57.22
C LEU D 201 -90.82 -45.47 -56.78
N SER D 202 -91.45 -46.21 -57.69
CA SER D 202 -91.92 -47.54 -57.35
C SER D 202 -90.75 -48.49 -57.12
N SER D 203 -89.91 -48.67 -58.14
CA SER D 203 -88.74 -49.52 -58.07
C SER D 203 -87.52 -48.75 -58.54
N PRO D 204 -86.34 -49.03 -58.01
CA PRO D 204 -85.11 -48.40 -58.50
C PRO D 204 -84.93 -48.66 -59.99
N VAL D 205 -84.83 -47.58 -60.76
CA VAL D 205 -84.74 -47.69 -62.21
C VAL D 205 -83.36 -47.27 -62.65
N THR D 206 -83.05 -47.59 -63.90
CA THR D 206 -81.75 -47.32 -64.47
C THR D 206 -81.88 -46.68 -65.84
N LYS D 207 -81.09 -45.64 -66.07
CA LYS D 207 -80.79 -45.16 -67.41
C LYS D 207 -79.44 -45.78 -67.80
N SER D 208 -79.50 -46.76 -68.69
CA SER D 208 -78.34 -47.44 -69.24
C SER D 208 -78.21 -47.05 -70.71
N PHE D 209 -76.99 -46.72 -71.13
CA PHE D 209 -76.72 -46.52 -72.54
C PHE D 209 -75.33 -47.04 -72.84
N ASN D 210 -75.10 -47.30 -74.12
CA ASN D 210 -73.82 -47.78 -74.61
C ASN D 210 -73.11 -46.66 -75.37
N ARG D 211 -71.86 -46.40 -75.00
CA ARG D 211 -71.08 -45.38 -75.67
C ARG D 211 -70.94 -45.67 -77.15
N GLY D 212 -71.17 -44.66 -77.98
CA GLY D 212 -71.10 -44.82 -79.42
C GLY D 212 -72.40 -45.32 -80.02
N GLN E 1 -85.52 2.37 -36.74
CA GLN E 1 -85.02 1.26 -37.54
C GLN E 1 -83.54 1.43 -37.83
N VAL E 2 -82.83 0.32 -38.01
CA VAL E 2 -81.41 0.35 -38.31
C VAL E 2 -81.16 -0.46 -39.58
N GLN E 3 -80.27 0.06 -40.42
CA GLN E 3 -79.82 -0.58 -41.65
C GLN E 3 -78.40 -1.07 -41.44
N LEU E 4 -78.21 -2.38 -41.55
CA LEU E 4 -76.89 -2.99 -41.46
C LEU E 4 -76.47 -3.36 -42.87
N VAL E 5 -75.65 -2.52 -43.49
CA VAL E 5 -75.27 -2.70 -44.89
C VAL E 5 -73.91 -3.38 -44.93
N GLN E 6 -73.88 -4.56 -45.52
CA GLN E 6 -72.67 -5.36 -45.66
C GLN E 6 -71.77 -4.89 -46.79
N SER E 7 -70.80 -5.71 -47.16
CA SER E 7 -69.94 -5.44 -48.30
C SER E 7 -69.94 -6.65 -49.23
N GLY E 8 -69.24 -6.53 -50.37
CA GLY E 8 -69.24 -7.59 -51.35
C GLY E 8 -68.43 -8.80 -50.94
N ALA E 9 -68.73 -9.92 -51.60
CA ALA E 9 -68.05 -11.16 -51.31
C ALA E 9 -66.55 -11.05 -51.57
N GLU E 10 -65.79 -11.83 -50.80
CA GLU E 10 -64.31 -11.74 -50.88
C GLU E 10 -63.65 -13.08 -51.26
N VAL E 11 -62.73 -13.06 -52.22
CA VAL E 11 -61.95 -14.20 -52.66
C VAL E 11 -60.48 -13.86 -52.44
N LYS E 12 -59.76 -14.69 -51.68
CA LYS E 12 -58.39 -14.32 -51.30
C LYS E 12 -57.48 -15.53 -51.10
N LYS E 13 -56.18 -15.26 -50.93
CA LYS E 13 -55.18 -16.35 -50.78
C LYS E 13 -55.19 -16.91 -49.35
N PRO E 14 -55.13 -18.25 -49.13
CA PRO E 14 -55.00 -18.81 -47.78
C PRO E 14 -53.73 -18.20 -47.19
N GLY E 15 -53.81 -17.65 -45.98
CA GLY E 15 -52.67 -16.95 -45.41
C GLY E 15 -52.69 -15.45 -45.61
N SER E 16 -53.69 -14.91 -46.30
CA SER E 16 -53.85 -13.47 -46.44
C SER E 16 -54.81 -12.96 -45.37
N SER E 17 -55.19 -11.69 -45.47
CA SER E 17 -56.05 -11.06 -44.49
C SER E 17 -57.28 -10.49 -45.19
N VAL E 18 -58.45 -10.80 -44.66
CA VAL E 18 -59.71 -10.28 -45.18
C VAL E 18 -60.10 -9.07 -44.34
N LYS E 19 -60.88 -8.17 -44.92
CA LYS E 19 -61.38 -7.01 -44.21
C LYS E 19 -62.83 -6.77 -44.62
N VAL E 20 -63.76 -7.17 -43.78
CA VAL E 20 -65.17 -6.96 -44.04
C VAL E 20 -65.62 -5.70 -43.32
N SER E 21 -66.69 -5.09 -43.81
CA SER E 21 -67.28 -3.92 -43.16
C SER E 21 -68.78 -4.08 -43.05
N CYS E 22 -69.38 -3.17 -42.31
CA CYS E 22 -70.83 -3.10 -42.13
C CYS E 22 -71.16 -1.70 -41.68
N LYS E 23 -71.88 -0.94 -42.50
CA LYS E 23 -72.25 0.41 -42.13
C LYS E 23 -73.66 0.40 -41.55
N ALA E 24 -73.83 1.07 -40.42
CA ALA E 24 -75.10 1.12 -39.72
C ALA E 24 -75.74 2.48 -39.96
N SER E 25 -76.99 2.47 -40.39
CA SER E 25 -77.73 3.69 -40.67
C SER E 25 -78.99 3.71 -39.82
N GLY E 26 -79.15 4.75 -39.01
CA GLY E 26 -80.32 4.77 -38.16
C GLY E 26 -80.01 4.20 -36.79
N GLY E 27 -80.76 4.67 -35.79
CA GLY E 27 -80.45 4.31 -34.43
C GLY E 27 -79.22 5.04 -33.95
N THR E 28 -78.79 4.70 -32.74
CA THR E 28 -77.59 5.26 -32.15
C THR E 28 -76.45 4.26 -32.33
N PHE E 29 -75.46 4.64 -33.13
CA PHE E 29 -74.36 3.72 -33.43
C PHE E 29 -73.46 3.52 -32.23
N SER E 30 -73.21 4.60 -31.46
CA SER E 30 -72.18 4.56 -30.44
C SER E 30 -72.54 3.60 -29.31
N ILE E 31 -73.75 3.70 -28.77
CA ILE E 31 -74.07 2.95 -27.57
C ILE E 31 -74.29 1.48 -27.89
N TYR E 32 -74.94 1.17 -29.01
CA TYR E 32 -75.37 -0.19 -29.25
C TYR E 32 -74.20 -1.08 -29.63
N ALA E 33 -74.31 -2.35 -29.27
CA ALA E 33 -73.27 -3.33 -29.54
C ALA E 33 -73.50 -4.00 -30.89
N ILE E 34 -72.41 -4.21 -31.62
CA ILE E 34 -72.45 -4.88 -32.92
C ILE E 34 -71.50 -6.07 -32.85
N SER E 35 -72.03 -7.25 -33.14
CA SER E 35 -71.26 -8.49 -33.12
C SER E 35 -71.08 -9.00 -34.53
N TRP E 36 -70.14 -9.93 -34.68
CA TRP E 36 -69.83 -10.55 -35.95
C TRP E 36 -70.03 -12.06 -35.81
N VAL E 37 -71.00 -12.60 -36.53
CA VAL E 37 -71.35 -14.02 -36.46
C VAL E 37 -71.10 -14.64 -37.81
N ARG E 38 -70.35 -15.73 -37.85
CA ARG E 38 -70.05 -16.38 -39.11
C ARG E 38 -70.80 -17.70 -39.22
N GLN E 39 -71.25 -18.00 -40.43
CA GLN E 39 -71.97 -19.22 -40.77
C GLN E 39 -71.13 -19.94 -41.83
N ALA E 40 -70.42 -20.97 -41.39
CA ALA E 40 -69.71 -21.85 -42.31
C ALA E 40 -70.67 -22.89 -42.87
N PRO E 41 -70.47 -23.33 -44.12
CA PRO E 41 -71.41 -24.25 -44.73
C PRO E 41 -71.48 -25.58 -44.01
N GLY E 42 -72.61 -25.85 -43.35
CA GLY E 42 -72.80 -27.09 -42.64
C GLY E 42 -72.34 -27.10 -41.20
N GLN E 43 -71.92 -25.96 -40.64
CA GLN E 43 -71.45 -25.91 -39.27
C GLN E 43 -72.29 -25.01 -38.37
N GLY E 44 -73.35 -24.40 -38.89
CA GLY E 44 -74.21 -23.58 -38.07
C GLY E 44 -73.60 -22.25 -37.72
N LEU E 45 -74.43 -21.36 -37.17
CA LEU E 45 -73.97 -20.03 -36.81
C LEU E 45 -72.94 -20.12 -35.68
N GLU E 46 -72.00 -19.18 -35.70
CA GLU E 46 -70.89 -19.20 -34.75
C GLU E 46 -70.50 -17.78 -34.42
N TRP E 47 -70.56 -17.43 -33.14
CA TRP E 47 -70.18 -16.10 -32.71
C TRP E 47 -68.66 -15.94 -32.77
N MET E 48 -68.23 -14.74 -33.11
CA MET E 48 -66.82 -14.42 -33.25
C MET E 48 -66.38 -13.28 -32.35
N GLY E 49 -67.23 -12.29 -32.13
CA GLY E 49 -66.86 -11.17 -31.29
C GLY E 49 -67.87 -10.06 -31.42
N GLY E 50 -67.56 -8.95 -30.79
CA GLY E 50 -68.44 -7.80 -30.80
C GLY E 50 -67.73 -6.57 -30.30
N ILE E 51 -68.44 -5.45 -30.37
CA ILE E 51 -67.85 -4.18 -29.98
C ILE E 51 -68.95 -3.16 -29.73
N ILE E 52 -68.71 -2.28 -28.77
CA ILE E 52 -69.53 -1.09 -28.56
C ILE E 52 -68.68 0.12 -28.92
N PRO E 53 -69.05 0.89 -29.94
CA PRO E 53 -68.16 1.95 -30.43
C PRO E 53 -67.79 2.98 -29.38
N ILE E 54 -68.72 3.36 -28.50
CA ILE E 54 -68.43 4.43 -27.55
C ILE E 54 -67.35 3.99 -26.58
N PHE E 55 -67.40 2.75 -26.11
CA PHE E 55 -66.33 2.24 -25.26
C PHE E 55 -65.10 1.90 -26.06
N GLY E 56 -65.28 1.33 -27.24
CA GLY E 56 -64.17 0.96 -28.09
C GLY E 56 -63.53 -0.35 -27.75
N THR E 57 -63.85 -0.95 -26.62
CA THR E 57 -63.27 -2.23 -26.25
C THR E 57 -63.96 -3.33 -27.05
N ALA E 58 -63.16 -4.22 -27.62
CA ALA E 58 -63.66 -5.27 -28.48
C ALA E 58 -63.70 -6.59 -27.71
N ASN E 59 -64.89 -7.17 -27.60
CA ASN E 59 -65.03 -8.50 -27.06
C ASN E 59 -64.74 -9.51 -28.15
N TYR E 60 -64.05 -10.59 -27.79
CA TYR E 60 -63.68 -11.61 -28.77
C TYR E 60 -64.09 -12.98 -28.29
N ALA E 61 -64.36 -13.86 -29.25
CA ALA E 61 -64.53 -15.26 -28.93
C ALA E 61 -63.18 -15.90 -28.70
N GLN E 62 -63.19 -17.07 -28.07
CA GLN E 62 -61.95 -17.66 -27.57
C GLN E 62 -61.00 -17.99 -28.70
N GLN E 63 -61.41 -18.89 -29.60
CA GLN E 63 -60.49 -19.44 -30.59
C GLN E 63 -60.01 -18.40 -31.59
N PHE E 64 -60.69 -17.27 -31.72
CA PHE E 64 -60.31 -16.25 -32.68
C PHE E 64 -59.40 -15.18 -32.08
N GLN E 65 -59.14 -15.23 -30.78
CA GLN E 65 -58.25 -14.27 -30.17
C GLN E 65 -56.85 -14.42 -30.73
N GLY E 66 -56.24 -13.30 -31.10
CA GLY E 66 -54.93 -13.29 -31.71
C GLY E 66 -54.94 -13.30 -33.22
N ARG E 67 -56.08 -13.55 -33.84
CA ARG E 67 -56.23 -13.58 -35.28
C ARG E 67 -57.19 -12.51 -35.78
N VAL E 68 -58.39 -12.49 -35.24
CA VAL E 68 -59.43 -11.59 -35.65
C VAL E 68 -59.27 -10.26 -34.94
N THR E 69 -59.79 -9.20 -35.56
CA THR E 69 -59.79 -7.86 -35.00
C THR E 69 -61.12 -7.22 -35.34
N ILE E 70 -61.73 -6.57 -34.36
CA ILE E 70 -63.00 -5.89 -34.56
C ILE E 70 -62.82 -4.44 -34.19
N THR E 71 -63.18 -3.55 -35.10
CA THR E 71 -63.03 -2.13 -34.89
C THR E 71 -64.34 -1.44 -35.25
N ALA E 72 -64.42 -0.15 -34.92
CA ALA E 72 -65.58 0.64 -35.29
C ALA E 72 -65.10 2.05 -35.61
N ASP E 73 -65.90 2.76 -36.40
CA ASP E 73 -65.62 4.14 -36.78
C ASP E 73 -66.69 5.03 -36.19
N GLU E 74 -66.26 6.02 -35.41
CA GLU E 74 -67.21 6.89 -34.75
C GLU E 74 -68.02 7.69 -35.76
N SER E 75 -67.36 8.24 -36.78
CA SER E 75 -68.04 9.17 -37.69
C SER E 75 -68.97 8.44 -38.64
N THR E 76 -68.42 7.61 -39.53
CA THR E 76 -69.19 6.98 -40.58
C THR E 76 -70.14 5.89 -40.07
N THR E 77 -70.14 5.62 -38.77
CA THR E 77 -71.01 4.61 -38.18
C THR E 77 -70.86 3.27 -38.89
N THR E 78 -69.61 2.86 -39.07
CA THR E 78 -69.29 1.61 -39.74
C THR E 78 -68.43 0.74 -38.84
N ALA E 79 -68.85 -0.51 -38.64
CA ALA E 79 -68.08 -1.48 -37.89
C ALA E 79 -67.31 -2.36 -38.85
N TYR E 80 -66.06 -2.65 -38.52
CA TYR E 80 -65.20 -3.42 -39.43
C TYR E 80 -64.68 -4.65 -38.72
N MET E 81 -64.76 -5.79 -39.41
CA MET E 81 -64.11 -7.01 -38.88
C MET E 81 -62.90 -7.24 -39.78
N GLU E 82 -61.89 -7.95 -39.31
CA GLU E 82 -60.66 -8.10 -40.09
C GLU E 82 -59.94 -9.33 -39.57
N LEU E 83 -59.75 -10.31 -40.44
CA LEU E 83 -59.21 -11.60 -40.05
C LEU E 83 -57.89 -11.77 -40.76
N SER E 84 -56.89 -12.34 -40.08
CA SER E 84 -55.58 -12.62 -40.72
C SER E 84 -55.38 -14.13 -40.92
N ARG E 85 -54.34 -14.53 -41.65
CA ARG E 85 -54.01 -15.98 -41.84
C ARG E 85 -55.24 -16.80 -42.26
N LEU E 86 -55.87 -16.44 -43.37
CA LEU E 86 -57.11 -17.13 -43.84
C LEU E 86 -56.84 -18.61 -44.12
N THR E 87 -57.82 -19.48 -43.84
CA THR E 87 -57.68 -20.95 -44.07
C THR E 87 -58.95 -21.46 -44.76
N SER E 88 -58.91 -22.69 -45.28
CA SER E 88 -60.09 -23.27 -45.98
C SER E 88 -61.27 -23.35 -45.01
N GLU E 89 -61.02 -23.66 -43.73
CA GLU E 89 -62.09 -23.72 -42.70
C GLU E 89 -62.72 -22.33 -42.56
N ASP E 90 -61.93 -21.26 -42.70
CA ASP E 90 -62.43 -19.88 -42.49
C ASP E 90 -63.55 -19.53 -43.48
N THR E 91 -63.56 -20.13 -44.68
CA THR E 91 -64.57 -19.70 -45.68
C THR E 91 -65.95 -19.78 -45.04
N ALA E 92 -66.70 -18.67 -45.06
CA ALA E 92 -68.03 -18.63 -44.40
C ALA E 92 -68.76 -17.36 -44.82
N VAL E 93 -70.04 -17.23 -44.46
CA VAL E 93 -70.77 -15.95 -44.72
C VAL E 93 -70.84 -15.22 -43.38
N TYR E 94 -70.36 -13.97 -43.33
CA TYR E 94 -70.30 -13.23 -42.03
C TYR E 94 -71.40 -12.17 -42.00
N TYR E 95 -72.17 -12.12 -40.91
CA TYR E 95 -73.26 -11.12 -40.79
C TYR E 95 -73.00 -10.20 -39.60
N CYS E 96 -73.00 -8.88 -39.80
CA CYS E 96 -72.91 -7.97 -38.64
C CYS E 96 -74.27 -8.03 -37.94
N ALA E 97 -74.31 -8.11 -36.61
CA ALA E 97 -75.61 -8.27 -35.92
C ALA E 97 -75.70 -7.29 -34.76
N ARG E 98 -76.65 -6.35 -34.81
CA ARG E 98 -76.77 -5.46 -33.67
C ARG E 98 -77.38 -6.19 -32.49
N GLN E 99 -77.19 -5.63 -31.30
CA GLN E 99 -77.72 -6.17 -30.06
C GLN E 99 -78.69 -5.18 -29.46
N MET E 100 -79.81 -5.69 -28.95
CA MET E 100 -80.90 -4.79 -28.57
C MET E 100 -80.58 -3.98 -27.32
N THR E 101 -79.70 -4.49 -26.46
CA THR E 101 -79.39 -3.77 -25.24
C THR E 101 -78.44 -2.62 -25.55
N ALA E 102 -78.72 -1.45 -24.97
CA ALA E 102 -77.94 -0.26 -25.25
C ALA E 102 -76.50 -0.38 -24.79
N TYR E 103 -76.19 -1.38 -23.97
CA TYR E 103 -74.87 -1.61 -23.39
C TYR E 103 -74.74 -3.12 -23.23
N ASP E 104 -73.87 -3.56 -22.32
CA ASP E 104 -73.88 -4.95 -21.89
C ASP E 104 -73.54 -5.91 -23.03
N TYR E 105 -72.25 -5.95 -23.36
CA TYR E 105 -71.70 -6.93 -24.28
C TYR E 105 -72.23 -8.34 -24.03
N TRP E 106 -72.66 -8.63 -22.80
CA TRP E 106 -72.67 -9.99 -22.30
C TRP E 106 -73.99 -10.74 -22.51
N ASN E 107 -75.12 -10.06 -22.47
CA ASN E 107 -76.41 -10.72 -22.70
C ASN E 107 -76.91 -10.33 -24.08
N PRO E 108 -76.57 -11.07 -25.12
CA PRO E 108 -76.83 -10.61 -26.48
C PRO E 108 -78.16 -11.09 -27.04
N SER E 109 -78.92 -10.17 -27.62
CA SER E 109 -80.08 -10.51 -28.44
C SER E 109 -79.94 -9.75 -29.75
N PHE E 110 -79.83 -10.48 -30.85
CA PHE E 110 -79.53 -9.90 -32.15
C PHE E 110 -80.82 -9.49 -32.84
N ASP E 111 -81.23 -8.24 -32.62
CA ASP E 111 -82.46 -7.75 -33.20
C ASP E 111 -82.32 -7.53 -34.70
N TYR E 112 -81.22 -6.90 -35.14
CA TYR E 112 -81.03 -6.56 -36.53
C TYR E 112 -79.76 -7.23 -37.04
N TRP E 113 -79.72 -7.48 -38.34
CA TRP E 113 -78.61 -8.22 -38.94
C TRP E 113 -78.21 -7.58 -40.26
N GLY E 114 -76.99 -7.87 -40.68
CA GLY E 114 -76.57 -7.55 -42.03
C GLY E 114 -76.90 -8.68 -42.99
N GLN E 115 -76.97 -8.34 -44.27
CA GLN E 115 -77.37 -9.32 -45.27
C GLN E 115 -76.36 -10.43 -45.47
N GLY E 116 -75.15 -10.28 -44.94
CA GLY E 116 -74.14 -11.31 -45.08
C GLY E 116 -73.14 -11.04 -46.17
N THR E 117 -71.86 -11.26 -45.85
CA THR E 117 -70.78 -11.14 -46.83
C THR E 117 -70.08 -12.48 -46.91
N LEU E 118 -70.08 -13.08 -48.09
CA LEU E 118 -69.41 -14.36 -48.28
C LEU E 118 -67.90 -14.17 -48.36
N VAL E 119 -67.17 -15.22 -48.02
CA VAL E 119 -65.71 -15.24 -48.05
C VAL E 119 -65.24 -16.60 -48.54
N THR E 120 -64.27 -16.57 -49.46
CA THR E 120 -63.69 -17.77 -50.05
C THR E 120 -62.18 -17.61 -50.14
N VAL E 121 -61.46 -18.70 -49.91
CA VAL E 121 -60.01 -18.74 -50.01
C VAL E 121 -59.63 -19.22 -51.40
N SER E 122 -58.55 -18.67 -51.95
CA SER E 122 -58.16 -18.94 -53.33
C SER E 122 -56.65 -19.09 -53.43
N SER E 123 -56.21 -20.17 -54.06
CA SER E 123 -54.79 -20.49 -54.18
C SER E 123 -54.25 -19.94 -55.49
N ALA E 124 -54.02 -18.63 -55.50
CA ALA E 124 -53.51 -17.90 -56.66
C ALA E 124 -54.45 -18.07 -57.85
N TRP E 125 -55.67 -17.60 -57.63
CA TRP E 125 -56.80 -17.82 -58.52
C TRP E 125 -57.00 -16.56 -59.35
N SER E 126 -56.87 -16.70 -60.67
CA SER E 126 -56.82 -15.56 -61.55
C SER E 126 -58.16 -15.37 -62.26
N THR E 127 -58.61 -14.12 -62.32
CA THR E 127 -59.89 -13.81 -62.92
C THR E 127 -59.82 -14.05 -64.42
N LYS E 128 -60.62 -14.79 -64.98
CA LYS E 128 -60.63 -15.06 -66.44
C LYS E 128 -62.07 -15.47 -66.79
N GLY E 129 -62.33 -15.94 -67.98
CA GLY E 129 -63.64 -16.14 -68.51
C GLY E 129 -64.17 -17.54 -68.40
N PRO E 130 -65.50 -17.66 -68.40
CA PRO E 130 -66.13 -18.96 -68.45
C PRO E 130 -66.23 -19.45 -69.87
N SER E 131 -66.71 -20.68 -70.02
CA SER E 131 -66.78 -21.28 -71.38
C SER E 131 -68.16 -21.92 -71.53
N VAL E 132 -68.72 -21.85 -72.73
CA VAL E 132 -70.01 -22.55 -72.92
C VAL E 132 -69.70 -24.01 -73.22
N PHE E 133 -69.98 -24.90 -72.26
CA PHE E 133 -69.84 -26.36 -72.52
C PHE E 133 -71.29 -26.87 -72.55
N PRO E 134 -72.12 -26.56 -73.58
CA PRO E 134 -73.54 -26.92 -73.54
C PRO E 134 -73.81 -28.41 -73.52
N LEU E 135 -75.09 -28.73 -73.67
CA LEU E 135 -75.68 -30.06 -73.77
C LEU E 135 -76.70 -29.94 -74.91
N ALA E 136 -76.26 -30.22 -76.13
CA ALA E 136 -77.18 -30.32 -77.26
C ALA E 136 -78.08 -31.53 -77.11
N PRO E 137 -79.32 -31.46 -77.61
CA PRO E 137 -80.21 -32.62 -77.52
C PRO E 137 -79.98 -33.61 -78.66
N SER E 138 -80.60 -34.78 -78.50
CA SER E 138 -80.59 -35.80 -79.53
C SER E 138 -81.84 -36.67 -79.36
N SER E 139 -81.96 -37.70 -80.21
CA SER E 139 -83.11 -38.59 -80.12
C SER E 139 -83.08 -39.37 -78.82
N LYS E 140 -81.92 -39.91 -78.45
CA LYS E 140 -81.80 -40.63 -77.19
C LYS E 140 -81.84 -39.69 -75.99
N SER E 141 -81.49 -38.42 -76.18
CA SER E 141 -81.75 -37.41 -75.16
C SER E 141 -83.20 -36.98 -75.13
N THR E 142 -84.01 -37.40 -76.09
CA THR E 142 -85.43 -37.08 -76.15
C THR E 142 -86.22 -38.28 -75.65
N SER E 143 -86.77 -38.18 -74.44
CA SER E 143 -87.63 -39.20 -73.87
C SER E 143 -89.04 -38.62 -73.79
N GLY E 144 -89.93 -39.12 -74.63
CA GLY E 144 -91.26 -38.54 -74.74
C GLY E 144 -91.29 -37.42 -75.75
N GLY E 145 -92.24 -36.50 -75.55
CA GLY E 145 -92.40 -35.38 -76.45
C GLY E 145 -91.44 -34.23 -76.23
N THR E 146 -90.63 -34.29 -75.18
CA THR E 146 -89.70 -33.21 -74.85
C THR E 146 -88.37 -33.79 -74.43
N ALA E 147 -87.30 -33.05 -74.73
CA ALA E 147 -85.95 -33.35 -74.29
C ALA E 147 -85.46 -32.20 -73.40
N ALA E 148 -84.18 -32.26 -73.01
CA ALA E 148 -83.57 -31.17 -72.26
C ALA E 148 -82.23 -30.81 -72.90
N LEU E 149 -82.12 -29.55 -73.33
CA LEU E 149 -80.89 -28.99 -73.85
C LEU E 149 -80.40 -27.90 -72.89
N GLY E 150 -79.09 -27.85 -72.65
CA GLY E 150 -78.59 -26.98 -71.61
C GLY E 150 -77.24 -26.40 -71.97
N CYS E 151 -76.63 -25.71 -71.00
CA CYS E 151 -75.21 -25.42 -71.06
C CYS E 151 -74.59 -25.45 -69.67
N LEU E 152 -73.46 -26.15 -69.57
CA LEU E 152 -72.58 -26.08 -68.41
C LEU E 152 -71.65 -24.88 -68.58
N VAL E 153 -71.59 -24.05 -67.55
CA VAL E 153 -70.64 -22.94 -67.54
C VAL E 153 -69.40 -23.41 -66.80
N LYS E 154 -68.25 -23.38 -67.48
CA LYS E 154 -67.05 -24.03 -66.98
C LYS E 154 -65.89 -23.04 -66.93
N ASP E 155 -65.13 -23.15 -65.84
CA ASP E 155 -63.77 -22.63 -65.71
C ASP E 155 -63.72 -21.12 -65.84
N TYR E 156 -64.41 -20.46 -64.90
CA TYR E 156 -64.34 -19.02 -64.74
C TYR E 156 -63.95 -18.68 -63.31
N PHE E 157 -63.01 -17.77 -63.14
CA PHE E 157 -62.61 -17.57 -61.72
C PHE E 157 -63.75 -16.90 -60.96
N PRO E 158 -63.80 -15.60 -60.61
CA PRO E 158 -64.82 -15.09 -59.69
C PRO E 158 -66.17 -15.84 -59.75
N GLU E 159 -66.64 -16.33 -58.60
CA GLU E 159 -67.88 -17.16 -58.49
C GLU E 159 -69.11 -16.81 -59.34
N PRO E 160 -69.54 -15.54 -59.51
CA PRO E 160 -70.82 -15.26 -60.20
C PRO E 160 -70.87 -15.31 -61.73
N VAL E 161 -71.40 -16.40 -62.32
CA VAL E 161 -71.58 -16.33 -63.76
C VAL E 161 -73.08 -16.37 -64.04
N THR E 162 -73.52 -15.57 -65.00
CA THR E 162 -74.95 -15.41 -65.28
C THR E 162 -75.26 -16.07 -66.62
N VAL E 163 -76.09 -17.11 -66.59
CA VAL E 163 -76.49 -17.81 -67.81
C VAL E 163 -77.93 -17.43 -68.14
N SER E 164 -78.13 -16.90 -69.34
CA SER E 164 -79.44 -16.56 -69.85
C SER E 164 -79.69 -17.40 -71.11
N TRP E 165 -80.94 -17.44 -71.55
CA TRP E 165 -81.36 -18.39 -72.57
C TRP E 165 -82.07 -17.69 -73.73
N ASN E 166 -81.53 -17.92 -74.93
CA ASN E 166 -82.00 -17.27 -76.16
C ASN E 166 -82.10 -15.76 -75.97
N SER E 167 -81.03 -15.18 -75.41
CA SER E 167 -80.98 -13.76 -75.07
C SER E 167 -82.10 -13.38 -74.11
N GLY E 168 -82.38 -14.28 -73.15
CA GLY E 168 -83.37 -14.03 -72.13
C GLY E 168 -84.78 -14.43 -72.49
N ALA E 169 -85.03 -14.80 -73.75
CA ALA E 169 -86.39 -15.18 -74.15
C ALA E 169 -86.78 -16.53 -73.57
N LEU E 170 -85.85 -17.48 -73.50
CA LEU E 170 -86.15 -18.83 -73.05
C LEU E 170 -86.16 -18.85 -71.52
N THR E 171 -87.32 -19.16 -70.94
CA THR E 171 -87.46 -19.18 -69.46
C THR E 171 -88.23 -20.42 -68.99
N SER E 172 -88.68 -21.26 -69.93
CA SER E 172 -89.48 -22.46 -69.59
C SER E 172 -88.57 -23.68 -69.43
N GLY E 173 -88.60 -24.33 -68.25
CA GLY E 173 -87.76 -25.47 -68.00
C GLY E 173 -86.32 -25.16 -67.66
N VAL E 174 -85.99 -23.88 -67.46
CA VAL E 174 -84.61 -23.48 -67.20
C VAL E 174 -84.28 -23.79 -65.75
N HIS E 175 -83.31 -24.66 -65.53
CA HIS E 175 -82.91 -25.07 -64.19
C HIS E 175 -81.39 -24.93 -64.10
N THR E 176 -80.93 -24.04 -63.23
CA THR E 176 -79.51 -23.77 -63.06
C THR E 176 -79.07 -24.33 -61.71
N PHE E 177 -77.89 -24.94 -61.68
CA PHE E 177 -77.44 -25.64 -60.49
C PHE E 177 -76.19 -24.98 -59.95
N PRO E 178 -76.02 -24.94 -58.63
CA PRO E 178 -74.90 -24.18 -58.05
C PRO E 178 -73.55 -24.68 -58.54
N ALA E 179 -72.64 -23.73 -58.77
CA ALA E 179 -71.29 -24.06 -59.20
C ALA E 179 -70.55 -24.76 -58.08
N VAL E 180 -69.84 -25.84 -58.46
CA VAL E 180 -69.10 -26.64 -57.46
C VAL E 180 -67.60 -26.45 -57.68
N LEU E 181 -66.80 -26.83 -56.70
CA LEU E 181 -65.35 -26.72 -56.75
C LEU E 181 -64.75 -28.10 -56.88
N GLN E 182 -63.86 -28.28 -57.86
CA GLN E 182 -63.21 -29.57 -58.04
C GLN E 182 -61.88 -29.59 -57.29
N SER E 183 -61.13 -30.68 -57.45
CA SER E 183 -59.78 -30.72 -56.88
C SER E 183 -58.88 -29.69 -57.53
N SER E 184 -59.15 -29.34 -58.78
CA SER E 184 -58.47 -28.24 -59.43
C SER E 184 -59.02 -26.89 -59.00
N GLY E 185 -60.09 -26.90 -58.19
CA GLY E 185 -60.66 -25.67 -57.65
C GLY E 185 -61.17 -24.71 -58.69
N LEU E 186 -61.78 -25.23 -59.75
CA LEU E 186 -62.34 -24.38 -60.78
C LEU E 186 -63.83 -24.18 -60.51
N TYR E 187 -64.44 -23.33 -61.32
CA TYR E 187 -65.90 -23.04 -61.16
C TYR E 187 -66.64 -23.74 -62.30
N SER E 188 -67.62 -24.56 -61.95
CA SER E 188 -68.34 -25.39 -62.92
C SER E 188 -69.78 -25.54 -62.45
N LEU E 189 -70.72 -25.00 -63.24
CA LEU E 189 -72.13 -25.18 -62.97
C LEU E 189 -72.84 -25.65 -64.23
N SER E 190 -74.09 -26.06 -64.08
CA SER E 190 -74.90 -26.55 -65.19
C SER E 190 -76.21 -25.78 -65.26
N SER E 191 -76.79 -25.70 -66.47
CA SER E 191 -78.09 -25.08 -66.65
C SER E 191 -78.82 -25.83 -67.75
N VAL E 192 -79.75 -26.70 -67.37
CA VAL E 192 -80.49 -27.52 -68.33
C VAL E 192 -81.88 -26.95 -68.53
N VAL E 193 -82.38 -26.99 -69.77
CA VAL E 193 -83.67 -26.44 -70.12
C VAL E 193 -84.48 -27.52 -70.80
N THR E 194 -85.68 -27.78 -70.28
CA THR E 194 -86.55 -28.78 -70.86
C THR E 194 -87.31 -28.15 -72.03
N VAL E 195 -86.94 -28.53 -73.24
CA VAL E 195 -87.51 -27.98 -74.46
C VAL E 195 -88.22 -29.09 -75.19
N PRO E 196 -89.43 -28.88 -75.70
CA PRO E 196 -90.10 -29.92 -76.48
C PRO E 196 -89.29 -30.28 -77.73
N SER E 197 -89.35 -31.56 -78.10
CA SER E 197 -88.59 -32.01 -79.26
C SER E 197 -89.06 -31.34 -80.54
N SER E 198 -90.35 -31.00 -80.63
CA SER E 198 -90.86 -30.34 -81.82
C SER E 198 -90.21 -29.00 -82.05
N SER E 199 -89.75 -28.34 -80.98
CA SER E 199 -89.07 -27.07 -81.10
C SER E 199 -87.57 -27.21 -81.35
N LEU E 200 -87.04 -28.43 -81.41
CA LEU E 200 -85.62 -28.60 -81.65
C LEU E 200 -85.24 -28.12 -83.05
N GLY E 201 -86.07 -28.41 -84.04
CA GLY E 201 -85.77 -28.02 -85.40
C GLY E 201 -86.22 -26.63 -85.76
N THR E 202 -87.46 -26.28 -85.39
CA THR E 202 -88.00 -24.96 -85.73
C THR E 202 -87.33 -23.84 -84.94
N GLN E 203 -86.72 -24.15 -83.80
CA GLN E 203 -86.06 -23.15 -82.98
C GLN E 203 -84.67 -23.63 -82.60
N THR E 204 -83.66 -22.81 -82.87
CA THR E 204 -82.30 -23.08 -82.46
C THR E 204 -82.01 -22.33 -81.16
N TYR E 205 -81.44 -23.04 -80.20
CA TYR E 205 -81.30 -22.56 -78.83
C TYR E 205 -79.85 -22.20 -78.56
N ILE E 206 -79.64 -20.93 -78.17
CA ILE E 206 -78.28 -20.44 -77.80
C ILE E 206 -78.37 -19.79 -76.41
N CYS E 207 -77.50 -20.18 -75.48
CA CYS E 207 -77.47 -19.62 -74.14
C CYS E 207 -76.34 -18.62 -74.05
N ASN E 208 -76.65 -17.45 -73.48
CA ASN E 208 -75.67 -16.40 -73.32
C ASN E 208 -75.07 -16.53 -71.93
N VAL E 209 -73.77 -16.78 -71.87
CA VAL E 209 -73.05 -16.79 -70.61
C VAL E 209 -72.36 -15.44 -70.43
N ASN E 210 -72.65 -14.80 -69.28
CA ASN E 210 -72.09 -13.45 -68.99
C ASN E 210 -71.34 -13.50 -67.66
N HIS E 211 -70.03 -13.29 -67.68
CA HIS E 211 -69.27 -13.21 -66.41
C HIS E 211 -68.96 -11.74 -66.17
N LYS E 212 -69.49 -11.15 -65.09
CA LYS E 212 -69.31 -9.69 -64.86
C LYS E 212 -67.83 -9.33 -64.68
N PRO E 213 -67.01 -10.07 -63.90
CA PRO E 213 -65.56 -9.78 -63.82
C PRO E 213 -64.81 -9.89 -65.16
N SER E 214 -64.75 -11.09 -65.75
CA SER E 214 -64.04 -11.25 -67.01
C SER E 214 -64.73 -10.52 -68.16
N ASN E 215 -65.91 -9.96 -67.93
CA ASN E 215 -66.63 -9.17 -68.93
C ASN E 215 -66.83 -9.96 -70.22
N THR E 216 -67.18 -11.23 -70.08
CA THR E 216 -67.28 -12.15 -71.20
C THR E 216 -68.74 -12.41 -71.49
N LYS E 217 -69.17 -12.09 -72.72
CA LYS E 217 -70.53 -12.29 -73.19
C LYS E 217 -70.43 -13.25 -74.37
N VAL E 218 -70.71 -14.53 -74.11
CA VAL E 218 -70.43 -15.59 -75.06
C VAL E 218 -71.72 -16.34 -75.39
N ASP E 219 -71.93 -16.58 -76.68
CA ASP E 219 -73.08 -17.33 -77.19
C ASP E 219 -72.57 -18.52 -77.97
N LYS E 220 -72.82 -19.72 -77.49
CA LYS E 220 -72.47 -20.91 -78.26
C LYS E 220 -73.71 -21.80 -78.30
N ARG E 221 -73.94 -22.40 -79.47
CA ARG E 221 -75.20 -23.07 -79.73
C ARG E 221 -75.39 -24.27 -78.82
N VAL E 222 -76.63 -24.45 -78.36
CA VAL E 222 -77.00 -25.63 -77.59
C VAL E 222 -77.70 -26.63 -78.52
N ASP F 1 15.33 -31.11 66.91
CA ASP F 1 15.33 -30.17 68.02
C ASP F 1 15.83 -30.80 69.31
N ILE F 2 16.34 -29.98 70.22
CA ILE F 2 16.84 -30.49 71.49
C ILE F 2 15.64 -30.95 72.31
N VAL F 3 15.48 -32.26 72.46
CA VAL F 3 14.42 -32.82 73.30
C VAL F 3 15.04 -33.29 74.60
N MET F 4 14.46 -32.84 75.71
CA MET F 4 15.02 -33.03 77.04
C MET F 4 14.02 -33.76 77.92
N THR F 5 14.46 -34.84 78.54
CA THR F 5 13.59 -35.70 79.35
C THR F 5 14.05 -35.67 80.79
N GLN F 6 13.09 -35.53 81.72
CA GLN F 6 13.41 -35.65 83.17
C GLN F 6 13.08 -37.09 83.55
N THR F 7 14.08 -37.93 83.80
CA THR F 7 13.83 -39.38 84.03
C THR F 7 12.93 -39.70 85.23
N PRO F 8 13.08 -39.10 86.44
CA PRO F 8 12.26 -39.51 87.59
C PRO F 8 10.74 -39.29 87.44
N SER F 9 10.33 -38.15 86.85
CA SER F 9 8.88 -37.82 86.65
C SER F 9 8.20 -37.54 87.99
N SER F 10 8.49 -38.31 89.03
CA SER F 10 7.94 -38.07 90.37
C SER F 10 8.75 -38.86 91.37
N LEU F 11 9.15 -38.22 92.46
CA LEU F 11 9.84 -38.88 93.56
C LEU F 11 9.18 -38.47 94.87
N SER F 12 9.08 -39.41 95.80
CA SER F 12 8.51 -39.15 97.12
C SER F 12 9.63 -39.08 98.14
N ALA F 13 9.75 -37.96 98.86
CA ALA F 13 10.86 -37.81 99.83
C ALA F 13 10.39 -37.01 101.07
N SER F 14 10.66 -37.54 102.26
CA SER F 14 10.23 -36.88 103.52
C SER F 14 11.11 -35.66 103.80
N VAL F 15 10.68 -34.80 104.73
CA VAL F 15 11.44 -33.56 105.06
C VAL F 15 12.82 -33.96 105.61
N GLY F 16 13.86 -33.19 105.29
CA GLY F 16 15.21 -33.49 105.78
C GLY F 16 15.93 -34.52 104.93
N ASP F 17 15.38 -34.85 103.76
CA ASP F 17 16.00 -35.90 102.89
C ASP F 17 16.70 -35.24 101.71
N ARG F 18 17.96 -35.61 101.45
CA ARG F 18 18.70 -35.07 100.28
C ARG F 18 17.99 -35.53 99.00
N VAL F 19 17.78 -34.62 98.05
CA VAL F 19 17.04 -34.98 96.79
C VAL F 19 17.88 -34.60 95.58
N THR F 20 18.02 -35.52 94.61
CA THR F 20 18.74 -35.18 93.35
C THR F 20 17.76 -35.36 92.18
N ILE F 21 17.65 -34.36 91.31
CA ILE F 21 16.77 -34.47 90.12
C ILE F 21 17.65 -34.49 88.86
N THR F 22 17.42 -35.45 87.96
CA THR F 22 18.32 -35.59 86.78
C THR F 22 17.61 -35.18 85.49
N CYS F 23 18.24 -34.36 84.66
CA CYS F 23 17.65 -34.00 83.34
C CYS F 23 18.56 -34.52 82.23
N ARG F 24 17.97 -35.19 81.22
CA ARG F 24 18.79 -35.79 80.14
C ARG F 24 18.69 -34.93 78.88
N ALA F 25 19.82 -34.57 78.28
CA ALA F 25 19.82 -33.68 77.10
C ALA F 25 20.05 -34.52 75.82
N SER F 26 19.30 -34.23 74.75
CA SER F 26 19.46 -34.94 73.49
C SER F 26 20.78 -34.63 72.81
N GLU F 27 21.47 -33.56 73.21
CA GLU F 27 22.77 -33.26 72.64
C GLU F 27 23.50 -32.31 73.58
N ASP F 28 24.77 -32.03 73.25
CA ASP F 28 25.66 -31.22 74.13
C ASP F 28 25.10 -29.83 74.48
N ILE F 29 24.82 -29.57 75.76
CA ILE F 29 24.42 -28.21 76.23
C ILE F 29 25.30 -27.93 77.46
N THR F 30 26.60 -27.73 77.26
CA THR F 30 27.54 -27.65 78.42
C THR F 30 27.24 -26.53 79.41
N SER F 31 26.96 -25.30 78.95
CA SER F 31 26.80 -24.18 79.92
C SER F 31 25.38 -23.61 79.87
N TYR F 32 24.40 -24.35 79.34
CA TYR F 32 23.06 -23.73 79.18
C TYR F 32 21.92 -24.61 79.69
N LEU F 33 21.60 -24.50 80.99
CA LEU F 33 20.45 -25.19 81.54
C LEU F 33 19.89 -24.38 82.70
N ASN F 34 18.56 -24.35 82.80
CA ASN F 34 17.85 -23.59 83.80
C ASN F 34 16.96 -24.53 84.58
N TRP F 35 16.98 -24.38 85.90
CA TRP F 35 16.14 -25.13 86.82
C TRP F 35 15.05 -24.19 87.32
N TYR F 36 13.80 -24.56 87.04
CA TYR F 36 12.63 -23.77 87.37
C TYR F 36 11.78 -24.51 88.37
N GLN F 37 11.26 -23.80 89.37
CA GLN F 37 10.35 -24.39 90.33
C GLN F 37 8.94 -23.87 90.08
N LEU F 38 7.98 -24.79 90.03
CA LEU F 38 6.59 -24.49 89.75
C LEU F 38 5.71 -25.12 90.84
N LYS F 39 5.15 -24.27 91.71
CA LYS F 39 4.07 -24.69 92.59
C LYS F 39 2.74 -24.36 91.92
N PRO F 40 1.90 -25.35 91.62
CA PRO F 40 0.68 -25.08 90.87
C PRO F 40 -0.14 -23.95 91.48
N GLY F 41 -0.26 -22.83 90.77
CA GLY F 41 -1.01 -21.69 91.25
C GLY F 41 -0.26 -20.37 91.26
N LYS F 42 0.90 -20.27 90.61
CA LYS F 42 1.54 -18.93 90.57
C LYS F 42 2.66 -18.93 89.55
N ALA F 43 3.07 -17.74 89.09
CA ALA F 43 4.24 -17.70 88.23
C ALA F 43 5.34 -18.58 88.82
N PRO F 44 6.02 -19.37 88.01
CA PRO F 44 7.08 -20.24 88.52
C PRO F 44 8.28 -19.44 89.02
N MET F 45 9.18 -20.18 89.69
CA MET F 45 10.38 -19.54 90.31
C MET F 45 11.67 -19.94 89.60
N PHE F 46 12.42 -18.98 89.09
CA PHE F 46 13.71 -19.14 88.43
C PHE F 46 14.73 -19.52 89.49
N LEU F 47 15.15 -20.78 89.49
CA LEU F 47 16.02 -21.29 90.54
C LEU F 47 17.49 -21.29 90.14
N ILE F 48 17.82 -21.94 89.01
CA ILE F 48 19.21 -22.11 88.59
C ILE F 48 19.34 -21.70 87.14
N TYR F 49 20.50 -21.06 86.87
CA TYR F 49 20.87 -20.72 85.47
C TYR F 49 22.22 -21.40 85.23
N ALA F 50 22.49 -21.80 83.98
CA ALA F 50 23.71 -22.49 83.58
C ALA F 50 23.91 -23.80 84.32
N ALA F 51 22.85 -24.36 84.90
CA ALA F 51 22.79 -25.66 85.55
C ALA F 51 23.61 -25.74 86.83
N SER F 52 24.27 -24.67 87.25
CA SER F 52 25.15 -24.78 88.41
C SER F 52 24.97 -23.67 89.43
N SER F 53 24.62 -22.46 88.99
CA SER F 53 24.67 -21.30 89.84
C SER F 53 23.27 -20.95 90.38
N LEU F 54 23.24 -20.46 91.62
CA LEU F 54 21.96 -20.21 92.30
C LEU F 54 21.40 -18.84 91.99
N GLN F 55 20.13 -18.77 91.59
CA GLN F 55 19.46 -17.49 91.43
C GLN F 55 19.37 -16.80 92.79
N SER F 56 19.53 -15.48 92.79
CA SER F 56 19.41 -14.73 94.03
C SER F 56 18.01 -14.86 94.61
N GLY F 57 17.93 -14.88 95.94
CA GLY F 57 16.66 -15.11 96.59
C GLY F 57 16.27 -16.56 96.71
N VAL F 58 17.21 -17.48 96.52
CA VAL F 58 16.93 -18.91 96.59
C VAL F 58 17.76 -19.50 97.71
N PRO F 59 17.20 -20.39 98.54
CA PRO F 59 17.99 -20.99 99.63
C PRO F 59 19.18 -21.77 99.07
N SER F 60 20.27 -21.76 99.83
CA SER F 60 21.46 -22.50 99.44
C SER F 60 21.25 -24.00 99.48
N ARG F 61 20.15 -24.47 100.08
CA ARG F 61 19.80 -25.88 100.02
C ARG F 61 19.67 -26.37 98.59
N PHE F 62 19.35 -25.49 97.65
CA PHE F 62 19.39 -25.82 96.24
C PHE F 62 20.79 -25.64 95.70
N SER F 63 21.27 -26.64 94.95
CA SER F 63 22.59 -26.62 94.34
C SER F 63 22.47 -27.14 92.92
N GLY F 64 23.22 -26.54 92.01
CA GLY F 64 23.24 -26.99 90.63
C GLY F 64 24.53 -27.72 90.32
N SER F 65 24.39 -28.86 89.64
CA SER F 65 25.54 -29.65 89.23
C SER F 65 25.32 -30.12 87.80
N GLY F 66 26.41 -30.28 87.07
CA GLY F 66 26.37 -30.90 85.76
C GLY F 66 27.02 -30.05 84.69
N SER F 67 27.21 -30.69 83.54
CA SER F 67 27.70 -30.04 82.34
C SER F 67 27.42 -30.99 81.18
N GLY F 68 27.81 -30.58 79.98
CA GLY F 68 27.62 -31.43 78.83
C GLY F 68 26.18 -31.86 78.66
N THR F 69 25.88 -33.12 78.99
CA THR F 69 24.51 -33.63 78.96
C THR F 69 24.06 -34.24 80.29
N ASP F 70 24.86 -34.22 81.31
CA ASP F 70 24.50 -34.87 82.59
C ASP F 70 24.29 -33.77 83.65
N PHE F 71 23.07 -33.48 84.01
CA PHE F 71 22.76 -32.38 84.96
C PHE F 71 21.95 -32.88 86.15
N THR F 72 22.37 -32.54 87.37
CA THR F 72 21.60 -32.93 88.58
C THR F 72 21.36 -31.70 89.47
N LEU F 73 20.12 -31.47 89.91
CA LEU F 73 19.85 -30.37 90.87
C LEU F 73 19.74 -31.01 92.25
N THR F 74 20.52 -30.55 93.23
CA THR F 74 20.55 -31.24 94.54
C THR F 74 19.96 -30.37 95.65
N ILE F 75 19.04 -30.91 96.44
CA ILE F 75 18.46 -30.15 97.60
C ILE F 75 19.02 -30.77 98.88
N SER F 76 19.71 -29.96 99.71
CA SER F 76 20.37 -30.52 100.92
C SER F 76 19.35 -31.09 101.91
N SER F 77 18.27 -30.34 102.17
CA SER F 77 17.22 -30.83 103.10
C SER F 77 15.84 -30.50 102.53
N LEU F 78 14.92 -31.43 102.48
CA LEU F 78 13.55 -31.11 101.98
C LEU F 78 12.81 -30.29 103.04
N GLN F 79 11.94 -29.40 102.63
CA GLN F 79 11.23 -28.46 103.54
C GLN F 79 9.74 -28.53 103.21
N PRO F 80 8.82 -28.07 104.09
CA PRO F 80 7.39 -28.05 103.78
C PRO F 80 7.14 -27.24 102.51
N GLU F 81 7.87 -26.26 102.20
CA GLU F 81 7.65 -25.41 100.99
C GLU F 81 8.69 -25.80 99.93
N ASP F 82 9.33 -26.97 100.08
CA ASP F 82 10.22 -27.51 99.01
C ASP F 82 9.47 -28.42 98.04
N PHE F 83 8.17 -28.67 98.26
CA PHE F 83 7.46 -29.64 97.38
C PHE F 83 6.82 -28.90 96.20
N ALA F 84 7.36 -29.12 94.99
CA ALA F 84 6.85 -28.39 93.80
C ALA F 84 7.26 -29.12 92.52
N THR F 85 6.68 -28.72 91.37
CA THR F 85 7.10 -29.31 90.07
C THR F 85 8.43 -28.66 89.67
N TYR F 86 9.41 -29.45 89.25
CA TYR F 86 10.71 -28.93 88.85
C TYR F 86 10.92 -29.16 87.36
N TYR F 87 11.45 -28.14 86.67
CA TYR F 87 11.64 -28.17 85.23
C TYR F 87 13.07 -27.84 84.86
N CYS F 88 13.55 -28.51 83.81
CA CYS F 88 14.86 -28.22 83.21
C CYS F 88 14.64 -27.68 81.80
N GLN F 89 15.20 -26.51 81.54
CA GLN F 89 15.03 -25.82 80.26
C GLN F 89 16.39 -25.46 79.68
N GLN F 90 16.64 -25.82 78.44
CA GLN F 90 17.94 -25.52 77.83
C GLN F 90 17.95 -24.11 77.26
N SER F 91 19.06 -23.42 77.51
CA SER F 91 19.29 -22.09 76.96
C SER F 91 20.31 -22.12 75.83
N TYR F 92 20.57 -23.30 75.26
CA TYR F 92 21.69 -23.46 74.35
C TYR F 92 21.33 -23.02 72.93
N SER F 93 20.39 -23.73 72.28
CA SER F 93 20.14 -23.42 70.84
C SER F 93 18.73 -22.92 70.50
N THR F 94 18.60 -21.64 70.13
CA THR F 94 17.31 -21.10 69.62
C THR F 94 16.14 -21.33 70.59
N PRO F 95 14.99 -21.96 70.21
CA PRO F 95 13.84 -22.03 71.11
C PRO F 95 14.11 -22.78 72.42
N PRO F 96 13.70 -22.22 73.59
CA PRO F 96 13.83 -22.94 74.85
C PRO F 96 13.08 -24.26 74.83
N THR F 97 13.71 -25.35 75.26
CA THR F 97 13.01 -26.66 75.36
C THR F 97 12.98 -27.05 76.84
N PHE F 98 11.81 -27.39 77.36
CA PHE F 98 11.68 -27.64 78.79
C PHE F 98 11.62 -29.14 79.07
N GLY F 99 11.99 -29.49 80.31
CA GLY F 99 11.91 -30.86 80.76
C GLY F 99 10.51 -31.29 81.15
N GLY F 100 10.36 -32.60 81.39
CA GLY F 100 9.04 -33.15 81.64
C GLY F 100 8.41 -32.63 82.92
N GLY F 101 9.18 -32.62 84.01
CA GLY F 101 8.63 -32.24 85.30
C GLY F 101 8.74 -33.34 86.34
N THR F 102 8.86 -32.96 87.61
CA THR F 102 9.03 -33.93 88.69
C THR F 102 8.12 -33.56 89.85
N LYS F 103 7.40 -34.55 90.36
CA LYS F 103 6.51 -34.36 91.50
C LYS F 103 7.17 -34.87 92.77
N VAL F 104 6.92 -34.16 93.87
CA VAL F 104 7.54 -34.45 95.16
C VAL F 104 6.44 -34.84 96.13
N GLU F 105 6.68 -35.96 96.82
CA GLU F 105 5.70 -36.40 97.84
C GLU F 105 6.44 -36.68 99.14
N ILE F 106 5.72 -37.12 100.16
CA ILE F 106 6.26 -37.48 101.47
C ILE F 106 5.69 -38.83 101.85
N LYS F 107 6.42 -39.53 102.74
CA LYS F 107 5.95 -40.78 103.32
C LYS F 107 5.17 -40.53 104.60
N ARG F 108 4.48 -39.39 104.69
CA ARG F 108 3.95 -38.93 105.97
C ARG F 108 3.02 -39.97 106.59
N THR F 109 2.03 -40.43 105.84
CA THR F 109 1.17 -41.52 106.26
C THR F 109 0.90 -42.41 105.06
N VAL F 110 1.11 -43.71 105.22
CA VAL F 110 0.71 -44.70 104.22
C VAL F 110 -0.63 -45.24 104.68
N ALA F 111 -1.69 -44.87 103.97
CA ALA F 111 -3.05 -45.15 104.42
C ALA F 111 -3.84 -45.83 103.32
N ALA F 112 -4.60 -46.85 103.71
CA ALA F 112 -5.54 -47.47 102.79
C ALA F 112 -6.72 -46.55 102.54
N PRO F 113 -7.30 -46.59 101.35
CA PRO F 113 -8.49 -45.75 101.09
C PRO F 113 -9.70 -46.27 101.85
N SER F 114 -10.48 -45.34 102.39
CA SER F 114 -11.78 -45.66 102.97
C SER F 114 -12.80 -45.49 101.84
N VAL F 115 -13.46 -46.59 101.48
CA VAL F 115 -14.26 -46.63 100.26
C VAL F 115 -15.72 -46.42 100.61
N PHE F 116 -16.36 -45.52 99.87
CA PHE F 116 -17.78 -45.20 100.00
C PHE F 116 -18.42 -45.29 98.63
N ILE F 117 -19.73 -45.47 98.61
CA ILE F 117 -20.51 -45.46 97.38
C ILE F 117 -21.78 -44.65 97.62
N PHE F 118 -22.14 -43.82 96.64
CA PHE F 118 -23.33 -42.97 96.76
C PHE F 118 -24.14 -43.03 95.47
N PRO F 119 -25.37 -43.54 95.53
CA PRO F 119 -26.19 -43.68 94.32
C PRO F 119 -26.83 -42.36 93.94
N PRO F 120 -27.42 -42.27 92.74
CA PRO F 120 -28.17 -41.06 92.37
C PRO F 120 -29.39 -40.85 93.26
N SER F 121 -29.74 -39.58 93.46
CA SER F 121 -30.88 -39.21 94.27
C SER F 121 -32.18 -39.22 93.46
N ASP F 122 -33.29 -39.34 94.19
CA ASP F 122 -34.61 -39.38 93.57
C ASP F 122 -34.83 -38.18 92.66
N GLU F 123 -34.33 -37.00 93.09
CA GLU F 123 -34.44 -35.76 92.28
C GLU F 123 -33.46 -35.85 91.11
N GLN F 124 -32.30 -36.45 91.33
CA GLN F 124 -31.37 -36.71 90.23
C GLN F 124 -31.93 -37.78 89.31
N LEU F 125 -32.87 -38.59 89.81
CA LEU F 125 -33.64 -39.47 88.92
C LEU F 125 -34.67 -38.71 88.09
N LYS F 126 -35.42 -37.79 88.69
CA LYS F 126 -36.37 -36.96 87.86
C LYS F 126 -35.54 -36.17 86.85
N SER F 127 -34.27 -35.92 87.15
CA SER F 127 -33.34 -35.21 86.27
C SER F 127 -33.10 -35.95 84.97
N GLY F 128 -33.06 -37.28 85.02
CA GLY F 128 -32.78 -38.09 83.84
C GLY F 128 -31.34 -38.54 83.68
N THR F 129 -30.44 -38.05 84.53
CA THR F 129 -29.06 -38.51 84.55
C THR F 129 -28.78 -39.15 85.90
N ALA F 130 -28.35 -40.41 85.89
CA ALA F 130 -28.09 -41.15 87.11
C ALA F 130 -26.58 -41.25 87.28
N SER F 131 -26.10 -41.08 88.49
CA SER F 131 -24.66 -41.01 88.72
C SER F 131 -24.31 -41.63 90.05
N VAL F 132 -23.50 -42.68 90.01
CA VAL F 132 -22.99 -43.33 91.20
C VAL F 132 -21.56 -42.87 91.41
N VAL F 133 -21.23 -42.49 92.64
CA VAL F 133 -19.89 -41.99 92.94
C VAL F 133 -19.25 -42.92 93.96
N CYS F 134 -18.07 -43.43 93.62
CA CYS F 134 -17.27 -44.24 94.53
C CYS F 134 -16.14 -43.36 95.05
N LEU F 135 -16.11 -43.15 96.36
CA LEU F 135 -15.20 -42.21 96.99
C LEU F 135 -14.15 -42.96 97.79
N LEU F 136 -12.89 -42.70 97.49
CA LEU F 136 -11.77 -43.27 98.23
C LEU F 136 -11.12 -42.14 99.01
N ASN F 137 -11.17 -42.23 100.34
CA ASN F 137 -10.72 -41.13 101.18
C ASN F 137 -9.45 -41.51 101.92
N ASN F 138 -8.58 -40.51 102.06
CA ASN F 138 -7.38 -40.59 102.88
C ASN F 138 -6.52 -41.80 102.50
N PHE F 139 -6.11 -41.82 101.24
CA PHE F 139 -5.26 -42.92 100.73
C PHE F 139 -3.98 -42.26 100.20
N TYR F 140 -2.81 -42.88 100.36
CA TYR F 140 -1.57 -42.31 99.78
C TYR F 140 -1.49 -42.79 98.34
N PRO F 141 -2.01 -42.05 97.33
CA PRO F 141 -2.11 -42.53 95.96
C PRO F 141 -0.95 -42.26 95.00
N ARG F 142 0.24 -42.77 95.30
CA ARG F 142 1.29 -42.65 94.27
C ARG F 142 0.79 -43.59 93.18
N GLU F 143 -0.37 -44.23 93.43
CA GLU F 143 -0.93 -45.21 92.52
C GLU F 143 -2.19 -45.85 93.12
N ALA F 144 -3.24 -45.92 92.32
CA ALA F 144 -4.44 -46.66 92.66
C ALA F 144 -5.19 -46.96 91.36
N LYS F 145 -5.89 -48.09 91.34
CA LYS F 145 -6.64 -48.49 90.15
C LYS F 145 -8.10 -48.71 90.52
N VAL F 146 -9.00 -48.06 89.79
CA VAL F 146 -10.43 -48.11 90.06
C VAL F 146 -11.12 -48.58 88.78
N GLN F 147 -12.08 -49.49 88.92
CA GLN F 147 -12.90 -49.92 87.80
C GLN F 147 -14.32 -50.13 88.29
N TRP F 148 -15.23 -50.25 87.33
CA TRP F 148 -16.66 -50.38 87.62
C TRP F 148 -17.19 -51.66 87.00
N LYS F 149 -17.93 -52.43 87.81
CA LYS F 149 -18.66 -53.59 87.33
C LYS F 149 -20.15 -53.35 87.62
N VAL F 150 -20.90 -53.03 86.57
CA VAL F 150 -22.34 -52.92 86.65
C VAL F 150 -22.94 -54.21 86.12
N ASP F 151 -23.55 -54.99 87.02
CA ASP F 151 -24.11 -56.29 86.68
C ASP F 151 -23.07 -57.18 86.00
N ASN F 152 -21.88 -57.23 86.59
CA ASN F 152 -20.74 -58.00 86.08
C ASN F 152 -20.35 -57.57 84.68
N ALA F 153 -20.67 -56.34 84.31
CA ALA F 153 -20.25 -55.75 83.05
C ALA F 153 -19.22 -54.67 83.35
N LEU F 154 -18.04 -54.79 82.75
CA LEU F 154 -16.95 -53.85 82.99
C LEU F 154 -17.25 -52.53 82.28
N GLN F 155 -17.59 -51.51 83.05
CA GLN F 155 -17.93 -50.21 82.49
C GLN F 155 -16.67 -49.41 82.17
N SER F 156 -16.69 -48.73 81.03
CA SER F 156 -15.58 -47.89 80.63
C SER F 156 -16.10 -46.76 79.75
N GLY F 157 -15.36 -45.66 79.73
CA GLY F 157 -15.62 -44.56 78.82
C GLY F 157 -16.59 -43.51 79.32
N ASN F 158 -17.22 -43.71 80.47
CA ASN F 158 -18.22 -42.76 80.95
C ASN F 158 -18.07 -42.46 82.44
N SER F 159 -16.90 -42.72 83.02
CA SER F 159 -16.63 -42.39 84.41
C SER F 159 -15.32 -41.61 84.48
N GLN F 160 -15.30 -40.55 85.28
CA GLN F 160 -14.11 -39.72 85.39
C GLN F 160 -13.66 -39.62 86.84
N GLU F 161 -12.34 -39.44 86.99
CA GLU F 161 -11.67 -39.55 88.29
C GLU F 161 -11.13 -38.19 88.69
N SER F 162 -11.43 -37.76 89.90
CA SER F 162 -10.93 -36.49 90.40
C SER F 162 -10.16 -36.71 91.71
N VAL F 163 -9.19 -35.83 91.93
CA VAL F 163 -8.33 -35.88 93.11
C VAL F 163 -7.92 -34.46 93.49
N THR F 164 -7.68 -34.26 94.78
CA THR F 164 -7.25 -32.98 95.31
C THR F 164 -5.73 -32.93 95.40
N GLU F 165 -5.27 -31.82 95.98
CA GLU F 165 -3.81 -31.62 96.20
C GLU F 165 -3.51 -32.06 97.64
N GLN F 166 -2.25 -31.97 98.07
CA GLN F 166 -1.83 -32.48 99.37
C GLN F 166 -2.62 -31.83 100.50
N ASP F 167 -3.22 -32.66 101.34
CA ASP F 167 -3.99 -32.16 102.49
C ASP F 167 -3.10 -31.44 103.50
N SER F 168 -1.78 -31.65 103.42
CA SER F 168 -0.75 -31.09 104.30
C SER F 168 -0.83 -31.66 105.71
N LYS F 169 -1.77 -32.57 105.97
CA LYS F 169 -1.95 -33.18 107.28
C LYS F 169 -1.68 -34.68 107.28
N ASP F 170 -1.98 -35.37 106.18
CA ASP F 170 -1.81 -36.81 106.11
C ASP F 170 -1.21 -37.29 104.79
N SER F 171 -0.83 -36.39 103.89
CA SER F 171 -0.23 -36.74 102.60
C SER F 171 -1.12 -37.67 101.78
N THR F 172 -2.43 -37.63 102.02
CA THR F 172 -3.39 -38.43 101.27
C THR F 172 -4.39 -37.53 100.60
N TYR F 173 -5.20 -38.10 99.71
CA TYR F 173 -6.21 -37.30 99.03
C TYR F 173 -7.60 -37.88 99.13
N SER F 174 -8.55 -37.23 98.48
CA SER F 174 -9.87 -37.77 98.24
C SER F 174 -10.02 -38.00 96.74
N LEU F 175 -10.30 -39.24 96.37
CA LEU F 175 -10.47 -39.65 94.98
C LEU F 175 -11.94 -39.92 94.75
N SER F 176 -12.49 -39.34 93.70
CA SER F 176 -13.88 -39.59 93.34
C SER F 176 -13.89 -40.24 91.97
N SER F 177 -14.46 -41.43 91.88
CA SER F 177 -14.79 -42.07 90.61
C SER F 177 -16.27 -41.78 90.38
N THR F 178 -16.54 -40.77 89.56
CA THR F 178 -17.90 -40.36 89.25
C THR F 178 -18.31 -41.09 87.97
N LEU F 179 -19.21 -42.07 88.12
CA LEU F 179 -19.69 -42.88 87.01
C LEU F 179 -21.10 -42.43 86.66
N THR F 180 -21.30 -42.09 85.38
CA THR F 180 -22.54 -41.50 84.90
C THR F 180 -23.21 -42.43 83.90
N LEU F 181 -24.52 -42.61 84.07
CA LEU F 181 -25.33 -43.40 83.17
C LEU F 181 -26.65 -42.67 82.91
N SER F 182 -27.42 -43.19 81.96
CA SER F 182 -28.75 -42.71 81.65
C SER F 182 -29.77 -43.75 82.10
N LYS F 183 -31.04 -43.33 82.13
CA LYS F 183 -32.10 -44.19 82.66
C LYS F 183 -32.27 -45.45 81.82
N ALA F 184 -32.05 -45.37 80.52
CA ALA F 184 -32.15 -46.57 79.68
C ALA F 184 -31.10 -47.62 80.03
N ASP F 185 -29.98 -47.20 80.61
CA ASP F 185 -28.93 -48.13 81.01
C ASP F 185 -28.74 -48.21 82.52
N TYR F 186 -29.53 -47.47 83.30
CA TYR F 186 -29.45 -47.50 84.75
C TYR F 186 -30.56 -48.33 85.38
N GLU F 187 -31.82 -48.09 84.99
CA GLU F 187 -32.93 -48.83 85.56
C GLU F 187 -32.95 -50.30 85.12
N LYS F 188 -32.23 -50.65 84.07
CA LYS F 188 -32.14 -52.03 83.64
C LYS F 188 -31.04 -52.81 84.37
N HIS F 189 -30.26 -52.14 85.21
CA HIS F 189 -29.19 -52.77 85.95
C HIS F 189 -29.45 -52.64 87.45
N LYS F 190 -29.06 -53.67 88.19
CA LYS F 190 -29.25 -53.74 89.63
C LYS F 190 -27.97 -53.55 90.41
N VAL F 191 -26.95 -54.35 90.12
CA VAL F 191 -25.67 -54.27 90.83
C VAL F 191 -24.89 -53.07 90.29
N TYR F 192 -24.29 -52.31 91.20
CA TYR F 192 -23.42 -51.20 90.84
C TYR F 192 -22.20 -51.28 91.76
N ALA F 193 -21.11 -51.84 91.26
CA ALA F 193 -19.98 -52.17 92.11
C ALA F 193 -18.74 -51.42 91.64
N CYS F 194 -18.02 -50.83 92.59
CA CYS F 194 -16.74 -50.20 92.30
C CYS F 194 -15.61 -51.05 92.87
N GLU F 195 -14.72 -51.47 91.85
CA GLU F 195 -13.53 -52.27 92.19
C GLU F 195 -12.34 -51.33 92.42
N VAL F 196 -11.90 -51.22 93.75
CA VAL F 196 -10.80 -50.33 94.06
C VAL F 196 -9.60 -51.17 94.50
N THR F 197 -8.44 -50.86 93.93
CA THR F 197 -7.19 -51.53 94.24
C THR F 197 -6.19 -50.45 94.65
N HIS F 198 -5.58 -50.63 95.81
CA HIS F 198 -4.55 -49.72 96.29
C HIS F 198 -3.48 -50.54 96.97
N GLN F 199 -2.21 -50.20 96.73
CA GLN F 199 -1.11 -50.87 97.42
C GLN F 199 -1.18 -50.61 98.92
N GLY F 200 -1.53 -49.38 99.31
CA GLY F 200 -1.77 -49.11 100.71
C GLY F 200 -2.94 -49.90 101.26
N LEU F 201 -3.94 -50.17 100.42
CA LEU F 201 -5.00 -51.08 100.79
C LEU F 201 -4.50 -52.52 100.78
N SER F 202 -5.04 -53.32 101.70
CA SER F 202 -4.59 -54.71 101.81
C SER F 202 -5.00 -55.51 100.59
N SER F 203 -6.31 -55.60 100.33
CA SER F 203 -6.84 -56.32 99.19
C SER F 203 -7.81 -55.41 98.45
N PRO F 204 -7.92 -55.56 97.13
CA PRO F 204 -8.91 -54.79 96.37
C PRO F 204 -10.32 -55.03 96.90
N VAL F 205 -10.98 -53.95 97.29
CA VAL F 205 -12.29 -54.05 97.91
C VAL F 205 -13.33 -53.48 96.96
N THR F 206 -14.58 -53.77 97.28
CA THR F 206 -15.70 -53.35 96.43
C THR F 206 -16.80 -52.74 97.28
N LYS F 207 -17.32 -51.60 96.80
CA LYS F 207 -18.62 -51.09 97.24
C LYS F 207 -19.63 -51.55 96.20
N SER F 208 -20.43 -52.54 96.59
CA SER F 208 -21.51 -53.09 95.79
C SER F 208 -22.84 -52.70 96.41
N PHE F 209 -23.78 -52.23 95.59
CA PHE F 209 -25.13 -52.01 96.05
C PHE F 209 -26.10 -52.36 94.95
N ASN F 210 -27.34 -52.59 95.34
CA ASN F 210 -28.41 -52.92 94.41
C ASN F 210 -29.35 -51.74 94.28
N ARG F 211 -29.62 -51.34 93.04
CA ARG F 211 -30.53 -50.23 92.78
C ARG F 211 -31.91 -50.52 93.35
N GLY F 212 -32.47 -49.53 94.05
CA GLY F 212 -33.77 -49.69 94.67
C GLY F 212 -33.69 -50.33 96.05
N GLN G 1 13.00 -4.44 90.94
CA GLN G 1 12.00 -5.49 90.79
C GLN G 1 11.03 -5.16 89.67
N VAL G 2 10.48 -6.19 89.03
CA VAL G 2 9.53 -6.03 87.95
C VAL G 2 8.26 -6.80 88.28
N GLN G 3 7.12 -6.19 87.96
CA GLN G 3 5.81 -6.78 88.11
C GLN G 3 5.27 -7.12 86.74
N LEU G 4 5.01 -8.40 86.50
CA LEU G 4 4.42 -8.88 85.25
C LEU G 4 2.96 -9.21 85.55
N VAL G 5 2.07 -8.29 85.22
CA VAL G 5 0.66 -8.40 85.55
C VAL G 5 -0.06 -8.96 84.32
N GLN G 6 -0.68 -10.13 84.49
CA GLN G 6 -1.41 -10.80 83.43
C GLN G 6 -2.81 -10.23 83.24
N SER G 7 -3.66 -10.95 82.51
CA SER G 7 -5.05 -10.59 82.33
C SER G 7 -5.93 -11.80 82.69
N GLY G 8 -7.24 -11.60 82.64
CA GLY G 8 -8.16 -12.65 83.03
C GLY G 8 -8.27 -13.77 82.01
N ALA G 9 -8.75 -14.91 82.49
CA ALA G 9 -8.88 -16.08 81.65
C ALA G 9 -9.84 -15.83 80.50
N GLU G 10 -9.58 -16.53 79.38
CA GLU G 10 -10.35 -16.28 78.15
C GLU G 10 -11.08 -17.54 77.65
N VAL G 11 -12.36 -17.42 77.32
CA VAL G 11 -13.18 -18.48 76.75
C VAL G 11 -13.68 -17.99 75.39
N LYS G 12 -13.42 -18.75 74.33
CA LYS G 12 -13.72 -18.25 72.98
C LYS G 12 -14.05 -19.36 71.99
N LYS G 13 -14.53 -18.95 70.80
CA LYS G 13 -14.93 -19.94 69.75
C LYS G 13 -13.71 -20.50 69.02
N PRO G 14 -13.62 -21.83 68.76
CA PRO G 14 -12.53 -22.37 67.93
C PRO G 14 -12.58 -21.64 66.58
N GLY G 15 -11.45 -21.11 66.11
CA GLY G 15 -11.48 -20.30 64.91
C GLY G 15 -11.56 -18.81 65.16
N SER G 16 -11.65 -18.38 66.41
CA SER G 16 -11.62 -16.96 66.74
C SER G 16 -10.19 -16.55 67.11
N SER G 17 -10.03 -15.32 67.59
CA SER G 17 -8.72 -14.78 67.92
C SER G 17 -8.71 -14.34 69.38
N VAL G 18 -7.70 -14.77 70.11
CA VAL G 18 -7.52 -14.38 71.50
C VAL G 18 -6.54 -13.22 71.54
N LYS G 19 -6.63 -12.40 72.58
CA LYS G 19 -5.70 -11.30 72.77
C LYS G 19 -5.35 -11.21 74.25
N VAL G 20 -4.17 -11.70 74.62
CA VAL G 20 -3.72 -11.63 75.99
C VAL G 20 -2.79 -10.43 76.14
N SER G 21 -2.67 -9.93 77.36
CA SER G 21 -1.77 -8.83 77.65
C SER G 21 -0.95 -9.15 78.90
N CYS G 22 0.03 -8.29 79.13
CA CYS G 22 0.89 -8.37 80.31
C CYS G 22 1.53 -7.01 80.51
N LYS G 23 1.20 -6.33 81.60
CA LYS G 23 1.76 -5.03 81.86
C LYS G 23 2.95 -5.18 82.79
N ALA G 24 4.05 -4.54 82.45
CA ALA G 24 5.28 -4.61 83.22
C ALA G 24 5.46 -3.33 84.01
N SER G 25 5.69 -3.45 85.30
CA SER G 25 5.87 -2.32 86.19
C SER G 25 7.22 -2.44 86.87
N GLY G 26 8.05 -1.41 86.71
CA GLY G 26 9.36 -1.51 87.31
C GLY G 26 10.38 -2.06 86.34
N GLY G 27 11.64 -1.67 86.54
CA GLY G 27 12.67 -2.00 85.58
C GLY G 27 12.53 -1.15 84.33
N THR G 28 13.35 -1.46 83.35
CA THR G 28 13.32 -0.77 82.06
C THR G 28 12.56 -1.65 81.07
N PHE G 29 11.40 -1.17 80.63
CA PHE G 29 10.56 -1.98 79.75
C PHE G 29 11.16 -2.07 78.35
N SER G 30 11.76 -0.99 77.86
CA SER G 30 12.16 -0.93 76.46
C SER G 30 13.27 -1.93 76.14
N ILE G 31 14.33 -1.94 76.94
CA ILE G 31 15.50 -2.73 76.57
C ILE G 31 15.25 -4.22 76.79
N TYR G 32 14.57 -4.58 77.87
CA TYR G 32 14.49 -5.98 78.25
C TYR G 32 13.56 -6.75 77.33
N ALA G 33 13.85 -8.03 77.15
CA ALA G 33 13.06 -8.89 76.29
C ALA G 33 11.96 -9.57 77.09
N ILE G 34 10.78 -9.67 76.48
CA ILE G 34 9.63 -10.34 77.08
C ILE G 34 9.17 -11.42 76.12
N SER G 35 9.11 -12.65 76.62
CA SER G 35 8.70 -13.79 75.84
C SER G 35 7.35 -14.30 76.33
N TRP G 36 6.72 -15.12 75.50
CA TRP G 36 5.42 -15.71 75.78
C TRP G 36 5.57 -17.22 75.75
N VAL G 37 5.38 -17.85 76.91
CA VAL G 37 5.54 -19.29 77.05
C VAL G 37 4.20 -19.89 77.45
N ARG G 38 3.74 -20.91 76.72
CA ARG G 38 2.46 -21.51 77.01
C ARG G 38 2.66 -22.90 77.60
N GLN G 39 1.81 -23.24 78.55
CA GLN G 39 1.79 -24.53 79.24
C GLN G 39 0.43 -25.15 78.97
N ALA G 40 0.41 -26.12 78.04
CA ALA G 40 -0.78 -26.91 77.80
C ALA G 40 -0.86 -28.04 78.81
N PRO G 41 -2.07 -28.44 79.20
CA PRO G 41 -2.20 -29.46 80.25
C PRO G 41 -1.60 -30.80 79.83
N GLY G 42 -0.49 -31.18 80.47
CA GLY G 42 0.15 -32.43 80.18
C GLY G 42 1.19 -32.40 79.08
N GLN G 43 1.53 -31.23 78.54
CA GLN G 43 2.51 -31.14 77.48
C GLN G 43 3.74 -30.33 77.84
N GLY G 44 3.85 -29.83 79.07
CA GLY G 44 5.02 -29.10 79.50
C GLY G 44 5.09 -27.72 78.90
N LEU G 45 6.02 -26.93 79.43
CA LEU G 45 6.18 -25.55 78.98
C LEU G 45 6.66 -25.53 77.53
N GLU G 46 6.23 -24.51 76.80
CA GLU G 46 6.53 -24.42 75.38
C GLU G 46 6.70 -22.97 74.99
N TRP G 47 7.88 -22.63 74.46
CA TRP G 47 8.14 -21.27 74.03
C TRP G 47 7.35 -20.96 72.76
N MET G 48 6.91 -19.72 72.65
CA MET G 48 6.12 -19.24 71.52
C MET G 48 6.76 -18.08 70.79
N GLY G 49 7.42 -17.18 71.52
CA GLY G 49 8.03 -16.04 70.88
C GLY G 49 8.46 -15.03 71.93
N GLY G 50 8.91 -13.89 71.44
CA GLY G 50 9.39 -12.85 72.32
C GLY G 50 9.55 -11.55 71.56
N ILE G 51 9.89 -10.50 72.31
CA ILE G 51 10.02 -9.18 71.71
C ILE G 51 10.82 -8.28 72.64
N ILE G 52 11.59 -7.38 72.05
CA ILE G 52 12.23 -6.28 72.76
C ILE G 52 11.56 -4.99 72.30
N PRO G 53 10.89 -4.26 73.18
CA PRO G 53 10.08 -3.12 72.73
C PRO G 53 10.88 -2.04 72.00
N ILE G 54 12.12 -1.77 72.42
CA ILE G 54 12.86 -0.68 71.79
C ILE G 54 13.16 -1.01 70.34
N PHE G 55 13.54 -2.26 70.05
CA PHE G 55 13.74 -2.66 68.66
C PHE G 55 12.42 -2.87 67.95
N GLY G 56 11.44 -3.46 68.64
CA GLY G 56 10.16 -3.70 68.05
C GLY G 56 10.06 -4.95 67.21
N THR G 57 11.19 -5.58 66.88
CA THR G 57 11.16 -6.80 66.10
C THR G 57 10.74 -7.95 66.98
N ALA G 58 9.80 -8.76 66.48
CA ALA G 58 9.24 -9.86 67.25
C ALA G 58 9.85 -11.16 66.80
N ASN G 59 10.51 -11.86 67.72
CA ASN G 59 10.98 -13.20 67.47
C ASN G 59 9.82 -14.18 67.66
N TYR G 60 9.75 -15.18 66.80
CA TYR G 60 8.66 -16.14 66.85
C TYR G 60 9.21 -17.57 66.85
N ALA G 61 8.47 -18.46 67.48
CA ALA G 61 8.75 -19.88 67.36
C ALA G 61 8.25 -20.38 66.01
N GLN G 62 8.76 -21.54 65.61
CA GLN G 62 8.57 -22.00 64.24
C GLN G 62 7.09 -22.23 63.93
N GLN G 63 6.46 -23.16 64.65
CA GLN G 63 5.13 -23.61 64.29
C GLN G 63 4.07 -22.53 64.44
N PHE G 64 4.35 -21.48 65.19
CA PHE G 64 3.37 -20.42 65.42
C PHE G 64 3.51 -19.27 64.44
N GLN G 65 4.52 -19.29 63.58
CA GLN G 65 4.68 -18.24 62.58
C GLN G 65 3.50 -18.26 61.63
N GLY G 66 2.95 -17.08 61.37
CA GLY G 66 1.78 -16.93 60.53
C GLY G 66 0.46 -16.93 61.27
N ARG G 67 0.46 -17.30 62.55
CA ARG G 67 -0.73 -17.34 63.38
C ARG G 67 -0.65 -16.37 64.55
N VAL G 68 0.41 -16.48 65.32
CA VAL G 68 0.59 -15.68 66.52
C VAL G 68 1.22 -14.34 66.14
N THR G 69 0.98 -13.35 66.98
CA THR G 69 1.53 -12.01 66.84
C THR G 69 1.92 -11.51 68.21
N ILE G 70 3.10 -10.93 68.32
CA ILE G 70 3.58 -10.38 69.57
C ILE G 70 3.89 -8.92 69.36
N THR G 71 3.31 -8.06 70.20
CA THR G 71 3.50 -6.63 70.09
C THR G 71 3.85 -6.08 71.47
N ALA G 72 4.25 -4.82 71.49
CA ALA G 72 4.53 -4.14 72.75
C ALA G 72 4.08 -2.70 72.60
N ASP G 73 3.81 -2.07 73.75
CA ASP G 73 3.42 -0.66 73.81
C ASP G 73 4.50 0.12 74.54
N GLU G 74 5.03 1.14 73.87
CA GLU G 74 6.12 1.91 74.44
C GLU G 74 5.66 2.62 75.71
N SER G 75 4.48 3.24 75.68
CA SER G 75 4.06 4.10 76.79
C SER G 75 3.65 3.28 78.01
N THR G 76 2.56 2.53 77.89
CA THR G 76 1.99 1.81 79.02
C THR G 76 2.84 0.64 79.49
N THR G 77 3.96 0.36 78.84
CA THR G 77 4.84 -0.74 79.22
C THR G 77 4.07 -2.05 79.31
N THR G 78 3.31 -2.35 78.25
CA THR G 78 2.50 -3.59 78.22
C THR G 78 2.91 -4.45 77.03
N ALA G 79 3.05 -5.77 77.22
CA ALA G 79 3.40 -6.69 76.12
C ALA G 79 2.15 -7.49 75.75
N TYR G 80 1.83 -7.60 74.46
CA TYR G 80 0.56 -8.26 74.05
C TYR G 80 0.81 -9.45 73.13
N MET G 81 0.03 -10.52 73.28
CA MET G 81 0.14 -11.68 72.34
C MET G 81 -1.24 -11.94 71.72
N GLU G 82 -1.29 -12.17 70.40
CA GLU G 82 -2.56 -12.50 69.72
C GLU G 82 -2.43 -13.86 69.03
N LEU G 83 -3.37 -14.78 69.27
CA LEU G 83 -3.34 -16.09 68.56
C LEU G 83 -4.64 -16.27 67.78
N SER G 84 -4.54 -16.62 66.49
CA SER G 84 -5.75 -16.79 65.62
C SER G 84 -6.11 -18.27 65.48
N ARG G 85 -7.31 -18.58 64.98
CA ARG G 85 -7.73 -19.99 64.74
C ARG G 85 -7.49 -20.88 65.97
N LEU G 86 -8.10 -20.52 67.11
CA LEU G 86 -7.90 -21.27 68.38
C LEU G 86 -8.36 -22.72 68.21
N THR G 87 -7.66 -23.67 68.85
CA THR G 87 -8.00 -25.12 68.73
C THR G 87 -8.02 -25.74 70.14
N SER G 88 -8.53 -26.96 70.26
CA SER G 88 -8.57 -27.67 71.57
C SER G 88 -7.14 -27.82 72.12
N GLU G 89 -6.17 -28.05 71.23
CA GLU G 89 -4.75 -28.19 71.65
C GLU G 89 -4.25 -26.84 72.17
N ASP G 90 -4.78 -25.73 71.62
CA ASP G 90 -4.35 -24.37 72.04
C ASP G 90 -4.74 -24.11 73.51
N THR G 91 -5.86 -24.64 74.00
CA THR G 91 -6.29 -24.30 75.38
C THR G 91 -5.11 -24.54 76.33
N ALA G 92 -4.78 -23.55 77.17
CA ALA G 92 -3.59 -23.67 78.05
C ALA G 92 -3.41 -22.42 78.89
N VAL G 93 -2.35 -22.37 79.72
CA VAL G 93 -2.02 -21.17 80.47
C VAL G 93 -0.84 -20.49 79.80
N TYR G 94 -0.93 -19.17 79.66
CA TYR G 94 0.05 -18.40 78.92
C TYR G 94 0.77 -17.45 79.87
N TYR G 95 2.10 -17.44 79.78
CA TYR G 95 2.96 -16.74 80.71
C TYR G 95 3.74 -15.68 79.95
N CYS G 96 3.71 -14.45 80.45
CA CYS G 96 4.66 -13.42 80.04
C CYS G 96 5.88 -13.54 80.93
N ALA G 97 7.06 -13.72 80.32
CA ALA G 97 8.28 -13.93 81.07
C ALA G 97 9.35 -12.96 80.60
N ARG G 98 9.94 -12.22 81.53
CA ARG G 98 11.04 -11.34 81.16
C ARG G 98 12.33 -12.14 81.04
N GLN G 99 13.30 -11.56 80.35
CA GLN G 99 14.61 -12.17 80.17
C GLN G 99 15.66 -11.27 80.80
N MET G 100 16.63 -11.90 81.49
CA MET G 100 17.52 -11.12 82.32
C MET G 100 18.50 -10.29 81.51
N THR G 101 18.81 -10.70 80.28
CA THR G 101 19.75 -9.96 79.47
C THR G 101 19.09 -8.72 78.90
N ALA G 102 19.79 -7.59 78.97
CA ALA G 102 19.23 -6.32 78.53
C ALA G 102 18.94 -6.29 77.04
N TYR G 103 19.44 -7.26 76.29
CA TYR G 103 19.30 -7.36 74.84
C TYR G 103 19.30 -8.84 74.51
N ASP G 104 19.64 -9.20 73.28
CA ASP G 104 19.96 -10.58 72.95
C ASP G 104 18.74 -11.51 73.14
N TYR G 105 17.84 -11.40 72.17
CA TYR G 105 16.72 -12.32 72.05
C TYR G 105 17.12 -13.78 72.26
N TRP G 106 18.38 -14.12 72.02
CA TRP G 106 18.75 -15.48 71.66
C TRP G 106 19.17 -16.36 72.84
N ASN G 107 19.79 -15.79 73.87
CA ASN G 107 20.17 -16.58 75.04
C ASN G 107 19.24 -16.23 76.19
N PRO G 108 18.12 -16.94 76.32
CA PRO G 108 17.09 -16.50 77.26
C PRO G 108 17.21 -17.11 78.64
N SER G 109 17.12 -16.27 79.67
CA SER G 109 16.95 -16.72 81.04
C SER G 109 15.78 -15.95 81.63
N PHE G 110 14.73 -16.67 82.01
CA PHE G 110 13.47 -16.05 82.42
C PHE G 110 13.52 -15.78 83.91
N ASP G 111 13.97 -14.58 84.27
CA ASP G 111 14.07 -14.21 85.68
C ASP G 111 12.71 -13.97 86.30
N TYR G 112 11.83 -13.24 85.62
CA TYR G 112 10.54 -12.86 86.15
C TYR G 112 9.45 -13.41 85.24
N TRP G 113 8.27 -13.65 85.82
CA TRP G 113 7.18 -14.26 85.08
C TRP G 113 5.87 -13.58 85.44
N GLY G 114 4.89 -13.75 84.55
CA GLY G 114 3.53 -13.38 84.87
C GLY G 114 2.79 -14.53 85.52
N GLN G 115 1.71 -14.20 86.23
CA GLN G 115 0.99 -15.22 86.99
C GLN G 115 0.27 -16.22 86.10
N GLY G 116 0.15 -15.94 84.81
CA GLY G 116 -0.51 -16.87 83.92
C GLY G 116 -1.94 -16.49 83.59
N THR G 117 -2.28 -16.57 82.32
CA THR G 117 -3.65 -16.35 81.85
C THR G 117 -4.13 -17.61 81.16
N LEU G 118 -5.20 -18.21 81.69
CA LEU G 118 -5.75 -19.42 81.09
C LEU G 118 -6.55 -19.07 79.83
N VAL G 119 -6.65 -20.04 78.93
CA VAL G 119 -7.39 -19.91 77.69
C VAL G 119 -8.11 -21.21 77.40
N THR G 120 -9.38 -21.09 77.01
CA THR G 120 -10.24 -22.21 76.68
C THR G 120 -11.05 -21.90 75.43
N VAL G 121 -11.24 -22.92 74.59
CA VAL G 121 -12.04 -22.80 73.37
C VAL G 121 -13.47 -23.25 73.68
N SER G 122 -14.44 -22.58 73.06
CA SER G 122 -15.84 -22.81 73.36
C SER G 122 -16.67 -22.81 72.09
N SER G 123 -17.49 -23.83 71.92
CA SER G 123 -18.30 -24.01 70.71
C SER G 123 -19.68 -23.40 70.93
N ALA G 124 -19.73 -22.07 70.85
CA ALA G 124 -20.95 -21.29 71.03
C ALA G 124 -21.55 -21.56 72.42
N TRP G 125 -20.73 -21.20 73.41
CA TRP G 125 -20.98 -21.55 74.81
C TRP G 125 -21.54 -20.31 75.50
N SER G 126 -22.76 -20.43 76.01
CA SER G 126 -23.50 -19.28 76.50
C SER G 126 -23.46 -19.23 78.02
N THR G 127 -23.22 -18.03 78.55
CA THR G 127 -23.12 -17.85 79.99
C THR G 127 -24.48 -18.08 80.63
N LYS G 128 -24.52 -19.10 81.49
CA LYS G 128 -25.79 -19.48 82.15
C LYS G 128 -25.45 -19.85 83.59
N GLY G 129 -26.48 -20.20 84.38
CA GLY G 129 -26.30 -20.54 85.77
C GLY G 129 -26.02 -21.99 86.05
N PRO G 130 -25.40 -22.23 87.18
CA PRO G 130 -25.20 -23.60 87.65
C PRO G 130 -26.42 -24.08 88.40
N SER G 131 -26.36 -25.33 88.86
CA SER G 131 -27.53 -25.94 89.54
C SER G 131 -27.02 -26.71 90.76
N VAL G 132 -27.78 -26.65 91.87
CA VAL G 132 -27.39 -27.43 93.07
C VAL G 132 -27.95 -28.85 92.92
N PHE G 133 -27.22 -29.74 92.22
CA PHE G 133 -27.65 -31.16 92.21
C PHE G 133 -26.84 -31.79 93.33
N PRO G 134 -27.41 -31.95 94.55
CA PRO G 134 -26.62 -32.38 95.69
C PRO G 134 -26.59 -33.88 96.02
N LEU G 135 -25.93 -34.19 97.13
CA LEU G 135 -25.82 -35.58 97.57
C LEU G 135 -26.30 -35.56 99.02
N ALA G 136 -27.59 -35.80 99.21
CA ALA G 136 -28.14 -35.98 100.55
C ALA G 136 -27.64 -37.28 101.16
N PRO G 137 -27.47 -37.34 102.48
CA PRO G 137 -27.02 -38.58 103.12
C PRO G 137 -28.18 -39.54 103.39
N SER G 138 -27.81 -40.76 103.74
CA SER G 138 -28.77 -41.78 104.15
C SER G 138 -28.05 -42.77 105.07
N SER G 139 -28.79 -43.79 105.50
CA SER G 139 -28.20 -44.80 106.38
C SER G 139 -27.12 -45.58 105.66
N LYS G 140 -27.39 -46.01 104.42
CA LYS G 140 -26.39 -46.71 103.63
C LYS G 140 -25.27 -45.78 103.18
N SER G 141 -25.53 -44.48 103.07
CA SER G 141 -24.47 -43.50 102.89
C SER G 141 -23.71 -43.22 104.17
N THR G 142 -24.19 -43.73 105.31
CA THR G 142 -23.54 -43.55 106.60
C THR G 142 -22.78 -44.83 106.94
N SER G 143 -21.46 -44.79 106.84
CA SER G 143 -20.59 -45.89 107.22
C SER G 143 -19.81 -45.46 108.45
N GLY G 144 -20.13 -46.05 109.60
CA GLY G 144 -19.56 -45.60 110.85
C GLY G 144 -20.37 -44.48 111.47
N GLY G 145 -19.68 -43.67 112.28
CA GLY G 145 -20.34 -42.56 112.95
C GLY G 145 -20.56 -41.32 112.11
N THR G 146 -20.03 -41.30 110.88
CA THR G 146 -20.13 -40.14 110.02
C THR G 146 -20.43 -40.57 108.59
N ALA G 147 -21.18 -39.74 107.88
CA ALA G 147 -21.46 -39.90 106.46
C ALA G 147 -20.86 -38.72 105.71
N ALA G 148 -21.14 -38.64 104.40
CA ALA G 148 -20.73 -37.49 103.60
C ALA G 148 -21.91 -37.00 102.78
N LEU G 149 -22.28 -35.74 103.00
CA LEU G 149 -23.30 -35.04 102.23
C LEU G 149 -22.64 -33.92 101.44
N GLY G 150 -23.07 -33.74 100.19
CA GLY G 150 -22.36 -32.82 99.32
C GLY G 150 -23.29 -32.11 98.37
N CYS G 151 -22.70 -31.36 97.44
CA CYS G 151 -23.42 -30.94 96.26
C CYS G 151 -22.51 -30.90 95.03
N LEU G 152 -23.01 -31.48 93.93
CA LEU G 152 -22.41 -31.33 92.62
C LEU G 152 -22.94 -30.04 92.00
N VAL G 153 -22.04 -29.21 91.51
CA VAL G 153 -22.43 -28.01 90.78
C VAL G 153 -22.41 -28.36 89.30
N LYS G 154 -23.56 -28.22 88.64
CA LYS G 154 -23.73 -28.73 87.30
C LYS G 154 -24.19 -27.63 86.35
N ASP G 155 -23.61 -27.66 85.15
CA ASP G 155 -24.14 -27.01 83.95
C ASP G 155 -24.19 -25.50 84.10
N TYR G 156 -23.01 -24.92 84.30
CA TYR G 156 -22.82 -23.47 84.29
C TYR G 156 -21.75 -23.11 83.28
N PHE G 157 -21.91 -22.06 82.48
CA PHE G 157 -20.96 -21.92 81.33
C PHE G 157 -19.60 -21.23 81.50
N PRO G 158 -19.39 -20.11 82.21
CA PRO G 158 -18.03 -19.62 82.48
C PRO G 158 -17.35 -20.51 83.52
N GLU G 159 -16.04 -20.71 83.43
CA GLU G 159 -15.35 -21.66 84.35
C GLU G 159 -15.45 -21.27 85.83
N PRO G 160 -15.26 -20.00 86.26
CA PRO G 160 -15.30 -19.70 87.71
C PRO G 160 -16.66 -19.99 88.36
N VAL G 161 -16.67 -20.65 89.51
CA VAL G 161 -17.93 -20.93 90.27
C VAL G 161 -17.50 -21.03 91.74
N THR G 162 -18.43 -20.98 92.69
CA THR G 162 -17.99 -20.96 94.08
C THR G 162 -19.03 -21.65 94.96
N VAL G 163 -18.67 -22.77 95.56
CA VAL G 163 -19.57 -23.50 96.44
C VAL G 163 -19.13 -23.27 97.88
N SER G 164 -20.05 -22.76 98.70
CA SER G 164 -19.87 -22.56 100.11
C SER G 164 -20.87 -23.41 100.86
N TRP G 165 -20.67 -23.56 102.17
CA TRP G 165 -21.40 -24.55 102.95
C TRP G 165 -22.04 -23.94 104.17
N ASN G 166 -23.35 -24.09 104.28
CA ASN G 166 -24.16 -23.50 105.34
C ASN G 166 -23.87 -22.00 105.46
N SER G 167 -23.89 -21.32 104.32
CA SER G 167 -23.54 -19.90 104.24
C SER G 167 -22.13 -19.64 104.78
N GLY G 168 -21.21 -20.56 104.47
CA GLY G 168 -19.82 -20.43 104.85
C GLY G 168 -19.48 -20.96 106.22
N ALA G 169 -20.47 -21.35 107.02
CA ALA G 169 -20.18 -21.86 108.36
C ALA G 169 -19.56 -23.25 108.31
N LEU G 170 -20.00 -24.10 107.38
CA LEU G 170 -19.53 -25.47 107.30
C LEU G 170 -18.19 -25.50 106.56
N THR G 171 -17.13 -25.91 107.28
CA THR G 171 -15.77 -25.95 106.67
C THR G 171 -15.08 -27.28 106.99
N SER G 172 -15.72 -28.15 107.79
CA SER G 172 -15.09 -29.43 108.19
C SER G 172 -15.44 -30.55 107.21
N GLY G 173 -14.43 -31.21 106.62
CA GLY G 173 -14.68 -32.26 105.67
C GLY G 173 -15.07 -31.80 104.29
N VAL G 174 -14.98 -30.51 104.00
CA VAL G 174 -15.40 -29.97 102.71
C VAL G 174 -14.31 -30.24 101.70
N HIS G 175 -14.64 -31.01 100.66
CA HIS G 175 -13.69 -31.38 99.63
C HIS G 175 -14.32 -31.09 98.28
N THR G 176 -13.74 -30.16 97.54
CA THR G 176 -14.27 -29.75 96.24
C THR G 176 -13.33 -30.26 95.15
N PHE G 177 -13.91 -30.75 94.06
CA PHE G 177 -13.12 -31.41 93.03
C PHE G 177 -13.23 -30.62 91.73
N PRO G 178 -12.15 -30.57 90.94
CA PRO G 178 -12.14 -29.70 89.76
C PRO G 178 -13.25 -30.06 88.78
N ALA G 179 -13.84 -29.03 88.18
CA ALA G 179 -14.89 -29.23 87.19
C ALA G 179 -14.30 -29.85 85.93
N VAL G 180 -15.03 -30.83 85.42
CA VAL G 180 -14.56 -31.57 84.22
C VAL G 180 -15.47 -31.23 83.04
N LEU G 181 -15.01 -31.52 81.83
CA LEU G 181 -15.76 -31.26 80.60
C LEU G 181 -16.24 -32.58 80.01
N GLN G 182 -17.54 -32.66 79.71
CA GLN G 182 -18.07 -33.88 79.11
C GLN G 182 -18.06 -33.77 77.60
N SER G 183 -18.62 -34.78 76.92
CA SER G 183 -18.77 -34.68 75.48
C SER G 183 -19.73 -33.57 75.09
N SER G 184 -20.67 -33.24 75.98
CA SER G 184 -21.51 -32.08 75.80
C SER G 184 -20.78 -30.79 76.18
N GLY G 185 -19.57 -30.90 76.72
CA GLY G 185 -18.76 -29.75 77.05
C GLY G 185 -19.37 -28.84 78.09
N LEU G 186 -20.03 -29.42 79.09
CA LEU G 186 -20.60 -28.63 80.16
C LEU G 186 -19.64 -28.58 81.34
N TYR G 187 -20.01 -27.85 82.37
CA TYR G 187 -19.17 -27.67 83.54
C TYR G 187 -19.82 -28.39 84.71
N SER G 188 -19.09 -29.33 85.30
CA SER G 188 -19.63 -30.22 86.32
C SER G 188 -18.53 -30.52 87.33
N LEU G 189 -18.74 -30.08 88.57
CA LEU G 189 -17.83 -30.41 89.66
C LEU G 189 -18.62 -30.94 90.85
N SER G 190 -17.90 -31.47 91.83
CA SER G 190 -18.50 -32.05 93.03
C SER G 190 -17.89 -31.41 94.26
N SER G 191 -18.66 -31.39 95.36
CA SER G 191 -18.16 -30.89 96.65
C SER G 191 -18.81 -31.71 97.75
N VAL G 192 -18.07 -32.68 98.30
CA VAL G 192 -18.60 -33.56 99.33
C VAL G 192 -18.07 -33.13 100.69
N VAL G 193 -18.91 -33.22 101.72
CA VAL G 193 -18.56 -32.80 103.07
C VAL G 193 -18.82 -33.97 104.01
N THR G 194 -17.80 -34.34 104.76
CA THR G 194 -17.94 -35.42 105.72
C THR G 194 -18.56 -34.86 107.00
N VAL G 195 -19.82 -35.21 107.24
CA VAL G 195 -20.59 -34.71 108.37
C VAL G 195 -20.93 -35.89 109.25
N PRO G 196 -20.77 -35.79 110.57
CA PRO G 196 -21.20 -36.90 111.44
C PRO G 196 -22.69 -37.17 111.32
N SER G 197 -23.06 -38.45 111.44
CA SER G 197 -24.46 -38.83 111.30
C SER G 197 -25.31 -38.19 112.39
N SER G 198 -24.75 -37.98 113.58
CA SER G 198 -25.50 -37.38 114.66
C SER G 198 -25.96 -35.97 114.32
N SER G 199 -25.21 -35.28 113.47
CA SER G 199 -25.59 -33.94 113.04
C SER G 199 -26.53 -33.92 111.85
N LEU G 200 -26.89 -35.10 111.30
CA LEU G 200 -27.81 -35.11 110.17
C LEU G 200 -29.19 -34.59 110.56
N GLY G 201 -29.67 -34.97 111.75
CA GLY G 201 -30.99 -34.55 112.19
C GLY G 201 -31.00 -33.19 112.87
N THR G 202 -30.07 -32.98 113.80
CA THR G 202 -30.03 -31.73 114.54
C THR G 202 -29.60 -30.55 113.68
N GLN G 203 -28.91 -30.80 112.57
CA GLN G 203 -28.47 -29.73 111.68
C GLN G 203 -28.83 -30.07 110.24
N THR G 204 -29.51 -29.15 109.57
CA THR G 204 -29.84 -29.28 108.15
C THR G 204 -28.80 -28.52 107.34
N TYR G 205 -28.28 -29.17 106.32
CA TYR G 205 -27.12 -28.67 105.58
C TYR G 205 -27.56 -28.17 104.21
N ILE G 206 -27.25 -26.89 103.95
CA ILE G 206 -27.57 -26.27 102.63
C ILE G 206 -26.28 -25.64 102.09
N CYS G 207 -25.91 -25.94 100.85
CA CYS G 207 -24.72 -25.37 100.22
C CYS G 207 -25.13 -24.27 99.29
N ASN G 208 -24.43 -23.15 99.37
CA ASN G 208 -24.70 -21.99 98.54
C ASN G 208 -23.78 -22.06 97.32
N VAL G 209 -24.38 -22.18 96.15
CA VAL G 209 -23.62 -22.13 94.90
C VAL G 209 -23.73 -20.71 94.35
N ASN G 210 -22.58 -20.11 94.02
CA ASN G 210 -22.48 -18.72 93.58
C ASN G 210 -21.76 -18.71 92.24
N HIS G 211 -22.42 -18.18 91.22
CA HIS G 211 -21.80 -18.03 89.91
C HIS G 211 -21.82 -16.56 89.56
N LYS G 212 -20.63 -15.94 89.61
CA LYS G 212 -20.52 -14.48 89.33
C LYS G 212 -20.92 -14.17 87.88
N PRO G 213 -20.51 -14.91 86.81
CA PRO G 213 -20.95 -14.53 85.47
C PRO G 213 -22.46 -14.60 85.28
N SER G 214 -23.10 -15.63 85.82
CA SER G 214 -24.55 -15.72 85.81
C SER G 214 -25.19 -15.06 87.03
N ASN G 215 -24.38 -14.61 87.99
CA ASN G 215 -24.86 -13.90 89.18
C ASN G 215 -25.94 -14.70 89.90
N THR G 216 -25.72 -16.01 90.02
CA THR G 216 -26.70 -16.93 90.58
C THR G 216 -26.25 -17.33 91.98
N LYS G 217 -27.11 -17.06 92.96
CA LYS G 217 -26.86 -17.39 94.36
C LYS G 217 -27.99 -18.33 94.77
N VAL G 218 -27.70 -19.62 94.77
CA VAL G 218 -28.72 -20.65 94.90
C VAL G 218 -28.42 -21.53 96.11
N ASP G 219 -29.46 -21.79 96.91
CA ASP G 219 -29.38 -22.64 98.08
C ASP G 219 -30.39 -23.78 97.92
N LYS G 220 -29.90 -25.00 97.80
CA LYS G 220 -30.80 -26.14 97.76
C LYS G 220 -30.28 -27.15 98.79
N ARG G 221 -31.23 -27.78 99.50
CA ARG G 221 -30.88 -28.56 100.67
C ARG G 221 -30.06 -29.78 100.29
N VAL G 222 -29.06 -30.09 101.12
CA VAL G 222 -28.29 -31.30 100.97
C VAL G 222 -28.80 -32.36 101.94
N ASP H 1 51.39 -31.27 -49.89
CA ASP H 1 52.34 -30.29 -50.42
C ASP H 1 53.14 -30.85 -51.58
N ILE H 2 53.64 -29.96 -52.44
CA ILE H 2 54.43 -30.38 -53.59
C ILE H 2 55.76 -30.90 -53.08
N VAL H 3 55.95 -32.22 -53.13
CA VAL H 3 57.22 -32.84 -52.75
C VAL H 3 57.97 -33.21 -54.02
N MET H 4 59.22 -32.76 -54.10
CA MET H 4 60.03 -32.87 -55.31
C MET H 4 61.30 -33.65 -55.01
N THR H 5 61.56 -34.68 -55.80
CA THR H 5 62.70 -35.56 -55.59
C THR H 5 63.66 -35.46 -56.77
N GLN H 6 64.96 -35.37 -56.47
CA GLN H 6 65.97 -35.40 -57.56
C GLN H 6 66.22 -36.87 -57.89
N THR H 7 65.99 -37.28 -59.14
CA THR H 7 66.11 -38.73 -59.48
C THR H 7 67.54 -39.24 -59.26
N PRO H 8 68.63 -38.54 -59.67
CA PRO H 8 69.98 -38.83 -59.20
C PRO H 8 70.40 -37.99 -57.99
N SER H 9 70.91 -38.64 -56.95
CA SER H 9 71.38 -37.91 -55.74
C SER H 9 72.87 -37.58 -55.90
N SER H 10 73.56 -38.26 -56.82
CA SER H 10 74.97 -38.01 -57.08
C SER H 10 75.38 -38.72 -58.36
N LEU H 11 76.07 -38.00 -59.24
CA LEU H 11 76.61 -38.58 -60.47
C LEU H 11 78.07 -38.17 -60.59
N SER H 12 78.89 -39.09 -61.09
CA SER H 12 80.30 -38.83 -61.32
C SER H 12 80.55 -38.64 -62.80
N ALA H 13 81.23 -37.54 -63.15
CA ALA H 13 81.48 -37.24 -64.55
C ALA H 13 82.68 -36.31 -64.66
N SER H 14 83.63 -36.68 -65.52
CA SER H 14 84.84 -35.89 -65.70
C SER H 14 84.52 -34.57 -66.37
N VAL H 15 85.58 -33.83 -66.70
CA VAL H 15 85.39 -32.56 -67.46
C VAL H 15 85.01 -32.92 -68.91
N GLY H 16 84.40 -31.99 -69.64
CA GLY H 16 84.00 -32.25 -71.03
C GLY H 16 83.00 -33.39 -71.14
N ASP H 17 82.11 -33.53 -70.14
CA ASP H 17 81.09 -34.60 -70.16
C ASP H 17 79.69 -33.98 -70.19
N ARG H 18 78.83 -34.41 -71.11
CA ARG H 18 77.43 -33.91 -71.13
C ARG H 18 76.72 -34.45 -69.88
N VAL H 19 76.04 -33.58 -69.13
CA VAL H 19 75.39 -34.03 -67.86
C VAL H 19 73.91 -33.62 -67.86
N THR H 20 73.01 -34.56 -67.55
CA THR H 20 71.57 -34.21 -67.44
C THR H 20 71.11 -34.51 -66.01
N ILE H 21 70.44 -33.54 -65.36
CA ILE H 21 69.92 -33.78 -63.98
C ILE H 21 68.39 -33.77 -64.02
N THR H 22 67.75 -34.79 -63.44
CA THR H 22 66.28 -34.91 -63.56
C THR H 22 65.59 -34.59 -62.23
N CYS H 23 64.56 -33.74 -62.25
CA CYS H 23 63.81 -33.44 -61.01
C CYS H 23 62.36 -33.90 -61.19
N ARG H 24 61.81 -34.62 -60.20
CA ARG H 24 60.43 -35.17 -60.32
C ARG H 24 59.46 -34.27 -59.54
N ALA H 25 58.32 -33.94 -60.14
CA ALA H 25 57.35 -33.03 -59.48
C ALA H 25 56.10 -33.81 -59.05
N SER H 26 55.65 -33.60 -57.81
CA SER H 26 54.45 -34.31 -57.29
C SER H 26 53.21 -33.94 -58.10
N GLU H 27 53.06 -32.66 -58.47
CA GLU H 27 51.85 -32.21 -59.20
C GLU H 27 52.27 -31.34 -60.40
N ASP H 28 51.36 -31.13 -61.35
CA ASP H 28 51.65 -30.27 -62.53
C ASP H 28 52.19 -28.91 -62.06
N ILE H 29 53.44 -28.62 -62.37
CA ILE H 29 53.96 -27.23 -62.19
C ILE H 29 54.09 -26.78 -63.64
N THR H 30 53.22 -25.88 -64.11
CA THR H 30 53.16 -25.59 -65.58
C THR H 30 54.49 -25.11 -66.15
N SER H 31 55.18 -24.20 -65.47
CA SER H 31 56.47 -23.65 -65.96
C SER H 31 57.12 -22.93 -64.79
N TYR H 32 57.13 -23.56 -63.62
CA TYR H 32 57.64 -22.87 -62.44
C TYR H 32 58.64 -23.79 -61.76
N LEU H 33 59.88 -23.74 -62.24
CA LEU H 33 60.97 -24.49 -61.64
C LEU H 33 62.25 -23.69 -61.74
N ASN H 34 63.05 -23.76 -60.68
CA ASN H 34 64.29 -23.03 -60.56
C ASN H 34 65.42 -24.01 -60.33
N TRP H 35 66.51 -23.80 -61.04
CA TRP H 35 67.73 -24.60 -60.91
C TRP H 35 68.76 -23.73 -60.20
N TYR H 36 69.20 -24.20 -59.04
CA TYR H 36 70.12 -23.49 -58.16
C TYR H 36 71.42 -24.27 -58.06
N GLN H 37 72.54 -23.57 -58.12
CA GLN H 37 73.85 -24.20 -57.93
C GLN H 37 74.41 -23.80 -56.57
N LEU H 38 74.87 -24.80 -55.81
CA LEU H 38 75.41 -24.61 -54.47
C LEU H 38 76.78 -25.26 -54.39
N LYS H 39 77.83 -24.45 -54.33
CA LYS H 39 79.15 -24.92 -53.93
C LYS H 39 79.32 -24.71 -52.43
N PRO H 40 79.52 -25.77 -51.66
CA PRO H 40 79.56 -25.63 -50.20
C PRO H 40 80.54 -24.54 -49.77
N GLY H 41 80.02 -23.47 -49.18
CA GLY H 41 80.84 -22.37 -48.72
C GLY H 41 80.47 -20.99 -49.24
N LYS H 42 79.29 -20.83 -49.85
CA LYS H 42 78.93 -19.45 -50.25
C LYS H 42 77.46 -19.38 -50.62
N ALA H 43 76.87 -18.18 -50.62
CA ALA H 43 75.52 -18.08 -51.13
C ALA H 43 75.41 -18.86 -52.44
N PRO H 44 74.33 -19.62 -52.63
CA PRO H 44 74.17 -20.38 -53.87
C PRO H 44 73.95 -19.47 -55.06
N MET H 45 74.02 -20.11 -56.25
CA MET H 45 73.89 -19.36 -57.53
C MET H 45 72.57 -19.70 -58.26
N PHE H 46 71.75 -18.68 -58.52
CA PHE H 46 70.50 -18.76 -59.26
C PHE H 46 70.83 -19.03 -60.72
N LEU H 47 70.57 -20.26 -61.18
CA LEU H 47 70.97 -20.66 -62.52
C LEU H 47 69.83 -20.56 -63.52
N ILE H 48 68.71 -21.21 -63.24
CA ILE H 48 67.59 -21.30 -64.17
C ILE H 48 66.31 -20.92 -63.47
N TYR H 49 65.46 -20.21 -64.23
CA TYR H 49 64.10 -19.87 -63.75
C TYR H 49 63.15 -20.47 -64.80
N ALA H 50 61.94 -20.87 -64.38
CA ALA H 50 60.93 -21.48 -65.24
C ALA H 50 61.42 -22.75 -65.92
N ALA H 51 62.48 -23.37 -65.39
CA ALA H 51 63.03 -24.65 -65.81
C ALA H 51 63.66 -24.62 -67.20
N SER H 52 63.66 -23.48 -67.89
CA SER H 52 64.16 -23.50 -69.26
C SER H 52 65.12 -22.36 -69.58
N SER H 53 64.97 -21.20 -68.94
CA SER H 53 65.68 -20.01 -69.35
C SER H 53 66.89 -19.75 -68.44
N LEU H 54 67.94 -19.14 -69.16
CA LEU H 54 69.25 -18.95 -68.47
C LEU H 54 69.32 -17.65 -67.67
N GLN H 55 69.65 -17.80 -66.30
CA GLN H 55 69.90 -16.57 -65.56
C GLN H 55 71.10 -15.85 -66.16
N SER H 56 71.04 -14.52 -66.17
CA SER H 56 72.15 -13.74 -66.70
C SER H 56 73.40 -13.96 -65.85
N GLY H 57 74.56 -13.95 -66.51
CA GLY H 57 75.80 -14.25 -65.82
C GLY H 57 76.09 -15.72 -65.68
N VAL H 58 75.40 -16.57 -66.44
CA VAL H 58 75.59 -18.02 -66.37
C VAL H 58 76.08 -18.51 -67.73
N PRO H 59 77.06 -19.40 -67.78
CA PRO H 59 77.52 -19.90 -69.07
C PRO H 59 76.40 -20.61 -69.83
N SER H 60 76.44 -20.49 -71.16
CA SER H 60 75.46 -21.14 -72.01
C SER H 60 75.58 -22.66 -71.98
N ARG H 61 76.67 -23.18 -71.42
CA ARG H 61 76.79 -24.63 -71.22
C ARG H 61 75.65 -25.18 -70.37
N PHE H 62 75.06 -24.35 -69.51
CA PHE H 62 73.85 -24.72 -68.81
C PHE H 62 72.62 -24.45 -69.67
N SER H 63 71.73 -25.43 -69.75
CA SER H 63 70.50 -25.34 -70.51
C SER H 63 69.36 -25.91 -69.68
N GLY H 64 68.20 -25.28 -69.76
CA GLY H 64 67.03 -25.77 -69.06
C GLY H 64 66.05 -26.41 -70.02
N SER H 65 65.55 -27.58 -69.64
CA SER H 65 64.55 -28.28 -70.44
C SER H 65 63.47 -28.82 -69.52
N GLY H 66 62.26 -28.91 -70.04
CA GLY H 66 61.18 -29.58 -69.35
C GLY H 66 59.93 -28.71 -69.24
N SER H 67 58.87 -29.37 -68.82
CA SER H 67 57.59 -28.73 -68.53
C SER H 67 56.76 -29.73 -67.74
N GLY H 68 55.55 -29.33 -67.38
CA GLY H 68 54.68 -30.23 -66.66
C GLY H 68 55.32 -30.78 -65.40
N THR H 69 55.74 -32.05 -65.44
CA THR H 69 56.45 -32.67 -64.33
C THR H 69 57.80 -33.26 -64.72
N ASP H 70 58.28 -33.20 -65.86
CA ASP H 70 59.62 -33.73 -66.24
C ASP H 70 60.53 -32.51 -66.41
N PHE H 71 61.64 -32.44 -65.87
CA PHE H 71 62.53 -31.29 -65.80
C PHE H 71 63.97 -31.77 -65.78
N THR H 72 64.79 -31.24 -66.70
CA THR H 72 66.19 -31.72 -66.83
C THR H 72 67.16 -30.58 -67.13
N LEU H 73 67.91 -30.12 -66.13
CA LEU H 73 68.97 -29.10 -66.41
C LEU H 73 70.10 -29.84 -67.15
N THR H 74 70.62 -29.26 -68.23
CA THR H 74 71.64 -29.97 -69.05
C THR H 74 72.93 -29.16 -69.10
N ILE H 75 74.08 -29.78 -68.85
CA ILE H 75 75.39 -29.07 -68.97
C ILE H 75 76.11 -29.63 -70.21
N SER H 76 76.43 -28.76 -71.18
CA SER H 76 77.04 -29.24 -72.45
C SER H 76 78.42 -29.87 -72.20
N SER H 77 79.26 -29.20 -71.39
CA SER H 77 80.59 -29.77 -71.04
C SER H 77 80.86 -29.48 -69.56
N LEU H 78 81.32 -30.48 -68.81
CA LEU H 78 81.69 -30.22 -67.40
C LEU H 78 83.00 -29.42 -67.34
N GLN H 79 83.15 -28.62 -66.28
CA GLN H 79 84.35 -27.75 -66.14
C GLN H 79 84.90 -27.96 -64.73
N PRO H 80 86.15 -27.55 -64.40
CA PRO H 80 86.67 -27.67 -63.04
C PRO H 80 85.76 -26.90 -62.07
N GLU H 81 85.15 -25.85 -62.46
CA GLU H 81 84.25 -25.05 -61.58
C GLU H 81 82.79 -25.38 -61.89
N ASP H 82 82.54 -26.50 -62.58
CA ASP H 82 81.15 -26.99 -62.77
C ASP H 82 80.74 -28.01 -61.72
N PHE H 83 81.63 -28.37 -60.79
CA PHE H 83 81.26 -29.45 -59.83
C PHE H 83 80.62 -28.84 -58.59
N ALA H 84 79.30 -28.99 -58.43
CA ALA H 84 78.58 -28.38 -57.29
C ALA H 84 77.24 -29.08 -57.05
N THR H 85 76.62 -28.90 -55.90
CA THR H 85 75.29 -29.52 -55.66
C THR H 85 74.20 -28.72 -56.40
N TYR H 86 73.26 -29.43 -57.02
CA TYR H 86 72.20 -28.78 -57.84
C TYR H 86 70.83 -29.00 -57.16
N TYR H 87 70.04 -27.93 -57.02
CA TYR H 87 68.73 -28.03 -56.32
C TYR H 87 67.59 -27.60 -57.24
N CYS H 88 66.51 -28.38 -57.29
CA CYS H 88 65.32 -27.97 -58.10
C CYS H 88 64.23 -27.45 -57.16
N GLN H 89 63.79 -26.21 -57.36
CA GLN H 89 62.83 -25.59 -56.47
C GLN H 89 61.61 -25.13 -57.26
N GLN H 90 60.42 -25.52 -56.82
CA GLN H 90 59.21 -25.15 -57.54
C GLN H 90 58.75 -23.75 -57.13
N SER H 91 58.36 -22.97 -58.12
CA SER H 91 57.80 -21.64 -57.92
C SER H 91 56.29 -21.63 -58.15
N TYR H 92 55.67 -22.81 -58.18
CA TYR H 92 54.22 -22.90 -58.52
C TYR H 92 53.32 -22.51 -57.35
N SER H 93 53.28 -23.31 -56.27
CA SER H 93 52.28 -23.01 -55.21
C SER H 93 52.87 -22.75 -53.82
N THR H 94 52.62 -21.56 -53.25
CA THR H 94 52.97 -21.27 -51.83
C THR H 94 54.45 -21.53 -51.48
N PRO H 95 54.82 -22.35 -50.46
CA PRO H 95 56.22 -22.46 -50.03
C PRO H 95 57.14 -23.05 -51.08
N PRO H 96 58.34 -22.48 -51.29
CA PRO H 96 59.31 -23.08 -52.20
C PRO H 96 59.66 -24.47 -51.66
N THR H 97 59.62 -25.50 -52.51
CA THR H 97 60.05 -26.84 -52.05
C THR H 97 61.32 -27.17 -52.83
N PHE H 98 62.42 -27.46 -52.12
CA PHE H 98 63.71 -27.66 -52.81
C PHE H 98 63.97 -29.15 -53.07
N GLY H 99 64.48 -29.48 -54.26
CA GLY H 99 64.87 -30.84 -54.56
C GLY H 99 65.96 -31.36 -53.63
N GLY H 100 66.21 -32.67 -53.75
CA GLY H 100 67.14 -33.32 -52.84
C GLY H 100 68.56 -32.80 -52.96
N GLY H 101 69.06 -32.70 -54.18
CA GLY H 101 70.44 -32.32 -54.41
C GLY H 101 71.24 -33.37 -55.16
N THR H 102 72.25 -32.95 -55.93
CA THR H 102 73.04 -33.85 -56.73
C THR H 102 74.51 -33.53 -56.56
N LYS H 103 75.31 -34.55 -56.32
CA LYS H 103 76.76 -34.40 -56.19
C LYS H 103 77.46 -34.81 -57.47
N VAL H 104 78.53 -34.09 -57.81
CA VAL H 104 79.26 -34.27 -59.04
C VAL H 104 80.67 -34.73 -58.69
N GLU H 105 81.24 -35.64 -59.28
CA GLU H 105 82.64 -36.04 -59.05
C GLU H 105 83.24 -36.37 -60.41
N ILE H 106 84.41 -36.92 -60.48
CA ILE H 106 85.21 -37.19 -61.68
C ILE H 106 85.83 -38.57 -61.52
N LYS H 107 86.15 -39.18 -62.67
CA LYS H 107 86.88 -40.45 -62.70
C LYS H 107 88.37 -40.23 -62.71
N ARG H 108 88.85 -39.13 -62.09
CA ARG H 108 90.22 -38.68 -62.32
C ARG H 108 91.23 -39.77 -61.97
N THR H 109 91.12 -40.32 -60.76
CA THR H 109 91.93 -41.47 -60.37
C THR H 109 91.06 -42.41 -59.57
N VAL H 110 91.07 -43.69 -59.94
CA VAL H 110 90.44 -44.74 -59.14
C VAL H 110 91.53 -45.37 -58.30
N ALA H 111 91.52 -45.11 -57.01
CA ALA H 111 92.63 -45.48 -56.15
C ALA H 111 92.13 -46.25 -54.94
N ALA H 112 92.86 -47.31 -54.60
CA ALA H 112 92.60 -48.04 -53.38
C ALA H 112 93.04 -47.21 -52.17
N PRO H 113 92.36 -47.34 -51.04
CA PRO H 113 92.81 -46.60 -49.85
C PRO H 113 94.10 -47.19 -49.30
N SER H 114 94.99 -46.31 -48.85
CA SER H 114 96.17 -46.71 -48.11
C SER H 114 95.79 -46.66 -46.64
N VAL H 115 95.82 -47.81 -45.97
CA VAL H 115 95.24 -47.96 -44.65
C VAL H 115 96.33 -47.87 -43.59
N PHE H 116 96.08 -47.04 -42.59
CA PHE H 116 96.97 -46.81 -41.45
C PHE H 116 96.16 -47.01 -40.18
N ILE H 117 96.87 -47.29 -39.09
CA ILE H 117 96.25 -47.38 -37.77
C ILE H 117 97.15 -46.67 -36.77
N PHE H 118 96.55 -45.90 -35.87
CA PHE H 118 97.31 -45.14 -34.87
C PHE H 118 96.67 -45.31 -33.49
N PRO H 119 97.38 -45.91 -32.55
CA PRO H 119 96.82 -46.15 -31.20
C PRO H 119 96.86 -44.90 -30.35
N PRO H 120 96.18 -44.90 -29.20
CA PRO H 120 96.30 -43.76 -28.28
C PRO H 120 97.72 -43.62 -27.72
N SER H 121 98.08 -42.37 -27.44
CA SER H 121 99.40 -42.06 -26.90
C SER H 121 99.43 -42.20 -25.38
N ASP H 122 100.64 -42.38 -24.85
CA ASP H 122 100.83 -42.54 -23.41
C ASP H 122 100.21 -41.40 -22.64
N GLU H 123 100.37 -40.17 -23.13
CA GLU H 123 99.72 -39.03 -22.50
C GLU H 123 98.20 -39.03 -22.72
N GLN H 124 97.75 -39.53 -23.88
CA GLN H 124 96.32 -39.74 -24.08
C GLN H 124 95.83 -40.88 -23.20
N LEU H 125 96.75 -41.76 -22.76
CA LEU H 125 96.41 -42.72 -21.71
C LEU H 125 96.29 -42.06 -20.33
N LYS H 126 97.21 -41.18 -19.95
CA LYS H 126 97.06 -40.46 -18.65
C LYS H 126 95.77 -39.64 -18.71
N SER H 127 95.32 -39.28 -19.92
CA SER H 127 94.10 -38.53 -20.15
C SER H 127 92.86 -39.30 -19.70
N GLY H 128 92.85 -40.61 -19.88
CA GLY H 128 91.71 -41.43 -19.53
C GLY H 128 90.79 -41.78 -20.69
N THR H 129 91.01 -41.19 -21.87
CA THR H 129 90.27 -41.54 -23.07
C THR H 129 91.24 -42.12 -24.08
N ALA H 130 90.97 -43.34 -24.54
CA ALA H 130 91.85 -44.01 -25.49
C ALA H 130 91.16 -44.00 -26.84
N SER H 131 91.92 -43.74 -27.90
CA SER H 131 91.31 -43.56 -29.22
C SER H 131 92.24 -44.09 -30.29
N VAL H 132 91.75 -45.08 -31.03
CA VAL H 132 92.47 -45.65 -32.15
C VAL H 132 91.86 -45.08 -33.43
N VAL H 133 92.72 -44.63 -34.33
CA VAL H 133 92.25 -44.02 -35.57
C VAL H 133 92.74 -44.86 -36.75
N CYS H 134 91.80 -45.29 -37.58
CA CYS H 134 92.12 -46.00 -38.81
C CYS H 134 91.95 -45.03 -39.97
N LEU H 135 93.04 -44.77 -40.70
CA LEU H 135 93.09 -43.73 -41.71
C LEU H 135 93.17 -44.38 -43.08
N LEU H 136 92.23 -44.02 -43.96
CA LEU H 136 92.23 -44.49 -45.34
C LEU H 136 92.56 -43.29 -46.21
N ASN H 137 93.69 -43.34 -46.90
CA ASN H 137 94.17 -42.18 -47.65
C ASN H 137 94.09 -42.43 -49.14
N ASN H 138 93.75 -41.36 -49.87
CA ASN H 138 93.78 -41.32 -51.32
C ASN H 138 92.97 -42.47 -51.92
N PHE H 139 91.67 -42.48 -51.60
CA PHE H 139 90.73 -43.49 -52.14
C PHE H 139 89.62 -42.72 -52.87
N TYR H 140 89.32 -43.06 -54.14
CA TYR H 140 88.34 -42.20 -54.86
C TYR H 140 86.89 -42.67 -54.82
N PRO H 141 86.54 -43.93 -55.18
CA PRO H 141 85.12 -44.27 -55.27
C PRO H 141 84.48 -43.84 -53.95
N ARG H 142 83.42 -43.04 -54.02
CA ARG H 142 82.82 -42.45 -52.80
C ARG H 142 82.40 -43.54 -51.81
N GLU H 143 81.98 -44.70 -52.32
CA GLU H 143 81.51 -45.76 -51.44
C GLU H 143 82.68 -46.47 -50.78
N ALA H 144 82.59 -46.64 -49.45
CA ALA H 144 83.51 -47.47 -48.71
C ALA H 144 82.83 -47.87 -47.40
N LYS H 145 83.17 -49.06 -46.89
CA LYS H 145 82.58 -49.55 -45.66
C LYS H 145 83.69 -49.87 -44.66
N VAL H 146 83.57 -49.31 -43.46
CA VAL H 146 84.58 -49.47 -42.41
C VAL H 146 83.88 -50.03 -41.18
N GLN H 147 84.50 -51.01 -40.54
CA GLN H 147 84.01 -51.54 -39.28
C GLN H 147 85.18 -51.85 -38.37
N TRP H 148 84.88 -52.06 -37.09
CA TRP H 148 85.90 -52.30 -36.08
C TRP H 148 85.66 -53.63 -35.40
N LYS H 149 86.71 -54.44 -35.30
CA LYS H 149 86.69 -55.66 -34.52
C LYS H 149 87.76 -55.53 -33.42
N VAL H 150 87.29 -55.31 -32.19
CA VAL H 150 88.14 -55.30 -31.01
C VAL H 150 88.01 -56.66 -30.34
N ASP H 151 89.08 -57.45 -30.37
CA ASP H 151 89.08 -58.81 -29.84
C ASP H 151 87.94 -59.64 -30.41
N ASN H 152 87.77 -59.57 -31.74
CA ASN H 152 86.72 -60.27 -32.47
C ASN H 152 85.33 -59.85 -32.00
N ALA H 153 85.21 -58.65 -31.42
CA ALA H 153 83.94 -58.08 -31.04
C ALA H 153 83.65 -56.91 -31.97
N LEU H 154 82.50 -56.95 -32.63
CA LEU H 154 82.13 -55.94 -33.59
C LEU H 154 81.70 -54.67 -32.85
N GLN H 155 82.55 -53.65 -32.89
CA GLN H 155 82.29 -52.39 -32.20
C GLN H 155 81.36 -51.51 -33.02
N SER H 156 80.41 -50.88 -32.32
CA SER H 156 79.49 -49.95 -32.96
C SER H 156 79.05 -48.90 -31.95
N GLY H 157 78.65 -47.75 -32.47
CA GLY H 157 78.04 -46.71 -31.67
C GLY H 157 79.01 -45.72 -31.05
N ASN H 158 80.31 -45.94 -31.16
CA ASN H 158 81.27 -45.04 -30.51
C ASN H 158 82.45 -44.69 -31.42
N SER H 159 82.29 -44.83 -32.74
CA SER H 159 83.31 -44.44 -33.69
C SER H 159 82.67 -43.56 -34.75
N GLN H 160 83.35 -42.48 -35.12
CA GLN H 160 82.80 -41.55 -36.10
C GLN H 160 83.77 -41.36 -37.26
N GLU H 161 83.19 -41.08 -38.43
CA GLU H 161 83.91 -41.09 -39.69
C GLU H 161 83.96 -39.68 -40.26
N SER H 162 85.16 -39.25 -40.64
CA SER H 162 85.32 -37.92 -41.22
C SER H 162 85.99 -38.04 -42.57
N VAL H 163 85.67 -37.07 -43.45
CA VAL H 163 86.18 -37.02 -44.81
C VAL H 163 86.30 -35.55 -45.23
N THR H 164 87.24 -35.30 -46.13
CA THR H 164 87.48 -33.97 -46.65
C THR H 164 86.73 -33.80 -47.98
N GLU H 165 86.97 -32.63 -48.59
CA GLU H 165 86.38 -32.32 -49.91
C GLU H 165 87.41 -32.68 -50.98
N GLN H 166 87.08 -32.48 -52.26
CA GLN H 166 87.93 -32.92 -53.36
C GLN H 166 89.33 -32.29 -53.25
N ASP H 167 90.35 -33.15 -53.29
CA ASP H 167 91.73 -32.67 -53.23
C ASP H 167 92.10 -31.85 -54.46
N SER H 168 91.31 -31.95 -55.53
CA SER H 168 91.50 -31.29 -56.82
C SER H 168 92.71 -31.82 -57.57
N LYS H 169 93.43 -32.78 -57.01
CA LYS H 169 94.62 -33.36 -57.62
C LYS H 169 94.45 -34.84 -57.97
N ASP H 170 93.68 -35.58 -57.18
CA ASP H 170 93.51 -37.00 -57.41
C ASP H 170 92.07 -37.48 -57.24
N SER H 171 91.11 -36.58 -56.98
CA SER H 171 89.71 -36.94 -56.81
C SER H 171 89.49 -37.95 -55.70
N THR H 172 90.40 -38.01 -54.72
CA THR H 172 90.29 -38.91 -53.60
C THR H 172 90.29 -38.10 -52.31
N TYR H 173 89.98 -38.77 -51.20
CA TYR H 173 89.95 -38.07 -49.92
C TYR H 173 90.80 -38.76 -48.86
N SER H 174 90.77 -38.20 -47.67
CA SER H 174 91.28 -38.86 -46.47
C SER H 174 90.12 -39.14 -45.54
N LEU H 175 89.94 -40.41 -45.21
CA LEU H 175 88.86 -40.88 -44.35
C LEU H 175 89.46 -41.27 -43.02
N SER H 176 88.90 -40.76 -41.93
CA SER H 176 89.34 -41.15 -40.61
C SER H 176 88.19 -41.83 -39.90
N SER H 177 88.40 -43.08 -39.48
CA SER H 177 87.52 -43.77 -38.57
C SER H 177 88.13 -43.60 -37.19
N THR H 178 87.60 -42.65 -36.42
CA THR H 178 88.09 -42.35 -35.08
C THR H 178 87.24 -43.16 -34.11
N LEU H 179 87.83 -44.19 -33.52
CA LEU H 179 87.15 -45.08 -32.60
C LEU H 179 87.63 -44.75 -31.19
N THR H 180 86.67 -44.47 -30.29
CA THR H 180 86.96 -44.00 -28.95
C THR H 180 86.47 -45.01 -27.92
N LEU H 181 87.32 -45.29 -26.93
CA LEU H 181 86.99 -46.17 -25.83
C LEU H 181 87.51 -45.55 -24.53
N SER H 182 87.13 -46.16 -23.42
CA SER H 182 87.61 -45.80 -22.10
C SER H 182 88.52 -46.90 -21.57
N LYS H 183 89.24 -46.58 -20.50
CA LYS H 183 90.24 -47.50 -19.97
C LYS H 183 89.63 -48.81 -19.48
N ALA H 184 88.41 -48.76 -18.95
CA ALA H 184 87.74 -49.97 -18.49
C ALA H 184 87.44 -50.92 -19.65
N ASP H 185 87.33 -50.41 -20.87
CA ASP H 185 87.08 -51.24 -22.05
C ASP H 185 88.24 -51.24 -23.03
N TYR H 186 89.34 -50.54 -22.73
CA TYR H 186 90.52 -50.52 -23.59
C TYR H 186 91.63 -51.43 -23.08
N GLU H 187 91.99 -51.30 -21.80
CA GLU H 187 93.07 -52.10 -21.24
C GLU H 187 92.69 -53.57 -21.11
N LYS H 188 91.40 -53.90 -21.18
CA LYS H 188 90.98 -55.29 -21.13
C LYS H 188 90.98 -55.95 -22.50
N HIS H 189 91.26 -55.20 -23.56
CA HIS H 189 91.30 -55.72 -24.91
C HIS H 189 92.69 -55.57 -25.50
N LYS H 190 93.08 -56.53 -26.32
CA LYS H 190 94.40 -56.57 -26.93
C LYS H 190 94.36 -56.25 -28.42
N VAL H 191 93.54 -56.99 -29.19
CA VAL H 191 93.44 -56.77 -30.62
C VAL H 191 92.59 -55.54 -30.89
N TYR H 192 93.03 -54.70 -31.82
CA TYR H 192 92.27 -53.54 -32.25
C TYR H 192 92.38 -53.50 -33.77
N ALA H 193 91.36 -53.99 -34.47
CA ALA H 193 91.44 -54.20 -35.90
C ALA H 193 90.39 -53.36 -36.62
N CYS H 194 90.80 -52.70 -37.69
CA CYS H 194 89.87 -51.97 -38.54
C CYS H 194 89.73 -52.71 -39.86
N GLU H 195 88.37 -53.09 -40.08
CA GLU H 195 87.99 -53.78 -41.34
C GLU H 195 87.55 -52.75 -42.38
N VAL H 196 88.42 -52.57 -43.46
CA VAL H 196 88.10 -51.58 -44.47
C VAL H 196 87.80 -52.31 -45.77
N THR H 197 86.70 -51.92 -46.42
CA THR H 197 86.27 -52.48 -47.68
C THR H 197 86.07 -51.33 -48.64
N HIS H 198 86.72 -51.41 -49.81
CA HIS H 198 86.57 -50.41 -50.85
C HIS H 198 86.55 -51.12 -52.19
N GLN H 199 85.65 -50.68 -53.08
CA GLN H 199 85.63 -51.25 -54.42
C GLN H 199 86.92 -50.94 -55.16
N GLY H 200 87.46 -49.74 -54.98
CA GLY H 200 88.77 -49.44 -55.52
C GLY H 200 89.86 -50.30 -54.91
N LEU H 201 89.69 -50.68 -53.65
CA LEU H 201 90.57 -51.65 -53.02
C LEU H 201 90.26 -53.05 -53.57
N SER H 202 91.32 -53.87 -53.69
CA SER H 202 91.14 -55.20 -54.23
C SER H 202 90.33 -56.07 -53.29
N SER H 203 90.83 -56.28 -52.08
CA SER H 203 90.15 -57.06 -51.07
C SER H 203 90.07 -56.26 -49.77
N PRO H 204 89.02 -56.47 -48.98
CA PRO H 204 88.94 -55.80 -47.67
C PRO H 204 90.15 -56.13 -46.82
N VAL H 205 90.85 -55.09 -46.38
CA VAL H 205 92.09 -55.29 -45.63
C VAL H 205 91.87 -54.83 -44.20
N THR H 206 92.81 -55.19 -43.35
CA THR H 206 92.72 -54.90 -41.92
C THR H 206 94.03 -54.33 -41.41
N LYS H 207 93.93 -53.27 -40.63
CA LYS H 207 95.01 -52.85 -39.74
C LYS H 207 94.68 -53.42 -38.36
N SER H 208 95.43 -54.46 -37.99
CA SER H 208 95.34 -55.11 -36.69
C SER H 208 96.60 -54.81 -35.90
N PHE H 209 96.43 -54.45 -34.63
CA PHE H 209 97.56 -54.30 -33.73
C PHE H 209 97.14 -54.77 -32.35
N ASN H 210 98.16 -55.09 -31.54
CA ASN H 210 97.96 -55.54 -30.17
C ASN H 210 98.37 -54.43 -29.23
N ARG H 211 97.49 -54.09 -28.29
CA ARG H 211 97.78 -53.07 -27.30
C ARG H 211 99.02 -53.44 -26.48
N GLY H 212 99.92 -52.49 -26.32
CA GLY H 212 101.14 -52.72 -25.58
C GLY H 212 102.25 -53.30 -26.45
N GLN I 1 74.05 -5.12 -58.17
CA GLN I 1 74.41 -6.24 -57.31
C GLN I 1 73.93 -5.96 -55.88
N VAL I 2 73.63 -7.03 -55.13
CA VAL I 2 73.18 -6.92 -53.76
C VAL I 2 74.08 -7.76 -52.87
N GLN I 3 74.40 -7.21 -51.70
CA GLN I 3 75.18 -7.88 -50.68
C GLN I 3 74.26 -8.26 -49.53
N LEU I 4 74.15 -9.55 -49.25
CA LEU I 4 73.36 -10.06 -48.14
C LEU I 4 74.34 -10.47 -47.05
N VAL I 5 74.53 -9.59 -46.07
CA VAL I 5 75.52 -9.80 -45.02
C VAL I 5 74.82 -10.39 -43.81
N GLN I 6 75.24 -11.60 -43.43
CA GLN I 6 74.60 -12.27 -42.28
C GLN I 6 75.28 -11.86 -40.98
N SER I 7 75.00 -12.58 -39.90
CA SER I 7 75.57 -12.31 -38.58
C SER I 7 76.28 -13.56 -38.07
N GLY I 8 76.91 -13.44 -36.90
CA GLY I 8 77.68 -14.53 -36.36
C GLY I 8 76.82 -15.66 -35.82
N ALA I 9 77.45 -16.83 -35.69
CA ALA I 9 76.76 -18.00 -35.20
C ALA I 9 76.25 -17.79 -33.79
N GLU I 10 75.14 -18.48 -33.49
CA GLU I 10 74.47 -18.29 -32.18
C GLU I 10 74.38 -19.58 -31.37
N VAL I 11 74.74 -19.54 -30.09
CA VAL I 11 74.63 -20.64 -29.14
C VAL I 11 73.73 -20.18 -28.00
N LYS I 12 72.55 -20.82 -27.86
CA LYS I 12 71.60 -20.29 -26.86
C LYS I 12 70.82 -21.41 -26.18
N LYS I 13 70.29 -21.14 -25.00
CA LYS I 13 69.55 -22.15 -24.21
C LYS I 13 68.30 -22.61 -24.97
N PRO I 14 67.92 -23.90 -24.94
CA PRO I 14 66.67 -24.34 -25.56
C PRO I 14 65.52 -23.63 -24.86
N GLY I 15 64.52 -23.16 -25.63
CA GLY I 15 63.40 -22.39 -25.04
C GLY I 15 63.67 -20.89 -25.04
N SER I 16 64.90 -20.49 -25.40
CA SER I 16 65.26 -19.05 -25.48
C SER I 16 64.88 -18.51 -26.86
N SER I 17 64.98 -17.18 -27.05
CA SER I 17 64.66 -16.56 -28.36
C SER I 17 65.95 -16.21 -29.09
N VAL I 18 66.06 -16.57 -30.38
CA VAL I 18 67.29 -16.28 -31.17
C VAL I 18 66.99 -15.14 -32.15
N LYS I 19 67.87 -14.14 -32.22
CA LYS I 19 67.69 -13.03 -33.19
C LYS I 19 68.79 -13.12 -34.24
N VAL I 20 68.43 -13.13 -35.52
CA VAL I 20 69.43 -13.22 -36.63
C VAL I 20 69.21 -12.05 -37.58
N SER I 21 70.27 -11.29 -37.90
CA SER I 21 70.08 -10.08 -38.75
C SER I 21 70.83 -10.21 -40.08
N CYS I 22 70.15 -9.91 -41.19
CA CYS I 22 70.80 -9.94 -42.53
C CYS I 22 70.70 -8.54 -43.15
N LYS I 23 71.82 -7.96 -43.58
CA LYS I 23 71.80 -6.56 -44.11
C LYS I 23 71.99 -6.57 -45.62
N ALA I 24 71.14 -5.84 -46.36
CA ALA I 24 71.24 -5.81 -47.83
C ALA I 24 71.92 -4.52 -48.29
N SER I 25 73.01 -4.64 -49.04
CA SER I 25 73.71 -3.44 -49.59
C SER I 25 73.58 -3.44 -51.11
N GLY I 26 73.05 -2.36 -51.69
CA GLY I 26 72.83 -2.31 -53.15
C GLY I 26 71.43 -2.75 -53.53
N GLY I 27 70.95 -2.35 -54.71
CA GLY I 27 69.58 -2.71 -55.14
C GLY I 27 68.54 -1.85 -54.43
N THR I 28 67.25 -2.17 -54.59
CA THR I 28 66.22 -1.44 -53.83
C THR I 28 65.69 -2.35 -52.71
N PHE I 29 66.06 -2.08 -51.46
CA PHE I 29 65.67 -2.98 -50.34
C PHE I 29 64.16 -2.98 -50.14
N SER I 30 63.50 -1.83 -50.18
CA SER I 30 62.05 -1.78 -49.84
C SER I 30 61.20 -2.62 -50.80
N ILE I 31 61.39 -2.48 -52.12
CA ILE I 31 60.48 -3.21 -53.05
C ILE I 31 60.78 -4.72 -53.00
N TYR I 32 62.05 -5.12 -52.98
CA TYR I 32 62.41 -6.56 -53.08
C TYR I 32 62.01 -7.36 -51.84
N ALA I 33 61.60 -8.61 -52.04
CA ALA I 33 61.20 -9.49 -50.92
C ALA I 33 62.40 -10.27 -50.41
N ILE I 34 62.61 -10.31 -49.09
CA ILE I 34 63.73 -11.11 -48.50
C ILE I 34 63.11 -12.29 -47.76
N SER I 35 63.56 -13.52 -48.05
CA SER I 35 62.94 -14.72 -47.42
C SER I 35 63.99 -15.45 -46.56
N TRP I 36 63.56 -16.01 -45.43
CA TRP I 36 64.51 -16.78 -44.58
C TRP I 36 64.36 -18.28 -44.85
N VAL I 37 65.48 -18.93 -45.21
CA VAL I 37 65.47 -20.40 -45.49
C VAL I 37 66.46 -21.08 -44.54
N ARG I 38 66.05 -22.16 -43.88
CA ARG I 38 66.94 -22.82 -42.89
C ARG I 38 67.36 -24.20 -43.39
N GLN I 39 68.66 -24.50 -43.33
CA GLN I 39 69.13 -25.86 -43.70
C GLN I 39 69.45 -26.62 -42.42
N ALA I 40 68.59 -27.56 -42.03
CA ALA I 40 68.89 -28.41 -40.85
C ALA I 40 69.80 -29.55 -41.33
N PRO I 41 70.85 -29.97 -40.58
CA PRO I 41 71.77 -30.96 -41.12
C PRO I 41 71.04 -32.25 -41.51
N GLY I 42 71.20 -32.69 -42.77
CA GLY I 42 70.57 -33.94 -43.23
C GLY I 42 69.08 -33.79 -43.50
N GLN I 43 68.54 -32.57 -43.40
CA GLN I 43 67.06 -32.39 -43.55
C GLN I 43 66.73 -31.62 -44.84
N GLY I 44 67.73 -30.97 -45.46
CA GLY I 44 67.50 -30.22 -46.72
C GLY I 44 67.05 -28.79 -46.47
N LEU I 45 66.92 -27.99 -47.53
CA LEU I 45 66.53 -26.56 -47.38
C LEU I 45 65.06 -26.47 -47.02
N GLU I 46 64.72 -25.65 -46.00
CA GLU I 46 63.32 -25.49 -45.57
C GLU I 46 62.96 -23.99 -45.55
N TRP I 47 61.87 -23.61 -46.21
CA TRP I 47 61.45 -22.18 -46.26
C TRP I 47 60.71 -21.83 -44.97
N MET I 48 61.12 -20.74 -44.29
CA MET I 48 60.49 -20.36 -43.00
C MET I 48 59.53 -19.18 -43.18
N GLY I 49 59.83 -18.28 -44.11
CA GLY I 49 58.93 -17.15 -44.38
C GLY I 49 59.57 -16.12 -45.29
N GLY I 50 58.86 -15.03 -45.59
CA GLY I 50 59.42 -13.94 -46.42
C GLY I 50 58.81 -12.61 -46.02
N ILE I 51 59.48 -11.48 -46.27
CA ILE I 51 58.84 -10.17 -45.97
C ILE I 51 59.18 -9.14 -47.06
N ILE I 52 58.24 -8.23 -47.36
CA ILE I 52 58.58 -7.11 -48.29
C ILE I 52 58.61 -5.85 -47.41
N PRO I 53 59.74 -5.12 -47.34
CA PRO I 53 59.84 -3.97 -46.43
C PRO I 53 58.85 -2.82 -46.69
N ILE I 54 58.61 -2.45 -47.96
CA ILE I 54 57.72 -1.29 -48.22
C ILE I 54 56.31 -1.61 -47.72
N PHE I 55 55.80 -2.82 -48.01
CA PHE I 55 54.48 -3.24 -47.50
C PHE I 55 54.52 -3.42 -45.99
N GLY I 56 55.61 -4.02 -45.48
CA GLY I 56 55.76 -4.28 -44.03
C GLY I 56 55.03 -5.54 -43.60
N THR I 57 54.43 -6.26 -44.55
CA THR I 57 53.65 -7.49 -44.23
C THR I 57 54.57 -8.72 -44.32
N ALA I 58 54.47 -9.64 -43.35
CA ALA I 58 55.42 -10.78 -43.34
C ALA I 58 54.73 -12.10 -43.67
N ASN I 59 55.21 -12.80 -44.70
CA ASN I 59 54.69 -14.15 -45.06
C ASN I 59 55.33 -15.16 -44.10
N TYR I 60 54.61 -16.22 -43.71
CA TYR I 60 55.15 -17.19 -42.73
C TYR I 60 54.85 -18.63 -43.16
N ALA I 61 55.72 -19.57 -42.81
CA ALA I 61 55.42 -21.00 -43.07
C ALA I 61 54.36 -21.45 -42.07
N GLN I 62 53.53 -22.43 -42.42
CA GLN I 62 52.40 -22.82 -41.53
C GLN I 62 52.93 -23.32 -40.18
N GLN I 63 53.96 -24.17 -40.19
CA GLN I 63 54.50 -24.75 -38.93
C GLN I 63 55.11 -23.68 -38.03
N PHE I 64 55.82 -22.70 -38.63
CA PHE I 64 56.55 -21.69 -37.80
C PHE I 64 55.62 -20.56 -37.34
N GLN I 65 54.37 -20.53 -37.82
CA GLN I 65 53.46 -19.41 -37.45
C GLN I 65 53.25 -19.42 -35.93
N GLY I 66 53.29 -18.24 -35.29
CA GLY I 66 53.11 -18.15 -33.84
C GLY I 66 54.42 -18.34 -33.09
N ARG I 67 55.51 -18.66 -33.79
CA ARG I 67 56.84 -18.80 -33.16
C ARG I 67 57.83 -17.85 -33.83
N VAL I 68 57.93 -17.92 -35.16
CA VAL I 68 58.95 -17.10 -35.88
C VAL I 68 58.40 -15.70 -36.15
N THR I 69 59.23 -14.67 -36.00
CA THR I 69 58.80 -13.29 -36.33
C THR I 69 59.79 -12.73 -37.37
N ILE I 70 59.28 -12.20 -38.47
CA ILE I 70 60.19 -11.61 -39.51
C ILE I 70 59.93 -10.11 -39.59
N THR I 71 60.98 -9.29 -39.46
CA THR I 71 60.84 -7.81 -39.47
C THR I 71 61.91 -7.22 -40.40
N ALA I 72 61.70 -6.01 -40.91
CA ALA I 72 62.71 -5.33 -41.75
C ALA I 72 62.89 -3.88 -41.29
N ASP I 73 64.10 -3.33 -41.42
CA ASP I 73 64.35 -1.91 -41.05
C ASP I 73 64.56 -1.09 -42.32
N GLU I 74 63.70 -0.10 -42.55
CA GLU I 74 63.78 0.72 -43.79
C GLU I 74 65.08 1.54 -43.82
N SER I 75 65.44 2.18 -42.71
CA SER I 75 66.63 3.07 -42.70
C SER I 75 67.94 2.29 -42.90
N THR I 76 68.10 1.15 -42.22
CA THR I 76 69.41 0.43 -42.28
C THR I 76 69.39 -0.69 -43.33
N THR I 77 68.28 -0.87 -44.06
CA THR I 77 68.19 -1.92 -45.11
C THR I 77 68.54 -3.29 -44.51
N THR I 78 68.04 -3.60 -43.33
CA THR I 78 68.38 -4.88 -42.65
C THR I 78 67.12 -5.72 -42.40
N ALA I 79 67.16 -7.01 -42.73
CA ALA I 79 66.01 -7.91 -42.49
C ALA I 79 66.33 -8.78 -41.27
N TYR I 80 65.39 -8.91 -40.33
CA TYR I 80 65.68 -9.65 -39.06
C TYR I 80 64.69 -10.80 -38.89
N MET I 81 65.17 -11.94 -38.37
CA MET I 81 64.26 -13.07 -38.05
C MET I 81 64.41 -13.42 -36.56
N GLU I 82 63.30 -13.66 -35.87
CA GLU I 82 63.37 -14.07 -34.44
C GLU I 82 62.66 -15.41 -34.27
N LEU I 83 63.33 -16.39 -33.65
CA LEU I 83 62.66 -17.70 -33.38
C LEU I 83 62.61 -17.94 -31.87
N SER I 84 61.41 -18.19 -31.33
CA SER I 84 61.25 -18.42 -29.87
C SER I 84 61.26 -19.93 -29.57
N ARG I 85 61.40 -20.31 -28.29
CA ARG I 85 61.35 -21.75 -27.88
C ARG I 85 62.28 -22.62 -28.75
N LEU I 86 63.58 -22.31 -28.74
CA LEU I 86 64.56 -23.07 -29.57
C LEU I 86 64.58 -24.55 -29.15
N THR I 87 64.77 -25.45 -30.13
CA THR I 87 64.78 -26.91 -29.86
C THR I 87 66.00 -27.53 -30.55
N SER I 88 66.32 -28.79 -30.23
CA SER I 88 67.45 -29.49 -30.88
C SER I 88 67.21 -29.57 -32.38
N GLU I 89 65.96 -29.74 -32.79
CA GLU I 89 65.60 -29.81 -34.24
C GLU I 89 65.85 -28.44 -34.87
N ASP I 90 65.69 -27.36 -34.08
CA ASP I 90 65.88 -25.99 -34.60
C ASP I 90 67.33 -25.75 -35.03
N THR I 91 68.31 -26.41 -34.39
CA THR I 91 69.72 -26.09 -34.73
C THR I 91 69.88 -26.26 -36.25
N ALA I 92 70.36 -25.21 -36.93
CA ALA I 92 70.46 -25.26 -38.41
C ALA I 92 71.26 -24.04 -38.90
N VAL I 93 71.56 -23.97 -40.19
CA VAL I 93 72.20 -22.74 -40.74
C VAL I 93 71.10 -21.93 -41.43
N TYR I 94 70.95 -20.65 -41.07
CA TYR I 94 69.82 -19.85 -41.61
C TYR I 94 70.34 -18.88 -42.67
N TYR I 95 69.65 -18.81 -43.82
CA TYR I 95 70.10 -17.94 -44.93
C TYR I 95 69.02 -16.91 -45.27
N CYS I 96 69.40 -15.64 -45.45
CA CYS I 96 68.42 -14.64 -45.94
C CYS I 96 68.51 -14.68 -47.47
N ALA I 97 67.38 -14.84 -48.17
CA ALA I 97 67.45 -14.96 -49.65
C ALA I 97 66.58 -13.89 -50.30
N ARG I 98 67.18 -13.03 -51.13
CA ARG I 98 66.42 -11.99 -51.86
C ARG I 98 65.61 -12.66 -52.98
N GLN I 99 64.45 -12.10 -53.32
CA GLN I 99 63.61 -12.65 -54.43
C GLN I 99 63.79 -11.76 -55.66
N MET I 100 63.99 -12.38 -56.83
CA MET I 100 64.27 -11.61 -58.07
C MET I 100 63.07 -10.70 -58.40
N THR I 101 61.84 -11.17 -58.18
CA THR I 101 60.65 -10.37 -58.56
C THR I 101 60.60 -9.09 -57.71
N ALA I 102 60.21 -7.97 -58.32
CA ALA I 102 60.12 -6.69 -57.60
C ALA I 102 59.08 -6.82 -56.46
N TYR I 103 57.96 -7.50 -56.71
CA TYR I 103 56.95 -7.75 -55.64
C TYR I 103 56.61 -9.24 -55.64
N ASP I 104 55.33 -9.58 -55.54
CA ASP I 104 54.90 -11.01 -55.68
C ASP I 104 55.62 -11.96 -54.72
N TYR I 105 55.28 -11.94 -53.43
CA TYR I 105 55.87 -12.89 -52.46
C TYR I 105 55.56 -14.33 -52.89
N TRP I 106 54.37 -14.58 -53.41
CA TRP I 106 53.93 -15.97 -53.74
C TRP I 106 54.82 -16.65 -54.79
N ASN I 107 55.27 -15.94 -55.83
CA ASN I 107 56.22 -16.58 -56.77
C ASN I 107 57.64 -16.15 -56.41
N PRO I 108 58.50 -17.05 -55.87
CA PRO I 108 59.84 -16.69 -55.43
C PRO I 108 61.08 -17.32 -56.10
N SER I 109 61.96 -16.48 -56.64
CA SER I 109 63.25 -17.03 -57.16
C SER I 109 64.36 -16.36 -56.36
N PHE I 110 65.19 -17.14 -55.67
CA PHE I 110 66.22 -16.53 -54.78
C PHE I 110 67.49 -16.25 -55.58
N ASP I 111 67.55 -15.08 -56.23
CA ASP I 111 68.73 -14.69 -57.03
C ASP I 111 69.96 -14.54 -56.12
N TYR I 112 69.78 -13.96 -54.93
CA TYR I 112 70.92 -13.71 -54.01
C TYR I 112 70.64 -14.35 -52.66
N TRP I 113 71.68 -14.85 -52.00
CA TRP I 113 71.52 -15.53 -50.67
C TRP I 113 72.54 -14.97 -49.69
N GLY I 114 72.31 -15.15 -48.39
CA GLY I 114 73.32 -14.77 -47.38
C GLY I 114 74.38 -15.86 -47.26
N GLN I 115 75.54 -15.56 -46.66
CA GLN I 115 76.58 -16.60 -46.43
C GLN I 115 76.01 -17.69 -45.52
N GLY I 116 75.26 -17.30 -44.49
CA GLY I 116 74.63 -18.28 -43.58
C GLY I 116 74.97 -18.01 -42.12
N THR I 117 73.99 -18.22 -41.21
CA THR I 117 74.23 -18.04 -39.75
C THR I 117 73.91 -19.37 -39.06
N LEU I 118 74.88 -19.96 -38.37
CA LEU I 118 74.67 -21.27 -37.67
C LEU I 118 73.96 -21.02 -36.33
N VAL I 119 73.00 -21.87 -35.97
CA VAL I 119 72.33 -21.74 -34.64
C VAL I 119 72.48 -23.07 -33.88
N THR I 120 72.87 -23.02 -32.60
CA THR I 120 73.05 -24.23 -31.77
C THR I 120 72.35 -24.03 -30.42
N VAL I 121 71.66 -25.07 -29.91
CA VAL I 121 71.03 -24.97 -28.55
C VAL I 121 72.07 -25.34 -27.48
N SER I 122 72.01 -24.69 -26.31
CA SER I 122 73.02 -24.93 -25.25
C SER I 122 72.36 -25.07 -23.88
N SER I 123 72.49 -26.24 -23.25
CA SER I 123 71.85 -26.46 -21.96
C SER I 123 72.75 -25.93 -20.85
N ALA I 124 72.74 -24.60 -20.70
CA ALA I 124 73.55 -23.89 -19.70
C ALA I 124 75.03 -24.19 -19.91
N TRP I 125 75.49 -23.79 -21.09
CA TRP I 125 76.80 -24.14 -21.60
C TRP I 125 77.72 -22.94 -21.41
N SER I 126 78.78 -23.13 -20.62
CA SER I 126 79.61 -22.03 -20.17
C SER I 126 80.89 -21.97 -20.98
N THR I 127 81.26 -20.76 -21.38
CA THR I 127 82.46 -20.57 -22.19
C THR I 127 83.69 -20.87 -21.36
N LYS I 128 84.42 -21.90 -21.81
CA LYS I 128 85.62 -22.36 -21.08
C LYS I 128 86.69 -22.70 -22.10
N GLY I 129 87.88 -23.10 -21.64
CA GLY I 129 88.98 -23.43 -22.50
C GLY I 129 89.04 -24.86 -22.96
N PRO I 130 89.70 -25.07 -24.09
CA PRO I 130 89.97 -26.43 -24.55
C PRO I 130 91.20 -26.98 -23.91
N SER I 131 91.49 -28.25 -24.20
CA SER I 131 92.63 -28.89 -23.50
C SER I 131 93.45 -29.64 -24.53
N VAL I 132 94.77 -29.62 -24.38
CA VAL I 132 95.58 -30.44 -25.34
C VAL I 132 95.65 -31.84 -24.76
N PHE I 133 94.96 -32.79 -25.40
CA PHE I 133 95.06 -34.21 -25.00
C PHE I 133 95.44 -34.91 -26.30
N PRO I 134 96.68 -34.69 -26.80
CA PRO I 134 97.07 -35.19 -28.12
C PRO I 134 97.28 -36.69 -28.36
N LEU I 135 98.21 -37.05 -29.24
CA LEU I 135 98.49 -38.41 -29.63
C LEU I 135 99.99 -38.43 -29.94
N ALA I 136 100.79 -38.74 -28.94
CA ALA I 136 102.23 -38.95 -29.14
C ALA I 136 102.46 -40.22 -29.96
N PRO I 137 103.51 -40.27 -30.77
CA PRO I 137 103.81 -41.48 -31.54
C PRO I 137 104.59 -42.50 -30.73
N SER I 138 104.67 -43.71 -31.29
CA SER I 138 105.48 -44.77 -30.72
C SER I 138 105.89 -45.72 -31.84
N SER I 139 106.60 -46.78 -31.47
CA SER I 139 107.04 -47.76 -32.47
C SER I 139 105.84 -48.48 -33.08
N LYS I 140 104.90 -48.92 -32.25
CA LYS I 140 103.70 -49.56 -32.74
C LYS I 140 102.76 -48.58 -33.44
N SER I 141 102.84 -47.29 -33.08
CA SER I 141 102.18 -46.25 -33.86
C SER I 141 102.91 -45.93 -35.15
N THR I 142 104.12 -46.45 -35.34
CA THR I 142 104.90 -46.24 -36.55
C THR I 142 104.78 -47.49 -37.44
N SER I 143 104.03 -47.36 -38.52
CA SER I 143 103.90 -48.41 -39.51
C SER I 143 104.57 -47.94 -40.80
N GLY I 144 105.70 -48.54 -41.12
CA GLY I 144 106.51 -48.06 -42.22
C GLY I 144 107.48 -47.00 -41.78
N GLY I 145 107.85 -46.14 -42.74
CA GLY I 145 108.80 -45.07 -42.46
C GLY I 145 108.22 -43.86 -41.79
N THR I 146 106.89 -43.80 -41.63
CA THR I 146 106.23 -42.65 -41.04
C THR I 146 105.14 -43.10 -40.08
N ALA I 147 104.92 -42.30 -39.04
CA ALA I 147 103.85 -42.48 -38.08
C ALA I 147 102.92 -41.26 -38.17
N ALA I 148 101.95 -41.20 -37.26
CA ALA I 148 101.07 -40.04 -37.15
C ALA I 148 100.98 -39.61 -35.70
N LEU I 149 101.38 -38.38 -35.43
CA LEU I 149 101.26 -37.74 -34.13
C LEU I 149 100.27 -36.58 -34.23
N GLY I 150 99.30 -36.56 -33.31
CA GLY I 150 98.20 -35.59 -33.43
C GLY I 150 97.93 -34.75 -32.20
N CYS I 151 96.96 -33.84 -32.28
CA CYS I 151 96.68 -32.88 -31.18
C CYS I 151 95.32 -33.18 -30.54
N LEU I 152 94.41 -33.79 -31.30
CA LEU I 152 93.03 -33.97 -30.78
C LEU I 152 92.51 -32.58 -30.40
N VAL I 153 91.93 -32.41 -29.20
CA VAL I 153 91.34 -31.14 -28.67
C VAL I 153 90.13 -31.58 -27.84
N LYS I 154 89.85 -30.94 -26.70
CA LYS I 154 88.76 -31.47 -25.89
C LYS I 154 88.22 -30.39 -24.96
N ASP I 155 86.89 -30.40 -24.85
CA ASP I 155 86.13 -29.79 -23.77
C ASP I 155 86.33 -28.27 -23.73
N TYR I 156 85.76 -27.60 -24.73
CA TYR I 156 85.66 -26.12 -24.73
C TYR I 156 84.18 -25.94 -25.06
N PHE I 157 83.48 -24.93 -24.55
CA PHE I 157 82.00 -24.87 -24.80
C PHE I 157 81.53 -24.00 -25.99
N PRO I 158 82.23 -22.95 -26.46
CA PRO I 158 81.85 -22.23 -27.71
C PRO I 158 82.35 -22.98 -28.96
N GLU I 159 81.62 -22.90 -30.07
CA GLU I 159 81.97 -23.71 -31.28
C GLU I 159 83.36 -23.40 -31.88
N PRO I 160 83.80 -22.14 -32.08
CA PRO I 160 85.09 -21.88 -32.76
C PRO I 160 86.34 -22.32 -31.97
N VAL I 161 87.33 -22.92 -32.65
CA VAL I 161 88.62 -23.32 -32.00
C VAL I 161 89.67 -23.39 -33.12
N THR I 162 90.97 -23.43 -32.81
CA THR I 162 91.95 -23.38 -33.89
C THR I 162 93.20 -24.13 -33.47
N VAL I 163 93.51 -25.23 -34.14
CA VAL I 163 94.71 -26.00 -33.85
C VAL I 163 95.74 -25.76 -34.94
N SER I 164 96.91 -25.29 -34.53
CA SER I 164 98.05 -25.08 -35.40
C SER I 164 99.19 -25.98 -34.95
N TRP I 165 100.19 -26.14 -35.80
CA TRP I 165 101.21 -27.16 -35.61
C TRP I 165 102.61 -26.57 -35.65
N ASN I 166 103.36 -26.81 -34.57
CA ASN I 166 104.70 -26.25 -34.39
C ASN I 166 104.70 -24.75 -34.63
N SER I 167 103.74 -24.07 -34.00
CA SER I 167 103.53 -22.63 -34.19
C SER I 167 103.29 -22.30 -35.66
N GLY I 168 102.54 -23.16 -36.35
CA GLY I 168 102.18 -22.95 -37.73
C GLY I 168 103.16 -23.47 -38.75
N ALA I 169 104.35 -23.91 -38.32
CA ALA I 169 105.34 -24.40 -39.27
C ALA I 169 104.95 -25.76 -39.84
N LEU I 170 104.34 -26.62 -39.04
CA LEU I 170 103.99 -27.98 -39.47
C LEU I 170 102.69 -27.92 -40.25
N THR I 171 102.75 -28.27 -41.55
CA THR I 171 101.54 -28.23 -42.41
C THR I 171 101.44 -29.53 -43.23
N SER I 172 102.42 -30.43 -43.12
CA SER I 172 102.41 -31.67 -43.94
C SER I 172 101.71 -32.81 -43.19
N GLY I 173 100.68 -33.40 -43.79
CA GLY I 173 99.94 -34.47 -43.16
C GLY I 173 98.96 -34.04 -42.09
N VAL I 174 98.72 -32.74 -41.95
CA VAL I 174 97.83 -32.22 -40.92
C VAL I 174 96.39 -32.43 -41.36
N HIS I 175 95.65 -33.22 -40.60
CA HIS I 175 94.26 -33.55 -40.91
C HIS I 175 93.43 -33.29 -39.66
N THR I 176 92.52 -32.33 -39.74
CA THR I 176 91.68 -31.96 -38.62
C THR I 176 90.25 -32.40 -38.90
N PHE I 177 89.59 -32.92 -37.88
CA PHE I 177 88.29 -33.54 -38.06
C PHE I 177 87.24 -32.76 -37.28
N PRO I 178 86.01 -32.65 -37.80
CA PRO I 178 85.01 -31.79 -37.17
C PRO I 178 84.73 -32.20 -35.73
N ALA I 179 84.53 -31.21 -34.87
CA ALA I 179 84.19 -31.46 -33.48
C ALA I 179 82.80 -32.04 -33.38
N VAL I 180 82.70 -33.08 -32.55
CA VAL I 180 81.40 -33.78 -32.37
C VAL I 180 80.85 -33.51 -30.98
N LEU I 181 79.57 -33.77 -30.78
CA LEU I 181 78.89 -33.55 -29.50
C LEU I 181 78.60 -34.89 -28.85
N GLN I 182 78.99 -35.05 -27.59
CA GLN I 182 78.71 -36.30 -26.89
C GLN I 182 77.39 -36.18 -26.12
N SER I 183 77.06 -37.22 -25.35
CA SER I 183 75.90 -37.14 -24.48
C SER I 183 76.09 -36.07 -23.41
N SER I 184 77.34 -35.80 -23.03
CA SER I 184 77.63 -34.68 -22.16
C SER I 184 77.64 -33.36 -22.92
N GLY I 185 77.48 -33.41 -24.24
CA GLY I 185 77.39 -32.20 -25.04
C GLY I 185 78.62 -31.34 -25.00
N LEU I 186 79.79 -31.94 -24.97
CA LEU I 186 81.04 -31.19 -24.97
C LEU I 186 81.56 -31.09 -26.40
N TYR I 187 82.67 -30.38 -26.56
CA TYR I 187 83.26 -30.15 -27.87
C TYR I 187 84.57 -30.91 -27.94
N SER I 188 84.68 -31.81 -28.91
CA SER I 188 85.81 -32.72 -29.01
C SER I 188 86.13 -32.96 -30.48
N LEU I 189 87.32 -32.54 -30.90
CA LEU I 189 87.78 -32.80 -32.26
C LEU I 189 89.19 -33.38 -32.21
N SER I 190 89.66 -33.88 -33.35
CA SER I 190 90.97 -34.48 -33.46
C SER I 190 91.76 -33.81 -34.58
N SER I 191 93.09 -33.83 -34.47
CA SER I 191 93.96 -33.31 -35.52
C SER I 191 95.22 -34.16 -35.57
N VAL I 192 95.29 -35.09 -36.52
CA VAL I 192 96.42 -36.00 -36.63
C VAL I 192 97.34 -35.54 -37.76
N VAL I 193 98.65 -35.67 -37.56
CA VAL I 193 99.65 -35.22 -38.52
C VAL I 193 100.56 -36.40 -38.83
N THR I 194 100.68 -36.72 -40.11
CA THR I 194 101.56 -37.82 -40.53
C THR I 194 102.98 -37.29 -40.61
N VAL I 195 103.81 -37.70 -39.66
CA VAL I 195 105.19 -37.25 -39.56
C VAL I 195 106.10 -38.45 -39.75
N PRO I 196 107.16 -38.34 -40.55
CA PRO I 196 108.09 -39.47 -40.69
C PRO I 196 108.72 -39.82 -39.35
N SER I 197 108.98 -41.11 -39.16
CA SER I 197 109.56 -41.58 -37.90
C SER I 197 110.95 -40.99 -37.68
N SER I 198 111.69 -40.76 -38.76
CA SER I 198 113.04 -40.20 -38.63
C SER I 198 113.01 -38.81 -38.00
N SER I 199 111.91 -38.08 -38.17
CA SER I 199 111.77 -36.76 -37.57
C SER I 199 111.22 -36.80 -36.15
N LEU I 200 110.90 -37.98 -35.62
CA LEU I 200 110.38 -38.06 -34.26
C LEU I 200 111.43 -37.62 -33.25
N GLY I 201 112.69 -38.02 -33.44
CA GLY I 201 113.74 -37.68 -32.52
C GLY I 201 114.37 -36.33 -32.79
N THR I 202 114.72 -36.06 -34.05
CA THR I 202 115.37 -34.80 -34.40
C THR I 202 114.44 -33.60 -34.27
N GLN I 203 113.12 -33.82 -34.31
CA GLN I 203 112.16 -32.72 -34.19
C GLN I 203 111.10 -33.08 -33.16
N THR I 204 110.90 -32.20 -32.19
CA THR I 204 109.83 -32.35 -31.21
C THR I 204 108.63 -31.54 -31.65
N TYR I 205 107.46 -32.16 -31.62
CA TYR I 205 106.26 -31.60 -32.21
C TYR I 205 105.31 -31.12 -31.12
N ILE I 206 104.97 -29.82 -31.19
CA ILE I 206 104.01 -29.22 -30.23
C ILE I 206 102.90 -28.52 -31.04
N CYS I 207 101.63 -28.79 -30.74
CA CYS I 207 100.52 -28.17 -31.42
C CYS I 207 99.94 -27.08 -30.53
N ASN I 208 99.70 -25.93 -31.12
CA ASN I 208 99.15 -24.79 -30.41
C ASN I 208 97.63 -24.81 -30.60
N VAL I 209 96.91 -24.96 -29.49
CA VAL I 209 95.45 -24.86 -29.51
C VAL I 209 95.07 -23.46 -29.06
N ASN I 210 94.23 -22.79 -29.86
CA ASN I 210 93.84 -21.40 -29.67
C ASN I 210 92.33 -21.35 -29.61
N HIS I 211 91.80 -20.85 -28.49
CA HIS I 211 90.35 -20.68 -28.36
C HIS I 211 90.10 -19.20 -28.09
N LYS I 212 89.56 -18.52 -29.11
CA LYS I 212 89.31 -17.06 -28.99
C LYS I 212 88.27 -16.78 -27.90
N PRO I 213 87.11 -17.48 -27.75
CA PRO I 213 86.18 -17.13 -26.66
C PRO I 213 86.78 -17.29 -25.28
N SER I 214 87.55 -18.35 -25.05
CA SER I 214 88.27 -18.52 -23.80
C SER I 214 89.65 -17.90 -23.83
N ASN I 215 90.09 -17.41 -24.99
CA ASN I 215 91.38 -16.73 -25.14
C ASN I 215 92.53 -17.58 -24.62
N THR I 216 92.48 -18.87 -24.94
CA THR I 216 93.43 -19.85 -24.42
C THR I 216 94.40 -20.22 -25.53
N LYS I 217 95.69 -20.00 -25.28
CA LYS I 217 96.76 -20.32 -26.21
C LYS I 217 97.66 -21.32 -25.50
N VAL I 218 97.47 -22.60 -25.81
CA VAL I 218 98.07 -23.68 -25.05
C VAL I 218 98.95 -24.53 -25.95
N ASP I 219 100.14 -24.86 -25.48
CA ASP I 219 101.10 -25.70 -26.18
C ASP I 219 101.43 -26.89 -25.29
N LYS I 220 101.04 -28.09 -25.71
CA LYS I 220 101.44 -29.28 -24.97
C LYS I 220 102.04 -30.25 -25.98
N ARG I 221 103.11 -30.93 -25.56
CA ARG I 221 103.92 -31.70 -26.49
C ARG I 221 103.14 -32.87 -27.07
N VAL I 222 103.35 -33.12 -28.36
CA VAL I 222 102.79 -34.28 -29.01
C VAL I 222 103.85 -35.37 -29.11
#